data_9CAZ
#
_entry.id   9CAZ
#
_cell.length_a   1.00
_cell.length_b   1.00
_cell.length_c   1.00
_cell.angle_alpha   90.00
_cell.angle_beta   90.00
_cell.angle_gamma   90.00
#
_symmetry.space_group_name_H-M   'P 1'
#
loop_
_entity.id
_entity.type
_entity.pdbx_description
1 polymer 'Glutamate receptor ionotropic, kainate 2'
2 non-polymer 2-acetamido-2-deoxy-beta-D-glucopyranose
#
_entity_poly.entity_id   1
_entity_poly.type   'polypeptide(L)'
_entity_poly.pdbx_seq_one_letter_code
;MKIISPVLSNLVFSRSIKVLLCLLWIGYSQGTTHVLRFGGIFEYVESGPMGAEELAFRFAVNTINRNRTLLPNTTLTYDT
QKINLYDSFEASKKACDQLSLGVAAIFGPSHSSSANAVQSICNALGVPHIQTRWKHQVSDNKDSFYVSLYPDFSSLSRAI
LDLVQFFKWKTVTVVYDDSTGLIRLQELIKAPSRYNLRLKIRQLPADTKDAKPLLKEMKRGKEFHVIFDCSHEMAAGILK
QALAMGMMTEYYHYIFTTLDLFALDVEPYRYSGVNMTGFRILNTENTQVSSIIEKWSMERLQAPPKPDSGLLDGFMTTDA
ALMYDAVHVVSVAVQQFPQMTVSSLQCNRHKPWRFGTRFMSLIKEAHWEGLTGRITFNKTNGLRTDFDLDVISLKEEGLE
KIGTWDPASGLNMTESQKGKPANITDSLSNRSLIVTTILEEPYVLFKKSDKPLYGNDRFEGYCIDLLRELSTILGFTYEI
RLVEDGKYGAQDDVNGQWNGMVRELIDHKADLAVAPLAITYVREKVIDFSKPFMTLGISILYRKPNGTNPGVFSFLNPLS
PDIWMYILLAYLGVSCVLFVIARFSPYEWYNPHPCNPDSDVVENNFTLLNSFWFGVGALMQQGSELMPKALSTRIVGGIW
WFFTLIIISSYTANLAAFLTVERMESPIDSADDLAKQTKIEYGAVEDGATMTFFKKSKISTYDKMWAFMSSRRQSVLVKS
NEEGIQRVLTSDYAFLMESTTIEFVTQRNCNLTQIGGLIDSKGYGVGTPMGSPYRDKITIAILQLQEEGKLHMMKEKWWR
GNGCPEEESKEASALGVQNIGGIFIVLAAGLVLSVFVAVGEFLYKSKKNAQLEKRSFCSAMVEELRMSLKCQRRLKHKPQ
APVIVKTEEVINMHTFNDRRLPGKETMA
;
_entity_poly.pdbx_strand_id   A,B,C,D
#
loop_
_chem_comp.id
_chem_comp.type
_chem_comp.name
_chem_comp.formula
NAG D-saccharide, beta linking 2-acetamido-2-deoxy-beta-D-glucopyranose 'C8 H15 N O6'
#
# COMPACT_ATOMS: atom_id res chain seq x y z
N THR A 33 28.97 -37.46 -72.85
CA THR A 33 29.09 -36.51 -71.76
C THR A 33 28.45 -35.17 -72.13
N HIS A 34 28.78 -34.13 -71.35
CA HIS A 34 28.24 -32.81 -71.59
C HIS A 34 29.31 -31.77 -71.27
N VAL A 35 29.11 -30.57 -71.81
CA VAL A 35 30.06 -29.47 -71.64
C VAL A 35 29.55 -28.51 -70.58
N LEU A 36 28.70 -29.01 -69.69
CA LEU A 36 28.13 -28.17 -68.64
C LEU A 36 29.22 -27.67 -67.71
N ARG A 37 29.10 -26.41 -67.29
CA ARG A 37 30.05 -25.79 -66.40
C ARG A 37 29.33 -24.91 -65.40
N PHE A 38 29.79 -24.93 -64.15
CA PHE A 38 29.21 -24.12 -63.08
C PHE A 38 30.20 -23.05 -62.67
N GLY A 39 29.76 -21.79 -62.66
CA GLY A 39 30.63 -20.70 -62.27
C GLY A 39 30.78 -20.64 -60.76
N GLY A 40 32.01 -20.41 -60.32
CA GLY A 40 32.34 -20.34 -58.90
C GLY A 40 33.00 -19.03 -58.55
N ILE A 41 32.56 -18.43 -57.45
CA ILE A 41 33.15 -17.21 -56.91
C ILE A 41 33.72 -17.54 -55.55
N PHE A 42 35.00 -17.26 -55.35
CA PHE A 42 35.70 -17.76 -54.17
C PHE A 42 36.73 -16.73 -53.69
N GLU A 43 37.13 -16.90 -52.44
CA GLU A 43 38.03 -15.95 -51.79
C GLU A 43 39.45 -16.11 -52.30
N TYR A 44 40.25 -15.06 -52.08
CA TYR A 44 41.67 -15.05 -52.40
C TYR A 44 42.44 -14.88 -51.08
N VAL A 45 42.70 -16.00 -50.41
CA VAL A 45 43.46 -16.00 -49.17
C VAL A 45 44.90 -16.34 -49.56
N GLU A 46 45.68 -15.30 -49.89
CA GLU A 46 47.07 -15.52 -50.27
C GLU A 46 47.93 -15.84 -49.04
N SER A 47 47.65 -15.20 -47.91
CA SER A 47 48.43 -15.44 -46.70
C SER A 47 48.26 -16.88 -46.21
N GLY A 48 47.02 -17.38 -46.22
CA GLY A 48 46.75 -18.72 -45.78
C GLY A 48 46.79 -19.73 -46.91
N PRO A 49 46.38 -20.96 -46.64
CA PRO A 49 46.36 -21.98 -47.70
C PRO A 49 45.21 -21.76 -48.67
N MET A 50 45.02 -22.70 -49.60
CA MET A 50 43.87 -22.64 -50.48
C MET A 50 42.59 -22.68 -49.68
N GLY A 51 41.60 -21.89 -50.10
CA GLY A 51 40.37 -21.78 -49.33
C GLY A 51 39.63 -23.09 -49.26
N ALA A 52 38.91 -23.27 -48.15
CA ALA A 52 38.13 -24.49 -47.95
C ALA A 52 36.98 -24.58 -48.95
N GLU A 53 36.39 -23.44 -49.30
CA GLU A 53 35.14 -23.45 -50.06
C GLU A 53 35.37 -23.84 -51.52
N GLU A 54 36.43 -23.30 -52.13
CA GLU A 54 36.78 -23.67 -53.48
C GLU A 54 37.15 -25.14 -53.56
N LEU A 55 37.88 -25.65 -52.57
CA LEU A 55 38.20 -27.07 -52.53
C LEU A 55 36.95 -27.91 -52.38
N ALA A 56 35.98 -27.44 -51.59
CA ALA A 56 34.73 -28.16 -51.43
C ALA A 56 33.96 -28.25 -52.74
N PHE A 57 33.89 -27.13 -53.46
CA PHE A 57 33.23 -27.15 -54.77
C PHE A 57 33.95 -28.07 -55.74
N ARG A 58 35.29 -28.02 -55.73
CA ARG A 58 36.06 -28.90 -56.59
C ARG A 58 35.80 -30.37 -56.26
N PHE A 59 35.77 -30.71 -54.97
CA PHE A 59 35.52 -32.09 -54.57
C PHE A 59 34.12 -32.54 -54.93
N ALA A 60 33.13 -31.64 -54.80
CA ALA A 60 31.78 -31.98 -55.19
C ALA A 60 31.70 -32.28 -56.69
N VAL A 61 32.34 -31.45 -57.50
CA VAL A 61 32.36 -31.71 -58.94
C VAL A 61 33.12 -33.00 -59.25
N ASN A 62 34.19 -33.28 -58.51
CA ASN A 62 34.93 -34.52 -58.70
C ASN A 62 34.06 -35.73 -58.41
N THR A 63 33.29 -35.68 -57.32
CA THR A 63 32.38 -36.78 -57.01
C THR A 63 31.28 -36.88 -58.06
N ILE A 64 30.83 -35.75 -58.58
CA ILE A 64 29.82 -35.76 -59.63
C ILE A 64 30.33 -36.48 -60.87
N ASN A 65 31.55 -36.16 -61.29
CA ASN A 65 32.08 -36.76 -62.52
C ASN A 65 32.68 -38.15 -62.30
N ARG A 66 32.92 -38.56 -61.05
CA ARG A 66 33.47 -39.87 -60.76
C ARG A 66 32.40 -40.86 -60.32
N ASN A 67 31.69 -40.53 -59.23
CA ASN A 67 30.67 -41.42 -58.69
C ASN A 67 29.38 -41.24 -59.49
N ARG A 68 29.01 -42.26 -60.25
CA ARG A 68 27.81 -42.19 -61.09
C ARG A 68 26.57 -42.67 -60.35
N THR A 69 26.36 -42.16 -59.14
CA THR A 69 25.07 -42.36 -58.47
C THR A 69 23.97 -41.67 -59.26
N LEU A 70 24.22 -40.43 -59.67
CA LEU A 70 23.38 -39.72 -60.62
C LEU A 70 24.27 -39.24 -61.76
N LEU A 71 23.72 -38.40 -62.65
CA LEU A 71 24.48 -37.78 -63.73
C LEU A 71 25.13 -38.86 -64.59
N PRO A 72 24.35 -39.61 -65.39
CA PRO A 72 24.93 -40.75 -66.12
C PRO A 72 26.06 -40.38 -67.05
N ASN A 73 26.01 -39.20 -67.69
CA ASN A 73 27.04 -38.84 -68.65
C ASN A 73 27.62 -37.45 -68.38
N THR A 74 26.79 -36.53 -67.89
CA THR A 74 27.19 -35.14 -67.76
C THR A 74 28.33 -34.98 -66.77
N THR A 75 29.32 -34.17 -67.15
CA THR A 75 30.46 -33.85 -66.31
C THR A 75 30.63 -32.34 -66.28
N LEU A 76 30.81 -31.79 -65.08
CA LEU A 76 30.88 -30.35 -64.91
C LEU A 76 32.32 -29.85 -65.06
N THR A 77 32.52 -28.55 -64.85
CA THR A 77 33.82 -27.91 -65.06
C THR A 77 33.95 -26.73 -64.11
N TYR A 78 35.19 -26.46 -63.68
CA TYR A 78 35.47 -25.34 -62.80
C TYR A 78 35.62 -24.05 -63.60
N ASP A 79 35.13 -22.95 -63.03
CA ASP A 79 35.35 -21.60 -63.54
C ASP A 79 35.62 -20.64 -62.39
N THR A 80 36.39 -21.10 -61.40
CA THR A 80 36.56 -20.35 -60.17
C THR A 80 37.34 -19.05 -60.40
N GLN A 81 37.06 -18.06 -59.55
CA GLN A 81 37.77 -16.79 -59.53
C GLN A 81 38.18 -16.49 -58.09
N LYS A 82 38.96 -15.42 -57.93
CA LYS A 82 39.47 -15.01 -56.63
C LYS A 82 39.06 -13.56 -56.37
N ILE A 83 38.33 -13.34 -55.29
CA ILE A 83 37.83 -12.01 -54.90
C ILE A 83 37.96 -11.87 -53.40
N ASN A 84 38.15 -10.62 -52.95
CA ASN A 84 38.28 -10.34 -51.53
C ASN A 84 36.98 -10.50 -50.75
N LEU A 85 35.84 -10.64 -51.44
CA LEU A 85 34.51 -10.68 -50.83
C LEU A 85 34.16 -9.39 -50.10
N TYR A 86 34.80 -8.28 -50.47
CA TYR A 86 34.43 -6.98 -49.92
C TYR A 86 34.39 -5.89 -50.98
N ASP A 87 34.74 -6.18 -52.22
CA ASP A 87 34.64 -5.23 -53.33
C ASP A 87 33.66 -5.83 -54.33
N SER A 88 32.40 -5.38 -54.28
CA SER A 88 31.39 -5.89 -55.19
C SER A 88 31.71 -5.56 -56.64
N PHE A 89 32.57 -4.57 -56.89
CA PHE A 89 33.00 -4.28 -58.25
C PHE A 89 33.75 -5.48 -58.84
N GLU A 90 34.70 -6.02 -58.08
CA GLU A 90 35.41 -7.22 -58.53
C GLU A 90 34.48 -8.41 -58.62
N ALA A 91 33.48 -8.48 -57.74
CA ALA A 91 32.49 -9.55 -57.82
C ALA A 91 31.75 -9.49 -59.14
N SER A 92 31.28 -8.30 -59.52
CA SER A 92 30.60 -8.14 -60.80
C SER A 92 31.53 -8.43 -61.97
N LYS A 93 32.78 -7.99 -61.87
CA LYS A 93 33.74 -8.22 -62.94
C LYS A 93 33.97 -9.72 -63.16
N LYS A 94 34.17 -10.47 -62.08
CA LYS A 94 34.40 -11.90 -62.22
C LYS A 94 33.14 -12.64 -62.63
N ALA A 95 31.96 -12.18 -62.16
CA ALA A 95 30.72 -12.79 -62.62
C ALA A 95 30.53 -12.59 -64.11
N CYS A 96 30.83 -11.39 -64.62
CA CYS A 96 30.74 -11.15 -66.06
C CYS A 96 31.78 -11.96 -66.83
N ASP A 97 32.97 -12.11 -66.25
CA ASP A 97 33.99 -12.94 -66.89
C ASP A 97 33.52 -14.39 -67.02
N GLN A 98 32.93 -14.93 -65.96
CA GLN A 98 32.37 -16.28 -66.02
C GLN A 98 31.22 -16.35 -67.02
N LEU A 99 30.38 -15.31 -67.06
CA LEU A 99 29.25 -15.29 -67.98
C LEU A 99 29.72 -15.29 -69.43
N SER A 100 30.81 -14.58 -69.72
CA SER A 100 31.37 -14.59 -71.07
C SER A 100 31.80 -15.99 -71.48
N LEU A 101 32.16 -16.83 -70.52
CA LEU A 101 32.46 -18.23 -70.77
C LEU A 101 31.19 -19.06 -70.62
N GLY A 102 31.24 -20.29 -71.12
CA GLY A 102 30.12 -21.20 -70.97
C GLY A 102 29.91 -21.60 -69.53
N VAL A 103 28.85 -21.08 -68.91
CA VAL A 103 28.55 -21.34 -67.50
C VAL A 103 27.05 -21.54 -67.35
N ALA A 104 26.67 -22.54 -66.54
CA ALA A 104 25.27 -22.83 -66.29
C ALA A 104 24.73 -22.13 -65.05
N ALA A 105 25.52 -22.06 -63.98
CA ALA A 105 25.06 -21.46 -62.73
C ALA A 105 26.23 -20.79 -62.03
N ILE A 106 25.91 -19.87 -61.13
CA ILE A 106 26.90 -19.10 -60.38
C ILE A 106 26.73 -19.43 -58.90
N PHE A 107 27.80 -19.89 -58.27
CA PHE A 107 27.83 -20.11 -56.84
C PHE A 107 28.31 -18.83 -56.16
N GLY A 108 27.44 -18.22 -55.37
CA GLY A 108 27.67 -16.89 -54.86
C GLY A 108 28.77 -16.79 -53.84
N PRO A 109 29.29 -15.57 -53.64
CA PRO A 109 30.30 -15.35 -52.61
C PRO A 109 29.71 -15.53 -51.21
N SER A 110 30.58 -15.92 -50.29
CA SER A 110 30.19 -16.12 -48.89
C SER A 110 30.31 -14.83 -48.09
N HIS A 111 29.67 -13.77 -48.58
CA HIS A 111 29.68 -12.48 -47.88
C HIS A 111 28.45 -11.70 -48.27
N SER A 112 27.84 -11.04 -47.28
CA SER A 112 26.54 -10.39 -47.50
C SER A 112 26.64 -9.27 -48.53
N SER A 113 27.69 -8.45 -48.45
CA SER A 113 27.76 -7.27 -49.31
C SER A 113 27.89 -7.65 -50.78
N SER A 114 28.84 -8.53 -51.10
CA SER A 114 29.03 -8.93 -52.49
C SER A 114 27.84 -9.72 -53.01
N ALA A 115 27.25 -10.57 -52.16
CA ALA A 115 26.15 -11.43 -52.60
C ALA A 115 25.00 -10.61 -53.15
N ASN A 116 24.76 -9.42 -52.60
CA ASN A 116 23.70 -8.57 -53.11
C ASN A 116 23.95 -8.20 -54.57
N ALA A 117 25.17 -7.76 -54.89
CA ALA A 117 25.48 -7.38 -56.26
C ALA A 117 25.44 -8.59 -57.20
N VAL A 118 25.97 -9.72 -56.75
CA VAL A 118 25.99 -10.90 -57.62
C VAL A 118 24.56 -11.38 -57.87
N GLN A 119 23.71 -11.33 -56.85
CA GLN A 119 22.30 -11.67 -57.05
C GLN A 119 21.64 -10.69 -58.00
N SER A 120 21.97 -9.40 -57.89
CA SER A 120 21.39 -8.41 -58.78
C SER A 120 21.73 -8.72 -60.23
N ILE A 121 23.00 -9.00 -60.52
CA ILE A 121 23.38 -9.27 -61.91
C ILE A 121 22.79 -10.59 -62.38
N CYS A 122 22.77 -11.61 -61.51
CA CYS A 122 22.18 -12.89 -61.89
C CYS A 122 20.70 -12.74 -62.23
N ASN A 123 19.97 -11.99 -61.41
CA ASN A 123 18.56 -11.75 -61.68
C ASN A 123 18.37 -10.93 -62.95
N ALA A 124 19.23 -9.94 -63.17
CA ALA A 124 19.11 -9.09 -64.35
C ALA A 124 19.30 -9.90 -65.64
N LEU A 125 20.28 -10.79 -65.65
CA LEU A 125 20.58 -11.56 -66.85
C LEU A 125 20.07 -12.99 -66.79
N GLY A 126 19.31 -13.35 -65.76
CA GLY A 126 18.61 -14.62 -65.72
C GLY A 126 19.46 -15.81 -65.31
N VAL A 127 20.74 -15.62 -65.07
CA VAL A 127 21.58 -16.74 -64.63
C VAL A 127 21.14 -17.19 -63.24
N PRO A 128 20.89 -18.48 -63.03
CA PRO A 128 20.51 -18.93 -61.69
C PRO A 128 21.62 -18.67 -60.70
N HIS A 129 21.24 -18.24 -59.49
CA HIS A 129 22.18 -17.89 -58.45
C HIS A 129 21.93 -18.76 -57.23
N ILE A 130 22.99 -19.36 -56.71
CA ILE A 130 22.92 -20.23 -55.54
C ILE A 130 23.86 -19.69 -54.47
N GLN A 131 23.32 -19.48 -53.27
CA GLN A 131 24.11 -19.04 -52.13
C GLN A 131 24.09 -20.11 -51.05
N THR A 132 25.18 -20.20 -50.32
CA THR A 132 25.28 -21.10 -49.19
C THR A 132 25.42 -20.36 -47.87
N ARG A 133 26.38 -19.45 -47.77
CA ARG A 133 26.47 -18.57 -46.61
C ARG A 133 25.23 -17.70 -46.55
N TRP A 134 24.73 -17.45 -45.35
CA TRP A 134 23.53 -16.66 -45.20
C TRP A 134 23.76 -15.22 -45.65
N LYS A 135 22.69 -14.58 -46.11
CA LYS A 135 22.78 -13.22 -46.59
C LYS A 135 21.46 -12.52 -46.25
N HIS A 136 21.51 -11.20 -46.18
CA HIS A 136 20.35 -10.41 -45.80
C HIS A 136 19.55 -9.97 -47.01
N GLN A 137 18.24 -10.18 -46.97
CA GLN A 137 17.33 -9.77 -48.01
C GLN A 137 16.45 -8.63 -47.51
N VAL A 138 16.35 -7.58 -48.31
CA VAL A 138 15.49 -6.45 -48.00
C VAL A 138 14.16 -6.67 -48.71
N SER A 139 13.05 -6.48 -47.97
CA SER A 139 11.74 -6.91 -48.45
C SER A 139 11.38 -6.31 -49.80
N ASP A 140 11.77 -5.05 -50.05
CA ASP A 140 11.39 -4.40 -51.29
C ASP A 140 12.13 -4.96 -52.51
N ASN A 141 13.17 -5.77 -52.30
CA ASN A 141 13.92 -6.35 -53.40
C ASN A 141 13.09 -7.47 -54.01
N LYS A 142 12.45 -7.18 -55.14
CA LYS A 142 11.64 -8.16 -55.86
C LYS A 142 12.55 -9.01 -56.76
N ASP A 143 13.33 -9.86 -56.10
CA ASP A 143 14.29 -10.73 -56.77
C ASP A 143 13.93 -12.18 -56.47
N SER A 144 13.94 -13.02 -57.52
CA SER A 144 13.57 -14.41 -57.39
C SER A 144 14.55 -15.39 -58.00
N PHE A 145 15.50 -14.92 -58.81
CA PHE A 145 16.47 -15.83 -59.43
C PHE A 145 17.62 -16.14 -58.47
N TYR A 146 17.28 -16.61 -57.27
CA TYR A 146 18.30 -16.98 -56.30
C TYR A 146 17.69 -17.95 -55.31
N VAL A 147 18.52 -18.86 -54.79
CA VAL A 147 18.14 -19.78 -53.73
C VAL A 147 19.31 -19.87 -52.75
N SER A 148 19.00 -19.84 -51.46
CA SER A 148 20.01 -19.89 -50.41
C SER A 148 19.76 -21.09 -49.52
N LEU A 149 20.80 -21.90 -49.31
CA LEU A 149 20.68 -23.12 -48.54
C LEU A 149 20.99 -22.95 -47.06
N TYR A 150 21.46 -21.78 -46.64
CA TYR A 150 21.74 -21.59 -45.23
C TYR A 150 20.47 -21.77 -44.42
N PRO A 151 20.53 -22.48 -43.29
CA PRO A 151 19.34 -22.60 -42.44
C PRO A 151 18.78 -21.23 -42.08
N ASP A 152 17.53 -20.99 -42.46
CA ASP A 152 16.95 -19.66 -42.31
C ASP A 152 16.98 -19.23 -40.85
N PHE A 153 17.51 -18.04 -40.61
CA PHE A 153 17.59 -17.55 -39.24
C PHE A 153 16.22 -17.25 -38.66
N SER A 154 15.19 -17.14 -39.51
CA SER A 154 13.83 -17.15 -38.99
C SER A 154 13.53 -18.49 -38.34
N SER A 155 13.75 -19.58 -39.09
CA SER A 155 13.54 -20.91 -38.54
C SER A 155 14.54 -21.22 -37.42
N LEU A 156 15.80 -20.79 -37.58
CA LEU A 156 16.79 -21.03 -36.54
C LEU A 156 16.42 -20.31 -35.25
N SER A 157 15.96 -19.06 -35.36
CA SER A 157 15.53 -18.32 -34.18
C SER A 157 14.29 -18.95 -33.56
N ARG A 158 13.37 -19.44 -34.39
CA ARG A 158 12.21 -20.15 -33.87
C ARG A 158 12.65 -21.38 -33.09
N ALA A 159 13.62 -22.11 -33.62
CA ALA A 159 14.15 -23.28 -32.93
C ALA A 159 14.84 -22.88 -31.62
N ILE A 160 15.55 -21.75 -31.62
CA ILE A 160 16.20 -21.29 -30.39
C ILE A 160 15.16 -21.00 -29.33
N LEU A 161 14.08 -20.30 -29.71
CA LEU A 161 13.01 -20.05 -28.76
C LEU A 161 12.38 -21.36 -28.28
N ASP A 162 12.20 -22.32 -29.20
CA ASP A 162 11.66 -23.61 -28.83
C ASP A 162 12.55 -24.30 -27.79
N LEU A 163 13.87 -24.18 -27.96
CA LEU A 163 14.79 -24.67 -26.94
C LEU A 163 14.59 -23.94 -25.62
N VAL A 164 14.38 -22.62 -25.69
CA VAL A 164 14.18 -21.84 -24.46
C VAL A 164 12.99 -22.36 -23.68
N GLN A 165 11.86 -22.61 -24.36
CA GLN A 165 10.73 -23.22 -23.66
C GLN A 165 11.05 -24.65 -23.21
N PHE A 166 11.72 -25.43 -24.06
CA PHE A 166 12.11 -26.78 -23.69
C PHE A 166 13.12 -26.80 -22.56
N PHE A 167 13.94 -25.75 -22.43
CA PHE A 167 14.87 -25.64 -21.32
C PHE A 167 14.24 -25.03 -20.08
N LYS A 168 12.98 -24.60 -20.16
CA LYS A 168 12.24 -24.07 -19.01
C LYS A 168 12.97 -22.90 -18.35
N TRP A 169 13.11 -21.82 -19.10
CA TRP A 169 13.85 -20.65 -18.65
C TRP A 169 12.91 -19.54 -18.22
N LYS A 170 13.46 -18.59 -17.48
CA LYS A 170 12.73 -17.39 -17.06
C LYS A 170 13.38 -16.12 -17.57
N THR A 171 14.69 -15.97 -17.40
CA THR A 171 15.44 -14.84 -17.91
C THR A 171 16.56 -15.35 -18.82
N VAL A 172 16.77 -14.66 -19.94
CA VAL A 172 17.76 -15.10 -20.92
C VAL A 172 18.74 -13.96 -21.20
N THR A 173 19.73 -14.23 -22.05
CA THR A 173 20.75 -13.25 -22.40
C THR A 173 21.38 -13.66 -23.72
N VAL A 174 21.68 -12.67 -24.57
CA VAL A 174 22.15 -12.91 -25.93
C VAL A 174 23.40 -12.09 -26.17
N VAL A 175 24.35 -12.67 -26.92
CA VAL A 175 25.52 -11.98 -27.43
C VAL A 175 25.54 -12.20 -28.94
N TYR A 176 26.30 -11.37 -29.64
CA TYR A 176 26.44 -11.50 -31.08
C TYR A 176 27.84 -11.02 -31.49
N ASP A 177 28.10 -11.05 -32.80
CA ASP A 177 29.39 -10.62 -33.34
C ASP A 177 29.24 -9.40 -34.23
N ASP A 178 28.42 -9.47 -35.26
CA ASP A 178 28.27 -8.40 -36.23
C ASP A 178 26.87 -7.78 -36.12
N SER A 179 26.72 -6.61 -36.74
CA SER A 179 25.41 -5.96 -36.76
C SER A 179 24.38 -6.83 -37.46
N THR A 180 24.77 -7.47 -38.57
CA THR A 180 23.88 -8.43 -39.23
C THR A 180 23.50 -9.57 -38.30
N GLY A 181 24.29 -9.81 -37.26
CA GLY A 181 23.90 -10.75 -36.22
C GLY A 181 22.59 -10.40 -35.57
N LEU A 182 22.19 -9.14 -35.60
CA LEU A 182 20.88 -8.78 -35.07
C LEU A 182 19.78 -9.23 -36.00
N ILE A 183 20.00 -9.12 -37.32
CA ILE A 183 19.03 -9.62 -38.28
C ILE A 183 18.91 -11.14 -38.19
N ARG A 184 20.06 -11.82 -38.07
CA ARG A 184 20.04 -13.28 -38.03
C ARG A 184 19.41 -13.77 -36.73
N LEU A 185 18.90 -12.84 -35.92
CA LEU A 185 18.20 -13.18 -34.69
C LEU A 185 16.90 -12.39 -34.55
N GLN A 186 16.38 -11.86 -35.66
CA GLN A 186 15.32 -10.86 -35.57
C GLN A 186 14.06 -11.45 -34.94
N GLU A 187 13.76 -12.72 -35.20
CA GLU A 187 12.63 -13.35 -34.51
C GLU A 187 12.99 -13.70 -33.07
N LEU A 188 14.28 -13.90 -32.78
CA LEU A 188 14.71 -14.21 -31.43
C LEU A 188 14.50 -13.02 -30.50
N ILE A 189 14.91 -11.83 -30.94
CA ILE A 189 14.95 -10.68 -30.04
C ILE A 189 13.56 -10.21 -29.68
N LYS A 190 12.56 -10.53 -30.51
CA LYS A 190 11.18 -10.17 -30.21
C LYS A 190 10.59 -10.96 -29.06
N ALA A 191 11.39 -11.78 -28.39
CA ALA A 191 10.90 -12.65 -27.32
C ALA A 191 10.15 -11.91 -26.20
N PRO A 192 10.63 -10.79 -25.67
CA PRO A 192 9.87 -10.13 -24.60
C PRO A 192 8.50 -9.64 -25.05
N SER A 193 8.26 -9.47 -26.35
CA SER A 193 6.96 -9.06 -26.81
C SER A 193 5.94 -10.20 -26.64
N ARG A 194 6.30 -11.40 -27.06
CA ARG A 194 5.34 -12.50 -27.08
C ARG A 194 5.06 -13.06 -25.70
N TYR A 195 6.07 -13.11 -24.83
CA TYR A 195 5.93 -13.71 -23.51
C TYR A 195 6.64 -12.82 -22.49
N ASN A 196 6.87 -13.37 -21.30
CA ASN A 196 7.39 -12.63 -20.15
C ASN A 196 8.88 -12.86 -19.95
N LEU A 197 9.64 -13.01 -21.03
CA LEU A 197 11.08 -13.24 -20.93
C LEU A 197 11.77 -11.89 -20.70
N ARG A 198 13.10 -11.89 -20.80
CA ARG A 198 13.87 -10.66 -20.62
C ARG A 198 15.24 -10.84 -21.28
N LEU A 199 15.69 -9.82 -21.99
CA LEU A 199 16.91 -9.89 -22.79
C LEU A 199 17.94 -8.88 -22.31
N LYS A 200 19.22 -9.29 -22.35
CA LYS A 200 20.35 -8.40 -22.12
C LYS A 200 21.32 -8.60 -23.28
N ILE A 201 21.08 -7.86 -24.37
CA ILE A 201 21.95 -7.98 -25.54
C ILE A 201 23.29 -7.33 -25.25
N ARG A 202 24.34 -7.87 -25.86
CA ARG A 202 25.67 -7.31 -25.74
C ARG A 202 26.46 -7.64 -27.01
N GLN A 203 27.53 -6.89 -27.24
CA GLN A 203 28.28 -6.99 -28.48
C GLN A 203 29.75 -7.25 -28.18
N LEU A 204 30.35 -8.13 -28.98
CA LEU A 204 31.79 -8.34 -28.93
C LEU A 204 32.49 -7.10 -29.48
N PRO A 205 33.42 -6.49 -28.74
CA PRO A 205 34.18 -5.37 -29.30
C PRO A 205 34.94 -5.81 -30.55
N ALA A 206 34.96 -4.93 -31.55
CA ALA A 206 35.56 -5.27 -32.83
C ALA A 206 37.08 -5.27 -32.74
N ASP A 207 37.70 -6.00 -33.66
CA ASP A 207 39.15 -6.10 -33.84
C ASP A 207 39.87 -6.75 -32.68
N THR A 208 39.13 -7.26 -31.68
CA THR A 208 39.73 -7.92 -30.53
C THR A 208 38.98 -9.20 -30.24
N LYS A 209 39.70 -10.15 -29.63
CA LYS A 209 39.12 -11.45 -29.30
C LYS A 209 38.71 -11.57 -27.85
N ASP A 210 39.20 -10.72 -26.97
CA ASP A 210 38.95 -10.88 -25.54
C ASP A 210 37.49 -10.60 -25.21
N ALA A 211 36.87 -11.52 -24.46
CA ALA A 211 35.55 -11.32 -23.91
C ALA A 211 35.60 -11.04 -22.41
N LYS A 212 36.80 -10.88 -21.85
CA LYS A 212 36.97 -10.71 -20.41
C LYS A 212 36.13 -9.58 -19.83
N PRO A 213 36.13 -8.36 -20.38
CA PRO A 213 35.19 -7.35 -19.85
C PRO A 213 33.75 -7.77 -20.02
N LEU A 214 33.41 -8.34 -21.18
CA LEU A 214 32.04 -8.76 -21.42
C LEU A 214 31.62 -9.89 -20.49
N LEU A 215 32.50 -10.88 -20.31
CA LEU A 215 32.19 -11.98 -19.40
C LEU A 215 32.06 -11.49 -17.96
N LYS A 216 32.93 -10.55 -17.57
CA LYS A 216 32.84 -9.99 -16.23
C LYS A 216 31.52 -9.26 -16.04
N GLU A 217 31.10 -8.48 -17.03
CA GLU A 217 29.80 -7.81 -16.94
C GLU A 217 28.65 -8.81 -16.86
N MET A 218 28.71 -9.86 -17.68
CA MET A 218 27.63 -10.84 -17.68
C MET A 218 27.52 -11.56 -16.35
N LYS A 219 28.65 -12.01 -15.80
CA LYS A 219 28.63 -12.65 -14.49
C LYS A 219 28.19 -11.66 -13.41
N ARG A 220 28.72 -10.45 -13.45
CA ARG A 220 28.28 -9.40 -12.54
C ARG A 220 26.84 -8.99 -12.79
N GLY A 221 26.35 -9.16 -14.01
CA GLY A 221 24.96 -8.86 -14.32
C GLY A 221 23.97 -9.90 -13.83
N LYS A 222 24.47 -11.00 -13.25
CA LYS A 222 23.62 -12.08 -12.73
C LYS A 222 22.70 -12.60 -13.83
N GLU A 223 23.31 -13.17 -14.85
CA GLU A 223 22.58 -13.76 -15.99
C GLU A 223 22.60 -15.27 -15.83
N PHE A 224 21.44 -15.83 -15.47
CA PHE A 224 21.35 -17.28 -15.29
C PHE A 224 21.56 -18.02 -16.61
N HIS A 225 21.03 -17.49 -17.70
CA HIS A 225 21.01 -18.20 -18.97
C HIS A 225 21.60 -17.32 -20.06
N VAL A 226 22.43 -17.92 -20.92
CA VAL A 226 23.14 -17.19 -21.98
C VAL A 226 22.89 -17.86 -23.31
N ILE A 227 22.72 -17.05 -24.35
CA ILE A 227 22.57 -17.54 -25.73
C ILE A 227 23.62 -16.82 -26.57
N PHE A 228 24.75 -17.46 -26.79
CA PHE A 228 25.80 -16.84 -27.58
C PHE A 228 25.47 -16.89 -29.06
N ASP A 229 26.24 -16.12 -29.85
CA ASP A 229 26.19 -16.20 -31.30
C ASP A 229 27.59 -16.09 -31.90
N CYS A 230 28.63 -16.28 -31.10
CA CYS A 230 29.99 -16.14 -31.60
C CYS A 230 30.29 -17.16 -32.68
N SER A 231 30.94 -16.70 -33.76
CA SER A 231 31.31 -17.58 -34.84
C SER A 231 32.45 -18.51 -34.41
N HIS A 232 32.65 -19.57 -35.19
CA HIS A 232 33.39 -20.75 -34.72
C HIS A 232 34.79 -20.39 -34.24
N GLU A 233 35.53 -19.59 -35.00
CA GLU A 233 36.86 -19.17 -34.57
C GLU A 233 36.76 -18.28 -33.34
N MET A 234 35.90 -17.25 -33.40
CA MET A 234 35.66 -16.43 -32.23
C MET A 234 35.02 -17.23 -31.10
N ALA A 235 34.24 -18.26 -31.43
CA ALA A 235 33.69 -19.13 -30.38
C ALA A 235 34.82 -19.84 -29.64
N ALA A 236 35.80 -20.36 -30.38
CA ALA A 236 36.94 -21.02 -29.74
C ALA A 236 37.73 -20.03 -28.90
N GLY A 237 37.96 -18.82 -29.43
CA GLY A 237 38.69 -17.82 -28.66
C GLY A 237 37.97 -17.44 -27.37
N ILE A 238 36.66 -17.22 -27.48
CA ILE A 238 35.87 -16.83 -26.31
C ILE A 238 35.79 -17.97 -25.31
N LEU A 239 35.74 -19.22 -25.76
CA LEU A 239 35.75 -20.34 -24.82
C LEU A 239 37.10 -20.49 -24.13
N LYS A 240 38.20 -20.24 -24.84
CA LYS A 240 39.51 -20.19 -24.18
C LYS A 240 39.55 -19.10 -23.13
N GLN A 241 38.99 -17.92 -23.45
CA GLN A 241 38.92 -16.85 -22.46
C GLN A 241 38.06 -17.24 -21.26
N ALA A 242 36.94 -17.92 -21.53
CA ALA A 242 36.06 -18.38 -20.46
C ALA A 242 36.78 -19.36 -19.53
N LEU A 243 37.55 -20.28 -20.11
CA LEU A 243 38.41 -21.14 -19.30
C LEU A 243 39.40 -20.30 -18.51
N ALA A 244 39.91 -19.22 -19.11
CA ALA A 244 40.92 -18.39 -18.47
C ALA A 244 40.37 -17.55 -17.32
N MET A 245 39.04 -17.42 -17.19
CA MET A 245 38.47 -16.60 -16.13
C MET A 245 37.31 -17.23 -15.39
N GLY A 246 36.96 -18.47 -15.68
CA GLY A 246 36.02 -19.22 -14.85
C GLY A 246 34.59 -18.72 -14.81
N MET A 247 34.03 -18.35 -15.96
CA MET A 247 32.60 -18.06 -16.05
C MET A 247 31.75 -19.31 -16.14
N MET A 248 32.36 -20.48 -16.27
CA MET A 248 31.64 -21.72 -16.55
C MET A 248 31.33 -22.46 -15.26
N THR A 249 30.06 -22.84 -15.09
CA THR A 249 29.62 -23.60 -13.94
C THR A 249 28.52 -24.56 -14.39
N GLU A 250 27.98 -25.32 -13.44
CA GLU A 250 26.93 -26.30 -13.74
C GLU A 250 25.54 -25.78 -13.40
N TYR A 251 25.40 -24.51 -13.03
CA TYR A 251 24.10 -23.90 -12.79
C TYR A 251 23.73 -22.86 -13.85
N TYR A 252 24.51 -22.75 -14.92
CA TYR A 252 24.21 -21.88 -16.03
C TYR A 252 23.95 -22.72 -17.27
N HIS A 253 22.96 -22.32 -18.06
CA HIS A 253 22.59 -23.03 -19.28
C HIS A 253 23.06 -22.24 -20.49
N TYR A 254 23.86 -22.88 -21.34
CA TYR A 254 24.48 -22.24 -22.49
C TYR A 254 23.81 -22.69 -23.78
N ILE A 255 23.73 -21.76 -24.74
CA ILE A 255 23.37 -22.06 -26.12
C ILE A 255 24.39 -21.38 -27.02
N PHE A 256 24.87 -22.09 -28.03
CA PHE A 256 25.84 -21.56 -28.97
C PHE A 256 25.25 -21.68 -30.36
N THR A 257 24.63 -20.60 -30.84
CA THR A 257 23.90 -20.61 -32.10
C THR A 257 24.80 -20.71 -33.32
N THR A 258 26.11 -20.91 -33.16
CA THR A 258 26.97 -21.16 -34.31
C THR A 258 26.61 -22.50 -34.94
N LEU A 259 26.96 -22.64 -36.22
CA LEU A 259 26.59 -23.82 -37.01
C LEU A 259 27.74 -24.80 -37.17
N ASP A 260 28.86 -24.58 -36.50
CA ASP A 260 30.00 -25.47 -36.59
C ASP A 260 30.57 -25.74 -35.20
N LEU A 261 29.69 -25.97 -34.23
CA LEU A 261 30.12 -26.27 -32.86
C LEU A 261 30.81 -27.62 -32.75
N PHE A 262 30.58 -28.53 -33.69
CA PHE A 262 31.15 -29.87 -33.59
C PHE A 262 32.67 -29.85 -33.68
N ALA A 263 33.23 -28.97 -34.52
CA ALA A 263 34.67 -28.90 -34.72
C ALA A 263 35.33 -28.10 -33.59
N LEU A 264 35.10 -28.58 -32.36
CA LEU A 264 35.62 -27.94 -31.16
C LEU A 264 36.33 -28.96 -30.28
N ASP A 265 37.42 -28.53 -29.67
CA ASP A 265 38.14 -29.35 -28.68
C ASP A 265 37.42 -29.18 -27.34
N VAL A 266 36.36 -29.99 -27.15
CA VAL A 266 35.56 -29.91 -25.93
C VAL A 266 36.20 -30.65 -24.76
N GLU A 267 37.34 -31.31 -24.99
CA GLU A 267 37.98 -32.07 -23.92
C GLU A 267 38.29 -31.25 -22.67
N PRO A 268 38.79 -30.01 -22.76
CA PRO A 268 38.99 -29.23 -21.51
C PRO A 268 37.71 -29.04 -20.71
N TYR A 269 36.56 -28.90 -21.38
CA TYR A 269 35.29 -28.77 -20.70
C TYR A 269 34.56 -30.10 -20.57
N ARG A 270 35.18 -31.21 -20.97
CA ARG A 270 34.49 -32.50 -20.98
C ARG A 270 34.02 -32.88 -19.58
N TYR A 271 34.91 -32.83 -18.60
CA TYR A 271 34.55 -33.16 -17.22
C TYR A 271 34.08 -31.95 -16.44
N SER A 272 33.97 -30.78 -17.08
CA SER A 272 33.49 -29.59 -16.39
C SER A 272 32.02 -29.70 -16.02
N GLY A 273 31.24 -30.46 -16.79
CA GLY A 273 29.83 -30.64 -16.50
C GLY A 273 29.01 -29.37 -16.62
N VAL A 274 29.24 -28.61 -17.69
CA VAL A 274 28.52 -27.36 -17.95
C VAL A 274 27.34 -27.64 -18.87
N ASN A 275 26.22 -26.97 -18.59
CA ASN A 275 24.98 -27.17 -19.34
C ASN A 275 25.06 -26.39 -20.65
N MET A 276 25.73 -27.01 -21.63
CA MET A 276 25.90 -26.41 -22.94
C MET A 276 24.81 -26.89 -23.90
N THR A 277 24.89 -26.42 -25.14
CA THR A 277 23.97 -26.81 -26.21
C THR A 277 24.60 -26.33 -27.51
N GLY A 278 24.07 -26.79 -28.64
CA GLY A 278 24.54 -26.34 -29.94
C GLY A 278 23.73 -26.97 -31.04
N PHE A 279 23.84 -26.39 -32.23
CA PHE A 279 23.17 -26.87 -33.44
C PHE A 279 24.18 -27.33 -34.46
N ARG A 280 23.95 -28.52 -35.02
CA ARG A 280 24.73 -29.08 -36.11
C ARG A 280 23.80 -29.43 -37.26
N ILE A 281 24.22 -29.11 -38.48
CA ILE A 281 23.41 -29.40 -39.65
C ILE A 281 23.95 -30.58 -40.44
N LEU A 282 25.23 -30.90 -40.35
CA LEU A 282 25.83 -32.01 -41.07
C LEU A 282 25.63 -33.29 -40.27
N ASN A 283 24.82 -34.21 -40.80
CA ASN A 283 24.49 -35.44 -40.09
C ASN A 283 25.59 -36.46 -40.37
N THR A 284 26.55 -36.54 -39.46
CA THR A 284 27.65 -37.48 -39.57
C THR A 284 27.21 -38.93 -39.35
N GLU A 285 26.00 -39.15 -38.85
CA GLU A 285 25.52 -40.51 -38.62
C GLU A 285 25.45 -41.31 -39.92
N ASN A 286 25.08 -40.65 -41.02
CA ASN A 286 25.03 -41.32 -42.31
C ASN A 286 26.41 -41.82 -42.69
N THR A 287 26.47 -43.09 -43.11
CA THR A 287 27.76 -43.70 -43.42
C THR A 287 28.42 -43.04 -44.62
N GLN A 288 27.65 -42.81 -45.69
CA GLN A 288 28.20 -42.14 -46.87
C GLN A 288 28.66 -40.73 -46.53
N VAL A 289 27.85 -40.00 -45.76
CA VAL A 289 28.22 -38.64 -45.37
C VAL A 289 29.47 -38.65 -44.52
N SER A 290 29.57 -39.59 -43.57
CA SER A 290 30.76 -39.68 -42.74
C SER A 290 31.99 -40.01 -43.57
N SER A 291 31.86 -40.91 -44.55
CA SER A 291 32.99 -41.23 -45.41
C SER A 291 33.41 -40.02 -46.23
N ILE A 292 32.44 -39.25 -46.73
CA ILE A 292 32.77 -38.04 -47.48
C ILE A 292 33.51 -37.05 -46.59
N ILE A 293 33.05 -36.90 -45.33
CA ILE A 293 33.73 -36.02 -44.39
C ILE A 293 35.17 -36.47 -44.19
N GLU A 294 35.37 -37.77 -43.97
CA GLU A 294 36.72 -38.27 -43.72
C GLU A 294 37.62 -38.05 -44.92
N LYS A 295 37.14 -38.34 -46.14
CA LYS A 295 38.01 -38.20 -47.30
C LYS A 295 38.26 -36.74 -47.67
N TRP A 296 37.29 -35.86 -47.42
CA TRP A 296 37.55 -34.43 -47.63
C TRP A 296 38.54 -33.90 -46.62
N SER A 297 38.44 -34.33 -45.36
CA SER A 297 39.44 -33.95 -44.37
C SER A 297 40.82 -34.47 -44.76
N MET A 298 40.86 -35.68 -45.33
CA MET A 298 42.11 -36.20 -45.87
C MET A 298 42.64 -35.30 -46.98
N GLU A 299 41.74 -34.78 -47.81
CA GLU A 299 42.15 -33.83 -48.85
C GLU A 299 42.72 -32.56 -48.23
N ARG A 300 42.09 -32.06 -47.17
CA ARG A 300 42.53 -30.84 -46.50
C ARG A 300 43.33 -31.19 -45.26
N LEU A 301 44.59 -31.59 -45.50
CA LEU A 301 45.52 -31.89 -44.42
C LEU A 301 46.89 -31.24 -44.60
N GLN A 302 47.10 -30.49 -45.68
CA GLN A 302 48.42 -29.90 -45.92
C GLN A 302 48.73 -28.78 -44.94
N ALA A 303 47.72 -28.01 -44.55
CA ALA A 303 47.90 -26.85 -43.67
C ALA A 303 46.93 -26.95 -42.50
N PRO A 304 47.27 -27.73 -41.47
CA PRO A 304 46.44 -27.77 -40.27
C PRO A 304 46.50 -26.44 -39.55
N PRO A 305 45.43 -26.07 -38.83
CA PRO A 305 45.43 -24.79 -38.12
C PRO A 305 46.35 -24.77 -36.92
N LYS A 306 46.37 -23.66 -36.19
CA LYS A 306 47.18 -23.57 -34.99
C LYS A 306 46.71 -24.60 -33.97
N PRO A 307 47.63 -25.29 -33.27
CA PRO A 307 47.21 -26.36 -32.35
C PRO A 307 46.22 -25.90 -31.30
N ASP A 308 46.40 -24.72 -30.73
CA ASP A 308 45.46 -24.19 -29.74
C ASP A 308 44.43 -23.27 -30.38
N SER A 309 43.79 -23.76 -31.43
CA SER A 309 42.72 -23.01 -32.11
C SER A 309 41.35 -23.60 -31.86
N GLY A 310 41.25 -24.69 -31.10
CA GLY A 310 39.97 -25.32 -30.85
C GLY A 310 39.31 -25.94 -32.07
N LEU A 311 40.06 -26.16 -33.15
CA LEU A 311 39.52 -26.71 -34.38
C LEU A 311 40.23 -28.01 -34.69
N LEU A 312 39.45 -29.02 -35.08
CA LEU A 312 39.96 -30.38 -35.23
C LEU A 312 40.69 -30.54 -36.55
N ASP A 313 41.00 -31.77 -36.93
CA ASP A 313 41.57 -32.08 -38.23
C ASP A 313 40.69 -32.98 -39.08
N GLY A 314 39.82 -33.78 -38.47
CA GLY A 314 38.81 -34.51 -39.21
C GLY A 314 37.54 -33.70 -39.34
N PHE A 315 37.68 -32.39 -39.09
CA PHE A 315 36.55 -31.48 -39.10
C PHE A 315 35.95 -31.36 -40.49
N MET A 316 34.82 -30.66 -40.56
CA MET A 316 34.16 -30.38 -41.83
C MET A 316 33.40 -29.08 -41.65
N THR A 317 33.93 -27.99 -42.24
CA THR A 317 33.23 -26.71 -42.16
C THR A 317 31.87 -26.83 -42.83
N THR A 318 30.84 -26.33 -42.15
CA THR A 318 29.47 -26.52 -42.63
C THR A 318 29.28 -25.92 -44.01
N ASP A 319 29.84 -24.74 -44.26
CA ASP A 319 29.67 -24.08 -45.56
C ASP A 319 30.36 -24.86 -46.69
N ALA A 320 31.40 -25.64 -46.38
CA ALA A 320 31.94 -26.56 -47.38
C ALA A 320 30.90 -27.62 -47.74
N ALA A 321 30.21 -28.16 -46.72
CA ALA A 321 29.12 -29.09 -47.00
C ALA A 321 28.02 -28.41 -47.79
N LEU A 322 27.83 -27.11 -47.58
CA LEU A 322 26.83 -26.39 -48.34
C LEU A 322 27.26 -26.22 -49.80
N MET A 323 28.55 -25.99 -50.05
CA MET A 323 29.09 -26.14 -51.40
C MET A 323 28.70 -27.49 -52.00
N TYR A 324 28.95 -28.57 -51.27
CA TYR A 324 28.71 -29.91 -51.80
C TYR A 324 27.23 -30.10 -52.12
N ASP A 325 26.36 -29.71 -51.18
CA ASP A 325 24.92 -29.85 -51.37
C ASP A 325 24.43 -29.00 -52.53
N ALA A 326 24.92 -27.77 -52.64
CA ALA A 326 24.51 -26.90 -53.74
C ALA A 326 24.88 -27.51 -55.09
N VAL A 327 26.12 -27.99 -55.20
CA VAL A 327 26.56 -28.59 -56.46
C VAL A 327 25.68 -29.78 -56.80
N HIS A 328 25.42 -30.65 -55.80
CA HIS A 328 24.64 -31.85 -56.10
C HIS A 328 23.20 -31.53 -56.44
N VAL A 329 22.59 -30.54 -55.77
CA VAL A 329 21.19 -30.23 -56.06
C VAL A 329 21.06 -29.57 -57.42
N VAL A 330 21.98 -28.68 -57.79
CA VAL A 330 21.89 -28.09 -59.12
C VAL A 330 22.18 -29.13 -60.19
N SER A 331 23.07 -30.09 -59.89
CA SER A 331 23.31 -31.20 -60.82
C SER A 331 22.05 -32.03 -61.00
N VAL A 332 21.33 -32.30 -59.92
CA VAL A 332 20.06 -33.02 -60.03
C VAL A 332 19.08 -32.22 -60.88
N ALA A 333 18.98 -30.92 -60.62
CA ALA A 333 18.04 -30.09 -61.37
C ALA A 333 18.33 -30.09 -62.86
N VAL A 334 19.60 -29.98 -63.23
CA VAL A 334 19.94 -30.04 -64.64
C VAL A 334 19.79 -31.47 -65.17
N GLN A 335 19.82 -32.47 -64.28
CA GLN A 335 19.49 -33.83 -64.71
C GLN A 335 18.03 -33.92 -65.13
N GLN A 336 17.12 -33.28 -64.39
CA GLN A 336 15.74 -33.21 -64.87
C GLN A 336 15.58 -32.25 -66.04
N PHE A 337 16.62 -31.49 -66.40
CA PHE A 337 16.59 -30.57 -67.53
C PHE A 337 17.78 -30.85 -68.43
N PRO A 338 17.80 -32.01 -69.10
CA PRO A 338 18.95 -32.36 -69.96
C PRO A 338 19.05 -31.53 -71.23
N GLN A 339 18.00 -30.79 -71.60
CA GLN A 339 17.94 -30.08 -72.86
C GLN A 339 18.54 -28.67 -72.78
N MET A 340 19.47 -28.43 -71.85
CA MET A 340 20.09 -27.11 -71.74
C MET A 340 21.28 -26.99 -72.67
N THR A 341 21.37 -25.84 -73.35
CA THR A 341 22.53 -25.50 -74.18
C THR A 341 23.27 -24.36 -73.48
N VAL A 342 24.51 -24.64 -73.06
CA VAL A 342 25.25 -23.66 -72.28
C VAL A 342 25.52 -22.42 -73.11
N SER A 343 25.32 -21.26 -72.51
CA SER A 343 25.47 -19.97 -73.18
C SER A 343 26.70 -19.23 -72.68
N SER A 344 27.07 -18.19 -73.43
CA SER A 344 28.26 -17.39 -73.18
C SER A 344 27.91 -15.90 -73.24
N LEU A 345 26.85 -15.51 -72.53
CA LEU A 345 26.30 -14.16 -72.61
C LEU A 345 27.26 -13.10 -72.10
N GLN A 346 26.86 -11.84 -72.22
CA GLN A 346 27.67 -10.70 -71.79
C GLN A 346 26.82 -9.76 -70.94
N CYS A 347 27.48 -9.06 -70.02
CA CYS A 347 26.79 -8.20 -69.08
C CYS A 347 26.31 -6.88 -69.69
N ASN A 348 26.92 -6.45 -70.80
CA ASN A 348 26.65 -5.12 -71.32
C ASN A 348 25.19 -4.96 -71.72
N ARG A 349 24.61 -5.97 -72.37
CA ARG A 349 23.22 -5.92 -72.80
C ARG A 349 22.37 -6.85 -71.95
N HIS A 350 21.04 -6.67 -72.07
CA HIS A 350 20.08 -7.51 -71.38
C HIS A 350 19.78 -8.71 -72.26
N LYS A 351 20.52 -9.80 -72.05
CA LYS A 351 20.31 -11.07 -72.75
C LYS A 351 20.03 -12.12 -71.69
N PRO A 352 18.75 -12.34 -71.34
CA PRO A 352 18.44 -13.31 -70.29
C PRO A 352 18.91 -14.72 -70.66
N TRP A 353 19.33 -15.46 -69.65
CA TRP A 353 19.80 -16.82 -69.86
C TRP A 353 18.68 -17.64 -70.48
N ARG A 354 18.98 -18.27 -71.63
CA ARG A 354 17.92 -18.61 -72.58
C ARG A 354 16.88 -19.55 -71.99
N PHE A 355 17.32 -20.57 -71.26
CA PHE A 355 16.40 -21.49 -70.59
C PHE A 355 16.65 -21.38 -69.10
N GLY A 356 16.01 -20.39 -68.47
CA GLY A 356 16.16 -20.18 -67.04
C GLY A 356 14.89 -20.37 -66.25
N THR A 357 13.75 -20.07 -66.86
CA THR A 357 12.47 -20.24 -66.17
C THR A 357 12.24 -21.70 -65.82
N ARG A 358 12.39 -22.59 -66.80
CA ARG A 358 12.27 -24.02 -66.54
C ARG A 358 13.35 -24.49 -65.58
N PHE A 359 14.58 -24.02 -65.77
CA PHE A 359 15.69 -24.41 -64.90
C PHE A 359 15.43 -23.95 -63.47
N MET A 360 15.00 -22.71 -63.30
CA MET A 360 14.76 -22.19 -61.95
C MET A 360 13.58 -22.90 -61.30
N SER A 361 12.52 -23.17 -62.06
CA SER A 361 11.39 -23.91 -61.51
C SER A 361 11.82 -25.30 -61.06
N LEU A 362 12.63 -25.98 -61.88
CA LEU A 362 13.07 -27.33 -61.54
C LEU A 362 13.97 -27.32 -60.31
N ILE A 363 14.89 -26.37 -60.21
CA ILE A 363 15.77 -26.34 -59.05
C ILE A 363 14.99 -25.98 -57.79
N LYS A 364 14.01 -25.07 -57.91
CA LYS A 364 13.21 -24.72 -56.75
C LYS A 364 12.28 -25.86 -56.34
N GLU A 365 11.90 -26.72 -57.27
CA GLU A 365 11.07 -27.86 -56.95
C GLU A 365 11.88 -29.10 -56.57
N ALA A 366 13.21 -29.06 -56.69
CA ALA A 366 14.02 -30.21 -56.35
C ALA A 366 14.05 -30.41 -54.84
N HIS A 367 13.90 -31.67 -54.41
CA HIS A 367 13.97 -32.03 -53.00
C HIS A 367 14.76 -33.32 -52.87
N TRP A 368 15.76 -33.31 -51.99
CA TRP A 368 16.65 -34.46 -51.84
C TRP A 368 17.32 -34.40 -50.47
N GLU A 369 17.49 -35.57 -49.86
CA GLU A 369 18.23 -35.69 -48.60
C GLU A 369 19.71 -35.49 -48.90
N GLY A 370 20.19 -34.26 -48.73
CA GLY A 370 21.58 -33.95 -48.97
C GLY A 370 22.46 -34.32 -47.80
N LEU A 371 23.70 -33.83 -47.85
CA LEU A 371 24.65 -34.09 -46.78
C LEU A 371 24.16 -33.52 -45.45
N THR A 372 23.64 -32.29 -45.48
CA THR A 372 23.08 -31.70 -44.28
C THR A 372 21.63 -32.12 -44.04
N GLY A 373 21.02 -32.83 -44.99
CA GLY A 373 19.67 -33.33 -44.85
C GLY A 373 18.83 -32.96 -46.04
N ARG A 374 17.52 -32.97 -45.83
CA ARG A 374 16.57 -32.66 -46.91
C ARG A 374 16.70 -31.21 -47.35
N ILE A 375 16.66 -31.00 -48.66
CA ILE A 375 16.66 -29.66 -49.22
C ILE A 375 15.22 -29.27 -49.54
N THR A 376 14.90 -28.01 -49.27
CA THR A 376 13.60 -27.45 -49.61
C THR A 376 13.80 -26.02 -50.07
N PHE A 377 13.04 -25.62 -51.09
CA PHE A 377 13.04 -24.26 -51.60
C PHE A 377 11.62 -23.74 -51.52
N ASN A 378 11.36 -22.87 -50.55
CA ASN A 378 10.03 -22.26 -50.41
C ASN A 378 9.68 -21.50 -51.68
N LYS A 379 8.47 -21.73 -52.18
CA LYS A 379 8.05 -21.10 -53.43
C LYS A 379 7.95 -19.59 -53.29
N THR A 380 7.52 -19.12 -52.12
CA THR A 380 7.40 -17.68 -51.89
C THR A 380 8.78 -17.01 -51.95
N ASN A 381 9.66 -17.37 -51.04
CA ASN A 381 11.02 -16.84 -50.98
C ASN A 381 12.01 -17.99 -51.02
N GLY A 382 13.14 -17.76 -51.68
CA GLY A 382 14.09 -18.85 -51.83
C GLY A 382 15.02 -18.98 -50.66
N LEU A 383 14.68 -19.89 -49.74
CA LEU A 383 15.48 -20.15 -48.55
C LEU A 383 15.22 -21.58 -48.11
N ARG A 384 16.25 -22.21 -47.54
CA ARG A 384 16.09 -23.54 -46.97
C ARG A 384 15.37 -23.40 -45.64
N THR A 385 14.05 -23.25 -45.73
CA THR A 385 13.23 -23.06 -44.54
C THR A 385 12.71 -24.37 -43.95
N ASP A 386 12.94 -25.50 -44.63
CA ASP A 386 12.54 -26.81 -44.13
C ASP A 386 13.74 -27.74 -44.22
N PHE A 387 14.31 -28.09 -43.07
CA PHE A 387 15.51 -28.92 -43.02
C PHE A 387 15.48 -29.73 -41.73
N ASP A 388 16.61 -30.32 -41.37
CA ASP A 388 16.70 -31.21 -40.22
C ASP A 388 17.95 -30.87 -39.42
N LEU A 389 17.76 -30.41 -38.19
CA LEU A 389 18.85 -30.03 -37.32
C LEU A 389 19.33 -31.21 -36.49
N ASP A 390 20.60 -31.17 -36.09
CA ASP A 390 21.17 -32.09 -35.12
C ASP A 390 21.63 -31.27 -33.92
N VAL A 391 20.92 -31.42 -32.80
CA VAL A 391 21.18 -30.59 -31.62
C VAL A 391 22.27 -31.29 -30.81
N ILE A 392 23.52 -31.00 -31.15
CA ILE A 392 24.65 -31.55 -30.41
C ILE A 392 24.89 -30.71 -29.16
N SER A 393 25.29 -31.37 -28.08
CA SER A 393 25.49 -30.69 -26.81
C SER A 393 26.52 -31.45 -25.98
N LEU A 394 27.03 -30.79 -24.95
CA LEU A 394 28.03 -31.37 -24.07
C LEU A 394 27.32 -32.05 -22.89
N LYS A 395 27.57 -33.34 -22.73
CA LYS A 395 26.96 -34.16 -21.67
C LYS A 395 28.03 -35.01 -20.99
N GLU A 396 29.15 -34.38 -20.64
CA GLU A 396 30.31 -34.97 -19.99
C GLU A 396 31.01 -36.03 -20.84
N GLU A 397 30.58 -36.25 -22.08
CA GLU A 397 31.25 -37.22 -22.95
C GLU A 397 31.40 -36.69 -24.37
N GLY A 398 31.47 -35.37 -24.53
CA GLY A 398 31.63 -34.77 -25.83
C GLY A 398 30.33 -34.20 -26.37
N LEU A 399 30.28 -34.08 -27.69
CA LEU A 399 29.13 -33.54 -28.40
C LEU A 399 28.46 -34.65 -29.20
N GLU A 400 27.15 -34.80 -29.01
CA GLU A 400 26.40 -35.86 -29.67
C GLU A 400 25.00 -35.38 -29.99
N LYS A 401 24.43 -35.92 -31.05
CA LYS A 401 23.09 -35.54 -31.48
C LYS A 401 22.06 -36.25 -30.60
N ILE A 402 21.33 -35.48 -29.80
CA ILE A 402 20.32 -36.03 -28.89
C ILE A 402 18.93 -35.53 -29.24
N GLY A 403 18.73 -35.02 -30.45
CA GLY A 403 17.42 -34.55 -30.87
C GLY A 403 17.45 -33.82 -32.19
N THR A 404 16.45 -34.05 -33.03
CA THR A 404 16.34 -33.40 -34.32
C THR A 404 15.18 -32.40 -34.30
N TRP A 405 15.29 -31.39 -35.15
CA TRP A 405 14.33 -30.30 -35.18
C TRP A 405 13.67 -30.24 -36.55
N ASP A 406 12.34 -30.12 -36.56
CA ASP A 406 11.54 -30.10 -37.77
C ASP A 406 10.81 -28.76 -37.85
N PRO A 407 10.94 -28.01 -38.95
CA PRO A 407 10.18 -26.74 -39.05
C PRO A 407 8.68 -26.93 -38.90
N ALA A 408 8.08 -27.83 -39.69
CA ALA A 408 6.64 -28.00 -39.65
C ALA A 408 6.16 -28.66 -38.37
N SER A 409 7.06 -29.25 -37.59
CA SER A 409 6.68 -29.94 -36.36
C SER A 409 7.28 -29.30 -35.12
N GLY A 410 8.58 -29.06 -35.10
CA GLY A 410 9.23 -28.54 -33.91
C GLY A 410 10.49 -29.31 -33.58
N LEU A 411 10.74 -29.51 -32.29
CA LEU A 411 11.91 -30.23 -31.81
C LEU A 411 11.47 -31.44 -31.01
N ASN A 412 12.25 -32.52 -31.12
CA ASN A 412 12.02 -33.71 -30.30
C ASN A 412 13.29 -34.07 -29.55
N MET A 413 13.87 -33.08 -28.86
CA MET A 413 15.03 -33.30 -28.00
C MET A 413 14.79 -34.51 -27.09
N THR A 414 15.62 -35.54 -27.27
CA THR A 414 15.42 -36.80 -26.57
C THR A 414 16.20 -36.88 -25.26
N GLU A 415 17.35 -36.23 -25.18
CA GLU A 415 18.19 -36.25 -23.99
C GLU A 415 18.54 -37.68 -23.56
N SER A 432 41.50 -30.15 -13.31
CA SER A 432 41.24 -29.29 -12.17
C SER A 432 40.77 -30.11 -10.97
N LEU A 433 41.72 -30.54 -10.15
CA LEU A 433 41.40 -31.30 -8.94
C LEU A 433 42.19 -30.81 -7.73
N ILE A 434 42.86 -29.66 -7.82
CA ILE A 434 43.67 -29.16 -6.72
C ILE A 434 42.78 -28.78 -5.54
N VAL A 435 43.22 -29.15 -4.34
CA VAL A 435 42.51 -28.85 -3.11
C VAL A 435 43.46 -28.11 -2.18
N THR A 436 42.90 -27.28 -1.31
CA THR A 436 43.69 -26.40 -0.44
C THR A 436 43.51 -26.76 1.02
N THR A 437 44.61 -26.67 1.78
CA THR A 437 44.57 -26.90 3.21
C THR A 437 43.85 -25.76 3.93
N ILE A 438 43.38 -26.06 5.14
CA ILE A 438 42.73 -25.10 6.01
C ILE A 438 43.51 -25.07 7.32
N LEU A 439 43.18 -24.09 8.18
CA LEU A 439 43.93 -23.82 9.39
C LEU A 439 43.10 -24.08 10.65
N GLU A 440 42.37 -25.19 10.67
CA GLU A 440 41.60 -25.56 11.85
C GLU A 440 42.35 -26.66 12.63
N GLU A 441 42.25 -26.56 13.96
CA GLU A 441 43.15 -27.31 14.84
C GLU A 441 43.05 -28.82 14.68
N PRO A 442 41.87 -29.46 14.74
CA PRO A 442 41.85 -30.92 14.69
C PRO A 442 42.10 -31.47 13.28
N TYR A 443 41.50 -30.83 12.28
CA TYR A 443 41.41 -31.45 10.96
C TYR A 443 42.76 -31.46 10.24
N VAL A 444 43.47 -30.33 10.25
CA VAL A 444 44.77 -30.30 9.56
C VAL A 444 45.64 -29.14 10.05
N LEU A 445 46.91 -29.43 10.33
CA LEU A 445 47.94 -28.42 10.54
C LEU A 445 49.15 -28.71 9.65
N PHE A 446 50.24 -27.99 9.87
CA PHE A 446 51.47 -28.16 9.10
C PHE A 446 52.28 -29.28 9.77
N LYS A 447 52.29 -30.46 9.16
CA LYS A 447 53.09 -31.56 9.68
C LYS A 447 54.57 -31.31 9.40
N LYS A 448 55.41 -31.65 10.37
CA LYS A 448 56.85 -31.48 10.24
C LYS A 448 57.38 -32.35 9.11
N SER A 449 58.22 -31.75 8.25
CA SER A 449 58.86 -32.49 7.17
C SER A 449 60.21 -31.85 6.88
N ASP A 450 61.23 -32.68 6.70
CA ASP A 450 62.55 -32.16 6.39
C ASP A 450 62.55 -31.44 5.04
N LYS A 451 61.85 -31.99 4.05
CA LYS A 451 61.70 -31.32 2.78
C LYS A 451 60.80 -30.10 2.95
N PRO A 452 60.95 -29.09 2.08
CA PRO A 452 60.01 -27.96 2.10
C PRO A 452 58.59 -28.43 1.88
N LEU A 453 57.65 -27.83 2.61
CA LEU A 453 56.27 -28.29 2.64
C LEU A 453 55.33 -27.18 2.19
N TYR A 454 54.32 -27.57 1.40
CA TYR A 454 53.24 -26.66 1.05
C TYR A 454 51.88 -27.36 1.11
N GLY A 455 51.80 -28.51 1.77
CA GLY A 455 50.55 -29.22 1.95
C GLY A 455 50.32 -30.39 1.03
N ASN A 456 51.26 -30.70 0.14
CA ASN A 456 51.07 -31.74 -0.87
C ASN A 456 51.13 -33.11 -0.19
N ASP A 457 50.00 -33.49 0.40
CA ASP A 457 49.82 -34.78 1.06
C ASP A 457 50.85 -35.02 2.16
N ARG A 458 51.44 -33.94 2.69
CA ARG A 458 52.47 -34.03 3.71
C ARG A 458 52.00 -33.50 5.06
N PHE A 459 50.68 -33.45 5.29
CA PHE A 459 50.11 -32.94 6.52
C PHE A 459 49.44 -34.07 7.29
N GLU A 460 48.95 -33.74 8.47
CA GLU A 460 48.35 -34.72 9.37
C GLU A 460 47.04 -34.18 9.93
N GLY A 461 46.16 -35.09 10.32
CA GLY A 461 44.90 -34.76 10.94
C GLY A 461 43.74 -35.48 10.29
N TYR A 462 42.55 -35.15 10.79
CA TYR A 462 41.32 -35.79 10.29
C TYR A 462 41.05 -35.40 8.84
N CYS A 463 41.28 -34.12 8.49
CA CYS A 463 40.99 -33.67 7.13
C CYS A 463 41.90 -34.36 6.12
N ILE A 464 43.17 -34.57 6.47
CA ILE A 464 44.09 -35.24 5.55
C ILE A 464 43.63 -36.66 5.29
N ASP A 465 43.23 -37.38 6.34
CA ASP A 465 42.76 -38.75 6.14
C ASP A 465 41.45 -38.80 5.38
N LEU A 466 40.55 -37.83 5.61
CA LEU A 466 39.30 -37.80 4.88
C LEU A 466 39.53 -37.55 3.39
N LEU A 467 40.44 -36.62 3.07
CA LEU A 467 40.76 -36.36 1.67
C LEU A 467 41.50 -37.55 1.05
N ARG A 468 42.32 -38.26 1.82
CA ARG A 468 42.94 -39.47 1.31
C ARG A 468 41.89 -40.54 1.03
N GLU A 469 40.87 -40.63 1.87
CA GLU A 469 39.74 -41.53 1.60
C GLU A 469 39.04 -41.14 0.30
N LEU A 470 38.84 -39.83 0.10
CA LEU A 470 38.25 -39.36 -1.15
C LEU A 470 39.12 -39.74 -2.35
N SER A 471 40.44 -39.60 -2.21
CA SER A 471 41.35 -39.93 -3.30
C SER A 471 41.32 -41.43 -3.61
N THR A 472 41.27 -42.26 -2.57
CA THR A 472 41.30 -43.70 -2.77
C THR A 472 39.97 -44.27 -3.29
N ILE A 473 38.87 -43.54 -3.10
CA ILE A 473 37.58 -43.98 -3.62
C ILE A 473 37.30 -43.43 -5.02
N LEU A 474 37.92 -42.30 -5.38
CA LEU A 474 37.73 -41.70 -6.71
C LEU A 474 38.86 -42.02 -7.67
N GLY A 475 40.08 -42.20 -7.17
CA GLY A 475 41.23 -42.42 -8.02
C GLY A 475 41.81 -41.18 -8.64
N PHE A 476 41.29 -40.00 -8.29
CA PHE A 476 41.79 -38.76 -8.86
C PHE A 476 43.26 -38.55 -8.49
N THR A 477 44.06 -38.19 -9.49
CA THR A 477 45.49 -37.91 -9.31
C THR A 477 45.65 -36.40 -9.14
N TYR A 478 45.80 -35.96 -7.89
CA TYR A 478 45.90 -34.54 -7.61
C TYR A 478 46.74 -34.32 -6.36
N GLU A 479 47.24 -33.10 -6.22
CA GLU A 479 48.02 -32.69 -5.07
C GLU A 479 47.18 -31.77 -4.19
N ILE A 480 47.78 -31.27 -3.12
CA ILE A 480 47.13 -30.40 -2.16
C ILE A 480 48.00 -29.17 -1.96
N ARG A 481 47.44 -27.98 -2.18
CA ARG A 481 48.19 -26.75 -2.05
C ARG A 481 48.08 -26.21 -0.62
N LEU A 482 48.55 -24.98 -0.42
CA LEU A 482 48.58 -24.35 0.89
C LEU A 482 47.59 -23.20 0.95
N VAL A 483 47.24 -22.82 2.19
CA VAL A 483 46.32 -21.71 2.41
C VAL A 483 46.92 -20.42 1.85
N GLU A 484 46.08 -19.60 1.22
CA GLU A 484 46.54 -18.38 0.58
C GLU A 484 46.01 -17.13 1.26
N ASP A 485 44.69 -17.00 1.42
CA ASP A 485 44.08 -15.77 1.92
C ASP A 485 43.31 -16.06 3.20
N GLY A 486 43.61 -15.29 4.25
CA GLY A 486 42.83 -15.34 5.47
C GLY A 486 43.10 -16.58 6.31
N LYS A 487 42.36 -16.64 7.42
CA LYS A 487 42.42 -17.79 8.33
C LYS A 487 41.18 -17.75 9.20
N TYR A 488 40.41 -18.83 9.20
CA TYR A 488 39.11 -18.94 9.87
C TYR A 488 38.07 -17.98 9.31
N GLY A 489 38.34 -17.35 8.18
CA GLY A 489 37.36 -16.54 7.49
C GLY A 489 37.64 -15.06 7.50
N ALA A 490 38.19 -14.56 6.40
CA ALA A 490 38.34 -13.11 6.19
C ALA A 490 37.21 -12.61 5.28
N GLN A 491 36.00 -12.74 5.78
CA GLN A 491 34.82 -12.37 4.99
C GLN A 491 34.72 -10.87 4.84
N ASP A 492 34.44 -10.43 3.61
CA ASP A 492 34.29 -9.00 3.28
C ASP A 492 32.83 -8.60 3.20
N ASP A 493 31.99 -9.14 4.09
CA ASP A 493 30.54 -8.95 4.03
C ASP A 493 30.11 -7.52 4.34
N VAL A 494 31.04 -6.58 4.48
CA VAL A 494 30.66 -5.18 4.63
C VAL A 494 29.96 -4.69 3.37
N ASN A 495 30.38 -5.18 2.21
CA ASN A 495 29.75 -4.85 0.93
C ASN A 495 29.18 -6.10 0.26
N GLY A 496 28.72 -7.06 1.05
CA GLY A 496 28.19 -8.30 0.51
C GLY A 496 29.20 -9.16 -0.20
N GLN A 497 30.42 -9.26 0.35
CA GLN A 497 31.49 -10.03 -0.24
C GLN A 497 32.00 -11.03 0.78
N TRP A 498 32.83 -11.97 0.31
CA TRP A 498 33.41 -13.00 1.17
C TRP A 498 34.61 -13.60 0.47
N ASN A 499 35.80 -13.42 1.04
CA ASN A 499 37.04 -13.87 0.42
C ASN A 499 37.77 -14.93 1.24
N GLY A 500 38.02 -14.66 2.52
CA GLY A 500 38.77 -15.58 3.36
C GLY A 500 38.12 -16.94 3.53
N MET A 501 38.89 -17.99 3.30
CA MET A 501 38.50 -19.39 3.46
C MET A 501 37.41 -19.84 2.49
N VAL A 502 36.91 -18.96 1.63
CA VAL A 502 35.72 -19.29 0.84
C VAL A 502 35.95 -19.05 -0.66
N ARG A 503 36.40 -17.85 -1.03
CA ARG A 503 36.58 -17.51 -2.45
C ARG A 503 38.05 -17.33 -2.83
N GLU A 504 38.96 -17.83 -2.01
CA GLU A 504 40.36 -17.97 -2.39
C GLU A 504 40.87 -19.39 -2.20
N LEU A 505 40.06 -20.30 -1.68
CA LEU A 505 40.44 -21.69 -1.49
C LEU A 505 39.56 -22.66 -2.25
N ILE A 506 38.42 -22.21 -2.79
CA ILE A 506 37.36 -23.08 -3.28
C ILE A 506 37.02 -22.79 -4.73
N ASP A 507 36.80 -21.51 -5.06
CA ASP A 507 36.17 -21.17 -6.34
C ASP A 507 37.13 -21.35 -7.50
N HIS A 508 38.21 -20.59 -7.52
CA HIS A 508 39.05 -20.55 -8.72
C HIS A 508 40.51 -20.90 -8.47
N LYS A 509 41.07 -20.49 -7.32
CA LYS A 509 42.45 -20.84 -7.02
C LYS A 509 42.61 -22.35 -6.89
N ALA A 510 41.64 -23.01 -6.28
CA ALA A 510 41.56 -24.46 -6.23
C ALA A 510 40.22 -24.91 -6.80
N ASP A 511 40.18 -26.14 -7.30
CA ASP A 511 38.92 -26.68 -7.82
C ASP A 511 37.88 -26.78 -6.71
N LEU A 512 38.23 -27.44 -5.61
CA LEU A 512 37.39 -27.54 -4.43
C LEU A 512 38.27 -27.31 -3.21
N ALA A 513 37.70 -27.53 -2.02
CA ALA A 513 38.47 -27.50 -0.77
C ALA A 513 37.70 -28.35 0.23
N VAL A 514 38.19 -29.55 0.49
CA VAL A 514 37.50 -30.49 1.38
C VAL A 514 37.99 -30.17 2.79
N ALA A 515 37.34 -29.17 3.40
CA ALA A 515 37.65 -28.76 4.76
C ALA A 515 36.34 -28.67 5.53
N PRO A 516 36.15 -29.45 6.60
CA PRO A 516 34.88 -29.41 7.34
C PRO A 516 34.66 -28.04 7.97
N LEU A 517 33.56 -27.39 7.58
CA LEU A 517 33.19 -26.08 8.09
C LEU A 517 31.70 -26.09 8.39
N ALA A 518 31.15 -24.91 8.65
CA ALA A 518 29.74 -24.75 8.96
C ALA A 518 29.00 -24.12 7.78
N ILE A 519 27.70 -24.36 7.74
CA ILE A 519 26.83 -23.88 6.67
C ILE A 519 25.78 -22.96 7.27
N THR A 520 25.64 -21.77 6.68
CA THR A 520 24.67 -20.78 7.15
C THR A 520 24.32 -19.88 5.97
N TYR A 521 23.68 -18.75 6.26
CA TYR A 521 23.18 -17.86 5.22
C TYR A 521 24.30 -17.35 4.32
N VAL A 522 25.43 -16.96 4.91
CA VAL A 522 26.50 -16.31 4.17
C VAL A 522 26.99 -17.18 3.01
N ARG A 523 26.84 -18.49 3.12
CA ARG A 523 27.20 -19.41 2.04
C ARG A 523 26.04 -19.71 1.10
N GLU A 524 24.82 -19.83 1.62
CA GLU A 524 23.69 -20.32 0.85
C GLU A 524 22.85 -19.22 0.21
N LYS A 525 23.22 -17.95 0.37
CA LYS A 525 22.52 -16.91 -0.37
C LYS A 525 22.64 -17.10 -1.88
N VAL A 526 23.85 -17.39 -2.37
CA VAL A 526 24.10 -17.56 -3.79
C VAL A 526 24.59 -18.96 -4.12
N ILE A 527 25.43 -19.54 -3.28
CA ILE A 527 26.08 -20.83 -3.57
C ILE A 527 25.34 -21.93 -2.83
N ASP A 528 24.80 -22.89 -3.58
CA ASP A 528 24.26 -24.10 -2.96
C ASP A 528 25.40 -24.96 -2.44
N PHE A 529 25.18 -25.60 -1.29
CA PHE A 529 26.18 -26.44 -0.67
C PHE A 529 25.64 -27.85 -0.49
N SER A 530 26.56 -28.82 -0.48
CA SER A 530 26.19 -30.22 -0.36
C SER A 530 25.62 -30.50 1.03
N LYS A 531 25.00 -31.67 1.15
CA LYS A 531 24.38 -32.06 2.40
C LYS A 531 25.44 -32.21 3.51
N PRO A 532 25.09 -31.87 4.74
CA PRO A 532 26.08 -31.91 5.83
C PRO A 532 26.61 -33.32 6.07
N PHE A 533 27.88 -33.38 6.48
CA PHE A 533 28.51 -34.63 6.87
C PHE A 533 28.31 -34.91 8.36
N MET A 534 28.74 -33.97 9.21
CA MET A 534 28.49 -34.04 10.64
C MET A 534 28.18 -32.64 11.15
N THR A 535 27.16 -32.54 12.00
CA THR A 535 26.67 -31.25 12.46
C THR A 535 27.42 -30.79 13.71
N LEU A 536 27.81 -29.52 13.71
CA LEU A 536 28.43 -28.89 14.87
C LEU A 536 27.52 -27.79 15.40
N GLY A 537 27.87 -27.31 16.60
CA GLY A 537 27.13 -26.23 17.23
C GLY A 537 27.95 -25.65 18.36
N ILE A 538 27.57 -24.43 18.77
CA ILE A 538 28.36 -23.71 19.76
C ILE A 538 28.03 -24.25 21.15
N SER A 539 28.89 -25.14 21.65
CA SER A 539 28.72 -25.69 22.99
C SER A 539 29.53 -24.85 23.98
N ILE A 540 29.43 -25.20 25.27
CA ILE A 540 29.97 -24.38 26.36
C ILE A 540 30.99 -25.19 27.13
N LEU A 541 32.19 -24.62 27.30
CA LEU A 541 33.15 -25.20 28.23
C LEU A 541 32.67 -24.98 29.67
N TYR A 542 33.31 -25.70 30.59
CA TYR A 542 33.04 -25.48 32.00
C TYR A 542 34.12 -26.16 32.84
N ARG A 543 34.57 -25.48 33.88
CA ARG A 543 35.51 -26.05 34.84
C ARG A 543 34.82 -27.15 35.61
N LYS A 544 35.26 -28.40 35.40
CA LYS A 544 34.55 -29.55 35.96
C LYS A 544 34.54 -29.49 37.48
N PRO A 545 33.37 -29.56 38.12
CA PRO A 545 33.34 -29.51 39.58
C PRO A 545 33.99 -30.73 40.21
N ASN A 546 34.54 -30.51 41.41
CA ASN A 546 35.20 -31.56 42.16
C ASN A 546 34.60 -31.64 43.56
N GLY A 547 34.67 -32.82 44.15
CA GLY A 547 34.13 -33.02 45.49
C GLY A 547 35.10 -32.63 46.58
N THR A 548 34.89 -31.46 47.17
CA THR A 548 35.75 -30.92 48.23
C THR A 548 34.87 -30.66 49.45
N ASN A 549 34.66 -31.68 50.26
CA ASN A 549 33.90 -31.58 51.52
C ASN A 549 34.70 -32.23 52.64
N PRO A 550 35.78 -31.57 53.10
CA PRO A 550 36.56 -32.13 54.22
C PRO A 550 35.79 -32.13 55.53
N GLY A 551 36.42 -32.60 56.59
CA GLY A 551 35.77 -32.69 57.88
C GLY A 551 35.38 -31.35 58.46
N VAL A 552 36.35 -30.53 58.83
CA VAL A 552 36.08 -29.17 59.34
C VAL A 552 36.07 -28.26 58.12
N PHE A 553 34.93 -28.21 57.47
CA PHE A 553 34.79 -27.41 56.25
C PHE A 553 33.53 -26.56 56.24
N SER A 554 32.45 -27.01 56.89
CA SER A 554 31.16 -26.34 56.80
C SER A 554 30.52 -26.04 58.15
N PHE A 555 30.89 -26.74 59.22
CA PHE A 555 30.22 -26.53 60.51
C PHE A 555 30.48 -25.13 61.04
N LEU A 556 31.70 -24.62 60.86
CA LEU A 556 32.06 -23.32 61.42
C LEU A 556 31.70 -22.14 60.54
N ASN A 557 31.19 -22.37 59.33
CA ASN A 557 30.79 -21.25 58.48
C ASN A 557 29.65 -20.44 59.07
N PRO A 558 28.52 -21.02 59.51
CA PRO A 558 27.41 -20.18 59.98
C PRO A 558 27.75 -19.34 61.20
N LEU A 559 28.60 -19.83 62.10
CA LEU A 559 28.99 -19.10 63.30
C LEU A 559 30.45 -18.68 63.16
N SER A 560 30.68 -17.37 63.08
CA SER A 560 32.04 -16.87 62.93
C SER A 560 32.84 -17.15 64.20
N PRO A 561 34.17 -17.32 64.07
CA PRO A 561 34.96 -17.69 65.26
C PRO A 561 34.83 -16.71 66.42
N ASP A 562 34.74 -15.41 66.13
CA ASP A 562 34.52 -14.44 67.20
C ASP A 562 33.15 -14.66 67.85
N ILE A 563 32.13 -14.95 67.04
CA ILE A 563 30.81 -15.23 67.59
C ILE A 563 30.82 -16.52 68.42
N TRP A 564 31.56 -17.53 67.95
CA TRP A 564 31.67 -18.77 68.71
C TRP A 564 32.34 -18.52 70.05
N MET A 565 33.42 -17.72 70.06
CA MET A 565 34.07 -17.38 71.33
C MET A 565 33.12 -16.60 72.23
N TYR A 566 32.36 -15.68 71.65
CA TYR A 566 31.41 -14.88 72.45
C TYR A 566 30.38 -15.78 73.11
N ILE A 567 29.79 -16.71 72.35
CA ILE A 567 28.76 -17.56 72.92
C ILE A 567 29.35 -18.53 73.94
N LEU A 568 30.57 -19.03 73.68
CA LEU A 568 31.21 -19.91 74.64
C LEU A 568 31.48 -19.21 75.96
N LEU A 569 32.00 -17.98 75.91
CA LEU A 569 32.22 -17.24 77.14
C LEU A 569 30.92 -16.84 77.81
N ALA A 570 29.87 -16.57 77.04
CA ALA A 570 28.56 -16.30 77.65
C ALA A 570 28.05 -17.52 78.40
N TYR A 571 28.19 -18.71 77.81
CA TYR A 571 27.79 -19.93 78.49
C TYR A 571 28.63 -20.15 79.75
N LEU A 572 29.93 -19.89 79.67
CA LEU A 572 30.79 -20.02 80.84
C LEU A 572 30.35 -19.07 81.95
N GLY A 573 30.03 -17.82 81.58
CA GLY A 573 29.60 -16.86 82.58
C GLY A 573 28.27 -17.21 83.22
N VAL A 574 27.32 -17.68 82.41
CA VAL A 574 26.01 -18.05 82.97
C VAL A 574 26.14 -19.29 83.86
N SER A 575 27.01 -20.23 83.49
CA SER A 575 27.24 -21.39 84.35
C SER A 575 27.89 -20.96 85.66
N CYS A 576 28.85 -20.04 85.60
CA CYS A 576 29.48 -19.55 86.82
C CYS A 576 28.46 -18.82 87.71
N VAL A 577 27.59 -18.03 87.11
CA VAL A 577 26.56 -17.33 87.88
C VAL A 577 25.61 -18.34 88.53
N LEU A 578 25.23 -19.39 87.78
CA LEU A 578 24.37 -20.42 88.36
C LEU A 578 25.04 -21.12 89.52
N PHE A 579 26.34 -21.41 89.40
CA PHE A 579 27.07 -22.04 90.49
C PHE A 579 27.15 -21.13 91.71
N VAL A 580 27.37 -19.83 91.49
CA VAL A 580 27.43 -18.88 92.59
C VAL A 580 26.06 -18.77 93.28
N ILE A 581 24.98 -18.87 92.51
CA ILE A 581 23.64 -18.78 93.08
C ILE A 581 23.42 -19.89 94.10
N ALA A 582 23.81 -21.11 93.76
CA ALA A 582 23.66 -22.23 94.68
C ALA A 582 25.03 -22.78 95.08
N LEU A 631 12.77 -15.37 93.30
CA LEU A 631 13.51 -16.53 92.80
C LEU A 631 14.21 -16.20 91.49
N SER A 632 15.51 -15.89 91.56
CA SER A 632 16.27 -15.56 90.36
C SER A 632 16.43 -16.74 89.42
N THR A 633 16.15 -17.96 89.91
CA THR A 633 16.28 -19.14 89.05
C THR A 633 15.31 -19.07 87.88
N ARG A 634 14.10 -18.59 88.11
CA ARG A 634 13.14 -18.45 87.00
C ARG A 634 13.64 -17.46 85.96
N ILE A 635 14.19 -16.32 86.41
CA ILE A 635 14.69 -15.32 85.48
C ILE A 635 15.85 -15.87 84.67
N VAL A 636 16.79 -16.53 85.33
CA VAL A 636 17.96 -17.03 84.60
C VAL A 636 17.55 -18.15 83.65
N GLY A 637 16.60 -18.99 84.04
CA GLY A 637 16.10 -20.01 83.12
C GLY A 637 15.42 -19.41 81.91
N GLY A 638 14.58 -18.39 82.12
CA GLY A 638 13.91 -17.76 81.00
C GLY A 638 14.88 -17.10 80.04
N ILE A 639 15.85 -16.35 80.58
CA ILE A 639 16.80 -15.67 79.71
C ILE A 639 17.69 -16.68 79.00
N TRP A 640 18.04 -17.78 79.67
CA TRP A 640 18.80 -18.83 79.00
C TRP A 640 18.01 -19.45 77.85
N TRP A 641 16.73 -19.75 78.09
CA TRP A 641 15.90 -20.30 77.02
C TRP A 641 15.82 -19.35 75.84
N PHE A 642 15.60 -18.06 76.12
CA PHE A 642 15.44 -17.07 75.06
C PHE A 642 16.73 -16.91 74.26
N PHE A 643 17.87 -16.81 74.97
CA PHE A 643 19.16 -16.68 74.29
C PHE A 643 19.47 -17.91 73.45
N THR A 644 19.26 -19.11 74.00
CA THR A 644 19.56 -20.32 73.25
C THR A 644 18.64 -20.47 72.04
N LEU A 645 17.37 -20.13 72.17
CA LEU A 645 16.48 -20.21 71.01
C LEU A 645 16.90 -19.23 69.93
N ILE A 646 17.32 -18.02 70.32
CA ILE A 646 17.83 -17.08 69.32
C ILE A 646 19.05 -17.66 68.63
N ILE A 647 19.97 -18.23 69.41
CA ILE A 647 21.21 -18.74 68.83
C ILE A 647 20.94 -19.87 67.85
N ILE A 648 20.09 -20.82 68.26
CA ILE A 648 19.81 -21.97 67.40
C ILE A 648 19.05 -21.53 66.16
N SER A 649 18.11 -20.59 66.30
CA SER A 649 17.39 -20.10 65.14
C SER A 649 18.33 -19.42 64.16
N SER A 650 19.25 -18.60 64.67
CA SER A 650 20.21 -17.92 63.80
C SER A 650 21.10 -18.93 63.09
N TYR A 651 21.58 -19.95 63.80
CA TYR A 651 22.44 -20.94 63.18
C TYR A 651 21.69 -21.71 62.09
N THR A 652 20.47 -22.15 62.40
CA THR A 652 19.67 -22.87 61.42
C THR A 652 19.41 -22.02 60.20
N ALA A 653 19.04 -20.76 60.42
CA ALA A 653 18.73 -19.87 59.31
C ALA A 653 19.95 -19.63 58.44
N ASN A 654 21.11 -19.41 59.06
CA ASN A 654 22.33 -19.16 58.28
C ASN A 654 22.71 -20.38 57.46
N LEU A 655 22.69 -21.57 58.07
CA LEU A 655 23.06 -22.77 57.32
C LEU A 655 22.06 -23.05 56.20
N ALA A 656 20.76 -22.84 56.47
CA ALA A 656 19.75 -23.00 55.44
C ALA A 656 19.96 -22.01 54.31
N ALA A 657 20.32 -20.77 54.65
CA ALA A 657 20.60 -19.77 53.62
C ALA A 657 21.77 -20.20 52.76
N PHE A 658 22.84 -20.70 53.39
CA PHE A 658 23.99 -21.18 52.62
C PHE A 658 23.58 -22.30 51.67
N LEU A 659 22.78 -23.25 52.17
CA LEU A 659 22.38 -24.38 51.33
C LEU A 659 21.47 -23.94 50.20
N THR A 660 20.54 -23.02 50.47
CA THR A 660 19.69 -22.50 49.41
C THR A 660 20.50 -21.76 48.35
N VAL A 661 21.49 -20.97 48.79
CA VAL A 661 22.32 -20.26 47.83
C VAL A 661 23.08 -21.24 46.95
N GLU A 662 23.66 -22.28 47.55
CA GLU A 662 24.43 -23.23 46.75
C GLU A 662 23.55 -24.11 45.88
N ARG A 663 22.27 -24.28 46.22
CA ARG A 663 21.42 -25.17 45.45
C ARG A 663 20.52 -24.47 44.45
N MET A 664 20.18 -23.20 44.65
CA MET A 664 19.34 -22.50 43.67
C MET A 664 20.06 -22.36 42.33
N GLU A 665 21.36 -22.10 42.37
CA GLU A 665 22.15 -22.15 41.16
C GLU A 665 22.20 -23.58 40.63
N SER A 666 22.28 -23.71 39.32
CA SER A 666 22.28 -25.04 38.71
C SER A 666 23.69 -25.60 38.70
N PRO A 667 23.96 -26.67 39.46
CA PRO A 667 25.28 -27.30 39.37
C PRO A 667 25.58 -27.83 37.98
N ILE A 668 24.56 -28.31 37.27
CA ILE A 668 24.77 -28.78 35.90
C ILE A 668 24.69 -27.65 34.89
N ASP A 669 24.10 -26.52 35.26
CA ASP A 669 24.06 -25.25 34.51
C ASP A 669 24.00 -25.45 33.00
N SER A 670 23.05 -26.25 32.52
CA SER A 670 22.98 -26.62 31.12
C SER A 670 22.36 -25.49 30.30
N ALA A 671 23.16 -24.91 29.40
CA ALA A 671 22.68 -23.96 28.42
C ALA A 671 21.99 -22.75 29.04
N ASP A 672 20.67 -22.80 29.11
CA ASP A 672 19.89 -21.63 29.53
C ASP A 672 20.19 -21.23 30.97
N ASP A 673 20.61 -22.18 31.81
CA ASP A 673 20.93 -21.84 33.20
C ASP A 673 22.07 -20.85 33.28
N LEU A 674 22.95 -20.82 32.27
CA LEU A 674 24.05 -19.88 32.26
C LEU A 674 23.57 -18.45 32.02
N ALA A 675 22.48 -18.28 31.27
CA ALA A 675 22.00 -16.94 30.97
C ALA A 675 21.53 -16.22 32.22
N LYS A 676 20.70 -16.88 33.03
CA LYS A 676 20.17 -16.25 34.24
C LYS A 676 21.29 -15.94 35.24
N GLN A 677 22.20 -16.88 35.44
CA GLN A 677 23.28 -16.69 36.39
C GLN A 677 24.34 -15.73 35.83
N THR A 678 25.05 -15.07 36.73
CA THR A 678 26.14 -14.17 36.37
C THR A 678 27.43 -14.43 37.12
N LYS A 679 27.42 -15.30 38.13
CA LYS A 679 28.64 -15.56 38.90
C LYS A 679 29.73 -16.18 38.04
N ILE A 680 29.37 -17.16 37.21
CA ILE A 680 30.32 -17.81 36.34
C ILE A 680 30.60 -16.91 35.15
N GLU A 681 31.87 -16.67 34.87
CA GLU A 681 32.26 -15.90 33.69
C GLU A 681 32.29 -16.79 32.46
N TYR A 682 31.96 -16.20 31.32
CA TYR A 682 31.92 -16.95 30.07
C TYR A 682 32.08 -15.99 28.90
N GLY A 683 32.60 -16.52 27.80
CA GLY A 683 32.79 -15.74 26.59
C GLY A 683 33.53 -16.54 25.55
N ALA A 684 33.76 -15.89 24.41
CA ALA A 684 34.37 -16.56 23.26
C ALA A 684 35.00 -15.50 22.37
N VAL A 685 35.33 -15.87 21.13
CA VAL A 685 35.88 -14.92 20.19
C VAL A 685 34.88 -13.80 19.94
N GLU A 686 35.35 -12.56 20.05
CA GLU A 686 34.48 -11.39 19.88
C GLU A 686 34.04 -11.29 18.42
N ASP A 687 32.75 -11.50 18.19
CA ASP A 687 32.15 -11.47 16.85
C ASP A 687 32.71 -12.56 15.93
N GLY A 688 33.41 -13.54 16.49
CA GLY A 688 33.92 -14.64 15.71
C GLY A 688 32.88 -15.70 15.46
N ALA A 689 31.78 -15.32 14.82
CA ALA A 689 30.63 -16.19 14.51
C ALA A 689 29.96 -16.74 15.76
N THR A 690 30.32 -16.24 16.94
CA THR A 690 29.71 -16.72 18.19
C THR A 690 28.50 -15.88 18.57
N MET A 691 28.71 -14.59 18.78
CA MET A 691 27.63 -13.67 19.12
C MET A 691 27.05 -12.96 17.90
N THR A 692 27.55 -13.26 16.70
CA THR A 692 26.91 -12.75 15.49
C THR A 692 25.50 -13.31 15.35
N PHE A 693 25.32 -14.59 15.68
CA PHE A 693 23.99 -15.18 15.71
C PHE A 693 23.16 -14.70 16.90
N PHE A 694 23.80 -14.11 17.91
CA PHE A 694 23.09 -13.68 19.11
C PHE A 694 22.62 -12.25 19.05
N LYS A 695 23.37 -11.36 18.39
CA LYS A 695 22.90 -9.98 18.23
C LYS A 695 21.61 -9.94 17.43
N LYS A 696 21.54 -10.71 16.36
CA LYS A 696 20.30 -10.95 15.63
C LYS A 696 19.67 -12.25 16.15
N SER A 697 18.60 -12.70 15.50
CA SER A 697 17.96 -13.97 15.83
C SER A 697 17.58 -14.03 17.31
N LYS A 698 16.67 -13.13 17.67
CA LYS A 698 16.27 -12.95 19.07
C LYS A 698 15.66 -14.24 19.62
N ILE A 699 16.36 -14.87 20.55
CA ILE A 699 15.86 -16.02 21.31
C ILE A 699 16.07 -15.71 22.78
N SER A 700 15.05 -15.98 23.61
CA SER A 700 14.98 -15.44 24.97
C SER A 700 16.29 -15.61 25.73
N THR A 701 16.69 -16.87 26.00
CA THR A 701 17.93 -17.10 26.72
C THR A 701 19.13 -16.68 25.88
N TYR A 702 19.05 -16.87 24.56
CA TYR A 702 20.12 -16.41 23.70
C TYR A 702 20.18 -14.89 23.66
N ASP A 703 19.04 -14.22 23.79
CA ASP A 703 19.04 -12.77 23.93
C ASP A 703 19.70 -12.34 25.23
N LYS A 704 19.44 -13.06 26.32
CA LYS A 704 20.15 -12.76 27.57
C LYS A 704 21.65 -12.97 27.41
N MET A 705 22.04 -14.01 26.68
CA MET A 705 23.45 -14.25 26.39
C MET A 705 24.06 -13.08 25.63
N TRP A 706 23.35 -12.61 24.59
CA TRP A 706 23.84 -11.46 23.83
C TRP A 706 23.94 -10.22 24.70
N ALA A 707 22.96 -10.00 25.56
CA ALA A 707 23.00 -8.84 26.46
C ALA A 707 24.20 -8.90 27.39
N PHE A 708 24.48 -10.08 27.96
CA PHE A 708 25.63 -10.22 28.84
C PHE A 708 26.93 -10.02 28.08
N MET A 709 27.00 -10.54 26.85
CA MET A 709 28.21 -10.35 26.04
C MET A 709 28.42 -8.87 25.72
N SER A 710 27.33 -8.14 25.46
CA SER A 710 27.44 -6.71 25.22
C SER A 710 27.84 -5.97 26.48
N SER A 711 27.40 -6.44 27.66
CA SER A 711 27.71 -5.76 28.91
C SER A 711 29.21 -5.74 29.18
N ARG A 712 29.89 -6.86 28.97
CA ARG A 712 31.32 -6.99 29.23
C ARG A 712 32.01 -7.42 27.94
N ARG A 713 32.52 -6.44 27.20
CA ARG A 713 33.17 -6.73 25.93
C ARG A 713 34.54 -7.38 26.12
N GLN A 714 35.19 -7.14 27.25
CA GLN A 714 36.51 -7.71 27.52
C GLN A 714 36.64 -8.32 28.91
N SER A 715 35.82 -7.91 29.88
CA SER A 715 35.96 -8.43 31.24
C SER A 715 35.69 -9.93 31.27
N VAL A 716 34.67 -10.40 30.55
CA VAL A 716 34.33 -11.81 30.48
C VAL A 716 34.58 -12.39 29.10
N LEU A 717 35.16 -11.61 28.20
CA LEU A 717 35.42 -12.04 26.83
C LEU A 717 36.92 -12.00 26.57
N VAL A 718 37.48 -13.09 26.05
CA VAL A 718 38.89 -13.20 25.71
C VAL A 718 39.00 -13.62 24.25
N LYS A 719 40.22 -13.64 23.74
CA LYS A 719 40.43 -13.71 22.29
C LYS A 719 40.04 -15.08 21.73
N SER A 720 40.74 -16.13 22.14
CA SER A 720 40.62 -17.41 21.44
C SER A 720 40.61 -18.54 22.46
N ASN A 721 40.77 -19.78 21.98
CA ASN A 721 40.66 -20.98 22.80
C ASN A 721 41.98 -21.72 22.99
N GLU A 722 42.98 -21.47 22.13
CA GLU A 722 44.28 -22.13 22.31
C GLU A 722 44.90 -21.75 23.65
N GLU A 723 44.86 -20.45 23.99
CA GLU A 723 45.12 -20.02 25.35
C GLU A 723 43.92 -20.25 26.26
N GLY A 724 42.75 -20.50 25.69
CA GLY A 724 41.57 -20.73 26.50
C GLY A 724 41.62 -22.03 27.28
N ILE A 725 42.38 -23.01 26.79
CA ILE A 725 42.55 -24.25 27.53
C ILE A 725 43.14 -23.96 28.90
N GLN A 726 44.24 -23.21 28.93
CA GLN A 726 44.85 -22.85 30.21
C GLN A 726 44.05 -21.78 30.94
N ARG A 727 43.27 -20.97 30.20
CA ARG A 727 42.39 -20.01 30.85
C ARG A 727 41.35 -20.71 31.73
N VAL A 728 40.63 -21.66 31.15
CA VAL A 728 39.62 -22.40 31.91
C VAL A 728 40.27 -23.41 32.84
N LEU A 729 41.53 -23.78 32.59
CA LEU A 729 42.22 -24.74 33.44
C LEU A 729 42.21 -24.29 34.90
N THR A 730 42.49 -23.01 35.15
CA THR A 730 42.38 -22.42 36.49
C THR A 730 41.58 -21.12 36.36
N SER A 731 40.24 -21.25 36.34
CA SER A 731 39.31 -20.13 36.34
C SER A 731 37.88 -20.63 36.35
N ASP A 732 36.93 -19.71 36.39
CA ASP A 732 35.51 -20.01 36.25
C ASP A 732 34.98 -19.70 34.86
N TYR A 733 35.80 -19.90 33.83
CA TYR A 733 35.49 -19.46 32.48
C TYR A 733 34.78 -20.55 31.69
N ALA A 734 33.96 -20.13 30.73
CA ALA A 734 33.15 -21.04 29.92
C ALA A 734 33.13 -20.53 28.48
N PHE A 735 33.97 -21.12 27.63
CA PHE A 735 33.99 -20.74 26.22
C PHE A 735 32.77 -21.24 25.46
N LEU A 736 32.41 -20.48 24.43
CA LEU A 736 31.35 -20.81 23.50
C LEU A 736 32.00 -21.16 22.17
N MET A 737 32.15 -22.45 21.89
CA MET A 737 32.91 -22.90 20.73
C MET A 737 32.40 -24.28 20.34
N GLU A 738 32.75 -24.69 19.12
CA GLU A 738 31.90 -25.60 18.36
C GLU A 738 31.87 -27.00 18.96
N SER A 739 30.80 -27.73 18.65
CA SER A 739 30.47 -28.97 19.34
C SER A 739 31.51 -30.05 19.10
N THR A 740 31.89 -30.28 17.84
CA THR A 740 32.93 -31.27 17.58
C THR A 740 34.27 -30.78 18.12
N THR A 741 34.54 -29.48 17.97
CA THR A 741 35.76 -28.90 18.53
C THR A 741 35.75 -28.96 20.05
N ILE A 742 34.60 -28.72 20.68
CA ILE A 742 34.56 -28.79 22.14
C ILE A 742 34.69 -30.23 22.62
N GLU A 743 34.18 -31.19 21.85
CA GLU A 743 34.42 -32.59 22.17
C GLU A 743 35.90 -32.91 22.12
N PHE A 744 36.59 -32.41 21.09
CA PHE A 744 38.03 -32.60 21.00
C PHE A 744 38.75 -31.96 22.18
N VAL A 745 38.35 -30.74 22.55
CA VAL A 745 39.01 -30.03 23.64
C VAL A 745 38.81 -30.76 24.96
N THR A 746 37.58 -31.20 25.23
CA THR A 746 37.31 -31.92 26.47
C THR A 746 38.01 -33.28 26.49
N GLN A 747 38.16 -33.92 25.33
CA GLN A 747 38.95 -35.15 25.28
C GLN A 747 40.40 -34.86 25.63
N ARG A 748 41.00 -33.85 24.99
CA ARG A 748 42.40 -33.53 25.26
C ARG A 748 42.59 -32.83 26.59
N ASN A 749 41.52 -32.38 27.24
CA ASN A 749 41.58 -31.80 28.58
C ASN A 749 40.46 -32.43 29.41
N CYS A 750 40.74 -33.56 30.03
CA CYS A 750 39.75 -34.26 30.84
C CYS A 750 39.53 -33.63 32.21
N ASN A 751 40.42 -32.74 32.64
CA ASN A 751 40.21 -32.06 33.92
C ASN A 751 38.99 -31.16 33.87
N LEU A 752 38.68 -30.60 32.71
CA LEU A 752 37.51 -29.74 32.53
C LEU A 752 36.31 -30.59 32.10
N THR A 753 35.24 -29.93 31.68
CA THR A 753 34.05 -30.64 31.24
C THR A 753 33.30 -29.77 30.24
N GLN A 754 32.36 -30.40 29.53
CA GLN A 754 31.54 -29.74 28.52
C GLN A 754 30.09 -29.71 28.97
N ILE A 755 29.43 -28.58 28.73
CA ILE A 755 28.01 -28.43 29.02
C ILE A 755 27.34 -27.74 27.84
N GLY A 756 26.07 -28.07 27.62
CA GLY A 756 25.32 -27.49 26.52
C GLY A 756 25.55 -28.26 25.23
N GLY A 757 24.47 -28.71 24.61
CA GLY A 757 24.59 -29.49 23.39
C GLY A 757 23.85 -28.94 22.20
N LEU A 758 24.58 -28.49 21.19
CA LEU A 758 24.04 -28.10 19.89
C LEU A 758 22.97 -27.01 20.04
N ILE A 759 23.44 -25.84 20.51
CA ILE A 759 22.52 -24.70 20.62
C ILE A 759 22.00 -24.31 19.25
N ASP A 760 22.77 -24.55 18.19
CA ASP A 760 22.33 -24.28 16.84
C ASP A 760 22.89 -25.38 15.93
N SER A 761 22.24 -25.56 14.80
CA SER A 761 22.59 -26.63 13.85
C SER A 761 23.50 -26.06 12.76
N LYS A 762 24.69 -26.65 12.63
CA LYS A 762 25.62 -26.26 11.57
C LYS A 762 26.36 -27.53 11.13
N GLY A 763 26.02 -28.02 9.94
CA GLY A 763 26.59 -29.25 9.44
C GLY A 763 27.87 -29.03 8.65
N TYR A 764 28.36 -30.13 8.07
CA TYR A 764 29.60 -30.14 7.30
C TYR A 764 29.25 -30.10 5.82
N GLY A 765 29.03 -28.90 5.30
CA GLY A 765 28.93 -28.72 3.86
C GLY A 765 30.28 -28.36 3.30
N VAL A 766 30.86 -29.27 2.51
CA VAL A 766 32.20 -29.04 1.96
C VAL A 766 32.18 -27.78 1.10
N GLY A 767 33.25 -26.99 1.21
CA GLY A 767 33.37 -25.76 0.46
C GLY A 767 33.20 -25.97 -1.04
N THR A 768 32.13 -25.41 -1.60
CA THR A 768 31.82 -25.59 -3.00
C THR A 768 31.65 -24.23 -3.68
N PRO A 769 32.04 -24.10 -4.94
CA PRO A 769 31.80 -22.85 -5.66
C PRO A 769 30.40 -22.79 -6.24
N MET A 770 30.11 -21.73 -7.01
CA MET A 770 28.78 -21.58 -7.60
C MET A 770 28.48 -22.76 -8.52
N GLY A 771 27.29 -23.33 -8.36
CA GLY A 771 26.88 -24.47 -9.15
C GLY A 771 27.18 -25.79 -8.47
N SER A 772 28.32 -25.86 -7.77
CA SER A 772 28.80 -27.07 -7.13
C SER A 772 28.95 -28.18 -8.16
N PRO A 773 29.89 -28.07 -9.10
CA PRO A 773 30.00 -29.09 -10.16
C PRO A 773 30.34 -30.47 -9.64
N TYR A 774 31.09 -30.57 -8.54
CA TYR A 774 31.56 -31.85 -8.02
C TYR A 774 30.66 -32.40 -6.93
N ARG A 775 29.43 -31.91 -6.82
CA ARG A 775 28.54 -32.35 -5.74
C ARG A 775 28.19 -33.83 -5.86
N ASP A 776 28.22 -34.39 -7.06
CA ASP A 776 27.85 -35.78 -7.24
C ASP A 776 28.83 -36.71 -6.53
N LYS A 777 30.13 -36.51 -6.75
CA LYS A 777 31.11 -37.34 -6.07
C LYS A 777 31.09 -37.12 -4.56
N ILE A 778 30.80 -35.89 -4.14
CA ILE A 778 30.69 -35.59 -2.71
C ILE A 778 29.56 -36.39 -2.09
N THR A 779 28.40 -36.42 -2.75
CA THR A 779 27.27 -37.20 -2.25
C THR A 779 27.57 -38.69 -2.27
N ILE A 780 28.28 -39.16 -3.30
CA ILE A 780 28.65 -40.57 -3.36
C ILE A 780 29.54 -40.94 -2.18
N ALA A 781 30.54 -40.11 -1.89
CA ALA A 781 31.40 -40.35 -0.75
C ALA A 781 30.63 -40.29 0.56
N ILE A 782 29.71 -39.34 0.68
CA ILE A 782 28.92 -39.20 1.90
C ILE A 782 28.09 -40.45 2.14
N LEU A 783 27.39 -40.92 1.10
CA LEU A 783 26.55 -42.10 1.26
C LEU A 783 27.39 -43.35 1.53
N GLN A 784 28.55 -43.46 0.88
CA GLN A 784 29.42 -44.61 1.12
C GLN A 784 29.90 -44.62 2.57
N LEU A 785 30.35 -43.48 3.08
CA LEU A 785 30.84 -43.41 4.45
C LEU A 785 29.71 -43.63 5.45
N GLN A 786 28.50 -43.17 5.14
CA GLN A 786 27.38 -43.37 6.05
C GLN A 786 26.96 -44.83 6.09
N GLU A 787 26.84 -45.47 4.93
CA GLU A 787 26.42 -46.87 4.90
C GLU A 787 27.51 -47.79 5.43
N GLU A 788 28.78 -47.38 5.32
CA GLU A 788 29.88 -48.18 5.83
C GLU A 788 30.20 -47.88 7.28
N GLY A 789 29.87 -46.69 7.76
CA GLY A 789 30.22 -46.29 9.11
C GLY A 789 31.67 -45.92 9.31
N LYS A 790 32.44 -45.78 8.23
CA LYS A 790 33.84 -45.42 8.36
C LYS A 790 34.01 -44.04 8.97
N LEU A 791 33.09 -43.12 8.69
CA LEU A 791 33.18 -41.79 9.28
C LEU A 791 33.04 -41.85 10.80
N HIS A 792 32.13 -42.68 11.30
CA HIS A 792 31.92 -42.79 12.74
C HIS A 792 33.14 -43.38 13.43
N MET A 793 33.69 -44.46 12.88
CA MET A 793 34.85 -45.09 13.51
C MET A 793 36.07 -44.19 13.43
N MET A 794 36.25 -43.48 12.31
CA MET A 794 37.36 -42.54 12.22
C MET A 794 37.19 -41.39 13.20
N LYS A 795 35.98 -40.89 13.37
CA LYS A 795 35.67 -39.91 14.40
C LYS A 795 36.09 -40.42 15.78
N GLU A 796 35.52 -41.55 16.18
CA GLU A 796 35.78 -42.10 17.51
C GLU A 796 37.26 -42.37 17.73
N LYS A 797 37.99 -42.75 16.68
CA LYS A 797 39.42 -43.01 16.81
C LYS A 797 40.19 -41.71 16.96
N TRP A 798 40.13 -40.85 15.94
CA TRP A 798 41.00 -39.67 15.92
C TRP A 798 40.65 -38.69 17.03
N TRP A 799 39.38 -38.32 17.15
CA TRP A 799 39.02 -37.27 18.09
C TRP A 799 39.23 -37.70 19.54
N ARG A 800 39.06 -38.98 19.84
CA ARG A 800 39.29 -39.48 21.19
C ARG A 800 40.72 -39.99 21.39
N GLY A 801 41.56 -39.98 20.35
CA GLY A 801 42.96 -40.33 20.55
C GLY A 801 43.65 -39.45 21.57
N ASN A 802 43.37 -38.15 21.53
CA ASN A 802 43.90 -37.24 22.52
C ASN A 802 43.18 -37.33 23.86
N GLY A 803 42.08 -38.09 23.93
CA GLY A 803 41.34 -38.27 25.16
C GLY A 803 41.00 -39.72 25.45
N CYS A 804 41.90 -40.64 25.08
CA CYS A 804 41.65 -42.05 25.32
C CYS A 804 41.40 -42.37 26.79
N PRO A 805 42.23 -41.91 27.74
CA PRO A 805 41.92 -42.17 29.16
C PRO A 805 40.71 -41.36 29.61
N GLU A 806 40.00 -41.90 30.59
CA GLU A 806 38.84 -41.24 31.19
C GLU A 806 39.18 -40.91 32.64
N GLU A 807 39.37 -39.61 32.92
CA GLU A 807 39.70 -39.19 34.28
C GLU A 807 38.55 -39.46 35.23
N GLU A 808 37.31 -39.22 34.79
CA GLU A 808 36.13 -39.38 35.62
C GLU A 808 35.31 -40.57 35.14
N SER A 809 34.70 -41.28 36.08
CA SER A 809 33.88 -42.45 35.76
C SER A 809 32.51 -42.33 36.40
N LYS A 810 32.44 -41.72 37.59
CA LYS A 810 31.20 -41.58 38.35
C LYS A 810 31.04 -40.15 38.83
N GLU A 811 31.16 -39.20 37.89
CA GLU A 811 31.13 -37.77 38.23
C GLU A 811 29.72 -37.38 38.63
N ALA A 812 29.44 -37.42 39.93
CA ALA A 812 28.12 -37.07 40.44
C ALA A 812 28.26 -36.71 41.91
N SER A 813 27.28 -35.95 42.41
CA SER A 813 27.24 -35.51 43.79
C SER A 813 25.98 -36.06 44.47
N ALA A 814 25.82 -35.70 45.73
CA ALA A 814 24.66 -36.10 46.53
C ALA A 814 24.02 -34.88 47.15
N LEU A 815 22.69 -34.89 47.22
CA LEU A 815 21.97 -33.76 47.80
C LEU A 815 22.26 -33.59 49.28
N GLY A 816 22.53 -34.70 49.98
CA GLY A 816 22.81 -34.63 51.40
C GLY A 816 24.22 -34.16 51.72
N VAL A 817 24.45 -33.93 53.00
CA VAL A 817 25.76 -33.54 53.51
C VAL A 817 26.45 -34.76 54.10
N GLN A 818 27.77 -34.84 53.93
CA GLN A 818 28.52 -36.01 54.31
C GLN A 818 29.95 -35.61 54.66
N ASN A 819 30.54 -36.35 55.60
CA ASN A 819 31.95 -36.18 55.98
C ASN A 819 32.20 -34.79 56.58
N ILE A 820 31.46 -34.48 57.64
CA ILE A 820 31.69 -33.25 58.40
C ILE A 820 32.19 -33.64 59.79
N GLY A 821 33.50 -33.70 59.95
CA GLY A 821 34.13 -34.15 61.17
C GLY A 821 34.31 -33.11 62.25
N GLY A 822 34.00 -31.84 61.97
CA GLY A 822 34.10 -30.81 62.99
C GLY A 822 33.15 -31.06 64.15
N ILE A 823 31.99 -31.66 63.88
CA ILE A 823 31.06 -32.00 64.94
C ILE A 823 31.61 -33.16 65.78
N PHE A 824 32.24 -34.14 65.15
CA PHE A 824 32.69 -35.33 65.85
C PHE A 824 33.97 -35.10 66.64
N ILE A 825 34.85 -34.21 66.16
CA ILE A 825 36.16 -34.07 66.78
C ILE A 825 36.05 -33.49 68.18
N VAL A 826 35.12 -32.56 68.40
CA VAL A 826 34.96 -31.97 69.72
C VAL A 826 34.44 -33.00 70.71
N LEU A 827 33.50 -33.84 70.28
CA LEU A 827 33.02 -34.93 71.14
C LEU A 827 34.14 -35.90 71.46
N ALA A 828 34.98 -36.24 70.46
CA ALA A 828 36.09 -37.14 70.71
C ALA A 828 37.07 -36.53 71.72
N ALA A 829 37.38 -35.24 71.58
CA ALA A 829 38.26 -34.57 72.52
C ALA A 829 37.67 -34.55 73.92
N GLY A 830 36.37 -34.27 74.03
CA GLY A 830 35.73 -34.28 75.33
C GLY A 830 35.74 -35.64 75.98
N LEU A 831 35.52 -36.70 75.19
CA LEU A 831 35.56 -38.05 75.72
C LEU A 831 36.96 -38.43 76.19
N VAL A 832 37.98 -38.09 75.40
CA VAL A 832 39.35 -38.44 75.79
C VAL A 832 39.94 -37.51 76.83
N LEU A 833 39.27 -36.40 77.13
CA LEU A 833 39.76 -35.49 78.16
C LEU A 833 39.75 -36.14 79.54
N SER A 834 38.70 -36.89 79.84
CA SER A 834 38.57 -37.54 81.15
C SER A 834 39.60 -38.66 81.31
N THR B 33 36.55 28.80 -67.40
CA THR B 33 36.70 27.72 -66.44
C THR B 33 36.12 26.42 -66.97
N HIS B 34 36.43 25.31 -66.30
CA HIS B 34 35.94 24.00 -66.69
C HIS B 34 34.63 23.70 -65.96
N VAL B 35 33.61 23.30 -66.73
CA VAL B 35 32.33 22.95 -66.14
C VAL B 35 32.47 21.68 -65.32
N LEU B 36 31.58 21.52 -64.33
CA LEU B 36 31.61 20.38 -63.43
C LEU B 36 30.29 19.62 -63.53
N ARG B 37 30.39 18.30 -63.35
CA ARG B 37 29.23 17.42 -63.42
C ARG B 37 29.26 16.44 -62.25
N PHE B 38 28.08 16.12 -61.72
CA PHE B 38 27.94 15.25 -60.56
C PHE B 38 27.12 14.02 -60.92
N GLY B 39 27.46 12.90 -60.29
CA GLY B 39 26.67 11.69 -60.46
C GLY B 39 25.37 11.76 -59.69
N GLY B 40 24.24 11.67 -60.39
CA GLY B 40 22.96 11.96 -59.78
C GLY B 40 21.94 10.84 -59.84
N ILE B 41 22.37 9.59 -59.64
CA ILE B 41 21.43 8.48 -59.59
C ILE B 41 20.38 8.74 -58.50
N PHE B 42 19.15 8.33 -58.77
CA PHE B 42 18.04 8.64 -57.87
C PHE B 42 16.91 7.65 -58.10
N GLU B 43 15.78 7.91 -57.46
CA GLU B 43 14.58 7.12 -57.67
C GLU B 43 14.04 7.34 -59.08
N TYR B 44 13.56 6.26 -59.70
CA TYR B 44 12.94 6.32 -61.02
C TYR B 44 11.44 6.45 -60.85
N VAL B 45 10.89 7.58 -61.28
CA VAL B 45 9.44 7.79 -61.21
C VAL B 45 8.78 7.09 -62.39
N GLU B 46 7.72 6.34 -62.11
CA GLU B 46 7.04 5.58 -63.16
C GLU B 46 6.30 6.52 -64.11
N SER B 47 5.26 7.18 -63.61
CA SER B 47 4.54 8.16 -64.42
C SER B 47 4.17 9.43 -63.66
N GLY B 48 4.50 9.52 -62.37
CA GLY B 48 4.11 10.64 -61.56
C GLY B 48 5.13 11.75 -61.53
N PRO B 49 4.98 12.68 -60.58
CA PRO B 49 5.94 13.77 -60.44
C PRO B 49 7.32 13.24 -60.07
N MET B 50 8.35 14.01 -60.45
CA MET B 50 9.72 13.55 -60.26
C MET B 50 10.03 13.42 -58.78
N GLY B 51 10.96 12.51 -58.47
CA GLY B 51 11.23 12.19 -57.08
C GLY B 51 11.75 13.39 -56.31
N ALA B 52 11.44 13.43 -55.02
CA ALA B 52 11.79 14.58 -54.19
C ALA B 52 13.31 14.75 -54.11
N GLU B 53 14.05 13.64 -54.00
CA GLU B 53 15.50 13.74 -53.91
C GLU B 53 16.10 14.32 -55.19
N GLU B 54 15.61 13.89 -56.35
CA GLU B 54 16.13 14.43 -57.60
C GLU B 54 15.79 15.92 -57.73
N LEU B 55 14.57 16.30 -57.34
CA LEU B 55 14.20 17.71 -57.39
C LEU B 55 15.07 18.53 -56.46
N ALA B 56 15.39 18.00 -55.28
CA ALA B 56 16.30 18.69 -54.37
C ALA B 56 17.68 18.83 -54.98
N PHE B 57 18.16 17.78 -55.65
CA PHE B 57 19.45 17.85 -56.34
C PHE B 57 19.44 18.96 -57.38
N ARG B 58 18.41 18.99 -58.22
CA ARG B 58 18.33 20.00 -59.27
C ARG B 58 18.24 21.41 -58.68
N PHE B 59 17.41 21.59 -57.66
CA PHE B 59 17.25 22.91 -57.05
C PHE B 59 18.53 23.37 -56.39
N ALA B 60 19.23 22.47 -55.71
CA ALA B 60 20.51 22.84 -55.10
C ALA B 60 21.55 23.20 -56.17
N VAL B 61 21.64 22.41 -57.24
CA VAL B 61 22.57 22.72 -58.31
C VAL B 61 22.26 24.11 -58.87
N ASN B 62 20.97 24.40 -59.06
CA ASN B 62 20.59 25.73 -59.53
C ASN B 62 20.99 26.80 -58.55
N THR B 63 20.86 26.53 -57.24
CA THR B 63 21.20 27.53 -56.24
C THR B 63 22.68 27.85 -56.26
N ILE B 64 23.54 26.84 -56.21
CA ILE B 64 24.98 27.10 -56.22
C ILE B 64 25.42 27.71 -57.55
N ASN B 65 24.96 27.17 -58.69
CA ASN B 65 25.47 27.73 -59.94
C ASN B 65 24.80 29.05 -60.32
N ARG B 66 23.76 29.46 -59.59
CA ARG B 66 23.15 30.78 -59.76
C ARG B 66 23.65 31.79 -58.75
N ASN B 67 23.53 31.47 -57.46
CA ASN B 67 24.07 32.31 -56.40
C ASN B 67 25.60 32.21 -56.44
N ARG B 68 26.25 33.22 -57.00
CA ARG B 68 27.68 33.20 -57.23
C ARG B 68 28.50 33.47 -55.97
N THR B 69 27.87 33.43 -54.78
CA THR B 69 28.61 33.60 -53.55
C THR B 69 29.65 32.49 -53.37
N LEU B 70 29.44 31.35 -53.99
CA LEU B 70 30.36 30.22 -53.92
C LEU B 70 30.58 29.64 -55.30
N LEU B 71 31.76 29.06 -55.50
CA LEU B 71 32.23 28.54 -56.79
C LEU B 71 32.10 29.59 -57.88
N PRO B 72 32.95 30.62 -57.89
CA PRO B 72 32.87 31.63 -58.95
C PRO B 72 33.28 31.06 -60.30
N ASN B 73 34.45 30.44 -60.37
CA ASN B 73 34.95 29.83 -61.61
C ASN B 73 34.58 28.35 -61.70
N THR B 74 33.30 28.05 -61.55
CA THR B 74 32.82 26.68 -61.61
C THR B 74 31.36 26.67 -62.06
N THR B 75 31.03 25.71 -62.91
CA THR B 75 29.67 25.49 -63.39
C THR B 75 29.26 24.07 -63.06
N LEU B 76 28.19 23.92 -62.27
CA LEU B 76 27.73 22.61 -61.82
C LEU B 76 26.61 22.13 -62.74
N THR B 77 26.78 20.95 -63.31
CA THR B 77 25.80 20.35 -64.21
C THR B 77 25.35 19.02 -63.64
N TYR B 78 24.03 18.85 -63.51
CA TYR B 78 23.50 17.60 -63.01
C TYR B 78 23.52 16.52 -64.09
N ASP B 79 23.65 15.28 -63.66
CA ASP B 79 23.67 14.11 -64.54
C ASP B 79 22.76 13.02 -63.98
N THR B 80 21.53 13.42 -63.63
CA THR B 80 20.59 12.51 -62.99
C THR B 80 20.34 11.27 -63.83
N GLN B 81 20.33 10.12 -63.17
CA GLN B 81 19.99 8.85 -63.78
C GLN B 81 18.94 8.16 -62.92
N LYS B 82 18.18 7.26 -63.55
CA LYS B 82 17.07 6.58 -62.89
C LYS B 82 17.27 5.08 -62.96
N ILE B 83 16.97 4.40 -61.84
CA ILE B 83 17.09 2.95 -61.73
C ILE B 83 15.88 2.42 -60.97
N ASN B 84 15.71 1.10 -61.04
CA ASN B 84 14.64 0.43 -60.29
C ASN B 84 14.84 0.51 -58.78
N LEU B 85 16.03 0.91 -58.32
CA LEU B 85 16.41 1.05 -56.92
C LEU B 85 16.53 -0.27 -56.19
N TYR B 86 16.23 -1.40 -56.83
CA TYR B 86 16.34 -2.70 -56.19
C TYR B 86 17.25 -3.66 -56.92
N ASP B 87 17.67 -3.34 -58.13
CA ASP B 87 18.70 -4.09 -58.84
C ASP B 87 19.96 -3.24 -58.85
N SER B 88 20.90 -3.58 -57.96
CA SER B 88 22.13 -2.81 -57.88
C SER B 88 22.96 -2.90 -59.14
N PHE B 89 22.71 -3.91 -60.00
CA PHE B 89 23.39 -3.98 -61.27
C PHE B 89 23.02 -2.79 -62.16
N GLU B 90 21.76 -2.36 -62.11
CA GLU B 90 21.36 -1.18 -62.86
C GLU B 90 22.08 0.06 -62.36
N ALA B 91 22.25 0.17 -61.03
CA ALA B 91 23.01 1.28 -60.48
C ALA B 91 24.47 1.23 -60.93
N SER B 92 25.05 0.03 -60.97
CA SER B 92 26.42 -0.11 -61.46
C SER B 92 26.52 0.30 -62.92
N LYS B 93 25.54 -0.09 -63.74
CA LYS B 93 25.54 0.29 -65.15
C LYS B 93 25.42 1.81 -65.30
N LYS B 94 24.55 2.43 -64.51
CA LYS B 94 24.41 3.89 -64.57
C LYS B 94 25.69 4.58 -64.12
N ALA B 95 26.34 4.06 -63.09
CA ALA B 95 27.61 4.63 -62.65
C ALA B 95 28.68 4.48 -63.72
N CYS B 96 28.72 3.33 -64.40
CA CYS B 96 29.66 3.15 -65.49
C CYS B 96 29.40 4.13 -66.63
N ASP B 97 28.12 4.35 -66.95
CA ASP B 97 27.78 5.35 -67.95
C ASP B 97 28.23 6.74 -67.53
N GLN B 98 28.02 7.08 -66.25
CA GLN B 98 28.43 8.39 -65.75
C GLN B 98 29.94 8.57 -65.86
N LEU B 99 30.70 7.59 -65.38
CA LEU B 99 32.16 7.68 -65.45
C LEU B 99 32.66 7.67 -66.89
N SER B 100 31.92 7.02 -67.81
CA SER B 100 32.28 7.07 -69.22
C SER B 100 32.26 8.49 -69.76
N LEU B 101 31.49 9.38 -69.13
CA LEU B 101 31.49 10.80 -69.43
C LEU B 101 32.09 11.56 -68.25
N GLY B 102 32.05 12.89 -68.32
CA GLY B 102 32.62 13.71 -67.27
C GLY B 102 31.81 13.74 -66.00
N VAL B 103 32.35 13.16 -64.92
CA VAL B 103 31.73 13.17 -63.61
C VAL B 103 32.81 13.42 -62.57
N ALA B 104 32.52 14.30 -61.61
CA ALA B 104 33.43 14.58 -60.51
C ALA B 104 33.14 13.78 -59.25
N ALA B 105 31.87 13.50 -58.97
CA ALA B 105 31.51 12.73 -57.79
C ALA B 105 30.13 12.14 -58.00
N ILE B 106 29.82 11.11 -57.22
CA ILE B 106 28.56 10.38 -57.29
C ILE B 106 27.76 10.68 -56.03
N PHE B 107 26.44 10.79 -56.19
CA PHE B 107 25.53 11.00 -55.07
C PHE B 107 24.72 9.73 -54.83
N GLY B 108 24.71 9.27 -53.59
CA GLY B 108 24.20 7.97 -53.25
C GLY B 108 22.73 7.78 -53.56
N PRO B 109 22.39 6.61 -54.09
CA PRO B 109 20.99 6.20 -54.17
C PRO B 109 20.43 5.94 -52.79
N SER B 110 19.11 6.14 -52.66
CA SER B 110 18.45 6.06 -51.37
C SER B 110 18.06 4.63 -50.98
N HIS B 111 18.65 3.62 -51.62
CA HIS B 111 18.40 2.23 -51.27
C HIS B 111 19.68 1.60 -50.74
N SER B 112 19.56 0.84 -49.66
CA SER B 112 20.74 0.35 -48.94
C SER B 112 21.62 -0.54 -49.84
N SER B 113 21.00 -1.50 -50.53
CA SER B 113 21.78 -2.44 -51.32
C SER B 113 22.49 -1.75 -52.48
N SER B 114 21.75 -0.94 -53.24
CA SER B 114 22.37 -0.21 -54.34
C SER B 114 23.40 0.78 -53.84
N ALA B 115 23.16 1.37 -52.66
CA ALA B 115 24.15 2.26 -52.07
C ALA B 115 25.44 1.50 -51.76
N ASN B 116 25.32 0.30 -51.20
CA ASN B 116 26.50 -0.51 -50.93
C ASN B 116 27.25 -0.84 -52.21
N ALA B 117 26.51 -1.22 -53.26
CA ALA B 117 27.15 -1.56 -54.53
C ALA B 117 27.88 -0.36 -55.12
N VAL B 118 27.22 0.81 -55.15
CA VAL B 118 27.85 1.98 -55.73
C VAL B 118 29.03 2.42 -54.88
N GLN B 119 28.93 2.30 -53.55
CA GLN B 119 30.06 2.63 -52.70
C GLN B 119 31.26 1.75 -53.01
N SER B 120 31.02 0.44 -53.16
CA SER B 120 32.12 -0.47 -53.48
C SER B 120 32.75 -0.11 -54.82
N ILE B 121 31.93 0.10 -55.85
CA ILE B 121 32.48 0.31 -57.19
C ILE B 121 33.21 1.65 -57.26
N CYS B 122 32.68 2.69 -56.60
CA CYS B 122 33.34 3.98 -56.64
C CYS B 122 34.57 4.04 -55.75
N ASN B 123 34.58 3.28 -54.66
CA ASN B 123 35.81 3.12 -53.89
C ASN B 123 36.88 2.44 -54.72
N ALA B 124 36.49 1.44 -55.51
CA ALA B 124 37.44 0.82 -56.43
C ALA B 124 37.94 1.82 -57.47
N LEU B 125 37.04 2.61 -58.04
CA LEU B 125 37.43 3.59 -59.05
C LEU B 125 38.03 4.86 -58.46
N GLY B 126 37.88 5.10 -57.15
CA GLY B 126 38.45 6.25 -56.51
C GLY B 126 37.57 7.48 -56.47
N VAL B 127 36.43 7.46 -57.12
CA VAL B 127 35.51 8.60 -57.09
C VAL B 127 34.78 8.59 -55.74
N PRO B 128 34.79 9.69 -54.99
CA PRO B 128 34.11 9.70 -53.69
C PRO B 128 32.59 9.57 -53.85
N HIS B 129 31.98 8.96 -52.84
CA HIS B 129 30.56 8.69 -52.82
C HIS B 129 29.96 9.37 -51.60
N ILE B 130 28.92 10.18 -51.82
CA ILE B 130 28.26 10.92 -50.75
C ILE B 130 26.92 10.26 -50.50
N GLN B 131 26.88 9.37 -49.51
CA GLN B 131 25.62 8.73 -49.13
C GLN B 131 24.67 9.77 -48.55
N THR B 132 23.39 9.60 -48.82
CA THR B 132 22.37 10.49 -48.30
C THR B 132 21.37 9.78 -47.41
N ARG B 133 20.77 8.69 -47.88
CA ARG B 133 19.94 7.86 -47.02
C ARG B 133 20.82 6.85 -46.29
N TRP B 134 20.44 6.54 -45.05
CA TRP B 134 21.25 5.67 -44.22
C TRP B 134 21.41 4.29 -44.85
N LYS B 135 22.59 3.72 -44.67
CA LYS B 135 22.87 2.38 -45.15
C LYS B 135 23.74 1.68 -44.12
N HIS B 136 23.64 0.35 -44.07
CA HIS B 136 24.42 -0.44 -43.12
C HIS B 136 25.78 -0.76 -43.69
N GLN B 137 26.82 -0.22 -43.07
CA GLN B 137 28.19 -0.56 -43.42
C GLN B 137 28.60 -1.79 -42.62
N VAL B 138 29.03 -2.84 -43.33
CA VAL B 138 29.54 -4.03 -42.66
C VAL B 138 30.80 -3.64 -41.89
N SER B 139 31.00 -4.29 -40.74
CA SER B 139 32.10 -3.91 -39.86
C SER B 139 33.46 -4.03 -40.56
N ASP B 140 33.54 -4.82 -41.62
CA ASP B 140 34.80 -5.04 -42.32
C ASP B 140 34.75 -4.47 -43.74
N ASN B 141 34.06 -3.35 -43.92
CA ASN B 141 34.14 -2.64 -45.21
C ASN B 141 35.42 -1.82 -45.21
N LYS B 142 36.47 -2.40 -45.80
CA LYS B 142 37.76 -1.70 -45.92
C LYS B 142 37.68 -0.66 -47.04
N ASP B 143 36.80 0.31 -46.83
CA ASP B 143 36.55 1.39 -47.78
C ASP B 143 36.50 2.70 -47.02
N SER B 144 37.17 3.72 -47.58
CA SER B 144 37.17 5.05 -46.99
C SER B 144 36.74 6.14 -47.94
N PHE B 145 36.58 5.83 -49.23
CA PHE B 145 36.23 6.85 -50.22
C PHE B 145 34.72 7.08 -50.28
N TYR B 146 34.13 7.37 -49.12
CA TYR B 146 32.71 7.67 -49.07
C TYR B 146 32.41 8.46 -47.80
N VAL B 147 31.28 9.17 -47.83
CA VAL B 147 30.78 9.90 -46.68
C VAL B 147 29.27 9.81 -46.65
N SER B 148 28.71 9.41 -45.52
CA SER B 148 27.28 9.39 -45.32
C SER B 148 26.85 10.67 -44.62
N LEU B 149 25.70 11.21 -45.01
CA LEU B 149 25.22 12.46 -44.43
C LEU B 149 23.98 12.30 -43.55
N TYR B 150 23.22 11.24 -43.73
CA TYR B 150 22.17 10.95 -42.76
C TYR B 150 22.83 10.75 -41.40
N PRO B 151 22.34 11.41 -40.34
CA PRO B 151 22.99 11.28 -39.03
C PRO B 151 23.03 9.83 -38.60
N ASP B 152 24.25 9.31 -38.44
CA ASP B 152 24.45 7.90 -38.15
C ASP B 152 23.61 7.49 -36.95
N PHE B 153 22.85 6.41 -37.12
CA PHE B 153 21.87 6.02 -36.10
C PHE B 153 22.53 5.66 -34.78
N SER B 154 23.82 5.36 -34.78
CA SER B 154 24.53 5.17 -33.52
C SER B 154 24.41 6.42 -32.66
N SER B 155 24.67 7.58 -33.24
CA SER B 155 24.46 8.84 -32.53
C SER B 155 22.98 9.06 -32.24
N LEU B 156 22.12 8.80 -33.23
CA LEU B 156 20.68 8.96 -33.03
C LEU B 156 20.19 8.06 -31.91
N SER B 157 20.59 6.79 -31.93
CA SER B 157 20.20 5.87 -30.87
C SER B 157 20.73 6.34 -29.52
N ARG B 158 21.96 6.85 -29.49
CA ARG B 158 22.48 7.40 -28.25
C ARG B 158 21.67 8.60 -27.81
N ALA B 159 21.18 9.40 -28.77
CA ALA B 159 20.33 10.52 -28.43
C ALA B 159 19.03 10.05 -27.79
N ILE B 160 18.40 9.02 -28.37
CA ILE B 160 17.17 8.50 -27.78
C ILE B 160 17.46 7.89 -26.42
N LEU B 161 18.64 7.32 -26.23
CA LEU B 161 19.06 6.89 -24.90
C LEU B 161 19.07 8.08 -23.94
N ASP B 162 19.61 9.21 -24.38
CA ASP B 162 19.64 10.40 -23.54
C ASP B 162 18.23 10.84 -23.16
N LEU B 163 17.32 10.87 -24.14
CA LEU B 163 15.94 11.24 -23.83
C LEU B 163 15.28 10.28 -22.86
N VAL B 164 15.37 8.97 -23.12
CA VAL B 164 14.73 8.02 -22.23
C VAL B 164 15.35 8.08 -20.84
N GLN B 165 16.61 8.48 -20.75
CA GLN B 165 17.18 8.82 -19.44
C GLN B 165 16.47 10.02 -18.83
N PHE B 166 16.33 11.09 -19.62
CA PHE B 166 15.61 12.26 -19.14
C PHE B 166 14.13 11.95 -18.93
N PHE B 167 13.54 11.18 -19.85
CA PHE B 167 12.12 10.85 -19.73
C PHE B 167 11.83 9.90 -18.59
N LYS B 168 12.86 9.29 -17.99
CA LYS B 168 12.73 8.46 -16.79
C LYS B 168 11.75 7.30 -17.04
N TRP B 169 12.15 6.44 -17.97
CA TRP B 169 11.29 5.34 -18.39
C TRP B 169 11.83 4.00 -17.91
N LYS B 170 10.94 3.01 -17.94
CA LYS B 170 11.28 1.63 -17.65
C LYS B 170 10.76 0.63 -18.67
N THR B 171 9.75 0.99 -19.47
CA THR B 171 9.12 0.08 -20.42
C THR B 171 8.98 0.78 -21.78
N VAL B 172 9.84 0.43 -22.72
CA VAL B 172 9.74 0.93 -24.09
C VAL B 172 9.43 -0.24 -25.01
N THR B 173 8.88 0.09 -26.18
CA THR B 173 8.33 -0.89 -27.12
C THR B 173 8.81 -0.57 -28.52
N VAL B 174 10.13 -0.48 -28.70
CA VAL B 174 10.77 -0.12 -29.97
C VAL B 174 10.13 -0.88 -31.11
N VAL B 175 9.71 -0.16 -32.15
CA VAL B 175 8.98 -0.73 -33.27
C VAL B 175 9.70 -0.35 -34.56
N TYR B 176 9.97 -1.35 -35.40
CA TYR B 176 10.62 -1.11 -36.68
C TYR B 176 9.77 -1.72 -37.79
N ASP B 177 10.06 -1.31 -39.02
CA ASP B 177 9.31 -1.76 -40.19
C ASP B 177 10.13 -2.67 -41.09
N ASP B 178 11.30 -2.20 -41.54
CA ASP B 178 12.17 -3.01 -42.37
C ASP B 178 13.25 -3.65 -41.50
N SER B 179 13.73 -4.82 -41.94
CA SER B 179 14.63 -5.63 -41.11
C SER B 179 15.83 -4.83 -40.63
N THR B 180 16.35 -3.92 -41.45
CA THR B 180 17.50 -3.12 -41.05
C THR B 180 17.21 -2.21 -39.86
N GLY B 181 15.96 -2.17 -39.38
CA GLY B 181 15.66 -1.37 -38.20
C GLY B 181 16.45 -1.80 -36.99
N LEU B 182 16.69 -3.10 -36.85
CA LEU B 182 17.47 -3.58 -35.72
C LEU B 182 18.94 -3.23 -35.86
N ILE B 183 19.46 -3.20 -37.09
CA ILE B 183 20.83 -2.72 -37.30
C ILE B 183 20.92 -1.25 -36.91
N ARG B 184 19.95 -0.44 -37.34
CA ARG B 184 20.00 0.99 -37.05
C ARG B 184 19.94 1.25 -35.56
N LEU B 185 19.00 0.61 -34.87
CA LEU B 185 18.87 0.82 -33.42
C LEU B 185 19.63 -0.24 -32.63
N GLN B 186 20.92 -0.42 -32.95
CA GLN B 186 21.71 -1.43 -32.25
C GLN B 186 22.29 -0.91 -30.94
N GLU B 187 22.34 0.41 -30.76
CA GLU B 187 22.84 0.97 -29.52
C GLU B 187 21.73 1.29 -28.52
N LEU B 188 20.47 1.19 -28.92
CA LEU B 188 19.36 1.34 -27.99
C LEU B 188 18.91 0.01 -27.41
N ILE B 189 19.08 -1.08 -28.16
CA ILE B 189 18.69 -2.40 -27.67
C ILE B 189 19.61 -2.90 -26.57
N LYS B 190 20.73 -2.23 -26.32
CA LYS B 190 21.63 -2.55 -25.23
C LYS B 190 21.39 -1.67 -24.01
N ALA B 191 20.13 -1.25 -23.80
CA ALA B 191 19.83 -0.36 -22.68
C ALA B 191 19.83 -1.07 -21.34
N PRO B 192 19.22 -2.26 -21.18
CA PRO B 192 19.27 -2.93 -19.86
C PRO B 192 20.68 -3.28 -19.42
N SER B 193 21.64 -3.34 -20.33
CA SER B 193 23.03 -3.57 -19.93
C SER B 193 23.57 -2.41 -19.13
N ARG B 194 23.26 -1.18 -19.52
CA ARG B 194 23.77 0.01 -18.84
C ARG B 194 22.76 0.67 -17.92
N TYR B 195 21.46 0.49 -18.17
CA TYR B 195 20.44 1.04 -17.29
C TYR B 195 19.47 -0.06 -16.86
N ASN B 196 18.38 0.33 -16.21
CA ASN B 196 17.33 -0.61 -15.82
C ASN B 196 16.15 -0.61 -16.78
N LEU B 197 16.42 -0.34 -18.06
CA LEU B 197 15.36 -0.24 -19.05
C LEU B 197 14.89 -1.62 -19.49
N ARG B 198 13.73 -1.65 -20.15
CA ARG B 198 13.17 -2.86 -20.73
C ARG B 198 12.77 -2.55 -22.16
N LEU B 199 13.10 -3.45 -23.08
CA LEU B 199 12.76 -3.30 -24.49
C LEU B 199 11.96 -4.49 -24.96
N LYS B 200 10.91 -4.22 -25.75
CA LYS B 200 10.09 -5.25 -26.37
C LYS B 200 10.00 -4.91 -27.85
N ILE B 201 10.98 -5.37 -28.63
CA ILE B 201 11.00 -5.08 -30.04
C ILE B 201 9.79 -5.72 -30.72
N ARG B 202 9.32 -5.10 -31.79
CA ARG B 202 8.18 -5.61 -32.55
C ARG B 202 8.46 -5.37 -34.02
N GLN B 203 7.43 -5.52 -34.85
CA GLN B 203 7.57 -5.27 -36.27
C GLN B 203 6.19 -5.01 -36.86
N LEU B 204 6.02 -3.87 -37.49
CA LEU B 204 4.77 -3.58 -38.16
C LEU B 204 4.57 -4.56 -39.32
N PRO B 205 3.35 -5.01 -39.57
CA PRO B 205 3.13 -5.99 -40.65
C PRO B 205 3.62 -5.44 -41.99
N ALA B 206 4.40 -6.27 -42.70
CA ALA B 206 4.98 -5.85 -43.96
C ALA B 206 4.00 -5.94 -45.12
N ASP B 207 2.89 -6.67 -44.95
CA ASP B 207 1.90 -6.76 -46.02
C ASP B 207 1.28 -5.40 -46.32
N THR B 208 0.95 -4.64 -45.28
CA THR B 208 0.38 -3.32 -45.44
C THR B 208 0.54 -2.56 -44.13
N LYS B 209 0.36 -1.24 -44.20
CA LYS B 209 0.47 -0.41 -43.01
C LYS B 209 -0.83 -0.41 -42.22
N ASP B 210 -1.35 -1.60 -41.92
CA ASP B 210 -2.55 -1.75 -41.11
C ASP B 210 -2.12 -2.42 -39.80
N ALA B 211 -1.79 -1.59 -38.82
CA ALA B 211 -1.28 -2.07 -37.53
C ALA B 211 -2.38 -2.44 -36.57
N LYS B 212 -3.58 -2.76 -37.05
CA LYS B 212 -4.70 -3.05 -36.17
C LYS B 212 -4.40 -4.14 -35.15
N PRO B 213 -3.91 -5.32 -35.53
CA PRO B 213 -3.62 -6.33 -34.49
C PRO B 213 -2.46 -5.94 -33.59
N LEU B 214 -1.39 -5.39 -34.16
CA LEU B 214 -0.25 -4.97 -33.36
C LEU B 214 -0.63 -3.87 -32.37
N LEU B 215 -1.41 -2.89 -32.83
CA LEU B 215 -1.84 -1.82 -31.93
C LEU B 215 -2.78 -2.36 -30.86
N LYS B 216 -3.69 -3.26 -31.23
CA LYS B 216 -4.54 -3.86 -30.21
C LYS B 216 -3.73 -4.66 -29.20
N GLU B 217 -2.65 -5.29 -29.65
CA GLU B 217 -1.75 -6.00 -28.73
C GLU B 217 -1.10 -5.03 -27.76
N MET B 218 -0.62 -3.89 -28.27
CA MET B 218 -0.10 -2.87 -27.37
C MET B 218 -1.14 -2.43 -26.35
N LYS B 219 -2.40 -2.26 -26.80
CA LYS B 219 -3.45 -1.87 -25.88
C LYS B 219 -3.64 -2.93 -24.79
N ARG B 220 -3.62 -4.21 -25.18
CA ARG B 220 -3.69 -5.28 -24.20
C ARG B 220 -2.48 -5.27 -23.29
N GLY B 221 -1.29 -5.04 -23.86
CA GLY B 221 -0.08 -4.97 -23.07
C GLY B 221 0.10 -3.68 -22.29
N LYS B 222 -0.71 -2.67 -22.57
CA LYS B 222 -0.69 -1.40 -21.86
C LYS B 222 0.67 -0.73 -21.90
N GLU B 223 1.44 -0.98 -22.96
CA GLU B 223 2.72 -0.31 -23.15
C GLU B 223 2.45 1.15 -23.50
N PHE B 224 2.67 2.04 -22.55
CA PHE B 224 2.40 3.45 -22.78
C PHE B 224 3.54 4.12 -23.54
N HIS B 225 4.74 4.08 -22.98
CA HIS B 225 5.91 4.70 -23.60
C HIS B 225 6.39 3.80 -24.73
N VAL B 226 6.26 4.29 -25.97
CA VAL B 226 6.40 3.44 -27.16
C VAL B 226 7.31 4.17 -28.14
N ILE B 227 8.59 3.79 -28.17
CA ILE B 227 9.48 4.28 -29.21
C ILE B 227 9.03 3.74 -30.56
N PHE B 228 9.28 4.50 -31.62
CA PHE B 228 9.07 4.03 -32.99
C PHE B 228 10.36 4.12 -33.77
N ASP B 229 10.37 3.44 -34.92
CA ASP B 229 11.43 3.59 -35.92
C ASP B 229 10.75 3.34 -37.27
N CYS B 230 10.29 4.43 -37.89
CA CYS B 230 9.49 4.30 -39.10
C CYS B 230 9.95 5.29 -40.16
N SER B 231 9.12 5.49 -41.17
CA SER B 231 9.21 6.64 -42.06
C SER B 231 7.97 7.49 -41.87
N HIS B 232 8.13 8.81 -42.05
CA HIS B 232 7.02 9.72 -41.74
C HIS B 232 5.76 9.35 -42.50
N GLU B 233 5.90 8.83 -43.73
CA GLU B 233 4.73 8.35 -44.47
C GLU B 233 4.03 7.23 -43.71
N MET B 234 4.80 6.24 -43.24
CA MET B 234 4.22 5.16 -42.46
C MET B 234 3.89 5.61 -41.05
N ALA B 235 4.64 6.57 -40.52
CA ALA B 235 4.35 7.09 -39.19
C ALA B 235 2.98 7.74 -39.14
N ALA B 236 2.59 8.45 -40.21
CA ALA B 236 1.27 9.06 -40.26
C ALA B 236 0.18 8.00 -40.22
N GLY B 237 0.34 6.93 -41.00
CA GLY B 237 -0.65 5.86 -40.98
C GLY B 237 -0.74 5.20 -39.62
N ILE B 238 0.40 4.95 -38.99
CA ILE B 238 0.39 4.34 -37.66
C ILE B 238 -0.30 5.26 -36.66
N LEU B 239 -0.02 6.55 -36.72
CA LEU B 239 -0.68 7.50 -35.84
C LEU B 239 -2.19 7.50 -36.05
N LYS B 240 -2.62 7.52 -37.31
CA LYS B 240 -4.05 7.54 -37.59
C LYS B 240 -4.73 6.28 -37.09
N GLN B 241 -4.10 5.11 -37.29
CA GLN B 241 -4.68 3.88 -36.78
C GLN B 241 -4.66 3.84 -35.26
N ALA B 242 -3.68 4.49 -34.64
CA ALA B 242 -3.68 4.58 -33.19
C ALA B 242 -4.84 5.45 -32.70
N LEU B 243 -5.14 6.52 -33.43
CA LEU B 243 -6.26 7.38 -33.05
C LEU B 243 -7.58 6.62 -33.10
N ALA B 244 -7.76 5.78 -34.12
CA ALA B 244 -9.00 5.02 -34.24
C ALA B 244 -9.16 4.02 -33.11
N MET B 245 -8.10 3.70 -32.38
CA MET B 245 -8.18 2.83 -31.21
C MET B 245 -8.11 3.59 -29.90
N GLY B 246 -8.15 4.91 -29.94
CA GLY B 246 -8.00 5.67 -28.71
C GLY B 246 -6.64 5.51 -28.06
N MET B 247 -5.64 5.11 -28.83
CA MET B 247 -4.27 5.01 -28.33
C MET B 247 -3.58 6.36 -28.25
N MET B 248 -4.33 7.45 -28.39
CA MET B 248 -3.75 8.78 -28.48
C MET B 248 -4.50 9.66 -27.48
N THR B 249 -4.11 9.60 -26.21
CA THR B 249 -4.74 10.34 -25.14
C THR B 249 -3.64 10.86 -24.21
N GLU B 250 -4.05 11.27 -23.00
CA GLU B 250 -3.11 11.77 -21.99
C GLU B 250 -2.29 10.67 -21.33
N TYR B 251 -2.32 9.43 -21.81
CA TYR B 251 -1.52 8.35 -21.25
C TYR B 251 -0.30 8.03 -22.10
N TYR B 252 -0.51 7.76 -23.38
CA TYR B 252 0.55 7.27 -24.24
C TYR B 252 1.57 8.36 -24.53
N HIS B 253 2.82 7.93 -24.77
CA HIS B 253 3.94 8.86 -24.93
C HIS B 253 4.89 8.24 -25.95
N TYR B 254 4.95 8.84 -27.13
CA TYR B 254 5.68 8.25 -28.25
C TYR B 254 7.03 8.94 -28.44
N ILE B 255 7.88 8.30 -29.25
CA ILE B 255 9.06 8.93 -29.82
C ILE B 255 9.21 8.40 -31.23
N PHE B 256 9.29 9.28 -32.21
CA PHE B 256 9.48 8.87 -33.60
C PHE B 256 10.93 9.09 -33.98
N THR B 257 11.64 8.02 -34.30
CA THR B 257 13.00 8.15 -34.80
C THR B 257 13.02 8.90 -36.12
N THR B 258 11.88 9.00 -36.79
CA THR B 258 11.79 9.73 -38.04
C THR B 258 12.29 11.16 -37.87
N LEU B 259 13.14 11.60 -38.79
CA LEU B 259 13.62 12.97 -38.81
C LEU B 259 12.70 13.89 -39.61
N ASP B 260 11.43 13.51 -39.76
CA ASP B 260 10.46 14.30 -40.49
C ASP B 260 9.17 14.47 -39.68
N LEU B 261 9.29 14.52 -38.37
CA LEU B 261 8.09 14.58 -37.53
C LEU B 261 7.30 15.85 -37.79
N PHE B 262 7.98 16.97 -38.00
CA PHE B 262 7.27 18.23 -38.21
C PHE B 262 6.36 18.19 -39.43
N ALA B 263 6.64 17.31 -40.38
CA ALA B 263 5.78 17.19 -41.56
C ALA B 263 4.44 16.54 -41.26
N LEU B 264 4.27 15.95 -40.08
CA LEU B 264 3.01 15.29 -39.73
C LEU B 264 1.90 16.32 -39.55
N ASP B 265 0.72 15.99 -40.08
CA ASP B 265 -0.48 16.81 -39.88
C ASP B 265 -1.00 16.50 -38.49
N VAL B 266 -0.58 17.29 -37.51
CA VAL B 266 -0.89 17.02 -36.11
C VAL B 266 -2.18 17.74 -35.71
N GLU B 267 -2.85 18.35 -36.68
CA GLU B 267 -4.08 19.08 -36.37
C GLU B 267 -5.16 18.16 -35.78
N PRO B 268 -5.42 16.96 -36.32
CA PRO B 268 -6.40 16.07 -35.67
C PRO B 268 -5.93 15.55 -34.33
N TYR B 269 -4.65 15.68 -33.99
CA TYR B 269 -4.11 15.14 -32.76
C TYR B 269 -3.69 16.18 -31.74
N ARG B 270 -3.61 17.46 -32.13
CA ARG B 270 -2.99 18.46 -31.26
C ARG B 270 -3.79 18.64 -29.97
N TYR B 271 -5.11 18.49 -30.02
CA TYR B 271 -5.93 18.61 -28.83
C TYR B 271 -6.07 17.31 -28.07
N SER B 272 -5.49 16.21 -28.56
CA SER B 272 -5.70 14.91 -27.93
C SER B 272 -5.13 14.87 -26.53
N GLY B 273 -3.96 15.45 -26.32
CA GLY B 273 -3.30 15.42 -25.03
C GLY B 273 -2.14 14.46 -24.92
N VAL B 274 -1.78 13.79 -26.01
CA VAL B 274 -0.58 12.96 -26.00
C VAL B 274 0.65 13.84 -25.85
N ASN B 275 1.61 13.38 -25.06
CA ASN B 275 2.90 14.05 -24.97
C ASN B 275 3.88 13.36 -25.92
N MET B 276 3.58 13.49 -27.20
CA MET B 276 4.44 12.99 -28.26
C MET B 276 5.82 13.64 -28.20
N THR B 277 6.80 12.99 -28.81
CA THR B 277 8.15 13.52 -28.90
C THR B 277 8.62 13.24 -30.33
N GLY B 278 9.87 13.53 -30.63
CA GLY B 278 10.39 13.27 -31.96
C GLY B 278 11.78 13.85 -32.11
N PHE B 279 12.15 14.12 -33.36
CA PHE B 279 13.47 14.68 -33.64
C PHE B 279 13.43 15.40 -34.98
N ARG B 280 13.97 16.62 -35.01
CA ARG B 280 14.04 17.42 -36.22
C ARG B 280 15.47 17.89 -36.42
N ILE B 281 16.05 17.54 -37.57
CA ILE B 281 17.37 18.02 -37.94
C ILE B 281 17.31 19.18 -38.92
N LEU B 282 16.23 19.29 -39.71
CA LEU B 282 16.05 20.42 -40.60
C LEU B 282 15.94 21.69 -39.77
N ASN B 283 16.92 22.59 -39.91
CA ASN B 283 17.02 23.78 -39.07
C ASN B 283 16.04 24.85 -39.56
N THR B 284 14.76 24.48 -39.56
CA THR B 284 13.71 25.37 -40.05
C THR B 284 13.56 26.61 -39.20
N GLU B 285 14.11 26.63 -37.98
CA GLU B 285 14.05 27.83 -37.16
C GLU B 285 14.82 28.98 -37.78
N ASN B 286 15.88 28.69 -38.52
CA ASN B 286 16.67 29.74 -39.14
C ASN B 286 15.89 30.40 -40.28
N THR B 287 16.18 31.68 -40.51
CA THR B 287 15.44 32.43 -41.51
C THR B 287 15.83 32.02 -42.92
N GLN B 288 17.12 31.79 -43.17
CA GLN B 288 17.55 31.37 -44.49
C GLN B 288 16.98 30.00 -44.85
N VAL B 289 17.04 29.07 -43.89
CA VAL B 289 16.48 27.74 -44.12
C VAL B 289 14.98 27.83 -44.37
N SER B 290 14.28 28.67 -43.61
CA SER B 290 12.85 28.84 -43.82
C SER B 290 12.56 29.38 -45.21
N SER B 291 13.32 30.39 -45.64
CA SER B 291 13.11 30.97 -46.96
C SER B 291 13.35 29.94 -48.06
N ILE B 292 14.41 29.14 -47.91
CA ILE B 292 14.63 28.05 -48.85
C ILE B 292 13.47 27.07 -48.81
N ILE B 293 12.85 26.91 -47.64
CA ILE B 293 11.70 26.02 -47.53
C ILE B 293 10.52 26.53 -48.36
N GLU B 294 10.22 27.83 -48.26
CA GLU B 294 9.13 28.33 -49.12
C GLU B 294 9.53 28.30 -50.59
N LYS B 295 10.81 28.51 -50.90
CA LYS B 295 11.25 28.38 -52.29
C LYS B 295 11.02 26.96 -52.80
N TRP B 296 11.32 25.96 -51.97
CA TRP B 296 11.02 24.57 -52.30
C TRP B 296 9.53 24.36 -52.50
N SER B 297 8.72 24.91 -51.60
CA SER B 297 7.27 24.70 -51.68
C SER B 297 6.70 25.29 -52.98
N MET B 298 7.14 26.50 -53.35
CA MET B 298 6.65 27.10 -54.57
C MET B 298 7.22 26.43 -55.81
N GLU B 299 8.47 25.96 -55.75
CA GLU B 299 9.06 25.28 -56.89
C GLU B 299 8.42 23.93 -57.14
N ARG B 300 7.98 23.24 -56.09
CA ARG B 300 7.30 21.96 -56.26
C ARG B 300 5.90 22.19 -56.81
N LEU B 301 5.78 22.22 -58.14
CA LEU B 301 4.48 22.49 -58.76
C LEU B 301 3.49 21.37 -58.52
N GLN B 302 3.96 20.13 -58.43
CA GLN B 302 3.09 18.98 -58.24
C GLN B 302 3.42 18.32 -56.90
N ALA B 303 2.42 18.25 -56.03
CA ALA B 303 2.53 17.59 -54.73
C ALA B 303 1.34 16.68 -54.52
N PRO B 304 1.51 15.58 -53.79
CA PRO B 304 0.39 14.67 -53.55
C PRO B 304 -0.71 15.34 -52.77
N PRO B 305 -1.89 15.53 -53.39
CA PRO B 305 -2.97 16.24 -52.71
C PRO B 305 -3.88 15.32 -51.90
N LYS B 306 -3.43 14.08 -51.66
CA LYS B 306 -4.21 13.07 -50.98
C LYS B 306 -4.67 13.55 -49.61
N PRO B 307 -5.96 13.83 -49.42
CA PRO B 307 -6.43 14.27 -48.11
C PRO B 307 -6.76 13.11 -47.19
N ASP B 308 -5.90 12.09 -47.17
CA ASP B 308 -6.09 10.96 -46.27
C ASP B 308 -4.78 10.45 -45.69
N SER B 309 -3.64 10.98 -46.10
CA SER B 309 -2.34 10.51 -45.61
C SER B 309 -1.91 11.20 -44.33
N GLY B 310 -2.61 12.25 -43.90
CA GLY B 310 -2.21 12.97 -42.71
C GLY B 310 -0.84 13.61 -42.81
N LEU B 311 -0.45 14.03 -44.01
CA LEU B 311 0.85 14.65 -44.24
C LEU B 311 0.67 16.11 -44.61
N LEU B 312 1.32 17.00 -43.88
CA LEU B 312 1.28 18.42 -44.19
C LEU B 312 1.98 18.66 -45.52
N ASP B 313 1.21 19.01 -46.55
CA ASP B 313 1.73 19.05 -47.91
C ASP B 313 2.78 20.13 -48.10
N GLY B 314 2.75 21.19 -47.28
CA GLY B 314 3.62 22.32 -47.52
C GLY B 314 5.08 22.12 -47.17
N PHE B 315 5.38 21.21 -46.23
CA PHE B 315 6.73 21.07 -45.73
C PHE B 315 7.61 20.27 -46.69
N MET B 316 8.89 20.16 -46.32
CA MET B 316 9.90 19.47 -47.11
C MET B 316 10.49 18.35 -46.27
N THR B 317 10.62 17.17 -46.89
CA THR B 317 11.16 16.02 -46.18
C THR B 317 12.63 16.20 -45.88
N THR B 318 13.09 15.51 -44.83
CA THR B 318 14.47 15.66 -44.39
C THR B 318 15.47 15.19 -45.44
N ASP B 319 15.11 14.17 -46.23
CA ASP B 319 16.05 13.66 -47.23
C ASP B 319 16.35 14.70 -48.30
N ALA B 320 15.37 15.53 -48.66
CA ALA B 320 15.64 16.63 -49.58
C ALA B 320 16.61 17.62 -48.98
N ALA B 321 16.47 17.92 -47.69
CA ALA B 321 17.42 18.79 -47.02
C ALA B 321 18.82 18.17 -47.02
N LEU B 322 18.90 16.86 -46.83
CA LEU B 322 20.19 16.19 -46.89
C LEU B 322 20.77 16.24 -48.29
N MET B 323 19.92 16.14 -49.32
CA MET B 323 20.39 16.33 -50.69
C MET B 323 21.00 17.71 -50.87
N TYR B 324 20.29 18.73 -50.40
CA TYR B 324 20.78 20.11 -50.48
C TYR B 324 22.12 20.24 -49.78
N ASP B 325 22.22 19.67 -48.57
CA ASP B 325 23.46 19.75 -47.80
C ASP B 325 24.59 19.04 -48.52
N ALA B 326 24.30 17.89 -49.14
CA ALA B 326 25.34 17.15 -49.86
C ALA B 326 25.85 17.96 -51.05
N VAL B 327 24.94 18.56 -51.81
CA VAL B 327 25.37 19.37 -52.95
C VAL B 327 26.24 20.52 -52.47
N HIS B 328 25.82 21.20 -51.40
CA HIS B 328 26.61 22.31 -50.89
C HIS B 328 27.95 21.84 -50.36
N VAL B 329 27.99 20.65 -49.75
CA VAL B 329 29.24 20.15 -49.20
C VAL B 329 30.24 19.86 -50.31
N VAL B 330 29.78 19.21 -51.39
CA VAL B 330 30.67 18.94 -52.50
C VAL B 330 31.09 20.24 -53.18
N SER B 331 30.19 21.22 -53.24
CA SER B 331 30.55 22.53 -53.80
C SER B 331 31.67 23.18 -52.98
N VAL B 332 31.51 23.18 -51.66
CA VAL B 332 32.54 23.75 -50.77
C VAL B 332 33.85 23.00 -50.95
N ALA B 333 33.78 21.67 -51.07
CA ALA B 333 34.98 20.88 -51.28
C ALA B 333 35.68 21.27 -52.57
N VAL B 334 34.91 21.48 -53.64
CA VAL B 334 35.49 21.89 -54.92
C VAL B 334 36.12 23.28 -54.79
N GLN B 335 35.46 24.18 -54.07
CA GLN B 335 35.99 25.53 -53.92
C GLN B 335 37.36 25.52 -53.24
N GLN B 336 37.51 24.74 -52.17
CA GLN B 336 38.78 24.67 -51.47
C GLN B 336 39.85 23.93 -52.25
N PHE B 337 39.49 23.26 -53.34
CA PHE B 337 40.45 22.49 -54.14
C PHE B 337 40.58 23.10 -55.52
N PRO B 338 41.60 23.90 -55.77
CA PRO B 338 41.77 24.50 -57.10
C PRO B 338 42.27 23.47 -58.11
N GLN B 339 42.29 23.91 -59.38
CA GLN B 339 42.80 23.14 -60.52
C GLN B 339 42.30 21.70 -60.53
N MET B 340 41.11 21.47 -59.97
CA MET B 340 40.50 20.14 -59.96
C MET B 340 39.73 19.99 -61.28
N THR B 341 40.35 19.32 -62.23
CA THR B 341 39.77 19.16 -63.57
C THR B 341 38.83 17.96 -63.60
N VAL B 342 37.78 18.07 -64.41
CA VAL B 342 36.85 16.97 -64.61
C VAL B 342 37.56 15.86 -65.39
N SER B 343 37.30 14.61 -64.97
CA SER B 343 37.94 13.46 -65.59
C SER B 343 36.90 12.36 -65.81
N SER B 344 37.18 11.51 -66.80
CA SER B 344 36.32 10.38 -67.14
C SER B 344 37.14 9.11 -67.14
N LEU B 345 36.56 8.03 -66.62
CA LEU B 345 37.23 6.74 -66.54
C LEU B 345 36.23 5.64 -66.91
N GLN B 346 36.77 4.47 -67.21
CA GLN B 346 35.96 3.35 -67.68
C GLN B 346 36.01 2.20 -66.67
N CYS B 347 34.87 1.53 -66.48
CA CYS B 347 34.80 0.37 -65.61
C CYS B 347 35.57 -0.82 -66.14
N ASN B 348 35.97 -0.80 -67.42
CA ASN B 348 36.68 -1.92 -68.01
C ASN B 348 38.03 -2.17 -67.37
N ARG B 349 38.57 -1.19 -66.65
CA ARG B 349 39.84 -1.34 -65.96
C ARG B 349 39.77 -0.64 -64.61
N HIS B 350 40.62 -1.09 -63.70
CA HIS B 350 40.70 -0.53 -62.36
C HIS B 350 41.75 0.59 -62.35
N LYS B 351 41.30 1.81 -62.03
CA LYS B 351 42.20 2.95 -62.01
C LYS B 351 41.68 3.99 -61.02
N PRO B 352 42.39 4.21 -59.92
CA PRO B 352 41.95 5.23 -58.95
C PRO B 352 42.00 6.63 -59.56
N TRP B 353 41.08 7.48 -59.10
CA TRP B 353 41.01 8.84 -59.61
C TRP B 353 42.27 9.63 -59.28
N ARG B 354 42.68 10.48 -60.21
CA ARG B 354 43.86 11.32 -59.97
C ARG B 354 43.63 12.26 -58.80
N PHE B 355 42.45 12.84 -58.71
CA PHE B 355 42.09 13.74 -57.62
C PHE B 355 41.38 13.01 -56.49
N GLY B 356 41.24 11.69 -56.57
CA GLY B 356 40.37 10.99 -55.63
C GLY B 356 40.81 11.13 -54.19
N THR B 357 42.10 10.88 -53.92
CA THR B 357 42.55 10.85 -52.54
C THR B 357 42.53 12.24 -51.91
N ARG B 358 43.02 13.26 -52.62
CA ARG B 358 43.07 14.60 -52.06
C ARG B 358 41.67 15.16 -51.87
N PHE B 359 40.80 14.98 -52.86
CA PHE B 359 39.42 15.43 -52.75
C PHE B 359 38.70 14.73 -51.61
N MET B 360 38.91 13.41 -51.47
CA MET B 360 38.24 12.66 -50.42
C MET B 360 38.72 13.15 -49.05
N SER B 361 40.03 13.35 -48.89
CA SER B 361 40.58 13.80 -47.62
C SER B 361 40.06 15.18 -47.26
N LEU B 362 40.01 16.10 -48.22
CA LEU B 362 39.51 17.43 -47.92
C LEU B 362 38.00 17.42 -47.66
N ILE B 363 37.29 16.49 -48.28
CA ILE B 363 35.88 16.31 -47.96
C ILE B 363 35.72 15.89 -46.51
N LYS B 364 36.56 14.97 -46.05
CA LYS B 364 36.48 14.54 -44.65
C LYS B 364 36.68 15.70 -43.70
N GLU B 365 37.67 16.55 -43.97
CA GLU B 365 37.94 17.71 -43.11
C GLU B 365 37.22 18.96 -43.61
N ALA B 366 35.91 18.85 -43.79
CA ALA B 366 35.10 19.96 -44.27
C ALA B 366 34.13 20.41 -43.19
N HIS B 367 33.61 21.63 -43.38
CA HIS B 367 32.64 22.20 -42.44
C HIS B 367 31.86 23.28 -43.16
N TRP B 368 30.54 23.22 -43.06
CA TRP B 368 29.68 24.22 -43.69
C TRP B 368 28.32 24.19 -43.04
N GLU B 369 27.93 25.28 -42.38
CA GLU B 369 26.60 25.39 -41.80
C GLU B 369 25.55 25.33 -42.90
N GLY B 370 24.48 24.58 -42.66
CA GLY B 370 23.48 24.39 -43.69
C GLY B 370 22.09 24.06 -43.20
N LEU B 371 21.30 23.44 -44.08
CA LEU B 371 19.90 23.15 -43.76
C LEU B 371 19.78 22.29 -42.51
N THR B 372 20.73 21.39 -42.30
CA THR B 372 20.76 20.57 -41.09
C THR B 372 21.63 21.20 -40.00
N GLY B 373 22.20 22.35 -40.25
CA GLY B 373 23.08 23.00 -39.27
C GLY B 373 24.53 22.64 -39.51
N ARG B 374 25.19 22.10 -38.48
CA ARG B 374 26.58 21.70 -38.60
C ARG B 374 26.71 20.50 -39.53
N ILE B 375 27.80 20.47 -40.28
CA ILE B 375 28.11 19.36 -41.18
C ILE B 375 29.57 18.99 -40.93
N THR B 376 29.79 17.96 -40.11
CA THR B 376 31.14 17.47 -39.81
C THR B 376 31.14 15.95 -39.89
N PHE B 377 32.24 15.40 -40.39
CA PHE B 377 32.41 13.97 -40.56
C PHE B 377 33.40 13.45 -39.52
N ASN B 378 33.01 12.42 -38.79
CA ASN B 378 33.94 11.76 -37.89
C ASN B 378 35.12 11.24 -38.68
N LYS B 379 36.31 11.76 -38.39
CA LYS B 379 37.45 11.60 -39.29
C LYS B 379 37.86 10.13 -39.44
N THR B 380 37.85 9.38 -38.35
CA THR B 380 38.28 7.99 -38.40
C THR B 380 37.45 7.18 -39.39
N ASN B 381 36.16 7.02 -39.10
CA ASN B 381 35.24 6.32 -39.98
C ASN B 381 34.76 7.28 -41.07
N GLY B 382 33.70 6.90 -41.78
CA GLY B 382 33.17 7.74 -42.83
C GLY B 382 31.74 8.19 -42.60
N LEU B 383 31.28 8.13 -41.35
CA LEU B 383 29.90 8.44 -41.01
C LEU B 383 29.84 9.73 -40.20
N ARG B 384 28.96 10.64 -40.62
CA ARG B 384 28.74 11.87 -39.88
C ARG B 384 28.11 11.55 -38.53
N THR B 385 28.76 11.96 -37.45
CA THR B 385 28.27 11.69 -36.10
C THR B 385 28.17 12.93 -35.22
N ASP B 386 28.54 14.11 -35.73
CA ASP B 386 28.40 15.35 -34.99
C ASP B 386 27.40 16.24 -35.73
N PHE B 387 26.42 16.76 -35.00
CA PHE B 387 25.26 17.43 -35.57
C PHE B 387 24.47 18.05 -34.42
N ASP B 388 23.39 18.75 -34.78
CA ASP B 388 22.62 19.56 -33.84
C ASP B 388 21.14 19.20 -33.96
N LEU B 389 20.70 18.26 -33.12
CA LEU B 389 19.31 17.87 -33.11
C LEU B 389 18.48 18.77 -32.21
N ASP B 390 17.24 19.00 -32.61
CA ASP B 390 16.28 19.79 -31.83
C ASP B 390 15.15 18.86 -31.40
N VAL B 391 15.12 18.52 -30.11
CA VAL B 391 14.04 17.70 -29.58
C VAL B 391 12.75 18.51 -29.62
N ILE B 392 11.73 17.95 -30.26
CA ILE B 392 10.43 18.62 -30.38
C ILE B 392 9.37 17.72 -29.75
N SER B 393 8.17 18.27 -29.62
CA SER B 393 7.08 17.57 -28.95
C SER B 393 5.77 18.14 -29.48
N LEU B 394 4.67 17.60 -28.98
CA LEU B 394 3.33 18.05 -29.37
C LEU B 394 2.67 18.72 -28.18
N LYS B 395 2.25 19.97 -28.37
CA LYS B 395 1.48 20.70 -27.38
C LYS B 395 0.26 21.30 -28.08
N GLU B 396 -0.65 21.85 -27.27
CA GLU B 396 -1.95 22.29 -27.79
C GLU B 396 -1.82 23.23 -28.98
N GLU B 397 -0.77 24.05 -28.99
CA GLU B 397 -0.55 24.90 -30.17
C GLU B 397 -0.09 24.08 -31.37
N GLY B 398 0.80 23.12 -31.14
CA GLY B 398 1.30 22.30 -32.24
C GLY B 398 2.63 21.68 -31.89
N LEU B 399 3.46 21.48 -32.93
CA LEU B 399 4.78 20.90 -32.78
C LEU B 399 5.78 22.03 -32.54
N GLU B 400 6.24 22.16 -31.30
CA GLU B 400 7.14 23.23 -30.90
C GLU B 400 8.41 22.65 -30.30
N LYS B 401 9.55 23.20 -30.70
CA LYS B 401 10.83 22.76 -30.16
C LYS B 401 10.89 23.02 -28.66
N ILE B 402 11.36 22.03 -27.90
CA ILE B 402 11.47 22.18 -26.45
C ILE B 402 12.88 21.86 -25.99
N GLY B 403 13.87 22.08 -26.85
CA GLY B 403 15.24 21.91 -26.41
C GLY B 403 16.20 21.77 -27.57
N THR B 404 17.31 21.08 -27.30
CA THR B 404 18.36 20.90 -28.30
C THR B 404 19.18 19.66 -27.93
N TRP B 405 19.98 19.21 -28.88
CA TRP B 405 20.85 18.05 -28.68
C TRP B 405 22.14 18.24 -29.45
N ASP B 406 23.21 17.64 -28.94
CA ASP B 406 24.56 17.80 -29.45
C ASP B 406 25.40 16.65 -28.91
N PRO B 407 26.13 15.91 -29.77
CA PRO B 407 26.86 14.74 -29.27
C PRO B 407 27.81 15.04 -28.12
N ALA B 408 28.48 16.19 -28.16
CA ALA B 408 29.42 16.54 -27.11
C ALA B 408 28.75 17.10 -25.87
N SER B 409 27.45 17.36 -25.90
CA SER B 409 26.76 18.00 -24.79
C SER B 409 25.77 17.05 -24.10
N GLY B 410 24.83 16.48 -24.86
CA GLY B 410 23.77 15.70 -24.25
C GLY B 410 22.41 16.33 -24.44
N LEU B 411 21.64 16.47 -23.36
CA LEU B 411 20.31 17.07 -23.41
C LEU B 411 20.31 18.40 -22.67
N ASN B 412 20.64 19.47 -23.40
CA ASN B 412 20.45 20.83 -22.90
C ASN B 412 19.05 21.32 -23.29
N MET B 413 18.05 20.54 -22.91
CA MET B 413 16.69 20.71 -23.40
C MET B 413 15.72 21.12 -22.29
N THR B 414 16.22 21.74 -21.23
CA THR B 414 15.34 22.22 -20.17
C THR B 414 14.60 23.46 -20.62
N GLU B 415 13.69 23.29 -21.57
CA GLU B 415 12.91 24.40 -22.14
C GLU B 415 13.82 25.49 -22.68
N SER B 429 12.92 34.50 3.65
CA SER B 429 13.62 33.46 4.39
C SER B 429 13.61 33.77 5.89
N ASN B 430 14.19 32.85 6.67
CA ASN B 430 14.26 33.00 8.12
C ASN B 430 15.54 33.66 8.59
N ARG B 431 16.41 34.09 7.66
CA ARG B 431 17.68 34.73 7.98
C ARG B 431 18.52 33.83 8.88
N SER B 432 18.54 34.11 10.18
CA SER B 432 19.31 33.32 11.13
C SER B 432 18.71 33.50 12.51
N LEU B 433 18.33 32.39 13.15
CA LEU B 433 17.81 32.41 14.51
C LEU B 433 18.94 32.03 15.45
N ILE B 434 19.85 32.98 15.69
CA ILE B 434 20.97 32.76 16.59
C ILE B 434 20.45 32.53 18.00
N VAL B 435 21.04 31.56 18.69
CA VAL B 435 20.57 31.14 20.00
C VAL B 435 21.76 31.06 20.96
N THR B 436 21.44 31.11 22.26
CA THR B 436 22.41 30.88 23.32
C THR B 436 21.85 29.85 24.28
N THR B 437 22.72 29.00 24.79
CA THR B 437 22.31 27.94 25.71
C THR B 437 23.39 27.73 26.76
N ILE B 438 22.95 27.44 27.99
CA ILE B 438 23.90 27.16 29.07
C ILE B 438 24.59 25.82 28.82
N LEU B 439 25.81 25.70 29.33
CA LEU B 439 26.60 24.49 29.15
C LEU B 439 26.31 23.48 30.27
N GLU B 440 25.07 23.01 30.30
CA GLU B 440 24.71 21.92 31.20
C GLU B 440 25.33 20.63 30.67
N GLU B 441 25.98 19.89 31.56
CA GLU B 441 26.85 18.79 31.11
C GLU B 441 26.13 17.76 30.25
N PRO B 442 24.97 17.19 30.65
CA PRO B 442 24.32 16.21 29.77
C PRO B 442 23.50 16.86 28.66
N TYR B 443 22.86 17.99 28.96
CA TYR B 443 22.02 18.64 27.95
C TYR B 443 22.84 19.27 26.84
N VAL B 444 23.96 19.92 27.19
CA VAL B 444 24.85 20.54 26.22
C VAL B 444 26.26 20.06 26.56
N LEU B 445 26.70 18.98 25.91
CA LEU B 445 28.01 18.40 26.14
C LEU B 445 28.91 18.69 24.95
N PHE B 446 30.11 19.18 25.24
CA PHE B 446 31.09 19.40 24.18
C PHE B 446 31.47 18.06 23.54
N LYS B 447 31.70 18.08 22.23
CA LYS B 447 32.02 16.86 21.51
C LYS B 447 33.38 16.32 21.97
N LYS B 448 33.53 15.00 21.88
CA LYS B 448 34.76 14.35 22.30
C LYS B 448 35.94 14.80 21.43
N SER B 449 35.72 14.89 20.12
CA SER B 449 36.78 15.31 19.19
C SER B 449 36.83 16.83 19.19
N ASP B 450 37.69 17.39 20.04
CA ASP B 450 37.81 18.83 20.16
C ASP B 450 38.51 19.43 18.94
N LYS B 451 39.59 18.79 18.48
CA LYS B 451 40.39 19.38 17.41
C LYS B 451 39.65 19.55 16.08
N PRO B 452 38.89 18.58 15.55
CA PRO B 452 38.31 18.76 14.22
C PRO B 452 36.89 19.31 14.19
N LEU B 453 36.21 19.44 15.33
CA LEU B 453 34.81 19.83 15.37
C LEU B 453 34.71 21.24 15.96
N TYR B 454 34.41 22.22 15.10
CA TYR B 454 34.23 23.59 15.55
C TYR B 454 33.05 24.31 14.91
N GLY B 455 32.31 23.65 14.02
CA GLY B 455 31.16 24.28 13.38
C GLY B 455 29.93 24.25 14.27
N ASN B 456 28.76 23.99 13.67
CA ASN B 456 27.54 23.85 14.44
C ASN B 456 27.54 22.62 15.33
N ASP B 457 28.49 21.70 15.13
CA ASP B 457 28.64 20.51 15.96
C ASP B 457 29.65 20.72 17.08
N ARG B 458 29.79 21.95 17.59
CA ARG B 458 30.71 22.20 18.69
C ARG B 458 30.32 21.40 19.93
N PHE B 459 29.02 21.34 20.22
CA PHE B 459 28.52 20.64 21.40
C PHE B 459 27.60 19.51 20.97
N GLU B 460 27.04 18.82 21.97
CA GLU B 460 26.06 17.78 21.76
C GLU B 460 25.25 17.62 23.04
N GLY B 461 24.24 16.77 23.00
CA GLY B 461 23.40 16.54 24.16
C GLY B 461 21.95 16.73 23.80
N TYR B 462 21.11 16.84 24.83
CA TYR B 462 19.67 16.91 24.63
C TYR B 462 19.30 18.19 23.87
N CYS B 463 19.75 19.34 24.36
CA CYS B 463 19.35 20.61 23.77
C CYS B 463 19.88 20.75 22.34
N ILE B 464 21.11 20.29 22.10
CA ILE B 464 21.75 20.51 20.80
C ILE B 464 20.96 19.81 19.70
N ASP B 465 20.85 18.48 19.79
CA ASP B 465 20.12 17.78 18.74
C ASP B 465 18.62 18.00 18.84
N LEU B 466 18.12 18.43 20.00
CA LEU B 466 16.73 18.88 20.07
C LEU B 466 16.48 20.06 19.14
N LEU B 467 17.35 21.08 19.21
CA LEU B 467 17.25 22.20 18.29
C LEU B 467 17.52 21.77 16.86
N ARG B 468 18.44 20.82 16.67
CA ARG B 468 18.72 20.32 15.33
C ARG B 468 17.48 19.69 14.70
N GLU B 469 16.78 18.84 15.45
CA GLU B 469 15.56 18.22 14.93
C GLU B 469 14.44 19.23 14.80
N LEU B 470 14.38 20.23 15.67
CA LEU B 470 13.38 21.28 15.53
C LEU B 470 13.59 22.05 14.23
N SER B 471 14.83 22.37 13.89
CA SER B 471 15.13 22.97 12.60
C SER B 471 14.86 21.98 11.46
N THR B 472 15.00 20.69 11.72
CA THR B 472 14.69 19.68 10.70
C THR B 472 13.21 19.68 10.36
N ILE B 473 12.34 19.80 11.36
CA ILE B 473 10.90 19.76 11.11
C ILE B 473 10.36 21.16 10.79
N LEU B 474 10.76 22.16 11.55
CA LEU B 474 10.36 23.55 11.31
C LEU B 474 11.49 24.29 10.64
N GLY B 475 11.16 25.06 9.60
CA GLY B 475 12.17 25.76 8.83
C GLY B 475 12.82 26.93 9.54
N PHE B 476 14.09 26.78 9.91
CA PHE B 476 14.92 27.86 10.42
C PHE B 476 16.33 27.30 10.57
N THR B 477 17.30 28.20 10.73
CA THR B 477 18.67 27.87 11.06
C THR B 477 19.00 28.43 12.44
N TYR B 478 20.24 28.24 12.87
CA TYR B 478 20.62 28.62 14.22
C TYR B 478 22.14 28.79 14.30
N GLU B 479 22.57 29.45 15.37
CA GLU B 479 23.98 29.58 15.70
C GLU B 479 24.14 29.27 17.18
N ILE B 480 25.05 28.36 17.50
CA ILE B 480 25.25 27.90 18.87
C ILE B 480 26.41 28.70 19.45
N ARG B 481 26.10 29.81 20.11
CA ARG B 481 27.08 30.61 20.81
C ARG B 481 26.76 30.59 22.30
N LEU B 482 27.79 30.37 23.10
CA LEU B 482 27.60 30.29 24.55
C LEU B 482 27.16 31.63 25.12
N VAL B 483 26.25 31.58 26.09
CA VAL B 483 25.76 32.80 26.71
C VAL B 483 26.89 33.48 27.46
N GLU B 484 26.88 34.82 27.44
CA GLU B 484 28.00 35.58 27.99
C GLU B 484 28.14 35.37 29.49
N ASP B 485 27.05 35.57 30.24
CA ASP B 485 27.14 35.51 31.70
C ASP B 485 27.26 34.09 32.22
N GLY B 486 26.82 33.10 31.47
CA GLY B 486 26.85 31.71 31.94
C GLY B 486 25.95 31.47 33.13
N LYS B 487 24.73 31.99 33.10
CA LYS B 487 23.79 31.81 34.20
C LYS B 487 22.38 31.75 33.62
N TYR B 488 21.47 31.18 34.41
CA TYR B 488 20.06 31.20 34.05
C TYR B 488 19.50 32.62 34.18
N GLY B 489 18.39 32.86 33.49
CA GLY B 489 17.71 34.13 33.60
C GLY B 489 17.08 34.33 34.97
N ALA B 490 17.66 35.19 35.77
CA ALA B 490 17.18 35.46 37.12
C ALA B 490 16.88 36.95 37.26
N GLN B 491 15.69 37.26 37.74
CA GLN B 491 15.28 38.65 37.94
C GLN B 491 16.10 39.26 39.08
N ASP B 492 17.04 40.13 38.73
CA ASP B 492 17.88 40.80 39.73
C ASP B 492 17.01 41.80 40.48
N ASP B 493 16.58 41.43 41.69
CA ASP B 493 15.59 42.22 42.42
C ASP B 493 16.13 43.58 42.86
N VAL B 494 17.46 43.76 42.87
CA VAL B 494 18.01 45.04 43.29
C VAL B 494 17.66 46.15 42.31
N ASN B 495 17.60 45.82 41.01
CA ASN B 495 17.30 46.83 40.00
C ASN B 495 16.36 46.31 38.91
N GLY B 496 15.67 45.20 39.15
CA GLY B 496 14.79 44.65 38.14
C GLY B 496 15.48 44.10 36.92
N GLN B 497 16.79 43.87 37.00
CA GLN B 497 17.56 43.36 35.88
C GLN B 497 17.39 41.85 35.75
N TRP B 498 17.85 41.32 34.62
CA TRP B 498 17.82 39.88 34.36
C TRP B 498 19.25 39.35 34.31
N ASN B 499 19.45 38.16 34.86
CA ASN B 499 20.78 37.59 34.94
C ASN B 499 21.20 36.97 33.61
N GLY B 500 20.47 35.96 33.15
CA GLY B 500 20.91 35.16 32.03
C GLY B 500 20.51 35.68 30.66
N MET B 501 20.08 34.77 29.79
CA MET B 501 19.82 35.12 28.40
C MET B 501 18.54 35.94 28.24
N VAL B 502 17.73 36.03 29.30
CA VAL B 502 16.49 36.81 29.22
C VAL B 502 16.78 38.26 28.83
N ARG B 503 17.97 38.76 29.15
CA ARG B 503 18.32 40.13 28.78
C ARG B 503 18.29 40.32 27.27
N GLU B 504 18.90 39.41 26.53
CA GLU B 504 18.83 39.49 25.06
C GLU B 504 17.53 38.92 24.52
N LEU B 505 16.80 38.14 25.32
CA LEU B 505 15.51 37.63 24.87
C LEU B 505 14.48 38.76 24.80
N ILE B 506 14.40 39.59 25.84
CA ILE B 506 13.52 40.74 25.79
C ILE B 506 14.02 41.75 24.75
N ASP B 507 15.33 41.80 24.53
CA ASP B 507 15.94 42.70 23.55
C ASP B 507 15.96 42.12 22.14
N HIS B 508 15.44 40.90 21.96
CA HIS B 508 15.27 40.27 20.65
C HIS B 508 16.58 39.96 19.96
N LYS B 509 17.71 40.00 20.68
CA LYS B 509 18.99 39.66 20.05
C LYS B 509 19.02 38.19 19.64
N ALA B 510 18.51 37.30 20.48
CA ALA B 510 18.39 35.88 20.18
C ALA B 510 16.93 35.49 20.35
N ASP B 511 16.21 35.35 19.24
CA ASP B 511 14.77 35.11 19.30
C ASP B 511 14.45 33.78 19.96
N LEU B 512 15.13 32.71 19.56
CA LEU B 512 14.86 31.39 20.10
C LEU B 512 15.79 31.09 21.26
N ALA B 513 15.25 30.39 22.27
CA ALA B 513 15.93 30.17 23.54
C ALA B 513 15.82 28.72 23.97
N VAL B 514 16.16 27.80 23.06
CA VAL B 514 16.16 26.37 23.40
C VAL B 514 17.17 26.16 24.52
N ALA B 515 16.70 25.88 25.72
CA ALA B 515 17.54 25.78 26.90
C ALA B 515 16.71 25.20 28.04
N PRO B 516 17.36 24.59 29.04
CA PRO B 516 16.64 24.05 30.20
C PRO B 516 16.25 25.13 31.22
N LEU B 517 15.47 26.10 30.75
CA LEU B 517 15.01 27.20 31.59
C LEU B 517 13.59 26.90 32.07
N ALA B 518 13.41 26.87 33.38
CA ALA B 518 12.12 26.56 33.96
C ALA B 518 11.11 27.65 33.65
N ILE B 519 9.85 27.25 33.49
CA ILE B 519 8.77 28.18 33.21
C ILE B 519 8.28 28.79 34.52
N THR B 520 8.87 29.91 34.92
CA THR B 520 8.53 30.57 36.16
C THR B 520 7.64 31.79 35.89
N TYR B 521 6.92 32.19 36.94
CA TYR B 521 6.01 33.33 36.81
C TYR B 521 6.76 34.61 36.47
N VAL B 522 7.92 34.83 37.10
CA VAL B 522 8.69 36.03 36.85
C VAL B 522 9.18 36.06 35.41
N ARG B 523 9.68 34.91 34.91
CA ARG B 523 10.14 34.86 33.52
C ARG B 523 8.98 35.06 32.55
N GLU B 524 7.83 34.45 32.83
CA GLU B 524 6.69 34.56 31.92
C GLU B 524 6.18 35.98 31.81
N LYS B 525 6.35 36.79 32.86
CA LYS B 525 5.93 38.19 32.80
C LYS B 525 6.76 38.97 31.80
N VAL B 526 8.04 38.62 31.63
CA VAL B 526 8.95 39.35 30.77
C VAL B 526 9.06 38.70 29.39
N ILE B 527 9.12 37.38 29.33
CA ILE B 527 9.20 36.66 28.06
C ILE B 527 8.25 35.47 28.10
N ASP B 528 7.49 35.29 27.03
CA ASP B 528 6.60 34.15 26.92
C ASP B 528 7.38 32.88 26.60
N PHE B 529 6.91 31.77 27.16
CA PHE B 529 7.52 30.46 26.92
C PHE B 529 6.58 29.59 26.12
N SER B 530 7.16 28.70 25.32
CA SER B 530 6.38 27.68 24.64
C SER B 530 5.95 26.61 25.63
N LYS B 531 5.14 25.68 25.14
CA LYS B 531 4.69 24.59 26.00
C LYS B 531 5.87 23.70 26.39
N PRO B 532 5.84 23.13 27.59
CA PRO B 532 6.99 22.35 28.08
C PRO B 532 7.16 21.07 27.29
N PHE B 533 8.31 20.92 26.65
CA PHE B 533 8.65 19.65 26.02
C PHE B 533 8.82 18.56 27.07
N MET B 534 9.34 18.92 28.24
CA MET B 534 9.52 18.00 29.35
C MET B 534 9.02 18.65 30.62
N THR B 535 8.30 17.87 31.43
CA THR B 535 7.71 18.36 32.68
C THR B 535 8.53 17.82 33.85
N LEU B 536 9.42 18.67 34.36
CA LEU B 536 10.27 18.28 35.48
C LEU B 536 9.58 18.57 36.81
N GLY B 537 10.10 17.95 37.86
CA GLY B 537 9.52 18.13 39.18
C GLY B 537 10.49 17.71 40.25
N ILE B 538 10.31 18.27 41.45
CA ILE B 538 11.20 17.99 42.57
C ILE B 538 11.05 16.54 43.01
N SER B 539 12.16 15.91 43.36
CA SER B 539 12.16 14.54 43.85
C SER B 539 13.14 14.44 45.03
N ILE B 540 13.33 13.22 45.52
CA ILE B 540 14.21 12.95 46.65
C ILE B 540 15.35 12.05 46.18
N LEU B 541 16.58 12.44 46.53
CA LEU B 541 17.78 11.74 46.11
C LEU B 541 18.49 11.18 47.34
N TYR B 542 18.82 9.90 47.30
CA TYR B 542 19.44 9.24 48.43
C TYR B 542 20.10 7.96 47.92
N ARG B 543 21.19 7.56 48.59
CA ARG B 543 22.01 6.44 48.13
C ARG B 543 21.20 5.16 47.98
N LYS B 544 21.78 4.20 47.28
CA LYS B 544 21.13 2.90 47.16
C LYS B 544 21.05 2.24 48.53
N PRO B 545 19.92 1.65 48.88
CA PRO B 545 19.79 1.05 50.22
C PRO B 545 20.61 -0.22 50.36
N ASN B 546 21.73 -0.13 51.07
CA ASN B 546 22.54 -1.29 51.42
C ASN B 546 22.23 -1.60 52.88
N GLY B 547 21.17 -2.37 53.09
CA GLY B 547 20.65 -2.62 54.43
C GLY B 547 21.62 -3.26 55.40
N THR B 548 21.68 -2.70 56.60
CA THR B 548 22.46 -3.25 57.70
C THR B 548 21.56 -3.42 58.91
N ASN B 549 21.81 -4.47 59.69
CA ASN B 549 20.93 -4.83 60.79
C ASN B 549 21.52 -4.40 62.12
N PRO B 550 20.91 -3.42 62.81
CA PRO B 550 21.48 -2.83 64.03
C PRO B 550 21.09 -3.47 65.37
N GLY B 551 21.69 -4.61 65.68
CA GLY B 551 21.58 -5.19 67.00
C GLY B 551 20.22 -5.71 67.41
N VAL B 552 19.55 -4.97 68.29
CA VAL B 552 18.24 -5.39 68.78
C VAL B 552 17.29 -5.59 67.61
N PHE B 553 17.20 -4.60 66.73
CA PHE B 553 16.46 -4.78 65.48
C PHE B 553 17.04 -5.93 64.66
N SER B 554 18.36 -6.12 64.72
CA SER B 554 18.99 -7.16 63.91
C SER B 554 18.43 -8.54 64.22
N PHE B 555 18.31 -8.88 65.50
CA PHE B 555 17.74 -10.18 65.84
C PHE B 555 16.25 -10.12 66.14
N LEU B 556 15.61 -8.95 66.01
CA LEU B 556 14.16 -8.87 66.13
C LEU B 556 13.49 -8.47 64.83
N ASN B 557 14.17 -8.61 63.69
CA ASN B 557 13.57 -8.25 62.41
C ASN B 557 12.30 -9.02 62.09
N PRO B 558 12.27 -10.36 62.10
CA PRO B 558 11.07 -11.07 61.64
C PRO B 558 9.88 -10.90 62.57
N LEU B 559 10.07 -11.18 63.86
CA LEU B 559 8.99 -11.06 64.82
C LEU B 559 8.81 -9.60 65.21
N SER B 560 7.58 -9.11 65.04
CA SER B 560 7.26 -7.76 65.50
C SER B 560 7.23 -7.74 67.03
N PRO B 561 7.56 -6.60 67.65
CA PRO B 561 7.69 -6.59 69.11
C PRO B 561 6.45 -7.04 69.87
N ASP B 562 5.26 -6.82 69.32
CA ASP B 562 4.06 -7.28 70.00
C ASP B 562 4.09 -8.80 70.20
N ILE B 563 4.63 -9.53 69.24
CA ILE B 563 4.85 -10.96 69.44
C ILE B 563 5.79 -11.21 70.61
N TRP B 564 6.81 -10.35 70.76
CA TRP B 564 7.75 -10.51 71.87
C TRP B 564 7.04 -10.31 73.21
N MET B 565 6.19 -9.29 73.32
CA MET B 565 5.42 -9.13 74.55
C MET B 565 4.43 -10.28 74.75
N TYR B 566 3.87 -10.82 73.67
CA TYR B 566 3.00 -11.99 73.81
C TYR B 566 3.78 -13.18 74.38
N ILE B 567 5.01 -13.38 73.91
CA ILE B 567 5.85 -14.46 74.43
C ILE B 567 6.16 -14.23 75.90
N LEU B 568 6.48 -12.98 76.27
CA LEU B 568 6.79 -12.68 77.65
C LEU B 568 5.59 -12.92 78.56
N LEU B 569 4.40 -12.50 78.13
CA LEU B 569 3.21 -12.72 78.96
C LEU B 569 2.84 -14.19 79.01
N ALA B 570 3.08 -14.94 77.92
CA ALA B 570 2.87 -16.37 77.96
C ALA B 570 3.79 -17.04 78.96
N TYR B 571 5.07 -16.62 79.00
CA TYR B 571 6.00 -17.15 79.98
C TYR B 571 5.56 -16.81 81.41
N LEU B 572 5.09 -15.58 81.62
CA LEU B 572 4.61 -15.19 82.95
C LEU B 572 3.40 -16.03 83.36
N GLY B 573 2.46 -16.25 82.43
CA GLY B 573 1.31 -17.07 82.74
C GLY B 573 1.69 -18.52 83.01
N VAL B 574 2.67 -19.04 82.27
CA VAL B 574 3.15 -20.39 82.51
C VAL B 574 3.77 -20.50 83.90
N SER B 575 4.56 -19.50 84.29
CA SER B 575 5.14 -19.50 85.63
C SER B 575 4.06 -19.43 86.71
N CYS B 576 3.04 -18.60 86.49
CA CYS B 576 1.95 -18.51 87.45
C CYS B 576 1.21 -19.83 87.56
N VAL B 577 0.97 -20.50 86.43
CA VAL B 577 0.27 -21.79 86.45
C VAL B 577 1.12 -22.84 87.16
N LEU B 578 2.44 -22.81 86.93
CA LEU B 578 3.33 -23.74 87.63
C LEU B 578 3.30 -23.49 89.14
N PHE B 579 3.29 -22.22 89.55
CA PHE B 579 3.18 -21.92 90.98
C PHE B 579 1.85 -22.38 91.56
N VAL B 580 0.77 -22.22 90.79
CA VAL B 580 -0.54 -22.69 91.23
C VAL B 580 -0.54 -24.21 91.38
N ILE B 581 0.09 -24.92 90.44
CA ILE B 581 0.20 -26.37 90.55
C ILE B 581 1.00 -26.75 91.78
N ALA B 582 2.09 -26.03 92.04
CA ALA B 582 2.90 -26.31 93.21
C ALA B 582 2.12 -26.11 94.50
N ARG B 583 1.33 -25.04 94.58
CA ARG B 583 0.52 -24.78 95.77
C ARG B 583 -0.72 -25.67 95.84
N PHE B 584 -1.11 -26.28 94.72
CA PHE B 584 -2.26 -27.18 94.71
C PHE B 584 -1.82 -28.63 94.59
N SER B 632 -2.91 -32.79 84.78
CA SER B 632 -2.30 -31.63 84.14
C SER B 632 -0.86 -31.45 84.59
N THR B 633 -0.27 -32.52 85.13
CA THR B 633 1.12 -32.45 85.57
C THR B 633 2.07 -32.22 84.41
N ARG B 634 1.83 -32.89 83.29
CA ARG B 634 2.68 -32.75 82.11
C ARG B 634 1.94 -32.29 80.86
N ILE B 635 0.60 -32.19 80.90
CA ILE B 635 -0.14 -31.69 79.76
C ILE B 635 0.20 -30.23 79.49
N VAL B 636 0.25 -29.41 80.55
CA VAL B 636 0.62 -28.01 80.39
C VAL B 636 2.05 -27.89 79.88
N GLY B 637 2.94 -28.77 80.36
CA GLY B 637 4.30 -28.79 79.83
C GLY B 637 4.33 -29.13 78.36
N GLY B 638 3.51 -30.10 77.94
CA GLY B 638 3.48 -30.47 76.54
C GLY B 638 2.96 -29.35 75.65
N ILE B 639 1.89 -28.67 76.08
CA ILE B 639 1.35 -27.58 75.27
C ILE B 639 2.32 -26.40 75.25
N TRP B 640 3.03 -26.15 76.35
CA TRP B 640 4.03 -25.10 76.36
C TRP B 640 5.19 -25.44 75.42
N TRP B 641 5.60 -26.71 75.40
CA TRP B 641 6.63 -27.12 74.47
C TRP B 641 6.16 -26.96 73.02
N PHE B 642 4.90 -27.29 72.76
CA PHE B 642 4.36 -27.10 71.40
C PHE B 642 4.38 -25.63 71.02
N PHE B 643 3.97 -24.74 71.94
CA PHE B 643 4.04 -23.31 71.69
C PHE B 643 5.46 -22.88 71.37
N THR B 644 6.43 -23.30 72.20
CA THR B 644 7.81 -22.89 71.99
C THR B 644 8.34 -23.39 70.64
N LEU B 645 8.04 -24.65 70.29
CA LEU B 645 8.55 -25.18 69.04
C LEU B 645 7.92 -24.48 67.84
N ILE B 646 6.61 -24.18 67.92
CA ILE B 646 5.97 -23.46 66.83
C ILE B 646 6.58 -22.06 66.68
N ILE B 647 6.79 -21.37 67.79
CA ILE B 647 7.33 -20.02 67.74
C ILE B 647 8.74 -20.04 67.17
N ILE B 648 9.57 -20.96 67.63
CA ILE B 648 10.95 -21.01 67.15
C ILE B 648 10.98 -21.42 65.68
N SER B 649 10.07 -22.29 65.25
CA SER B 649 9.98 -22.66 63.85
C SER B 649 9.67 -21.43 63.00
N SER B 650 8.65 -20.67 63.38
CA SER B 650 8.30 -19.47 62.63
C SER B 650 9.45 -18.48 62.61
N TYR B 651 10.10 -18.28 63.77
CA TYR B 651 11.19 -17.33 63.86
C TYR B 651 12.34 -17.71 62.94
N THR B 652 12.82 -18.96 63.04
CA THR B 652 13.96 -19.37 62.24
C THR B 652 13.62 -19.36 60.75
N ALA B 653 12.40 -19.76 60.39
CA ALA B 653 12.03 -19.78 58.97
C ALA B 653 11.96 -18.38 58.41
N ASN B 654 11.33 -17.46 59.13
CA ASN B 654 11.23 -16.09 58.63
C ASN B 654 12.59 -15.42 58.54
N LEU B 655 13.46 -15.66 59.53
CA LEU B 655 14.78 -15.04 59.49
C LEU B 655 15.62 -15.66 58.39
N ALA B 656 15.46 -16.96 58.12
CA ALA B 656 16.13 -17.57 56.98
C ALA B 656 15.63 -17.00 55.67
N ALA B 657 14.33 -16.73 55.58
CA ALA B 657 13.78 -16.10 54.39
C ALA B 657 14.39 -14.72 54.19
N PHE B 658 14.53 -13.95 55.27
CA PHE B 658 15.19 -12.66 55.17
C PHE B 658 16.63 -12.79 54.72
N LEU B 659 17.36 -13.78 55.26
CA LEU B 659 18.74 -13.99 54.86
C LEU B 659 18.84 -14.35 53.39
N THR B 660 17.92 -15.19 52.90
CA THR B 660 17.99 -15.66 51.53
C THR B 660 17.54 -14.61 50.52
N VAL B 661 16.59 -13.76 50.90
CA VAL B 661 16.00 -12.82 49.95
C VAL B 661 16.55 -11.41 50.10
N GLU B 662 17.02 -11.04 51.29
CA GLU B 662 17.72 -9.77 51.58
C GLU B 662 17.00 -8.58 50.96
N ARG B 663 15.79 -8.34 51.44
CA ARG B 663 15.00 -7.18 51.01
C ARG B 663 15.48 -5.93 51.75
N MET B 664 16.68 -5.49 51.38
CA MET B 664 17.25 -4.28 51.96
C MET B 664 16.60 -3.06 51.33
N GLU B 665 16.12 -2.14 52.16
CA GLU B 665 15.42 -0.96 51.68
C GLU B 665 15.40 0.09 52.77
N SER B 666 15.76 1.32 52.40
CA SER B 666 15.75 2.41 53.37
C SER B 666 14.32 2.72 53.80
N PRO B 667 14.09 3.07 55.06
CA PRO B 667 12.72 3.33 55.53
C PRO B 667 12.06 4.50 54.83
N ILE B 668 12.83 5.43 54.26
CA ILE B 668 12.25 6.59 53.60
C ILE B 668 11.78 6.21 52.21
N ASP B 669 10.53 6.57 51.90
CA ASP B 669 9.99 6.39 50.55
C ASP B 669 9.12 7.54 50.10
N SER B 670 8.97 8.60 50.89
CA SER B 670 8.10 9.71 50.56
C SER B 670 8.61 10.97 51.24
N ALA B 671 8.13 12.12 50.77
CA ALA B 671 8.51 13.39 51.37
C ALA B 671 8.03 13.46 52.82
N ASP B 672 6.81 13.01 53.08
CA ASP B 672 6.30 12.98 54.46
C ASP B 672 7.15 12.06 55.32
N ASP B 673 7.48 10.87 54.80
CA ASP B 673 8.32 9.94 55.53
C ASP B 673 9.69 10.55 55.80
N LEU B 674 10.24 11.28 54.83
CA LEU B 674 11.49 11.99 55.04
C LEU B 674 11.36 13.01 56.16
N ALA B 675 10.25 13.74 56.18
CA ALA B 675 10.03 14.77 57.20
C ALA B 675 9.83 14.21 58.59
N LYS B 676 9.26 13.00 58.71
CA LYS B 676 9.00 12.44 60.03
C LYS B 676 10.29 12.20 60.81
N GLN B 677 11.25 11.52 60.20
CA GLN B 677 12.47 11.17 60.89
C GLN B 677 13.46 12.34 60.86
N THR B 678 14.50 12.23 61.70
CA THR B 678 15.52 13.27 61.79
C THR B 678 16.94 12.73 61.81
N LYS B 679 17.14 11.41 61.84
CA LYS B 679 18.49 10.87 61.96
C LYS B 679 19.35 11.22 60.73
N ILE B 680 18.77 11.12 59.54
CA ILE B 680 19.50 11.40 58.31
C ILE B 680 19.33 12.86 57.95
N GLU B 681 20.45 13.54 57.69
CA GLU B 681 20.38 14.96 57.32
C GLU B 681 19.78 15.11 55.94
N TYR B 682 19.15 16.26 55.72
CA TYR B 682 18.52 16.60 54.45
C TYR B 682 19.20 17.83 53.88
N GLY B 683 18.64 18.36 52.81
CA GLY B 683 19.16 19.59 52.22
C GLY B 683 18.96 19.58 50.72
N ALA B 684 19.24 20.74 50.12
CA ALA B 684 19.09 20.93 48.69
C ALA B 684 20.19 21.89 48.22
N VAL B 685 20.06 22.37 46.99
CA VAL B 685 21.02 23.33 46.45
C VAL B 685 20.86 24.65 47.17
N GLU B 686 21.96 25.16 47.72
CA GLU B 686 21.92 26.43 48.42
C GLU B 686 21.53 27.56 47.47
N ASP B 687 20.53 28.34 47.87
CA ASP B 687 19.96 29.42 47.05
C ASP B 687 19.50 28.89 45.69
N GLY B 688 19.07 27.63 45.65
CA GLY B 688 18.59 27.02 44.42
C GLY B 688 17.11 27.24 44.20
N ALA B 689 16.65 26.79 43.03
CA ALA B 689 15.23 26.89 42.70
C ALA B 689 14.37 26.09 43.67
N THR B 690 14.87 24.93 44.09
CA THR B 690 14.10 24.07 44.99
C THR B 690 13.83 24.75 46.32
N MET B 691 14.87 25.27 46.96
CA MET B 691 14.69 25.88 48.27
C MET B 691 13.90 27.17 48.18
N THR B 692 14.06 27.93 47.09
CA THR B 692 13.21 29.10 46.88
C THR B 692 11.76 28.69 46.74
N PHE B 693 11.49 27.58 46.06
CA PHE B 693 10.13 27.05 46.03
C PHE B 693 9.66 26.69 47.43
N PHE B 694 10.55 26.14 48.26
CA PHE B 694 10.17 25.80 49.62
C PHE B 694 9.77 27.04 50.43
N LYS B 695 10.27 28.21 50.05
CA LYS B 695 9.73 29.44 50.63
C LYS B 695 8.31 29.65 50.12
N LYS B 696 7.43 30.05 51.03
CA LYS B 696 6.01 30.33 50.76
C LYS B 696 5.24 29.09 50.37
N SER B 697 5.89 27.92 50.29
CA SER B 697 5.19 26.70 49.92
C SER B 697 4.12 26.34 50.93
N LYS B 698 4.43 26.50 52.22
CA LYS B 698 3.49 26.36 53.35
C LYS B 698 2.64 25.09 53.26
N ILE B 699 3.20 24.02 52.69
CA ILE B 699 2.57 22.71 52.84
C ILE B 699 2.74 22.25 54.28
N SER B 700 1.73 21.54 54.79
CA SER B 700 1.70 21.17 56.20
C SER B 700 2.93 20.37 56.62
N THR B 701 3.57 19.68 55.67
CA THR B 701 4.80 18.95 55.96
C THR B 701 6.04 19.65 55.43
N TYR B 702 5.92 20.48 54.40
CA TYR B 702 7.08 21.13 53.82
C TYR B 702 7.52 22.36 54.59
N ASP B 703 6.68 22.91 55.46
CA ASP B 703 7.11 24.00 56.33
C ASP B 703 8.18 23.51 57.30
N LYS B 704 7.98 22.33 57.88
CA LYS B 704 9.00 21.75 58.74
C LYS B 704 10.25 21.44 57.95
N MET B 705 10.10 21.03 56.69
CA MET B 705 11.26 20.82 55.83
C MET B 705 12.03 22.11 55.63
N TRP B 706 11.32 23.22 55.40
CA TRP B 706 11.95 24.51 55.24
C TRP B 706 12.72 24.90 56.50
N ALA B 707 12.07 24.76 57.65
CA ALA B 707 12.77 25.02 58.91
C ALA B 707 13.97 24.11 59.08
N PHE B 708 13.89 22.89 58.56
CA PHE B 708 14.96 21.92 58.75
C PHE B 708 16.20 22.31 57.96
N MET B 709 16.04 22.65 56.68
CA MET B 709 17.29 23.05 56.02
C MET B 709 17.66 24.49 56.32
N SER B 710 16.77 25.26 56.95
CA SER B 710 17.18 26.57 57.45
C SER B 710 17.88 26.47 58.80
N SER B 711 17.78 25.32 59.49
CA SER B 711 18.46 25.15 60.76
C SER B 711 19.97 25.23 60.59
N ARG B 712 20.52 24.58 59.57
CA ARG B 712 21.96 24.57 59.30
C ARG B 712 22.17 25.18 57.91
N ARG B 713 22.26 26.51 57.86
CA ARG B 713 22.37 27.20 56.59
C ARG B 713 23.72 26.99 55.91
N GLN B 714 24.71 26.43 56.61
CA GLN B 714 26.04 26.26 56.06
C GLN B 714 26.42 24.82 55.78
N SER B 715 25.66 23.84 56.29
CA SER B 715 26.01 22.43 56.14
C SER B 715 25.00 21.67 55.29
N VAL B 716 23.72 21.69 55.65
CA VAL B 716 22.74 20.87 54.94
C VAL B 716 22.53 21.37 53.52
N LEU B 717 22.57 22.69 53.32
CA LEU B 717 22.49 23.25 51.98
C LEU B 717 23.86 23.20 51.30
N VAL B 718 23.85 22.99 49.99
CA VAL B 718 25.06 22.86 49.20
C VAL B 718 25.01 23.86 48.05
N LYS B 719 26.11 24.58 47.83
CA LYS B 719 26.11 25.64 46.83
C LYS B 719 26.09 25.08 45.41
N SER B 720 26.91 24.06 45.14
CA SER B 720 27.04 23.51 43.81
C SER B 720 26.45 22.10 43.76
N ASN B 721 26.05 21.69 42.56
CA ASN B 721 25.38 20.40 42.39
C ASN B 721 26.35 19.24 42.63
N GLU B 722 27.52 19.28 42.00
CA GLU B 722 28.42 18.13 42.03
C GLU B 722 28.95 17.85 43.43
N GLU B 723 29.32 18.92 44.17
CA GLU B 723 29.78 18.72 45.54
C GLU B 723 28.68 18.14 46.41
N GLY B 724 27.43 18.55 46.18
CA GLY B 724 26.31 17.92 46.85
C GLY B 724 26.16 16.45 46.48
N ILE B 725 26.46 16.12 45.23
CA ILE B 725 26.41 14.72 44.81
C ILE B 725 27.44 13.90 45.56
N GLN B 726 28.66 14.41 45.66
CA GLN B 726 29.68 13.69 46.43
C GLN B 726 29.30 13.60 47.90
N ARG B 727 28.73 14.68 48.45
CA ARG B 727 28.31 14.67 49.85
C ARG B 727 27.25 13.61 50.10
N VAL B 728 26.26 13.50 49.21
CA VAL B 728 25.19 12.53 49.43
C VAL B 728 25.71 11.12 49.23
N LEU B 729 26.60 10.90 48.25
CA LEU B 729 27.09 9.54 48.03
C LEU B 729 28.13 9.12 49.07
N THR B 730 28.68 10.07 49.82
CA THR B 730 29.64 9.75 50.88
C THR B 730 29.01 9.77 52.27
N SER B 731 28.33 10.85 52.63
CA SER B 731 27.79 11.03 53.97
C SER B 731 26.35 10.54 54.04
N ASP B 732 25.83 10.46 55.27
CA ASP B 732 24.43 10.08 55.51
C ASP B 732 23.54 11.27 55.16
N TYR B 733 23.48 11.57 53.87
CA TYR B 733 22.82 12.75 53.34
C TYR B 733 21.62 12.34 52.51
N ALA B 734 20.59 13.18 52.52
CA ALA B 734 19.35 12.92 51.79
C ALA B 734 19.06 14.07 50.84
N PHE B 735 20.07 14.43 50.04
CA PHE B 735 20.02 15.56 49.11
C PHE B 735 18.70 15.61 48.35
N LEU B 736 18.06 16.78 48.37
CA LEU B 736 16.85 17.02 47.62
C LEU B 736 17.21 17.73 46.32
N MET B 737 16.69 17.23 45.20
CA MET B 737 17.10 17.73 43.90
C MET B 737 15.99 17.44 42.89
N GLU B 738 16.06 18.14 41.76
CA GLU B 738 15.11 17.94 40.68
C GLU B 738 15.22 16.51 40.13
N SER B 739 14.07 15.91 39.84
CA SER B 739 14.01 14.51 39.42
C SER B 739 14.90 14.22 38.21
N THR B 740 15.00 15.17 37.27
CA THR B 740 15.83 14.94 36.10
C THR B 740 17.30 14.79 36.49
N THR B 741 17.78 15.65 37.37
CA THR B 741 19.14 15.50 37.86
C THR B 741 19.32 14.19 38.62
N ILE B 742 18.31 13.80 39.39
CA ILE B 742 18.39 12.56 40.16
C ILE B 742 18.52 11.36 39.23
N GLU B 743 17.70 11.31 38.18
CA GLU B 743 17.80 10.20 37.24
C GLU B 743 19.12 10.24 36.49
N PHE B 744 19.59 11.45 36.14
CA PHE B 744 20.92 11.60 35.55
C PHE B 744 21.97 10.91 36.41
N VAL B 745 22.07 11.32 37.67
CA VAL B 745 23.15 10.82 38.52
C VAL B 745 22.97 9.35 38.84
N THR B 746 21.73 8.89 39.04
CA THR B 746 21.51 7.49 39.35
C THR B 746 21.76 6.59 38.15
N GLN B 747 21.65 7.10 36.93
CA GLN B 747 22.05 6.35 35.76
C GLN B 747 23.50 6.63 35.37
N ARG B 748 24.16 7.53 36.09
CA ARG B 748 25.61 7.67 36.00
C ARG B 748 26.36 6.79 36.99
N ASN B 749 25.68 6.30 38.03
CA ASN B 749 26.31 5.42 39.01
C ASN B 749 25.21 4.63 39.71
N CYS B 750 25.40 3.31 39.82
CA CYS B 750 24.43 2.45 40.47
C CYS B 750 24.40 2.63 41.98
N ASN B 751 25.38 3.32 42.56
CA ASN B 751 25.43 3.53 44.00
C ASN B 751 24.35 4.48 44.51
N LEU B 752 23.62 5.14 43.61
CA LEU B 752 22.63 6.13 43.99
C LEU B 752 21.31 5.80 43.32
N THR B 753 20.21 6.22 43.96
CA THR B 753 18.88 5.87 43.47
C THR B 753 17.91 7.00 43.76
N GLN B 754 16.78 6.98 43.06
CA GLN B 754 15.72 7.95 43.22
C GLN B 754 14.68 7.45 44.22
N ILE B 755 14.13 8.37 45.01
CA ILE B 755 13.17 8.06 46.05
C ILE B 755 12.06 9.10 46.02
N GLY B 756 10.84 8.66 46.35
CA GLY B 756 9.74 9.56 46.63
C GLY B 756 8.94 10.04 45.44
N GLY B 757 9.27 9.60 44.23
CA GLY B 757 8.49 10.02 43.08
C GLY B 757 8.71 11.48 42.77
N LEU B 758 7.62 12.21 42.56
CA LEU B 758 7.66 13.62 42.17
C LEU B 758 7.01 14.48 43.24
N ILE B 759 7.46 15.71 43.35
CA ILE B 759 6.94 16.69 44.31
C ILE B 759 6.21 17.82 43.61
N ASP B 760 6.81 18.39 42.57
CA ASP B 760 6.22 19.50 41.84
C ASP B 760 6.13 19.15 40.36
N SER B 761 5.65 20.09 39.56
CA SER B 761 5.36 19.84 38.15
C SER B 761 5.81 21.02 37.28
N LYS B 762 7.04 21.47 37.45
CA LYS B 762 7.56 22.53 36.59
C LYS B 762 7.71 22.03 35.15
N GLY B 763 8.10 22.95 34.28
CA GLY B 763 8.33 22.62 32.88
C GLY B 763 9.44 23.47 32.31
N TYR B 764 10.12 22.93 31.30
CA TYR B 764 11.13 23.65 30.56
C TYR B 764 10.52 24.22 29.28
N GLY B 765 11.35 24.75 28.40
CA GLY B 765 10.89 25.27 27.14
C GLY B 765 11.76 26.42 26.67
N VAL B 766 11.35 27.02 25.56
CA VAL B 766 12.09 28.12 24.96
C VAL B 766 11.56 29.44 25.50
N GLY B 767 12.35 30.48 25.33
CA GLY B 767 11.97 31.84 25.72
C GLY B 767 11.69 32.69 24.50
N THR B 768 10.54 33.34 24.49
CA THR B 768 10.08 34.13 23.37
C THR B 768 9.43 35.41 23.88
N PRO B 769 9.43 36.48 23.07
CA PRO B 769 8.70 37.69 23.44
C PRO B 769 7.19 37.50 23.37
N MET B 770 6.44 38.58 23.59
CA MET B 770 4.98 38.52 23.54
C MET B 770 4.50 38.15 22.14
N GLY B 771 3.72 37.09 22.06
CA GLY B 771 3.10 36.68 20.81
C GLY B 771 4.08 36.40 19.69
N SER B 772 5.16 35.70 19.99
CA SER B 772 6.16 35.39 18.97
C SER B 772 5.56 34.41 17.97
N PRO B 773 5.54 34.74 16.67
CA PRO B 773 5.00 33.79 15.68
C PRO B 773 5.75 32.48 15.64
N TYR B 774 7.07 32.49 15.91
CA TYR B 774 7.83 31.26 15.90
C TYR B 774 7.46 30.36 17.08
N ARG B 775 7.01 30.94 18.19
CA ARG B 775 6.62 30.14 19.35
C ARG B 775 5.42 29.25 19.04
N ASP B 776 4.41 29.81 18.36
CA ASP B 776 3.18 29.06 18.13
C ASP B 776 3.38 27.94 17.11
N LYS B 777 4.45 27.98 16.33
CA LYS B 777 4.79 26.88 15.43
C LYS B 777 5.75 25.89 16.09
N ILE B 778 6.67 26.38 16.92
CA ILE B 778 7.60 25.49 17.59
C ILE B 778 6.87 24.66 18.64
N THR B 779 5.81 25.19 19.24
CA THR B 779 5.02 24.39 20.17
C THR B 779 4.29 23.27 19.44
N ILE B 780 3.77 23.55 18.24
CA ILE B 780 3.16 22.51 17.43
C ILE B 780 4.19 21.45 17.06
N ALA B 781 5.40 21.89 16.69
CA ALA B 781 6.45 20.95 16.33
C ALA B 781 6.84 20.05 17.50
N ILE B 782 7.01 20.64 18.69
CA ILE B 782 7.40 19.82 19.85
C ILE B 782 6.27 18.90 20.27
N LEU B 783 5.02 19.34 20.13
CA LEU B 783 3.89 18.44 20.38
C LEU B 783 3.90 17.27 19.41
N GLN B 784 4.20 17.54 18.13
CA GLN B 784 4.28 16.47 17.14
C GLN B 784 5.39 15.47 17.50
N LEU B 785 6.57 15.98 17.88
CA LEU B 785 7.65 15.09 18.26
C LEU B 785 7.32 14.29 19.52
N GLN B 786 6.65 14.93 20.49
CA GLN B 786 6.25 14.22 21.70
C GLN B 786 5.27 13.10 21.38
N GLU B 787 4.27 13.38 20.54
CA GLU B 787 3.31 12.35 20.16
C GLU B 787 3.93 11.30 19.24
N GLU B 788 5.06 11.61 18.61
CA GLU B 788 5.77 10.65 17.79
C GLU B 788 6.75 9.81 18.58
N GLY B 789 6.98 10.11 19.86
CA GLY B 789 7.89 9.36 20.69
C GLY B 789 9.36 9.68 20.48
N LYS B 790 9.68 10.65 19.64
CA LYS B 790 11.08 10.96 19.37
C LYS B 790 11.77 11.58 20.58
N LEU B 791 11.06 12.41 21.35
CA LEU B 791 11.68 13.13 22.46
C LEU B 791 11.99 12.23 23.65
N HIS B 792 11.53 10.98 23.67
CA HIS B 792 11.76 10.08 24.78
C HIS B 792 12.98 9.20 24.60
N MET B 793 13.22 8.70 23.38
CA MET B 793 14.43 7.93 23.13
C MET B 793 15.67 8.76 23.35
N MET B 794 15.62 10.04 22.99
CA MET B 794 16.70 10.96 23.35
C MET B 794 16.68 11.26 24.85
N LYS B 795 15.49 11.33 25.45
CA LYS B 795 15.38 11.54 26.89
C LYS B 795 15.95 10.39 27.70
N GLU B 796 16.20 9.24 27.08
CA GLU B 796 16.91 8.15 27.73
C GLU B 796 18.31 7.92 27.15
N LYS B 797 18.68 8.62 26.08
CA LYS B 797 19.92 8.31 25.38
C LYS B 797 21.14 8.69 26.21
N TRP B 798 21.17 9.90 26.75
CA TRP B 798 22.31 10.38 27.53
C TRP B 798 22.19 10.05 29.01
N TRP B 799 21.24 9.20 29.38
CA TRP B 799 21.03 8.85 30.78
C TRP B 799 21.68 7.52 31.13
N ARG B 800 21.31 6.45 30.43
CA ARG B 800 21.79 5.10 30.73
C ARG B 800 23.17 4.90 30.10
N GLY B 801 24.14 5.66 30.61
CA GLY B 801 25.51 5.50 30.15
C GLY B 801 26.08 4.14 30.49
N ASN B 802 25.71 3.61 31.65
CA ASN B 802 26.15 2.29 32.08
C ASN B 802 25.02 1.32 32.37
N GLY B 803 23.77 1.76 32.33
CA GLY B 803 22.66 0.90 32.66
C GLY B 803 22.60 0.63 34.16
N CYS B 804 22.04 -0.53 34.51
CA CYS B 804 21.91 -0.97 35.90
C CYS B 804 22.70 -2.25 36.11
N PRO B 805 23.93 -2.17 36.60
CA PRO B 805 24.71 -3.38 36.90
C PRO B 805 24.30 -3.98 38.22
N GLU B 806 23.62 -5.13 38.16
CA GLU B 806 23.11 -5.80 39.34
C GLU B 806 23.48 -7.27 39.30
N GLU B 807 23.86 -7.82 40.46
CA GLU B 807 24.18 -9.24 40.57
C GLU B 807 23.27 -9.96 41.55
N GLU B 808 23.10 -9.43 42.77
CA GLU B 808 22.22 -10.02 43.78
C GLU B 808 22.50 -11.50 43.98
N SER B 809 23.78 -11.86 44.05
CA SER B 809 24.16 -13.26 44.19
C SER B 809 25.27 -13.50 45.19
N LYS B 810 25.75 -12.48 45.90
CA LYS B 810 26.80 -12.63 46.91
C LYS B 810 26.15 -12.43 48.28
N GLU B 811 25.81 -13.54 48.93
CA GLU B 811 25.16 -13.47 50.24
C GLU B 811 25.73 -14.47 51.24
N ALA B 812 26.87 -15.09 50.95
CA ALA B 812 27.48 -16.08 51.85
C ALA B 812 28.22 -15.33 52.97
N SER B 813 27.43 -14.70 53.83
CA SER B 813 27.93 -13.95 54.97
C SER B 813 27.41 -14.57 56.26
N ALA B 814 28.30 -14.82 57.20
CA ALA B 814 27.95 -15.45 58.45
C ALA B 814 27.25 -14.45 59.38
N LEU B 815 26.65 -14.98 60.45
CA LEU B 815 26.04 -14.17 61.50
C LEU B 815 27.15 -13.57 62.35
N GLY B 816 27.74 -12.49 61.84
CA GLY B 816 28.81 -11.82 62.53
C GLY B 816 28.31 -10.93 63.64
N VAL B 817 29.23 -10.12 64.18
CA VAL B 817 28.87 -9.21 65.27
C VAL B 817 27.85 -8.18 64.79
N GLN B 818 27.98 -7.71 63.55
CA GLN B 818 26.98 -6.81 62.99
C GLN B 818 25.63 -7.50 62.84
N ASN B 819 25.64 -8.74 62.35
CA ASN B 819 24.39 -9.49 62.20
C ASN B 819 23.73 -9.75 63.55
N ILE B 820 24.53 -10.11 64.56
CA ILE B 820 24.01 -10.30 65.91
C ILE B 820 24.94 -9.63 66.91
N GLY B 821 24.53 -8.46 67.40
CA GLY B 821 25.32 -7.73 68.37
C GLY B 821 24.61 -7.54 69.70
N GLY B 822 23.27 -7.46 69.64
CA GLY B 822 22.49 -7.19 70.83
C GLY B 822 22.37 -8.35 71.79
N ILE B 823 22.80 -9.56 71.39
CA ILE B 823 22.70 -10.71 72.28
C ILE B 823 23.59 -10.53 73.50
N PHE B 824 24.78 -9.93 73.31
CA PHE B 824 25.65 -9.66 74.44
C PHE B 824 24.99 -8.68 75.41
N ILE B 825 24.36 -7.64 74.87
CA ILE B 825 23.69 -6.66 75.72
C ILE B 825 22.55 -7.31 76.50
N VAL B 826 21.75 -8.14 75.83
CA VAL B 826 20.61 -8.72 76.52
C VAL B 826 21.06 -9.73 77.57
N LEU B 827 22.13 -10.49 77.31
CA LEU B 827 22.61 -11.43 78.33
C LEU B 827 23.22 -10.67 79.51
N ALA B 828 23.94 -9.57 79.25
CA ALA B 828 24.47 -8.76 80.33
C ALA B 828 23.34 -8.16 81.17
N ALA B 829 22.29 -7.68 80.51
CA ALA B 829 21.14 -7.14 81.22
C ALA B 829 20.46 -8.22 82.08
N GLY B 830 20.32 -9.43 81.53
CA GLY B 830 19.77 -10.51 82.31
C GLY B 830 20.62 -10.84 83.52
N LEU B 831 21.94 -10.87 83.35
CA LEU B 831 22.84 -11.16 84.46
C LEU B 831 22.75 -10.10 85.55
N VAL B 832 22.76 -8.81 85.16
CA VAL B 832 22.73 -7.75 86.16
C VAL B 832 21.38 -7.71 86.85
N LEU B 833 20.28 -7.96 86.12
CA LEU B 833 18.98 -8.04 86.76
C LEU B 833 18.91 -9.22 87.72
N SER B 834 19.49 -10.37 87.34
CA SER B 834 19.48 -11.54 88.21
C SER B 834 20.22 -11.28 89.51
N VAL B 835 21.40 -10.67 89.43
CA VAL B 835 22.15 -10.40 90.65
C VAL B 835 21.46 -9.32 91.47
N PHE B 836 20.87 -8.31 90.82
CA PHE B 836 20.21 -7.23 91.54
C PHE B 836 18.95 -7.71 92.23
N VAL B 837 18.29 -8.74 91.71
CA VAL B 837 17.13 -9.30 92.39
C VAL B 837 17.52 -10.39 93.37
N ALA B 838 18.69 -11.02 93.20
CA ALA B 838 19.14 -12.03 94.15
C ALA B 838 19.70 -11.40 95.42
N VAL B 839 20.33 -10.22 95.32
CA VAL B 839 20.85 -9.57 96.52
C VAL B 839 19.72 -9.17 97.45
N GLY B 840 18.58 -8.76 96.88
CA GLY B 840 17.42 -8.43 97.69
C GLY B 840 16.65 -9.63 98.20
N GLU B 841 16.93 -10.82 97.67
CA GLU B 841 16.26 -12.03 98.15
C GLU B 841 16.62 -12.33 99.59
N PHE B 842 17.89 -12.11 99.96
CA PHE B 842 18.31 -12.37 101.34
C PHE B 842 17.61 -11.45 102.32
N LEU B 843 17.42 -10.18 101.95
CA LEU B 843 16.73 -9.22 102.80
C LEU B 843 15.24 -9.55 102.92
N THR C 33 -55.45 67.11 -29.74
CA THR C 33 -54.39 66.19 -29.36
C THR C 33 -54.55 64.85 -30.05
N HIS C 34 -53.43 64.13 -30.21
CA HIS C 34 -53.47 62.82 -30.83
C HIS C 34 -54.22 61.82 -29.95
N VAL C 35 -54.98 60.94 -30.59
CA VAL C 35 -55.71 59.89 -29.90
C VAL C 35 -55.17 58.55 -30.38
N LEU C 36 -54.67 57.76 -29.45
CA LEU C 36 -54.10 56.45 -29.74
C LEU C 36 -54.62 55.44 -28.73
N ARG C 37 -54.93 54.23 -29.21
CA ARG C 37 -55.42 53.17 -28.36
C ARG C 37 -54.47 51.99 -28.41
N PHE C 38 -54.15 51.45 -27.23
CA PHE C 38 -53.21 50.34 -27.10
C PHE C 38 -54.01 49.04 -27.07
N GLY C 39 -53.80 48.19 -28.07
CA GLY C 39 -54.47 46.90 -28.09
C GLY C 39 -54.10 46.05 -26.90
N GLY C 40 -55.10 45.61 -26.15
CA GLY C 40 -54.88 44.82 -24.95
C GLY C 40 -55.61 43.49 -25.03
N ILE C 41 -54.92 42.43 -24.63
CA ILE C 41 -55.46 41.08 -24.63
C ILE C 41 -55.16 40.50 -23.26
N PHE C 42 -56.12 40.59 -22.35
CA PHE C 42 -55.93 40.17 -20.96
C PHE C 42 -56.86 39.02 -20.62
N GLU C 43 -56.74 38.54 -19.39
CA GLU C 43 -57.45 37.33 -18.96
C GLU C 43 -58.96 37.58 -18.88
N TYR C 44 -59.72 36.56 -19.25
CA TYR C 44 -61.17 36.56 -19.12
C TYR C 44 -61.54 35.77 -17.87
N VAL C 45 -62.20 36.43 -16.92
CA VAL C 45 -62.57 35.81 -15.65
C VAL C 45 -64.05 36.09 -15.38
N GLU C 46 -64.62 35.29 -14.49
CA GLU C 46 -66.01 35.41 -14.10
C GLU C 46 -66.21 35.69 -12.62
N SER C 47 -65.30 35.22 -11.76
CA SER C 47 -65.39 35.53 -10.33
C SER C 47 -65.18 37.02 -10.09
N GLY C 48 -64.03 37.55 -10.48
CA GLY C 48 -63.80 38.96 -10.49
C GLY C 48 -64.33 39.60 -11.76
N PRO C 49 -64.83 40.82 -11.66
CA PRO C 49 -65.34 41.50 -12.86
C PRO C 49 -64.27 41.71 -13.93
N MET C 50 -63.02 41.88 -13.53
CA MET C 50 -61.93 42.13 -14.45
C MET C 50 -60.61 41.77 -13.77
N GLY C 51 -59.65 41.30 -14.57
CA GLY C 51 -58.42 40.75 -14.02
C GLY C 51 -57.46 41.81 -13.53
N ALA C 52 -56.59 41.39 -12.60
CA ALA C 52 -55.66 42.31 -11.96
C ALA C 52 -54.78 42.99 -12.99
N GLU C 53 -54.33 42.26 -14.02
CA GLU C 53 -53.58 42.87 -15.10
C GLU C 53 -54.44 43.90 -15.83
N GLU C 54 -55.72 43.61 -16.01
CA GLU C 54 -56.62 44.58 -16.63
C GLU C 54 -56.77 45.82 -15.74
N LEU C 55 -56.88 45.62 -14.42
CA LEU C 55 -56.91 46.77 -13.51
C LEU C 55 -55.66 47.62 -13.67
N ALA C 56 -54.49 46.97 -13.72
CA ALA C 56 -53.25 47.72 -13.85
C ALA C 56 -53.22 48.51 -15.15
N PHE C 57 -53.61 47.87 -16.25
CA PHE C 57 -53.58 48.55 -17.54
C PHE C 57 -54.54 49.74 -17.54
N ARG C 58 -55.76 49.55 -17.05
CA ARG C 58 -56.72 50.64 -17.03
C ARG C 58 -56.26 51.78 -16.11
N PHE C 59 -55.73 51.43 -14.95
CA PHE C 59 -55.26 52.44 -14.01
C PHE C 59 -54.14 53.27 -14.62
N ALA C 60 -53.17 52.61 -15.24
CA ALA C 60 -52.07 53.35 -15.83
C ALA C 60 -52.51 54.16 -17.03
N VAL C 61 -53.47 53.64 -17.81
CA VAL C 61 -53.96 54.38 -18.97
C VAL C 61 -54.65 55.66 -18.52
N ASN C 62 -55.55 55.55 -17.54
CA ASN C 62 -56.23 56.76 -17.05
C ASN C 62 -55.32 57.64 -16.21
N THR C 63 -54.17 57.13 -15.77
CA THR C 63 -53.23 57.98 -15.03
C THR C 63 -52.33 58.78 -15.97
N ILE C 64 -51.86 58.16 -17.06
CA ILE C 64 -50.91 58.83 -17.93
C ILE C 64 -51.54 60.02 -18.63
N ASN C 65 -52.74 59.82 -19.21
CA ASN C 65 -53.39 60.93 -19.89
C ASN C 65 -53.82 62.01 -18.91
N ARG C 66 -54.26 61.63 -17.72
CA ARG C 66 -54.65 62.61 -16.70
C ARG C 66 -53.45 63.46 -16.29
N ASN C 67 -52.30 62.84 -16.05
CA ASN C 67 -51.10 63.54 -15.63
C ASN C 67 -50.45 64.18 -16.85
N ARG C 68 -50.42 65.51 -16.90
CA ARG C 68 -49.81 66.21 -18.03
C ARG C 68 -48.30 66.06 -18.06
N THR C 69 -47.69 65.52 -17.00
CA THR C 69 -46.25 65.26 -17.02
C THR C 69 -45.89 64.33 -18.17
N LEU C 70 -46.71 63.31 -18.41
CA LEU C 70 -46.53 62.39 -19.52
C LEU C 70 -47.67 62.55 -20.50
N LEU C 71 -47.34 62.66 -21.79
CA LEU C 71 -48.30 62.80 -22.89
C LEU C 71 -49.17 64.03 -22.69
N PRO C 72 -48.60 65.24 -22.75
CA PRO C 72 -49.43 66.43 -22.55
C PRO C 72 -50.33 66.74 -23.75
N ASN C 73 -49.81 66.61 -24.96
CA ASN C 73 -50.54 66.96 -26.18
C ASN C 73 -50.98 65.71 -26.94
N THR C 74 -51.36 64.65 -26.22
CA THR C 74 -51.83 63.42 -26.84
C THR C 74 -52.70 62.68 -25.85
N THR C 75 -53.89 62.27 -26.29
CA THR C 75 -54.87 61.64 -25.43
C THR C 75 -54.77 60.13 -25.54
N LEU C 76 -54.78 59.45 -24.40
CA LEU C 76 -54.68 57.99 -24.38
C LEU C 76 -56.04 57.35 -24.62
N THR C 77 -55.99 56.10 -25.09
CA THR C 77 -57.18 55.30 -25.34
C THR C 77 -56.69 53.84 -25.31
N TYR C 78 -57.64 52.90 -25.32
CA TYR C 78 -57.28 51.50 -25.31
C TYR C 78 -58.37 50.68 -26.00
N ASP C 79 -58.09 49.39 -26.17
CA ASP C 79 -59.04 48.45 -26.75
C ASP C 79 -58.79 47.09 -26.10
N THR C 80 -59.57 46.78 -25.08
CA THR C 80 -59.35 45.58 -24.27
C THR C 80 -60.27 44.46 -24.74
N GLN C 81 -59.70 43.28 -24.94
CA GLN C 81 -60.45 42.07 -25.27
C GLN C 81 -60.25 41.04 -24.18
N LYS C 82 -60.98 39.93 -24.29
CA LYS C 82 -60.94 38.87 -23.30
C LYS C 82 -60.67 37.54 -24.00
N ILE C 83 -59.70 36.78 -23.48
CA ILE C 83 -59.39 35.46 -24.00
C ILE C 83 -59.25 34.50 -22.82
N ASN C 84 -59.22 33.20 -23.14
CA ASN C 84 -59.03 32.17 -22.14
C ASN C 84 -57.56 31.90 -21.83
N LEU C 85 -56.64 32.57 -22.53
CA LEU C 85 -55.19 32.43 -22.37
C LEU C 85 -54.66 31.09 -22.81
N TYR C 86 -55.51 30.17 -23.26
CA TYR C 86 -55.06 28.87 -23.74
C TYR C 86 -55.44 28.61 -25.18
N ASP C 87 -56.63 29.04 -25.61
CA ASP C 87 -57.05 28.93 -27.00
C ASP C 87 -56.32 29.99 -27.81
N SER C 88 -55.08 29.67 -28.17
CA SER C 88 -54.23 30.62 -28.88
C SER C 88 -54.86 31.07 -30.19
N PHE C 89 -55.71 30.24 -30.79
CA PHE C 89 -56.41 30.67 -31.99
C PHE C 89 -57.33 31.84 -31.71
N GLU C 90 -58.05 31.80 -30.58
CA GLU C 90 -58.95 32.89 -30.23
C GLU C 90 -58.18 34.14 -29.85
N ALA C 91 -57.01 33.98 -29.22
CA ALA C 91 -56.14 35.13 -29.00
C ALA C 91 -55.69 35.74 -30.32
N SER C 92 -55.35 34.90 -31.29
CA SER C 92 -55.00 35.39 -32.62
C SER C 92 -56.18 36.12 -33.25
N LYS C 93 -57.38 35.59 -33.07
CA LYS C 93 -58.58 36.24 -33.59
C LYS C 93 -58.77 37.62 -33.00
N LYS C 94 -58.62 37.72 -31.67
CA LYS C 94 -58.75 39.01 -31.01
C LYS C 94 -57.68 39.99 -31.48
N ALA C 95 -56.44 39.52 -31.64
CA ALA C 95 -55.37 40.38 -32.13
C ALA C 95 -55.67 40.86 -33.55
N CYS C 96 -56.17 39.96 -34.40
CA CYS C 96 -56.51 40.35 -35.76
C CYS C 96 -57.63 41.37 -35.77
N ASP C 97 -58.64 41.18 -34.91
CA ASP C 97 -59.72 42.16 -34.81
C ASP C 97 -59.21 43.51 -34.34
N GLN C 98 -58.27 43.52 -33.40
CA GLN C 98 -57.67 44.77 -32.95
C GLN C 98 -56.92 45.45 -34.07
N LEU C 99 -56.06 44.71 -34.77
CA LEU C 99 -55.28 45.30 -35.85
C LEU C 99 -56.15 45.75 -37.01
N SER C 100 -57.31 45.12 -37.20
CA SER C 100 -58.24 45.62 -38.21
C SER C 100 -58.66 47.05 -37.90
N LEU C 101 -58.72 47.41 -36.62
CA LEU C 101 -58.87 48.79 -36.19
C LEU C 101 -57.50 49.42 -35.97
N GLY C 102 -57.49 50.73 -35.75
CA GLY C 102 -56.24 51.41 -35.42
C GLY C 102 -55.79 51.05 -34.02
N VAL C 103 -54.58 50.50 -33.91
CA VAL C 103 -54.01 50.11 -32.63
C VAL C 103 -52.61 50.69 -32.54
N ALA C 104 -52.36 51.44 -31.46
CA ALA C 104 -51.04 52.03 -31.26
C ALA C 104 -50.01 50.95 -30.98
N ALA C 105 -50.33 50.01 -30.08
CA ALA C 105 -49.41 48.94 -29.75
C ALA C 105 -50.21 47.80 -29.13
N ILE C 106 -49.64 46.61 -29.18
CA ILE C 106 -50.27 45.40 -28.64
C ILE C 106 -49.57 45.04 -27.33
N PHE C 107 -50.37 44.90 -26.28
CA PHE C 107 -49.88 44.47 -24.97
C PHE C 107 -50.37 43.05 -24.78
N GLY C 108 -49.53 42.09 -25.19
CA GLY C 108 -49.93 40.71 -25.31
C GLY C 108 -50.31 40.07 -23.99
N PRO C 109 -50.93 38.89 -24.08
CA PRO C 109 -51.38 38.20 -22.87
C PRO C 109 -50.20 37.75 -22.01
N SER C 110 -50.52 37.34 -20.80
CA SER C 110 -49.54 36.92 -19.80
C SER C 110 -49.42 35.40 -19.71
N HIS C 111 -49.57 34.70 -20.82
CA HIS C 111 -49.45 33.25 -20.85
C HIS C 111 -48.17 32.84 -21.58
N SER C 112 -47.64 31.68 -21.21
CA SER C 112 -46.40 31.18 -21.79
C SER C 112 -46.58 30.52 -23.15
N SER C 113 -47.81 30.30 -23.59
CA SER C 113 -48.07 29.65 -24.87
C SER C 113 -48.75 30.57 -25.87
N SER C 114 -49.86 31.20 -25.50
CA SER C 114 -50.59 32.04 -26.43
C SER C 114 -49.79 33.27 -26.83
N ALA C 115 -48.93 33.77 -25.93
CA ALA C 115 -48.15 34.95 -26.24
C ALA C 115 -47.27 34.76 -27.47
N ASN C 116 -46.83 33.52 -27.73
CA ASN C 116 -46.02 33.26 -28.90
C ASN C 116 -46.78 33.58 -30.19
N ALA C 117 -48.04 33.16 -30.27
CA ALA C 117 -48.84 33.45 -31.45
C ALA C 117 -49.06 34.94 -31.61
N VAL C 118 -49.36 35.64 -30.52
CA VAL C 118 -49.60 37.08 -30.59
C VAL C 118 -48.35 37.81 -31.05
N GLN C 119 -47.20 37.44 -30.50
CA GLN C 119 -45.95 38.09 -30.91
C GLN C 119 -45.60 37.76 -32.35
N SER C 120 -45.90 36.54 -32.80
CA SER C 120 -45.67 36.21 -34.21
C SER C 120 -46.55 37.06 -35.12
N ILE C 121 -47.81 37.26 -34.74
CA ILE C 121 -48.70 38.10 -35.53
C ILE C 121 -48.18 39.54 -35.54
N CYS C 122 -47.76 40.04 -34.39
CA CYS C 122 -47.24 41.40 -34.32
C CYS C 122 -46.01 41.57 -35.21
N ASN C 123 -45.10 40.60 -35.18
CA ASN C 123 -43.91 40.67 -36.02
C ASN C 123 -44.27 40.60 -37.49
N ALA C 124 -45.22 39.73 -37.85
CA ALA C 124 -45.60 39.59 -39.25
C ALA C 124 -46.19 40.88 -39.80
N LEU C 125 -47.01 41.56 -39.01
CA LEU C 125 -47.59 42.83 -39.40
C LEU C 125 -46.72 44.01 -38.99
N GLY C 126 -45.57 43.75 -38.37
CA GLY C 126 -44.67 44.83 -37.98
C GLY C 126 -45.22 45.78 -36.96
N VAL C 127 -45.88 45.26 -35.94
CA VAL C 127 -46.52 46.06 -34.89
C VAL C 127 -45.82 45.77 -33.57
N PRO C 128 -45.47 46.77 -32.78
CA PRO C 128 -44.80 46.51 -31.51
C PRO C 128 -45.67 45.68 -30.57
N HIS C 129 -45.01 44.79 -29.83
CA HIS C 129 -45.67 43.90 -28.88
C HIS C 129 -44.90 43.99 -27.57
N ILE C 130 -45.62 44.12 -26.46
CA ILE C 130 -45.02 44.37 -25.16
C ILE C 130 -45.53 43.31 -24.19
N GLN C 131 -44.79 42.23 -24.03
CA GLN C 131 -45.12 41.24 -23.04
C GLN C 131 -44.85 41.77 -21.65
N THR C 132 -45.51 41.17 -20.67
CA THR C 132 -45.28 41.58 -19.29
C THR C 132 -44.92 40.41 -18.38
N ARG C 133 -45.56 39.27 -18.55
CA ARG C 133 -45.19 38.07 -17.81
C ARG C 133 -44.17 37.29 -18.62
N TRP C 134 -43.20 36.71 -17.92
CA TRP C 134 -42.12 36.01 -18.60
C TRP C 134 -42.67 34.83 -19.39
N LYS C 135 -42.06 34.58 -20.55
CA LYS C 135 -42.31 33.40 -21.34
C LYS C 135 -40.98 32.85 -21.82
N HIS C 136 -40.97 31.56 -22.15
CA HIS C 136 -39.81 31.01 -22.81
C HIS C 136 -39.69 31.58 -24.22
N GLN C 137 -38.47 31.93 -24.60
CA GLN C 137 -38.19 32.45 -25.93
C GLN C 137 -37.40 31.40 -26.70
N VAL C 138 -37.91 31.02 -27.86
CA VAL C 138 -37.21 30.04 -28.69
C VAL C 138 -35.93 30.68 -29.22
N SER C 139 -34.79 30.06 -28.91
CA SER C 139 -33.51 30.62 -29.33
C SER C 139 -33.35 30.64 -30.85
N ASP C 140 -34.16 29.87 -31.56
CA ASP C 140 -34.11 29.81 -33.01
C ASP C 140 -35.18 30.66 -33.67
N ASN C 141 -35.88 31.50 -32.91
CA ASN C 141 -36.90 32.38 -33.45
C ASN C 141 -36.32 33.78 -33.59
N LYS C 142 -36.23 34.27 -34.82
CA LYS C 142 -35.67 35.58 -35.11
C LYS C 142 -36.82 36.57 -35.29
N ASP C 143 -37.40 36.99 -34.16
CA ASP C 143 -38.49 37.95 -34.13
C ASP C 143 -38.01 39.23 -33.47
N SER C 144 -38.16 40.34 -34.17
CA SER C 144 -37.72 41.65 -33.69
C SER C 144 -38.88 42.63 -33.60
N PHE C 145 -40.03 42.16 -33.12
CA PHE C 145 -41.18 43.01 -32.87
C PHE C 145 -41.83 42.65 -31.55
N TYR C 146 -41.02 42.44 -30.52
CA TYR C 146 -41.52 42.11 -29.20
C TYR C 146 -40.52 42.54 -28.14
N VAL C 147 -41.04 42.87 -26.96
CA VAL C 147 -40.22 43.17 -25.79
C VAL C 147 -40.86 42.49 -24.59
N SER C 148 -40.04 42.25 -23.57
CA SER C 148 -40.49 41.57 -22.36
C SER C 148 -40.01 42.34 -21.14
N LEU C 149 -40.94 43.02 -20.47
CA LEU C 149 -40.56 43.82 -19.30
C LEU C 149 -40.15 42.94 -18.13
N TYR C 150 -40.65 41.72 -18.06
CA TYR C 150 -40.29 40.83 -16.97
C TYR C 150 -38.79 40.62 -16.97
N PRO C 151 -38.11 40.72 -15.83
CA PRO C 151 -36.67 40.48 -15.80
C PRO C 151 -36.34 39.10 -16.34
N ASP C 152 -35.30 39.04 -17.17
CA ASP C 152 -34.94 37.79 -17.82
C ASP C 152 -34.54 36.76 -16.77
N PHE C 153 -35.11 35.56 -16.87
CA PHE C 153 -34.85 34.53 -15.87
C PHE C 153 -33.39 34.10 -15.87
N SER C 154 -32.64 34.33 -16.95
CA SER C 154 -31.21 34.09 -16.90
C SER C 154 -30.54 35.01 -15.88
N SER C 155 -30.91 36.30 -15.91
CA SER C 155 -30.35 37.25 -14.96
C SER C 155 -30.79 36.92 -13.54
N LEU C 156 -32.06 36.55 -13.36
CA LEU C 156 -32.54 36.21 -12.03
C LEU C 156 -31.85 34.95 -11.50
N SER C 157 -31.63 33.97 -12.37
CA SER C 157 -30.90 32.76 -11.98
C SER C 157 -29.46 33.09 -11.61
N ARG C 158 -28.82 33.98 -12.37
CA ARG C 158 -27.47 34.40 -12.02
C ARG C 158 -27.44 35.10 -10.67
N ALA C 159 -28.46 35.91 -10.39
CA ALA C 159 -28.57 36.57 -9.09
C ALA C 159 -28.76 35.55 -7.97
N ILE C 160 -29.59 34.53 -8.22
CA ILE C 160 -29.79 33.47 -7.23
C ILE C 160 -28.49 32.74 -6.97
N LEU C 161 -27.73 32.46 -8.03
CA LEU C 161 -26.42 31.83 -7.87
C LEU C 161 -25.48 32.70 -7.04
N ASP C 162 -25.47 34.00 -7.31
CA ASP C 162 -24.62 34.90 -6.54
C ASP C 162 -25.01 34.92 -5.07
N LEU C 163 -26.32 34.93 -4.79
CA LEU C 163 -26.78 34.92 -3.41
C LEU C 163 -26.41 33.62 -2.71
N VAL C 164 -26.56 32.48 -3.39
CA VAL C 164 -26.18 31.21 -2.79
C VAL C 164 -24.68 31.17 -2.54
N GLN C 165 -23.89 31.75 -3.47
CA GLN C 165 -22.47 31.91 -3.22
C GLN C 165 -22.22 32.73 -1.96
N PHE C 166 -22.98 33.81 -1.79
CA PHE C 166 -22.91 34.59 -0.56
C PHE C 166 -23.32 33.80 0.67
N PHE C 167 -24.15 32.76 0.49
CA PHE C 167 -24.59 31.94 1.60
C PHE C 167 -23.76 30.68 1.80
N LYS C 168 -22.84 30.38 0.87
CA LYS C 168 -21.91 29.25 1.00
C LYS C 168 -22.66 27.93 1.23
N TRP C 169 -23.73 27.72 0.48
CA TRP C 169 -24.53 26.52 0.64
C TRP C 169 -23.87 25.32 -0.05
N LYS C 170 -24.29 24.13 0.36
CA LYS C 170 -23.76 22.89 -0.19
C LYS C 170 -24.85 21.95 -0.70
N THR C 171 -25.99 21.88 -0.02
CA THR C 171 -27.09 21.00 -0.42
C THR C 171 -28.32 21.85 -0.67
N VAL C 172 -28.90 21.71 -1.85
CA VAL C 172 -30.04 22.51 -2.28
C VAL C 172 -31.12 21.58 -2.82
N THR C 173 -32.37 22.04 -2.77
CA THR C 173 -33.52 21.30 -3.29
C THR C 173 -34.41 22.28 -4.05
N VAL C 174 -34.22 22.35 -5.37
CA VAL C 174 -35.01 23.22 -6.21
C VAL C 174 -36.36 22.57 -6.49
N VAL C 175 -37.44 23.31 -6.31
CA VAL C 175 -38.78 22.85 -6.58
C VAL C 175 -39.47 23.86 -7.51
N TYR C 176 -40.27 23.35 -8.43
CA TYR C 176 -40.90 24.18 -9.45
C TYR C 176 -42.38 23.85 -9.56
N ASP C 177 -43.17 24.86 -9.90
CA ASP C 177 -44.61 24.66 -10.07
C ASP C 177 -44.89 23.99 -11.42
N ASP C 178 -44.54 24.66 -12.51
CA ASP C 178 -44.69 24.12 -13.85
C ASP C 178 -43.35 23.59 -14.36
N SER C 179 -43.43 22.74 -15.38
CA SER C 179 -42.22 22.20 -15.98
C SER C 179 -41.34 23.30 -16.56
N THR C 180 -41.91 24.46 -16.88
CA THR C 180 -41.13 25.57 -17.39
C THR C 180 -40.11 26.08 -16.40
N GLY C 181 -40.24 25.71 -15.12
CA GLY C 181 -39.28 26.15 -14.12
C GLY C 181 -37.86 25.69 -14.41
N LEU C 182 -37.72 24.52 -15.05
CA LEU C 182 -36.38 24.07 -15.44
C LEU C 182 -35.75 25.03 -16.43
N ILE C 183 -36.54 25.50 -17.40
CA ILE C 183 -36.06 26.52 -18.32
C ILE C 183 -35.75 27.80 -17.58
N ARG C 184 -36.64 28.21 -16.67
CA ARG C 184 -36.47 29.48 -15.97
C ARG C 184 -35.18 29.50 -15.17
N LEU C 185 -34.90 28.44 -14.42
CA LEU C 185 -33.70 28.36 -13.59
C LEU C 185 -32.83 27.24 -14.15
N GLN C 186 -31.70 27.61 -14.75
CA GLN C 186 -30.79 26.61 -15.30
C GLN C 186 -29.35 26.88 -14.87
N GLU C 187 -29.04 28.14 -14.58
CA GLU C 187 -27.68 28.49 -14.19
C GLU C 187 -27.29 27.82 -12.88
N LEU C 188 -28.19 27.81 -11.91
CA LEU C 188 -27.91 27.09 -10.66
C LEU C 188 -27.80 25.60 -10.90
N ILE C 189 -28.58 25.05 -11.84
CA ILE C 189 -28.50 23.63 -12.13
C ILE C 189 -27.14 23.28 -12.72
N LYS C 190 -26.60 24.15 -13.59
CA LYS C 190 -25.27 23.94 -14.13
C LYS C 190 -24.16 24.26 -13.12
N ALA C 191 -24.48 25.03 -12.09
CA ALA C 191 -23.46 25.44 -11.12
C ALA C 191 -22.67 24.31 -10.48
N PRO C 192 -23.25 23.16 -10.10
CA PRO C 192 -22.42 22.10 -9.51
C PRO C 192 -21.30 21.62 -10.42
N SER C 193 -21.39 21.88 -11.72
CA SER C 193 -20.24 21.63 -12.60
C SER C 193 -19.16 22.68 -12.36
N ARG C 194 -19.55 23.94 -12.18
CA ARG C 194 -18.57 25.00 -11.96
C ARG C 194 -18.03 25.00 -10.53
N TYR C 195 -18.88 24.69 -9.54
CA TYR C 195 -18.49 24.78 -8.14
C TYR C 195 -18.75 23.46 -7.41
N ASN C 196 -18.62 23.48 -6.08
CA ASN C 196 -18.76 22.29 -5.26
C ASN C 196 -20.16 22.15 -4.68
N LEU C 197 -21.19 22.58 -5.41
CA LEU C 197 -22.55 22.55 -4.91
C LEU C 197 -23.13 21.14 -5.05
N ARG C 198 -24.42 21.01 -4.77
CA ARG C 198 -25.14 19.74 -4.91
C ARG C 198 -26.62 20.05 -5.00
N LEU C 199 -27.31 19.41 -5.94
CA LEU C 199 -28.71 19.68 -6.19
C LEU C 199 -29.52 18.39 -6.12
N LYS C 200 -30.78 18.54 -5.71
CA LYS C 200 -31.76 17.44 -5.69
C LYS C 200 -33.10 18.07 -6.05
N ILE C 201 -33.44 18.03 -7.32
CA ILE C 201 -34.60 18.73 -7.84
C ILE C 201 -35.84 17.85 -7.70
N ARG C 202 -36.88 18.40 -7.08
CA ARG C 202 -38.15 17.71 -6.91
C ARG C 202 -39.27 18.59 -7.44
N GLN C 203 -40.37 17.94 -7.83
CA GLN C 203 -41.45 18.60 -8.56
C GLN C 203 -42.70 18.65 -7.69
N LEU C 204 -43.34 19.82 -7.66
CA LEU C 204 -44.65 19.95 -7.04
C LEU C 204 -45.71 19.37 -7.98
N PRO C 205 -46.45 18.35 -7.58
CA PRO C 205 -47.44 17.75 -8.48
C PRO C 205 -48.56 18.73 -8.83
N ALA C 206 -49.07 18.59 -10.05
CA ALA C 206 -50.12 19.47 -10.54
C ALA C 206 -51.48 19.03 -10.02
N ASP C 207 -52.43 19.98 -10.04
CA ASP C 207 -53.81 19.75 -9.65
C ASP C 207 -53.92 19.26 -8.20
N THR C 208 -52.99 19.67 -7.35
CA THR C 208 -53.01 19.27 -5.95
C THR C 208 -52.16 20.21 -5.14
N LYS C 209 -52.37 20.20 -3.83
CA LYS C 209 -51.57 20.94 -2.87
C LYS C 209 -50.85 20.03 -1.90
N ASP C 210 -50.76 18.74 -2.21
CA ASP C 210 -50.19 17.76 -1.29
C ASP C 210 -48.68 17.84 -1.26
N ALA C 211 -48.15 18.92 -0.66
CA ALA C 211 -46.71 19.04 -0.48
C ALA C 211 -46.18 18.13 0.62
N LYS C 212 -47.06 17.50 1.39
CA LYS C 212 -46.62 16.68 2.51
C LYS C 212 -45.70 15.54 2.11
N PRO C 213 -45.97 14.74 1.06
CA PRO C 213 -44.96 13.76 0.63
C PRO C 213 -43.64 14.41 0.26
N LEU C 214 -43.68 15.56 -0.42
CA LEU C 214 -42.45 16.25 -0.79
C LEU C 214 -41.68 16.70 0.44
N LEU C 215 -42.38 17.24 1.43
CA LEU C 215 -41.71 17.69 2.65
C LEU C 215 -41.14 16.51 3.43
N LYS C 216 -41.87 15.38 3.47
CA LYS C 216 -41.35 14.20 4.15
C LYS C 216 -40.10 13.68 3.45
N GLU C 217 -40.09 13.69 2.12
CA GLU C 217 -38.88 13.36 1.39
C GLU C 217 -37.75 14.32 1.73
N MET C 218 -38.10 15.60 1.90
CA MET C 218 -37.08 16.59 2.27
C MET C 218 -36.45 16.26 3.62
N LYS C 219 -37.27 15.91 4.62
CA LYS C 219 -36.70 15.48 5.89
C LYS C 219 -35.85 14.23 5.73
N ARG C 220 -36.31 13.28 4.91
CA ARG C 220 -35.53 12.07 4.71
C ARG C 220 -34.16 12.36 4.09
N GLY C 221 -34.01 13.50 3.43
CA GLY C 221 -32.73 13.90 2.90
C GLY C 221 -32.02 14.94 3.75
N LYS C 222 -32.70 15.43 4.78
CA LYS C 222 -32.16 16.48 5.66
C LYS C 222 -31.72 17.69 4.86
N GLU C 223 -32.56 18.10 3.91
CA GLU C 223 -32.23 19.20 2.99
C GLU C 223 -32.62 20.52 3.66
N PHE C 224 -31.68 21.07 4.43
CA PHE C 224 -31.96 22.28 5.19
C PHE C 224 -32.12 23.51 4.30
N HIS C 225 -31.60 23.48 3.07
CA HIS C 225 -31.71 24.59 2.13
C HIS C 225 -32.62 24.17 0.99
N VAL C 226 -33.71 24.91 0.80
CA VAL C 226 -34.69 24.58 -0.22
C VAL C 226 -35.05 25.85 -0.98
N ILE C 227 -35.20 25.74 -2.30
CA ILE C 227 -35.59 26.85 -3.15
C ILE C 227 -36.94 26.53 -3.78
N PHE C 228 -37.84 27.51 -3.73
CA PHE C 228 -39.23 27.35 -4.17
C PHE C 228 -39.44 28.25 -5.39
N ASP C 229 -39.51 27.64 -6.57
CA ASP C 229 -39.74 28.38 -7.81
C ASP C 229 -41.20 28.27 -8.22
N CYS C 230 -42.03 29.06 -7.55
CA CYS C 230 -43.47 29.07 -7.80
C CYS C 230 -44.02 30.47 -7.58
N SER C 231 -45.22 30.70 -8.10
CA SER C 231 -45.88 31.98 -7.94
C SER C 231 -46.20 32.24 -6.47
N HIS C 232 -46.47 33.50 -6.16
CA HIS C 232 -46.63 33.89 -4.75
C HIS C 232 -47.85 33.24 -4.11
N GLU C 233 -48.92 33.00 -4.88
CA GLU C 233 -50.08 32.31 -4.31
C GLU C 233 -49.71 30.88 -3.91
N MET C 234 -49.11 30.13 -4.83
CA MET C 234 -48.69 28.77 -4.53
C MET C 234 -47.60 28.78 -3.46
N ALA C 235 -46.72 29.78 -3.48
CA ALA C 235 -45.69 29.89 -2.46
C ALA C 235 -46.30 30.07 -1.07
N ALA C 236 -47.30 30.94 -0.96
CA ALA C 236 -47.97 31.14 0.32
C ALA C 236 -48.70 29.87 0.77
N GLY C 237 -49.37 29.19 -0.16
CA GLY C 237 -50.05 27.96 0.22
C GLY C 237 -49.09 26.91 0.73
N ILE C 238 -48.00 26.68 0.00
CA ILE C 238 -47.05 25.65 0.43
C ILE C 238 -46.31 26.07 1.69
N LEU C 239 -46.12 27.38 1.90
CA LEU C 239 -45.56 27.84 3.17
C LEU C 239 -46.52 27.54 4.31
N LYS C 240 -47.81 27.73 4.10
CA LYS C 240 -48.79 27.38 5.13
C LYS C 240 -48.73 25.89 5.45
N GLN C 241 -48.67 25.05 4.40
CA GLN C 241 -48.60 23.61 4.67
C GLN C 241 -47.29 23.21 5.33
N ALA C 242 -46.20 23.91 5.03
CA ALA C 242 -44.93 23.63 5.69
C ALA C 242 -44.97 24.02 7.16
N LEU C 243 -45.56 25.18 7.46
CA LEU C 243 -45.72 25.59 8.86
C LEU C 243 -46.61 24.61 9.61
N ALA C 244 -47.68 24.14 8.96
CA ALA C 244 -48.51 23.11 9.56
C ALA C 244 -47.72 21.82 9.77
N MET C 245 -46.66 21.61 9.00
CA MET C 245 -45.74 20.50 9.20
C MET C 245 -44.62 20.85 10.16
N GLY C 246 -44.60 22.08 10.67
CA GLY C 246 -43.51 22.51 11.52
C GLY C 246 -42.19 22.66 10.82
N MET C 247 -42.21 23.21 9.60
CA MET C 247 -40.99 23.39 8.80
C MET C 247 -40.35 24.76 9.01
N MET C 248 -40.86 25.56 9.94
CA MET C 248 -40.37 26.91 10.17
C MET C 248 -39.22 26.95 11.18
N THR C 249 -38.48 25.86 11.31
CA THR C 249 -37.37 25.82 12.25
C THR C 249 -36.22 26.70 11.77
N GLU C 250 -35.28 26.97 12.68
CA GLU C 250 -34.10 27.76 12.34
C GLU C 250 -33.23 27.04 11.33
N TYR C 251 -33.15 25.71 11.42
CA TYR C 251 -32.26 24.94 10.56
C TYR C 251 -32.64 25.04 9.09
N TYR C 252 -33.92 25.22 8.80
CA TYR C 252 -34.40 25.24 7.42
C TYR C 252 -34.30 26.65 6.84
N HIS C 253 -33.67 26.76 5.68
CA HIS C 253 -33.48 28.03 4.99
C HIS C 253 -34.20 27.97 3.65
N TYR C 254 -34.96 29.01 3.33
CA TYR C 254 -35.81 29.04 2.16
C TYR C 254 -35.46 30.23 1.27
N ILE C 255 -35.47 30.01 -0.04
CA ILE C 255 -35.34 31.07 -1.03
C ILE C 255 -36.51 30.96 -2.00
N PHE C 256 -37.18 32.08 -2.25
CA PHE C 256 -38.31 32.13 -3.17
C PHE C 256 -37.96 33.07 -4.32
N THR C 257 -37.69 32.50 -5.49
CA THR C 257 -37.28 33.31 -6.64
C THR C 257 -38.39 34.23 -7.13
N THR C 258 -39.63 34.02 -6.71
CA THR C 258 -40.71 34.89 -7.13
C THR C 258 -40.51 36.30 -6.60
N LEU C 259 -41.02 37.27 -7.35
CA LEU C 259 -40.82 38.68 -7.02
C LEU C 259 -41.88 39.24 -6.09
N ASP C 260 -42.93 38.48 -5.79
CA ASP C 260 -43.98 38.92 -4.89
C ASP C 260 -43.88 38.27 -3.51
N LEU C 261 -42.69 37.82 -3.14
CA LEU C 261 -42.50 37.21 -1.82
C LEU C 261 -42.80 38.18 -0.70
N PHE C 262 -42.55 39.47 -0.93
CA PHE C 262 -42.84 40.48 0.09
C PHE C 262 -44.32 40.51 0.45
N ALA C 263 -45.19 40.09 -0.45
CA ALA C 263 -46.63 40.14 -0.25
C ALA C 263 -47.17 38.95 0.54
N LEU C 264 -46.32 38.26 1.28
CA LEU C 264 -46.74 37.12 2.09
C LEU C 264 -46.85 37.53 3.54
N ASP C 265 -47.86 36.98 4.23
CA ASP C 265 -48.08 37.29 5.64
C ASP C 265 -47.02 36.67 6.54
N VAL C 266 -45.98 37.44 6.84
CA VAL C 266 -44.83 36.94 7.60
C VAL C 266 -45.11 37.08 9.10
N GLU C 267 -46.35 37.44 9.46
CA GLU C 267 -46.71 37.54 10.87
C GLU C 267 -46.51 36.22 11.61
N PRO C 268 -46.99 35.07 11.12
CA PRO C 268 -46.60 33.80 11.76
C PRO C 268 -45.13 33.48 11.61
N TYR C 269 -44.44 34.10 10.65
CA TYR C 269 -43.04 33.81 10.38
C TYR C 269 -42.10 34.88 10.91
N ARG C 270 -42.62 35.96 11.50
CA ARG C 270 -41.75 36.96 12.11
C ARG C 270 -41.00 36.38 13.31
N TYR C 271 -41.67 35.54 14.10
CA TYR C 271 -41.05 34.88 15.24
C TYR C 271 -40.84 33.39 15.01
N SER C 272 -41.00 32.91 13.77
CA SER C 272 -40.78 31.50 13.49
C SER C 272 -39.30 31.14 13.58
N GLY C 273 -38.42 32.10 13.32
CA GLY C 273 -36.99 31.86 13.41
C GLY C 273 -36.33 31.43 12.11
N VAL C 274 -37.01 31.58 10.98
CA VAL C 274 -36.47 31.16 9.70
C VAL C 274 -35.51 32.22 9.18
N ASN C 275 -34.42 31.78 8.56
CA ASN C 275 -33.46 32.67 7.92
C ASN C 275 -33.79 32.93 6.46
N MET C 276 -35.07 32.86 6.10
CA MET C 276 -35.48 32.89 4.71
C MET C 276 -35.02 34.17 4.02
N THR C 277 -34.64 34.03 2.75
CA THR C 277 -34.16 35.14 1.94
C THR C 277 -34.91 35.13 0.60
N GLY C 278 -35.12 36.33 0.05
CA GLY C 278 -35.86 36.44 -1.20
C GLY C 278 -35.44 37.67 -1.99
N PHE C 279 -36.01 37.78 -3.18
CA PHE C 279 -35.71 38.86 -4.09
C PHE C 279 -36.94 39.73 -4.30
N ARG C 280 -36.71 40.98 -4.69
CA ARG C 280 -37.78 41.93 -4.92
C ARG C 280 -37.34 42.95 -5.95
N ILE C 281 -38.28 43.35 -6.81
CA ILE C 281 -38.03 44.41 -7.77
C ILE C 281 -38.94 45.61 -7.57
N LEU C 282 -40.12 45.42 -6.97
CA LEU C 282 -41.02 46.54 -6.70
C LEU C 282 -40.39 47.43 -5.65
N ASN C 283 -39.89 48.59 -6.07
CA ASN C 283 -39.18 49.51 -5.18
C ASN C 283 -40.19 50.26 -4.32
N THR C 284 -40.73 49.53 -3.34
CA THR C 284 -41.72 50.12 -2.43
C THR C 284 -41.15 51.29 -1.65
N GLU C 285 -39.83 51.31 -1.43
CA GLU C 285 -39.17 52.37 -0.67
C GLU C 285 -39.01 53.63 -1.53
N ASN C 286 -40.15 54.15 -1.97
CA ASN C 286 -40.17 55.38 -2.76
C ASN C 286 -41.52 56.06 -2.55
N THR C 287 -41.51 57.39 -2.57
CA THR C 287 -42.72 58.15 -2.34
C THR C 287 -43.74 57.93 -3.44
N GLN C 288 -43.32 58.05 -4.70
CA GLN C 288 -44.23 57.86 -5.82
C GLN C 288 -44.76 56.42 -5.86
N VAL C 289 -43.89 55.44 -5.61
CA VAL C 289 -44.32 54.05 -5.59
C VAL C 289 -45.33 53.81 -4.48
N SER C 290 -45.08 54.40 -3.30
CA SER C 290 -46.02 54.26 -2.19
C SER C 290 -47.37 54.89 -2.54
N SER C 291 -47.36 56.06 -3.17
CA SER C 291 -48.61 56.69 -3.58
C SER C 291 -49.36 55.81 -4.58
N ILE C 292 -48.64 55.24 -5.56
CA ILE C 292 -49.29 54.42 -6.57
C ILE C 292 -49.87 53.16 -5.96
N ILE C 293 -49.13 52.50 -5.06
CA ILE C 293 -49.65 51.28 -4.45
C ILE C 293 -50.84 51.59 -3.56
N GLU C 294 -50.81 52.73 -2.85
CA GLU C 294 -51.96 53.10 -2.04
C GLU C 294 -53.19 53.37 -2.90
N LYS C 295 -53.00 54.09 -4.02
CA LYS C 295 -54.12 54.35 -4.92
C LYS C 295 -54.68 53.06 -5.50
N TRP C 296 -53.80 52.15 -5.90
CA TRP C 296 -54.25 50.88 -6.48
C TRP C 296 -55.00 50.04 -5.45
N SER C 297 -54.50 49.99 -4.21
CA SER C 297 -55.22 49.28 -3.16
C SER C 297 -56.56 49.93 -2.88
N MET C 298 -56.64 51.26 -3.01
CA MET C 298 -57.92 51.95 -2.90
C MET C 298 -58.86 51.51 -4.03
N GLU C 299 -58.33 51.37 -5.25
CA GLU C 299 -59.18 51.04 -6.39
C GLU C 299 -59.71 49.62 -6.30
N ARG C 300 -58.90 48.68 -5.83
CA ARG C 300 -59.29 47.27 -5.80
C ARG C 300 -59.95 46.92 -4.46
N LEU C 301 -61.08 47.58 -4.20
CA LEU C 301 -61.91 47.27 -3.05
C LEU C 301 -63.10 46.39 -3.41
N GLN C 302 -63.21 45.98 -4.67
CA GLN C 302 -64.37 45.22 -5.14
C GLN C 302 -64.20 43.71 -4.95
N ALA C 303 -62.98 43.19 -5.09
CA ALA C 303 -62.69 41.77 -4.92
C ALA C 303 -61.54 41.62 -3.94
N PRO C 304 -61.80 41.78 -2.64
CA PRO C 304 -60.72 41.69 -1.65
C PRO C 304 -60.07 40.32 -1.66
N PRO C 305 -58.76 40.24 -1.48
CA PRO C 305 -58.10 38.95 -1.37
C PRO C 305 -58.59 38.18 -0.15
N LYS C 306 -58.61 36.86 -0.27
CA LYS C 306 -59.11 36.02 0.82
C LYS C 306 -58.17 36.09 2.01
N PRO C 307 -58.63 36.56 3.17
CA PRO C 307 -57.73 36.65 4.33
C PRO C 307 -57.23 35.31 4.82
N ASP C 308 -58.03 34.25 4.70
CA ASP C 308 -57.65 32.94 5.21
C ASP C 308 -57.00 32.10 4.12
N SER C 309 -55.94 32.66 3.54
CA SER C 309 -55.17 31.98 2.52
C SER C 309 -53.67 32.17 2.65
N GLY C 310 -53.19 32.83 3.70
CA GLY C 310 -51.78 33.11 3.83
C GLY C 310 -51.27 34.20 2.91
N LEU C 311 -52.15 35.06 2.41
CA LEU C 311 -51.77 36.12 1.49
C LEU C 311 -52.12 37.46 2.10
N LEU C 312 -51.26 38.45 1.84
CA LEU C 312 -51.47 39.80 2.35
C LEU C 312 -52.58 40.50 1.57
N ASP C 313 -52.81 41.77 1.92
CA ASP C 313 -53.87 42.54 1.29
C ASP C 313 -53.36 43.94 0.97
N GLY C 314 -53.98 44.57 -0.02
CA GLY C 314 -53.64 45.94 -0.39
C GLY C 314 -52.22 46.11 -0.87
N PHE C 315 -51.76 45.23 -1.77
CA PHE C 315 -50.41 45.27 -2.27
C PHE C 315 -50.42 45.26 -3.79
N MET C 316 -49.27 45.62 -4.37
CA MET C 316 -49.08 45.60 -5.82
C MET C 316 -48.50 44.24 -6.21
N THR C 317 -49.28 43.45 -6.95
CA THR C 317 -48.74 42.23 -7.53
C THR C 317 -47.67 42.58 -8.55
N THR C 318 -46.61 41.76 -8.59
CA THR C 318 -45.47 42.09 -9.43
C THR C 318 -45.86 42.17 -10.91
N ASP C 319 -46.78 41.30 -11.35
CA ASP C 319 -47.20 41.33 -12.74
C ASP C 319 -47.91 42.64 -13.07
N ALA C 320 -48.75 43.12 -12.16
CA ALA C 320 -49.42 44.41 -12.37
C ALA C 320 -48.40 45.54 -12.41
N ALA C 321 -47.38 45.48 -11.55
CA ALA C 321 -46.33 46.48 -11.58
C ALA C 321 -45.58 46.46 -12.91
N LEU C 322 -45.31 45.26 -13.43
CA LEU C 322 -44.64 45.15 -14.72
C LEU C 322 -45.51 45.72 -15.85
N MET C 323 -46.82 45.44 -15.81
CA MET C 323 -47.72 46.04 -16.80
C MET C 323 -47.71 47.55 -16.71
N TYR C 324 -47.76 48.08 -15.49
CA TYR C 324 -47.70 49.52 -15.28
C TYR C 324 -46.44 50.11 -15.89
N ASP C 325 -45.29 49.50 -15.59
CA ASP C 325 -44.03 50.01 -16.11
C ASP C 325 -43.97 49.88 -17.64
N ALA C 326 -44.54 48.79 -18.17
CA ALA C 326 -44.52 48.58 -19.61
C ALA C 326 -45.31 49.65 -20.34
N VAL C 327 -46.54 49.91 -19.90
CA VAL C 327 -47.33 50.94 -20.56
C VAL C 327 -46.70 52.32 -20.35
N HIS C 328 -46.08 52.54 -19.18
CA HIS C 328 -45.45 53.83 -18.95
C HIS C 328 -44.24 54.03 -19.87
N VAL C 329 -43.43 52.99 -20.09
CA VAL C 329 -42.28 53.15 -20.96
C VAL C 329 -42.73 53.26 -22.42
N VAL C 330 -43.81 52.58 -22.79
CA VAL C 330 -44.36 52.77 -24.13
C VAL C 330 -44.81 54.21 -24.32
N SER C 331 -45.47 54.77 -23.30
CA SER C 331 -45.87 56.17 -23.35
C SER C 331 -44.66 57.09 -23.46
N VAL C 332 -43.59 56.79 -22.72
CA VAL C 332 -42.39 57.60 -22.78
C VAL C 332 -41.79 57.55 -24.18
N ALA C 333 -41.75 56.36 -24.79
CA ALA C 333 -41.21 56.24 -26.13
C ALA C 333 -42.06 56.99 -27.15
N VAL C 334 -43.39 56.88 -27.04
CA VAL C 334 -44.24 57.59 -28.00
C VAL C 334 -44.23 59.09 -27.74
N GLN C 335 -43.77 59.53 -26.56
CA GLN C 335 -43.54 60.95 -26.33
C GLN C 335 -42.53 61.51 -27.33
N GLN C 336 -41.47 60.75 -27.59
CA GLN C 336 -40.48 61.13 -28.59
C GLN C 336 -40.89 60.76 -30.00
N PHE C 337 -42.07 60.15 -30.17
CA PHE C 337 -42.57 59.71 -31.47
C PHE C 337 -43.97 60.27 -31.67
N PRO C 338 -44.10 61.59 -31.86
CA PRO C 338 -45.44 62.19 -31.98
C PRO C 338 -46.21 61.72 -33.20
N GLN C 339 -45.53 61.44 -34.31
CA GLN C 339 -46.22 60.95 -35.51
C GLN C 339 -46.61 59.50 -35.29
N MET C 340 -47.85 59.27 -34.87
CA MET C 340 -48.30 57.95 -34.46
C MET C 340 -49.64 57.64 -35.12
N THR C 341 -49.72 57.86 -36.43
CA THR C 341 -50.95 57.58 -37.17
C THR C 341 -51.13 56.07 -37.32
N VAL C 342 -52.21 55.55 -36.74
CA VAL C 342 -52.51 54.12 -36.79
C VAL C 342 -53.17 53.78 -38.11
N SER C 343 -53.26 52.49 -38.43
CA SER C 343 -53.83 52.04 -39.69
C SER C 343 -54.74 50.84 -39.41
N SER C 344 -55.17 50.17 -40.48
CA SER C 344 -56.13 49.09 -40.39
C SER C 344 -55.57 47.79 -40.95
N LEU C 345 -54.36 47.42 -40.51
CA LEU C 345 -53.70 46.23 -41.00
C LEU C 345 -54.57 44.99 -40.77
N GLN C 346 -54.67 44.14 -41.79
CA GLN C 346 -55.55 42.99 -41.76
C GLN C 346 -54.75 41.70 -41.56
N CYS C 347 -55.47 40.62 -41.29
CA CYS C 347 -54.90 39.30 -41.20
C CYS C 347 -55.20 38.43 -42.41
N ASN C 348 -56.29 38.73 -43.14
CA ASN C 348 -56.56 38.01 -44.38
C ASN C 348 -55.42 38.22 -45.38
N ARG C 349 -54.93 39.45 -45.49
CA ARG C 349 -53.70 39.76 -46.19
C ARG C 349 -52.80 40.53 -45.25
N HIS C 350 -51.49 40.30 -45.37
CA HIS C 350 -50.52 40.93 -44.47
C HIS C 350 -49.80 42.07 -45.18
N LYS C 351 -49.40 43.07 -44.39
CA LYS C 351 -48.74 44.25 -44.91
C LYS C 351 -47.85 44.81 -43.80
N PRO C 352 -46.59 45.13 -44.10
CA PRO C 352 -45.72 45.72 -43.08
C PRO C 352 -46.22 47.08 -42.62
N TRP C 353 -45.98 47.37 -41.35
CA TRP C 353 -46.38 48.64 -40.75
C TRP C 353 -45.20 49.60 -40.78
N ARG C 354 -45.41 50.77 -41.36
CA ARG C 354 -44.29 51.66 -41.72
C ARG C 354 -43.60 52.24 -40.49
N PHE C 355 -44.32 52.42 -39.39
CA PHE C 355 -43.76 53.08 -38.22
C PHE C 355 -43.10 52.12 -37.24
N GLY C 356 -43.01 50.84 -37.57
CA GLY C 356 -42.54 49.86 -36.60
C GLY C 356 -41.09 50.04 -36.20
N THR C 357 -40.20 50.27 -37.17
CA THR C 357 -38.77 50.19 -36.92
C THR C 357 -38.31 51.21 -35.89
N ARG C 358 -38.45 52.50 -36.21
CA ARG C 358 -37.91 53.54 -35.33
C ARG C 358 -38.70 53.65 -34.04
N PHE C 359 -40.02 53.43 -34.09
CA PHE C 359 -40.81 53.45 -32.85
C PHE C 359 -40.36 52.34 -31.91
N MET C 360 -40.13 51.13 -32.44
CA MET C 360 -39.65 50.07 -31.57
C MET C 360 -38.21 50.31 -31.11
N SER C 361 -37.40 51.00 -31.92
CA SER C 361 -36.09 51.41 -31.44
C SER C 361 -36.25 52.29 -30.21
N LEU C 362 -37.07 53.34 -30.31
CA LEU C 362 -37.32 54.20 -29.18
C LEU C 362 -37.88 53.42 -27.99
N ILE C 363 -38.64 52.36 -28.25
CA ILE C 363 -39.05 51.44 -27.20
C ILE C 363 -37.83 50.78 -26.56
N LYS C 364 -36.90 50.33 -27.39
CA LYS C 364 -35.77 49.54 -26.92
C LYS C 364 -34.86 50.37 -26.02
N GLU C 365 -34.52 51.58 -26.43
CA GLU C 365 -33.73 52.48 -25.57
C GLU C 365 -34.60 53.49 -24.85
N ALA C 366 -35.81 53.11 -24.44
CA ALA C 366 -36.62 53.92 -23.54
C ALA C 366 -36.18 53.61 -22.11
N HIS C 367 -35.34 54.48 -21.55
CA HIS C 367 -34.78 54.25 -20.21
C HIS C 367 -35.58 55.03 -19.18
N TRP C 368 -36.83 54.62 -19.02
CA TRP C 368 -37.69 55.19 -17.98
C TRP C 368 -37.61 54.35 -16.71
N GLU C 369 -38.03 54.96 -15.60
CA GLU C 369 -37.95 54.32 -14.29
C GLU C 369 -39.29 54.46 -13.58
N GLY C 370 -39.71 53.40 -12.90
CA GLY C 370 -41.01 53.39 -12.24
C GLY C 370 -41.03 52.44 -11.07
N LEU C 371 -42.11 51.66 -10.97
CA LEU C 371 -42.33 50.80 -9.80
C LEU C 371 -41.22 49.76 -9.67
N THR C 372 -40.77 49.21 -10.79
CA THR C 372 -39.73 48.18 -10.78
C THR C 372 -38.32 48.78 -10.79
N GLY C 373 -38.18 50.02 -10.33
CA GLY C 373 -36.87 50.67 -10.31
C GLY C 373 -36.40 51.06 -11.69
N ARG C 374 -35.29 50.48 -12.13
CA ARG C 374 -34.72 50.78 -13.43
C ARG C 374 -35.33 49.89 -14.50
N ILE C 375 -35.68 50.48 -15.63
CA ILE C 375 -36.24 49.75 -16.77
C ILE C 375 -35.40 50.06 -18.00
N THR C 376 -34.85 49.01 -18.62
CA THR C 376 -34.12 49.14 -19.87
C THR C 376 -34.22 47.82 -20.61
N PHE C 377 -34.00 47.87 -21.92
CA PHE C 377 -34.11 46.70 -22.78
C PHE C 377 -32.75 46.36 -23.35
N ASN C 378 -32.34 45.11 -23.17
CA ASN C 378 -31.14 44.59 -23.83
C ASN C 378 -31.40 44.55 -25.33
N LYS C 379 -30.76 45.47 -26.06
CA LYS C 379 -31.04 45.62 -27.49
C LYS C 379 -30.74 44.35 -28.27
N THR C 380 -29.88 43.48 -27.75
CA THR C 380 -29.61 42.21 -28.43
C THR C 380 -30.85 41.33 -28.50
N ASN C 381 -31.62 41.28 -27.43
CA ASN C 381 -32.77 40.38 -27.33
C ASN C 381 -34.08 41.10 -27.10
N GLY C 382 -34.06 42.20 -26.35
CA GLY C 382 -35.26 42.88 -25.92
C GLY C 382 -35.71 42.52 -24.52
N LEU C 383 -35.26 41.39 -23.99
CA LEU C 383 -35.54 41.03 -22.62
C LEU C 383 -34.74 41.91 -21.67
N ARG C 384 -35.40 42.46 -20.66
CA ARG C 384 -34.71 43.30 -19.68
C ARG C 384 -33.76 42.44 -18.86
N THR C 385 -32.46 42.66 -19.03
CA THR C 385 -31.45 41.98 -18.23
C THR C 385 -30.71 42.90 -17.29
N ASP C 386 -30.94 44.21 -17.37
CA ASP C 386 -30.35 45.20 -16.47
C ASP C 386 -31.48 45.83 -15.66
N PHE C 387 -31.54 45.51 -14.38
CA PHE C 387 -32.67 45.92 -13.56
C PHE C 387 -32.28 45.88 -12.09
N ASP C 388 -32.81 46.83 -11.33
CA ASP C 388 -32.61 46.85 -9.90
C ASP C 388 -33.33 45.68 -9.23
N LEU C 389 -32.74 45.19 -8.14
CA LEU C 389 -33.33 44.12 -7.35
C LEU C 389 -33.16 44.42 -5.87
N ASP C 390 -34.24 44.25 -5.11
CA ASP C 390 -34.20 44.44 -3.66
C ASP C 390 -34.00 43.07 -3.01
N VAL C 391 -32.82 42.86 -2.45
CA VAL C 391 -32.53 41.61 -1.75
C VAL C 391 -33.25 41.63 -0.41
N ILE C 392 -34.13 40.67 -0.19
CA ILE C 392 -35.01 40.63 0.98
C ILE C 392 -34.69 39.40 1.79
N SER C 393 -34.50 39.59 3.10
CA SER C 393 -34.28 38.49 4.04
C SER C 393 -35.28 38.61 5.17
N LEU C 394 -35.56 37.47 5.80
CA LEU C 394 -36.55 37.40 6.87
C LEU C 394 -35.88 37.33 8.22
N LYS C 395 -36.29 38.22 9.13
CA LYS C 395 -35.76 38.29 10.49
C LYS C 395 -36.94 38.52 11.42
N GLU C 396 -36.66 38.96 12.65
CA GLU C 396 -37.72 39.29 13.59
C GLU C 396 -38.69 40.31 12.99
N GLU C 397 -38.15 41.36 12.38
CA GLU C 397 -39.00 42.30 11.65
C GLU C 397 -39.37 41.70 10.30
N GLY C 398 -40.39 42.28 9.67
CA GLY C 398 -40.95 41.70 8.47
C GLY C 398 -40.24 42.04 7.18
N LEU C 399 -39.45 41.10 6.66
CA LEU C 399 -38.87 41.15 5.31
C LEU C 399 -38.03 42.41 5.12
N GLU C 400 -36.96 42.48 5.89
CA GLU C 400 -36.01 43.58 5.75
C GLU C 400 -35.22 43.44 4.45
N LYS C 401 -34.79 44.57 3.90
CA LYS C 401 -33.95 44.57 2.71
C LYS C 401 -32.48 44.60 3.15
N ILE C 402 -31.73 43.57 2.76
CA ILE C 402 -30.36 43.41 3.23
C ILE C 402 -29.34 43.80 2.16
N GLY C 403 -29.75 44.56 1.16
CA GLY C 403 -28.84 45.03 0.15
C GLY C 403 -29.52 45.12 -1.20
N THR C 404 -28.70 45.09 -2.25
CA THR C 404 -29.16 45.30 -3.61
C THR C 404 -28.33 44.44 -4.54
N TRP C 405 -28.96 43.94 -5.61
CA TRP C 405 -28.29 43.19 -6.66
C TRP C 405 -28.38 43.97 -7.96
N ASP C 406 -27.25 44.08 -8.65
CA ASP C 406 -27.19 44.76 -9.94
C ASP C 406 -26.41 43.90 -10.92
N PRO C 407 -26.82 43.88 -12.20
CA PRO C 407 -26.07 43.08 -13.18
C PRO C 407 -24.61 43.47 -13.30
N ALA C 408 -24.32 44.77 -13.24
CA ALA C 408 -22.93 45.21 -13.35
C ALA C 408 -22.14 44.91 -12.08
N SER C 409 -22.75 45.15 -10.92
CA SER C 409 -22.07 45.00 -9.64
C SER C 409 -22.29 43.63 -9.00
N GLY C 410 -23.02 42.74 -9.66
CA GLY C 410 -23.30 41.45 -9.05
C GLY C 410 -24.16 41.62 -7.81
N LEU C 411 -23.72 41.03 -6.71
CA LEU C 411 -24.45 41.10 -5.44
C LEU C 411 -23.74 42.10 -4.52
N ASN C 412 -24.47 43.11 -4.07
CA ASN C 412 -23.92 44.15 -3.19
C ASN C 412 -24.46 43.92 -1.77
N MET C 413 -23.78 43.06 -1.03
CA MET C 413 -24.06 42.83 0.39
C MET C 413 -23.06 43.62 1.22
N THR C 414 -23.52 44.73 1.80
CA THR C 414 -22.71 45.55 2.68
C THR C 414 -23.24 45.55 4.11
N GLU C 415 -24.50 45.90 4.31
CA GLU C 415 -25.15 45.90 5.63
C GLU C 415 -24.36 46.72 6.65
N SER C 427 -11.34 45.06 25.29
CA SER C 427 -12.63 44.68 24.72
C SER C 427 -13.78 45.29 25.49
N LEU C 428 -14.59 44.44 26.12
CA LEU C 428 -15.75 44.87 26.89
C LEU C 428 -15.58 44.43 28.34
N SER C 429 -15.74 45.37 29.27
CA SER C 429 -15.65 45.03 30.69
C SER C 429 -16.77 44.09 31.09
N ASN C 430 -17.99 44.36 30.63
CA ASN C 430 -19.15 43.51 30.94
C ASN C 430 -19.36 42.46 29.85
N ARG C 431 -18.35 41.63 29.66
CA ARG C 431 -18.36 40.57 28.66
C ARG C 431 -18.55 39.22 29.36
N SER C 432 -19.53 38.45 28.89
CA SER C 432 -19.80 37.15 29.48
C SER C 432 -18.66 36.19 29.19
N LEU C 433 -18.19 35.49 30.23
CA LEU C 433 -17.12 34.52 30.08
C LEU C 433 -17.76 33.14 29.91
N ILE C 434 -18.09 32.81 28.67
CA ILE C 434 -18.68 31.51 28.34
C ILE C 434 -17.56 30.47 28.31
N VAL C 435 -17.78 29.34 28.97
CA VAL C 435 -16.85 28.23 28.96
C VAL C 435 -17.62 26.95 28.65
N THR C 436 -16.90 25.96 28.15
CA THR C 436 -17.46 24.65 27.86
C THR C 436 -16.63 23.58 28.55
N THR C 437 -17.30 22.60 29.14
CA THR C 437 -16.63 21.55 29.89
C THR C 437 -17.49 20.30 29.88
N ILE C 438 -16.83 19.15 30.03
CA ILE C 438 -17.49 17.85 30.02
C ILE C 438 -17.58 17.33 31.45
N LEU C 439 -18.69 16.64 31.75
CA LEU C 439 -19.02 16.22 33.11
C LEU C 439 -18.28 14.93 33.45
N GLU C 440 -17.11 15.06 34.09
CA GLU C 440 -16.41 13.95 34.71
C GLU C 440 -16.40 14.16 36.21
N GLU C 441 -16.88 13.16 36.96
CA GLU C 441 -16.99 13.29 38.41
C GLU C 441 -15.69 13.71 39.08
N PRO C 442 -14.52 13.14 38.76
CA PRO C 442 -13.28 13.68 39.35
C PRO C 442 -12.96 15.09 38.89
N TYR C 443 -13.51 15.55 37.77
CA TYR C 443 -13.22 16.87 37.23
C TYR C 443 -14.39 17.84 37.34
N VAL C 444 -15.56 17.48 36.83
CA VAL C 444 -16.74 18.33 36.87
C VAL C 444 -17.95 17.47 37.16
N LEU C 445 -18.60 17.71 38.30
CA LEU C 445 -19.82 17.01 38.66
C LEU C 445 -20.86 18.01 39.15
N PHE C 446 -22.11 17.77 38.80
CA PHE C 446 -23.18 18.65 39.25
C PHE C 446 -23.28 18.61 40.77
N LYS C 447 -23.61 19.75 41.37
CA LYS C 447 -23.67 19.86 42.82
C LYS C 447 -24.65 18.83 43.38
N LYS C 448 -24.13 17.92 44.22
CA LYS C 448 -24.93 16.82 44.76
C LYS C 448 -25.84 17.36 45.86
N SER C 449 -26.88 18.07 45.42
CA SER C 449 -27.88 18.65 46.30
C SER C 449 -29.25 18.17 45.86
N ASP C 450 -30.06 17.72 46.83
CA ASP C 450 -31.42 17.29 46.52
C ASP C 450 -32.25 18.44 45.96
N LYS C 451 -32.12 19.62 46.54
CA LYS C 451 -32.74 20.80 45.97
C LYS C 451 -32.01 21.20 44.69
N PRO C 452 -32.73 21.40 43.57
CA PRO C 452 -32.05 21.80 42.33
C PRO C 452 -31.37 23.14 42.48
N LEU C 453 -30.05 23.14 42.38
CA LEU C 453 -29.26 24.36 42.52
C LEU C 453 -29.14 25.05 41.17
N TYR C 454 -29.13 26.37 41.19
CA TYR C 454 -29.08 27.20 40.00
C TYR C 454 -27.81 28.04 39.99
N GLY C 455 -27.64 28.81 38.91
CA GLY C 455 -26.44 29.61 38.76
C GLY C 455 -25.22 28.76 38.48
N ASN C 456 -24.06 29.37 38.64
CA ASN C 456 -22.81 28.64 38.48
C ASN C 456 -22.52 27.71 39.66
N ASP C 457 -23.28 27.82 40.75
CA ASP C 457 -23.03 26.97 41.91
C ASP C 457 -23.43 25.53 41.66
N ARG C 458 -24.35 25.29 40.72
CA ARG C 458 -24.77 23.92 40.45
C ARG C 458 -23.62 23.07 39.91
N PHE C 459 -22.65 23.70 39.25
CA PHE C 459 -21.47 23.00 38.79
C PHE C 459 -20.45 22.86 39.92
N GLU C 460 -19.76 21.73 39.94
CA GLU C 460 -18.78 21.47 40.99
C GLU C 460 -17.74 20.50 40.44
N GLY C 461 -16.56 20.52 41.06
CA GLY C 461 -15.50 19.62 40.69
C GLY C 461 -14.17 20.35 40.63
N TYR C 462 -13.15 19.64 40.15
CA TYR C 462 -11.82 20.23 40.05
C TYR C 462 -11.78 21.38 39.06
N CYS C 463 -12.29 21.15 37.84
CA CYS C 463 -12.28 22.21 36.84
C CYS C 463 -13.18 23.36 37.24
N ILE C 464 -14.33 23.06 37.86
CA ILE C 464 -15.25 24.12 38.27
C ILE C 464 -14.60 25.02 39.31
N ASP C 465 -13.98 24.43 40.33
CA ASP C 465 -13.35 25.23 41.36
C ASP C 465 -12.10 25.92 40.85
N LEU C 466 -11.39 25.32 39.89
CA LEU C 466 -10.26 26.00 39.27
C LEU C 466 -10.73 27.25 38.51
N LEU C 467 -11.84 27.14 37.79
CA LEU C 467 -12.41 28.31 37.13
C LEU C 467 -12.87 29.34 38.15
N ARG C 468 -13.42 28.88 39.27
CA ARG C 468 -13.80 29.80 40.35
C ARG C 468 -12.59 30.55 40.88
N GLU C 469 -11.47 29.85 41.08
CA GLU C 469 -10.26 30.51 41.55
C GLU C 469 -9.72 31.49 40.50
N LEU C 470 -9.81 31.12 39.22
CA LEU C 470 -9.40 32.05 38.16
C LEU C 470 -10.27 33.30 38.17
N SER C 471 -11.57 33.13 38.38
CA SER C 471 -12.47 34.28 38.40
C SER C 471 -12.27 35.14 39.63
N THR C 472 -11.90 34.54 40.76
CA THR C 472 -11.66 35.32 41.97
C THR C 472 -10.23 35.86 42.04
N ILE C 473 -9.35 35.46 41.14
CA ILE C 473 -8.01 36.00 41.05
C ILE C 473 -7.89 37.03 39.93
N LEU C 474 -8.41 36.71 38.75
CA LEU C 474 -8.43 37.63 37.62
C LEU C 474 -9.82 38.22 37.47
N GLY C 475 -9.95 39.12 36.49
CA GLY C 475 -11.25 39.72 36.21
C GLY C 475 -12.05 38.89 35.21
N PHE C 476 -12.96 38.06 35.73
CA PHE C 476 -13.71 37.12 34.91
C PHE C 476 -15.19 37.17 35.28
N THR C 477 -16.04 37.30 34.26
CA THR C 477 -17.48 37.14 34.44
C THR C 477 -17.88 35.70 34.10
N TYR C 478 -17.34 34.78 34.90
CA TYR C 478 -17.39 33.36 34.57
C TYR C 478 -18.82 32.83 34.56
N GLU C 479 -19.10 31.98 33.58
CA GLU C 479 -20.33 31.20 33.54
C GLU C 479 -20.01 29.87 32.87
N ILE C 480 -20.64 28.80 33.36
CA ILE C 480 -20.35 27.46 32.89
C ILE C 480 -21.50 26.97 32.02
N ARG C 481 -21.20 26.66 30.76
CA ARG C 481 -22.17 26.11 29.83
C ARG C 481 -21.74 24.71 29.43
N LEU C 482 -22.64 23.75 29.60
CA LEU C 482 -22.35 22.37 29.25
C LEU C 482 -22.13 22.23 27.74
N VAL C 483 -21.19 21.38 27.37
CA VAL C 483 -20.93 21.12 25.95
C VAL C 483 -22.13 20.42 25.34
N GLU C 484 -22.61 20.96 24.21
CA GLU C 484 -23.76 20.37 23.54
C GLU C 484 -23.39 19.06 22.84
N ASP C 485 -22.17 18.97 22.29
CA ASP C 485 -21.74 17.74 21.64
C ASP C 485 -21.62 16.60 22.64
N GLY C 486 -21.05 16.86 23.82
CA GLY C 486 -20.85 15.83 24.81
C GLY C 486 -19.65 14.94 24.57
N LYS C 487 -18.86 15.19 23.52
CA LYS C 487 -17.70 14.38 23.19
C LYS C 487 -16.52 15.32 22.95
N TYR C 488 -15.33 14.73 22.87
CA TYR C 488 -14.12 15.51 22.63
C TYR C 488 -13.92 15.74 21.13
N GLY C 489 -13.02 16.66 20.81
CA GLY C 489 -12.70 16.97 19.43
C GLY C 489 -12.09 15.80 18.70
N ALA C 490 -12.83 15.23 17.76
CA ALA C 490 -12.39 14.07 16.99
C ALA C 490 -12.05 14.51 15.57
N GLN C 491 -10.86 14.12 15.09
CA GLN C 491 -10.42 14.44 13.74
C GLN C 491 -11.15 13.52 12.77
N ASP C 492 -12.25 14.02 12.20
CA ASP C 492 -13.01 13.24 11.24
C ASP C 492 -12.25 13.13 9.93
N ASP C 493 -12.15 11.91 9.40
CA ASP C 493 -11.50 11.68 8.12
C ASP C 493 -12.35 12.10 6.94
N VAL C 494 -13.63 12.41 7.15
CA VAL C 494 -14.51 12.80 6.06
C VAL C 494 -14.27 14.25 5.67
N ASN C 495 -14.33 15.16 6.64
CA ASN C 495 -14.18 16.58 6.35
C ASN C 495 -13.33 17.32 7.38
N GLY C 496 -12.71 16.61 8.32
CA GLY C 496 -11.99 17.29 9.39
C GLY C 496 -12.89 17.96 10.39
N GLN C 497 -14.15 17.56 10.48
CA GLN C 497 -15.11 18.19 11.38
C GLN C 497 -14.77 17.85 12.83
N TRP C 498 -14.49 18.87 13.63
CA TRP C 498 -14.26 18.68 15.05
C TRP C 498 -15.59 18.59 15.79
N ASN C 499 -15.51 18.54 17.12
CA ASN C 499 -16.72 18.51 17.95
C ASN C 499 -16.33 18.88 19.37
N GLY C 500 -17.33 19.04 20.21
CA GLY C 500 -17.08 19.37 21.60
C GLY C 500 -16.42 20.72 21.74
N MET C 501 -15.35 20.76 22.53
CA MET C 501 -14.70 22.03 22.84
C MET C 501 -14.05 22.65 21.61
N VAL C 502 -13.50 21.83 20.72
CA VAL C 502 -12.76 22.37 19.58
C VAL C 502 -13.70 23.09 18.63
N ARG C 503 -14.68 22.37 18.07
CA ARG C 503 -15.65 23.01 17.20
C ARG C 503 -16.59 23.95 17.95
N GLU C 504 -16.61 23.90 19.28
CA GLU C 504 -17.33 24.88 20.07
C GLU C 504 -16.58 26.20 20.13
N LEU C 505 -15.25 26.16 20.11
CA LEU C 505 -14.44 27.37 20.13
C LEU C 505 -14.14 27.88 18.72
N ILE C 506 -14.31 27.05 17.69
CA ILE C 506 -14.14 27.52 16.32
C ILE C 506 -15.07 28.70 16.05
N ASP C 507 -16.34 28.55 16.41
CA ASP C 507 -17.27 29.67 16.45
C ASP C 507 -17.24 30.25 17.86
N HIS C 508 -16.96 31.54 17.98
CA HIS C 508 -16.61 32.09 19.29
C HIS C 508 -17.83 32.22 20.20
N LYS C 509 -18.50 31.09 20.47
CA LYS C 509 -19.50 31.06 21.53
C LYS C 509 -18.85 31.22 22.90
N ALA C 510 -17.70 30.57 23.09
CA ALA C 510 -16.96 30.62 24.35
C ALA C 510 -15.58 31.23 24.09
N ASP C 511 -15.24 32.26 24.87
CA ASP C 511 -13.94 32.90 24.73
C ASP C 511 -12.83 32.14 25.43
N LEU C 512 -13.16 31.11 26.21
CA LEU C 512 -12.15 30.31 26.90
C LEU C 512 -12.76 28.96 27.22
N ALA C 513 -12.27 27.90 26.56
CA ALA C 513 -12.80 26.55 26.74
C ALA C 513 -11.96 25.85 27.80
N VAL C 514 -12.39 25.97 29.05
CA VAL C 514 -11.71 25.30 30.16
C VAL C 514 -12.37 23.96 30.42
N ALA C 515 -11.58 22.89 30.29
CA ALA C 515 -12.06 21.52 30.45
C ALA C 515 -10.87 20.58 30.56
N PRO C 516 -11.00 19.47 31.29
CA PRO C 516 -9.89 18.50 31.35
C PRO C 516 -9.63 17.86 29.99
N LEU C 517 -8.49 18.18 29.40
CA LEU C 517 -8.16 17.68 28.06
C LEU C 517 -6.66 17.84 27.85
N ALA C 518 -5.98 16.74 27.55
CA ALA C 518 -4.54 16.78 27.33
C ALA C 518 -4.21 17.60 26.09
N ILE C 519 -3.12 18.36 26.18
CA ILE C 519 -2.65 19.13 25.04
C ILE C 519 -2.17 18.18 23.95
N THR C 520 -2.68 18.35 22.74
CA THR C 520 -2.37 17.45 21.64
C THR C 520 -2.05 18.23 20.38
N TYR C 521 -1.30 17.58 19.49
CA TYR C 521 -0.88 18.21 18.24
C TYR C 521 -2.09 18.54 17.36
N VAL C 522 -3.08 17.66 17.31
CA VAL C 522 -4.20 17.84 16.40
C VAL C 522 -5.03 19.07 16.79
N ARG C 523 -5.15 19.34 18.09
CA ARG C 523 -5.95 20.48 18.54
C ARG C 523 -5.14 21.77 18.62
N GLU C 524 -3.83 21.68 18.86
CA GLU C 524 -3.03 22.88 19.08
C GLU C 524 -3.02 23.77 17.85
N LYS C 525 -2.86 23.18 16.66
CA LYS C 525 -2.91 23.98 15.44
C LYS C 525 -4.28 24.60 15.24
N VAL C 526 -5.33 23.85 15.57
CA VAL C 526 -6.70 24.35 15.38
C VAL C 526 -7.00 25.47 16.36
N ILE C 527 -6.88 25.19 17.66
CA ILE C 527 -7.17 26.18 18.70
C ILE C 527 -6.00 26.19 19.69
N ASP C 528 -5.84 27.33 20.36
CA ASP C 528 -4.75 27.50 21.30
C ASP C 528 -5.09 26.85 22.63
N PHE C 529 -4.07 26.27 23.27
CA PHE C 529 -4.19 25.70 24.60
C PHE C 529 -3.28 26.45 25.56
N SER C 530 -3.72 26.59 26.80
CA SER C 530 -2.92 27.24 27.83
C SER C 530 -1.79 26.31 28.27
N LYS C 531 -0.98 26.79 29.21
CA LYS C 531 0.10 25.98 29.73
C LYS C 531 -0.46 24.81 30.52
N PRO C 532 0.28 23.69 30.59
CA PRO C 532 -0.25 22.50 31.27
C PRO C 532 -0.46 22.73 32.76
N PHE C 533 -1.72 22.75 33.17
CA PHE C 533 -2.06 22.85 34.59
C PHE C 533 -2.06 21.51 35.30
N MET C 534 -2.00 20.41 34.55
CA MET C 534 -1.87 19.08 35.15
C MET C 534 -1.12 18.19 34.18
N THR C 535 0.19 18.06 34.37
CA THR C 535 0.97 17.13 33.58
C THR C 535 0.68 15.69 34.01
N LEU C 536 0.55 14.80 33.04
CA LEU C 536 0.15 13.43 33.31
C LEU C 536 0.53 12.55 32.13
N GLY C 537 0.11 11.29 32.21
CA GLY C 537 0.34 10.36 31.12
C GLY C 537 -0.41 9.08 31.39
N ILE C 538 -0.27 8.13 30.47
CA ILE C 538 -0.89 6.82 30.64
C ILE C 538 -0.19 6.07 31.78
N SER C 539 -0.87 5.07 32.33
CA SER C 539 -0.31 4.25 33.37
C SER C 539 -1.00 2.89 33.34
N ILE C 540 -0.45 1.95 34.11
CA ILE C 540 -0.95 0.59 34.16
C ILE C 540 -1.46 0.31 35.57
N LEU C 541 -2.70 -0.15 35.66
CA LEU C 541 -3.36 -0.41 36.93
C LEU C 541 -3.57 -1.91 37.11
N TYR C 542 -3.25 -2.40 38.31
CA TYR C 542 -3.38 -3.82 38.60
C TYR C 542 -3.75 -3.99 40.06
N ARG C 543 -4.43 -5.09 40.36
CA ARG C 543 -4.90 -5.36 41.71
C ARG C 543 -3.72 -5.59 42.65
N LYS C 544 -3.85 -5.09 43.88
CA LYS C 544 -2.80 -5.30 44.86
C LYS C 544 -2.59 -6.79 45.11
N PRO C 545 -1.35 -7.24 45.28
CA PRO C 545 -1.11 -8.65 45.56
C PRO C 545 -1.70 -9.07 46.89
N ASN C 546 -2.73 -9.91 46.84
CA ASN C 546 -3.44 -10.33 48.06
C ASN C 546 -2.79 -11.61 48.58
N GLY C 547 -1.83 -11.45 49.48
CA GLY C 547 -1.17 -12.58 50.08
C GLY C 547 -2.05 -13.33 51.05
N THR C 548 -1.65 -14.55 51.36
CA THR C 548 -2.40 -15.40 52.28
C THR C 548 -1.89 -15.22 53.71
N ASN C 549 -1.86 -13.95 54.12
CA ASN C 549 -1.42 -13.59 55.47
C ASN C 549 -2.54 -13.78 56.50
N PRO C 550 -3.76 -13.28 56.27
CA PRO C 550 -4.82 -13.49 57.25
C PRO C 550 -5.18 -14.96 57.40
N GLY C 551 -5.65 -15.31 58.59
CA GLY C 551 -6.03 -16.68 58.88
C GLY C 551 -5.14 -17.31 59.93
N VAL C 552 -5.68 -17.49 61.14
CA VAL C 552 -4.91 -18.05 62.25
C VAL C 552 -4.54 -19.50 62.03
N PHE C 553 -5.14 -20.17 61.07
CA PHE C 553 -4.81 -21.55 60.75
C PHE C 553 -3.69 -21.67 59.72
N SER C 554 -3.12 -20.54 59.28
CA SER C 554 -2.07 -20.59 58.26
C SER C 554 -0.82 -21.30 58.77
N PHE C 555 -0.59 -21.32 60.09
CA PHE C 555 0.56 -22.01 60.63
C PHE C 555 0.46 -23.51 60.47
N LEU C 556 -0.74 -24.03 60.22
CA LEU C 556 -0.94 -25.46 60.01
C LEU C 556 -0.81 -25.86 58.55
N ASN C 557 -0.45 -24.93 57.68
CA ASN C 557 -0.22 -25.25 56.28
C ASN C 557 0.77 -26.38 56.05
N PRO C 558 1.90 -26.49 56.78
CA PRO C 558 2.83 -27.60 56.52
C PRO C 558 2.21 -28.98 56.69
N LEU C 559 1.19 -29.12 57.53
CA LEU C 559 0.60 -30.42 57.83
C LEU C 559 -0.84 -30.48 57.30
N SER C 560 -1.18 -31.61 56.70
CA SER C 560 -2.56 -31.85 56.30
C SER C 560 -3.40 -32.19 57.54
N PRO C 561 -4.73 -32.03 57.44
CA PRO C 561 -5.58 -32.45 58.57
C PRO C 561 -5.37 -33.91 58.96
N ASP C 562 -5.17 -34.78 57.97
CA ASP C 562 -4.85 -36.17 58.28
C ASP C 562 -3.49 -36.29 58.97
N ILE C 563 -2.53 -35.44 58.58
CA ILE C 563 -1.24 -35.42 59.26
C ILE C 563 -1.43 -34.95 60.70
N TRP C 564 -2.32 -33.98 60.93
CA TRP C 564 -2.61 -33.56 62.29
C TRP C 564 -3.24 -34.68 63.10
N MET C 565 -4.14 -35.45 62.48
CA MET C 565 -4.74 -36.59 63.16
C MET C 565 -3.69 -37.63 63.51
N TYR C 566 -2.76 -37.88 62.58
CA TYR C 566 -1.68 -38.83 62.86
C TYR C 566 -0.80 -38.35 64.01
N ILE C 567 -0.48 -37.06 64.03
CA ILE C 567 0.32 -36.51 65.12
C ILE C 567 -0.41 -36.64 66.45
N LEU C 568 -1.72 -36.34 66.45
CA LEU C 568 -2.51 -36.46 67.67
C LEU C 568 -2.56 -37.90 68.17
N LEU C 569 -2.76 -38.85 67.26
CA LEU C 569 -2.82 -40.26 67.69
C LEU C 569 -1.46 -40.73 68.18
N ALA C 570 -0.38 -40.25 67.57
CA ALA C 570 0.96 -40.58 68.07
C ALA C 570 1.17 -40.02 69.47
N TYR C 571 0.75 -38.78 69.71
CA TYR C 571 0.88 -38.19 71.03
C TYR C 571 0.09 -38.97 72.06
N LEU C 572 -1.16 -39.33 71.73
CA LEU C 572 -1.98 -40.09 72.66
C LEU C 572 -1.40 -41.48 72.92
N GLY C 573 -0.86 -42.11 71.88
CA GLY C 573 -0.23 -43.41 72.08
C GLY C 573 1.00 -43.32 72.96
N VAL C 574 1.82 -42.29 72.78
CA VAL C 574 2.98 -42.10 73.64
C VAL C 574 2.55 -41.89 75.08
N SER C 575 1.53 -41.05 75.30
CA SER C 575 1.03 -40.82 76.65
C SER C 575 0.49 -42.11 77.27
N CYS C 576 -0.27 -42.88 76.49
CA CYS C 576 -0.85 -44.11 77.01
C CYS C 576 0.22 -45.14 77.35
N VAL C 577 1.23 -45.28 76.50
CA VAL C 577 2.29 -46.24 76.79
C VAL C 577 3.13 -45.78 77.98
N LEU C 578 3.33 -44.47 78.14
CA LEU C 578 4.01 -43.98 79.33
C LEU C 578 3.21 -44.29 80.59
N PHE C 579 1.90 -44.09 80.53
CA PHE C 579 1.05 -44.42 81.68
C PHE C 579 1.08 -45.90 81.99
N VAL C 580 1.06 -46.74 80.95
CA VAL C 580 1.11 -48.19 81.15
C VAL C 580 2.43 -48.59 81.79
N ILE C 581 3.54 -48.00 81.32
CA ILE C 581 4.85 -48.30 81.91
C ILE C 581 4.89 -47.86 83.37
N ALA C 582 4.33 -46.69 83.67
CA ALA C 582 4.32 -46.20 85.05
C ALA C 582 3.50 -47.10 85.96
N ARG C 583 2.32 -47.54 85.48
CA ARG C 583 1.46 -48.37 86.31
C ARG C 583 1.96 -49.81 86.42
N PHE C 584 2.71 -50.28 85.43
CA PHE C 584 3.22 -51.65 85.44
C PHE C 584 4.67 -51.69 85.93
N ALA C 630 14.52 -49.11 83.59
CA ALA C 630 14.71 -47.73 83.17
C ALA C 630 15.27 -47.67 81.76
N LEU C 631 15.89 -48.76 81.31
CA LEU C 631 16.44 -48.80 79.96
C LEU C 631 15.33 -48.70 78.91
N SER C 632 14.22 -49.39 79.13
CA SER C 632 13.09 -49.30 78.21
C SER C 632 12.54 -47.88 78.17
N THR C 633 12.42 -47.25 79.35
CA THR C 633 11.97 -45.86 79.39
C THR C 633 12.97 -44.95 78.68
N ARG C 634 14.27 -45.23 78.83
CA ARG C 634 15.28 -44.44 78.12
C ARG C 634 15.12 -44.56 76.61
N ILE C 635 14.91 -45.77 76.11
CA ILE C 635 14.73 -45.97 74.68
C ILE C 635 13.47 -45.29 74.19
N VAL C 636 12.38 -45.38 74.97
CA VAL C 636 11.13 -44.73 74.59
C VAL C 636 11.32 -43.21 74.53
N GLY C 637 11.99 -42.65 75.53
CA GLY C 637 12.25 -41.21 75.52
C GLY C 637 13.11 -40.79 74.34
N GLY C 638 14.14 -41.58 74.03
CA GLY C 638 14.98 -41.26 72.89
C GLY C 638 14.24 -41.29 71.57
N ILE C 639 13.45 -42.34 71.36
CA ILE C 639 12.71 -42.46 70.10
C ILE C 639 11.65 -41.38 69.99
N TRP C 640 11.01 -41.01 71.11
CA TRP C 640 10.05 -39.91 71.07
C TRP C 640 10.73 -38.59 70.79
N TRP C 641 11.90 -38.36 71.37
CA TRP C 641 12.67 -37.15 71.08
C TRP C 641 13.02 -37.07 69.60
N PHE C 642 13.47 -38.18 69.03
CA PHE C 642 13.78 -38.19 67.60
C PHE C 642 12.53 -37.96 66.76
N PHE C 643 11.40 -38.58 67.14
CA PHE C 643 10.14 -38.32 66.47
C PHE C 643 9.84 -36.83 66.42
N THR C 644 9.96 -36.16 67.58
CA THR C 644 9.75 -34.72 67.63
C THR C 644 10.75 -34.00 66.72
N LEU C 645 11.99 -34.46 66.69
CA LEU C 645 13.02 -33.81 65.87
C LEU C 645 12.64 -33.83 64.40
N ILE C 646 12.31 -35.01 63.87
CA ILE C 646 11.96 -35.09 62.44
C ILE C 646 10.65 -34.34 62.15
N ILE C 647 9.66 -34.45 63.03
CA ILE C 647 8.39 -33.78 62.70
C ILE C 647 8.57 -32.26 62.69
N ILE C 648 9.30 -31.72 63.68
CA ILE C 648 9.53 -30.28 63.68
C ILE C 648 10.43 -29.88 62.51
N SER C 649 11.35 -30.75 62.10
CA SER C 649 12.19 -30.46 60.96
C SER C 649 11.36 -30.31 59.69
N SER C 650 10.42 -31.25 59.48
CA SER C 650 9.55 -31.17 58.32
C SER C 650 8.66 -29.92 58.38
N TYR C 651 8.13 -29.62 59.57
CA TYR C 651 7.30 -28.43 59.74
C TYR C 651 8.07 -27.17 59.38
N THR C 652 9.27 -27.02 59.96
CA THR C 652 10.11 -25.86 59.69
C THR C 652 10.44 -25.77 58.21
N ALA C 653 10.82 -26.88 57.59
CA ALA C 653 11.21 -26.88 56.19
C ALA C 653 10.06 -26.42 55.31
N ASN C 654 8.89 -27.03 55.48
CA ASN C 654 7.77 -26.71 54.60
C ASN C 654 7.32 -25.26 54.77
N LEU C 655 7.19 -24.79 56.02
CA LEU C 655 6.73 -23.41 56.14
C LEU C 655 7.82 -22.40 55.81
N ALA C 656 9.09 -22.77 55.92
CA ALA C 656 10.16 -21.91 55.42
C ALA C 656 10.08 -21.78 53.92
N ALA C 657 9.83 -22.89 53.21
CA ALA C 657 9.62 -22.80 51.78
C ALA C 657 8.40 -21.94 51.45
N PHE C 658 7.32 -22.10 52.23
CA PHE C 658 6.13 -21.29 52.00
C PHE C 658 6.41 -19.81 52.18
N LEU C 659 7.18 -19.45 53.22
CA LEU C 659 7.52 -18.05 53.47
C LEU C 659 8.59 -17.53 52.51
N THR C 660 9.33 -18.41 51.85
CA THR C 660 10.41 -17.95 50.98
C THR C 660 9.98 -17.80 49.53
N VAL C 661 9.14 -18.70 49.02
CA VAL C 661 8.86 -18.76 47.58
C VAL C 661 8.28 -17.44 47.09
N GLU C 662 7.33 -16.86 47.84
CA GLU C 662 6.69 -15.63 47.39
C GLU C 662 7.64 -14.44 47.42
N ARG C 663 8.69 -14.50 48.24
CA ARG C 663 9.58 -13.35 48.34
C ARG C 663 10.40 -13.13 47.08
N MET C 664 10.82 -14.21 46.42
CA MET C 664 11.58 -14.05 45.17
C MET C 664 10.74 -13.38 44.10
N GLU C 665 9.48 -13.76 43.97
CA GLU C 665 8.62 -13.20 42.94
C GLU C 665 8.09 -11.85 43.39
N SER C 666 8.00 -10.92 42.45
CA SER C 666 7.51 -9.58 42.72
C SER C 666 6.55 -9.16 41.62
N PRO C 667 5.54 -8.36 41.95
CA PRO C 667 4.61 -7.91 40.91
C PRO C 667 5.31 -7.03 39.88
N ILE C 668 4.82 -7.11 38.65
CA ILE C 668 5.38 -6.28 37.58
C ILE C 668 5.08 -4.82 37.87
N ASP C 669 6.07 -3.96 37.59
CA ASP C 669 5.96 -2.54 37.90
C ASP C 669 6.27 -1.66 36.70
N SER C 670 6.26 -2.21 35.49
CA SER C 670 6.58 -1.43 34.31
C SER C 670 5.91 -2.06 33.09
N ALA C 671 5.79 -1.26 32.03
CA ALA C 671 5.11 -1.70 30.82
C ALA C 671 5.86 -2.85 30.14
N ASP C 672 7.19 -2.80 30.13
CA ASP C 672 7.97 -3.84 29.47
C ASP C 672 7.75 -5.19 30.14
N ASP C 673 7.74 -5.21 31.47
CA ASP C 673 7.48 -6.47 32.19
C ASP C 673 6.09 -6.99 31.90
N LEU C 674 5.10 -6.10 31.82
CA LEU C 674 3.74 -6.52 31.50
C LEU C 674 3.65 -7.10 30.10
N ALA C 675 4.34 -6.47 29.14
CA ALA C 675 4.25 -6.92 27.75
C ALA C 675 5.01 -8.22 27.52
N LYS C 676 6.18 -8.37 28.16
CA LYS C 676 6.96 -9.59 27.97
C LYS C 676 6.21 -10.82 28.46
N GLN C 677 5.57 -10.71 29.63
CA GLN C 677 4.72 -11.78 30.11
C GLN C 677 3.36 -11.73 29.43
N THR C 678 2.64 -12.85 29.52
CA THR C 678 1.29 -12.92 28.96
C THR C 678 0.29 -13.60 29.87
N LYS C 679 0.70 -14.08 31.04
CA LYS C 679 -0.25 -14.76 31.94
C LYS C 679 -1.34 -13.81 32.41
N ILE C 680 -0.96 -12.58 32.75
CA ILE C 680 -1.92 -11.56 33.19
C ILE C 680 -2.40 -10.77 31.98
N GLU C 681 -3.71 -10.72 31.79
CA GLU C 681 -4.29 -10.00 30.67
C GLU C 681 -4.24 -8.50 30.94
N TYR C 682 -3.78 -7.74 29.96
CA TYR C 682 -3.70 -6.28 30.04
C TYR C 682 -4.59 -5.68 28.97
N GLY C 683 -5.50 -4.80 29.39
CA GLY C 683 -6.45 -4.21 28.47
C GLY C 683 -6.65 -2.73 28.76
N ALA C 684 -7.17 -2.04 27.75
CA ALA C 684 -7.43 -0.61 27.85
C ALA C 684 -8.80 -0.27 27.31
N VAL C 685 -9.12 1.02 27.21
CA VAL C 685 -10.41 1.44 26.65
C VAL C 685 -10.33 1.46 25.13
N GLU C 686 -11.49 1.31 24.49
CA GLU C 686 -11.56 1.14 23.06
C GLU C 686 -11.36 2.42 22.26
N ASP C 687 -11.36 3.58 22.91
CA ASP C 687 -11.32 4.85 22.18
C ASP C 687 -10.30 5.85 22.71
N GLY C 688 -9.85 5.74 23.95
CA GLY C 688 -8.99 6.75 24.53
C GLY C 688 -7.59 6.74 23.95
N ALA C 689 -6.84 7.79 24.31
CA ALA C 689 -5.46 7.92 23.85
C ALA C 689 -4.57 6.80 24.38
N THR C 690 -5.03 6.07 25.41
CA THR C 690 -4.25 4.98 25.98
C THR C 690 -3.94 3.90 24.96
N MET C 691 -4.71 3.81 23.88
CA MET C 691 -4.38 2.91 22.77
C MET C 691 -3.88 3.64 21.55
N THR C 692 -4.26 4.90 21.36
CA THR C 692 -3.75 5.67 20.23
C THR C 692 -2.25 5.90 20.35
N PHE C 693 -1.74 6.08 21.57
CA PHE C 693 -0.29 6.23 21.75
C PHE C 693 0.43 4.99 21.22
N PHE C 694 0.00 3.81 21.64
CA PHE C 694 0.60 2.57 21.14
C PHE C 694 0.33 2.37 19.66
N LYS C 695 -0.73 2.99 19.11
CA LYS C 695 -1.04 2.81 17.70
C LYS C 695 0.09 3.29 16.81
N LYS C 696 0.69 4.44 17.14
CA LYS C 696 1.80 4.99 16.38
C LYS C 696 3.12 4.95 17.14
N SER C 697 3.16 4.28 18.29
CA SER C 697 4.38 4.23 19.08
C SER C 697 5.45 3.42 18.38
N LYS C 698 6.66 3.98 18.30
CA LYS C 698 7.81 3.28 17.75
C LYS C 698 8.67 2.61 18.82
N ILE C 699 8.27 2.73 20.09
CA ILE C 699 9.00 2.08 21.16
C ILE C 699 8.87 0.57 21.01
N SER C 700 9.99 -0.14 21.16
CA SER C 700 10.01 -1.59 20.92
C SER C 700 8.98 -2.31 21.77
N THR C 701 9.02 -2.08 23.09
CA THR C 701 8.06 -2.75 23.97
C THR C 701 6.65 -2.20 23.80
N TYR C 702 6.51 -0.90 23.54
CA TYR C 702 5.19 -0.31 23.34
C TYR C 702 4.55 -0.84 22.06
N ASP C 703 5.31 -0.85 20.96
CA ASP C 703 4.78 -1.40 19.72
C ASP C 703 4.55 -2.90 19.83
N LYS C 704 5.37 -3.59 20.63
CA LYS C 704 5.15 -5.01 20.87
C LYS C 704 3.82 -5.25 21.58
N MET C 705 3.54 -4.44 22.60
CA MET C 705 2.25 -4.54 23.30
C MET C 705 1.10 -4.21 22.35
N TRP C 706 1.29 -3.21 21.49
CA TRP C 706 0.25 -2.88 20.52
C TRP C 706 0.01 -4.03 19.56
N ALA C 707 1.07 -4.69 19.10
CA ALA C 707 0.93 -5.82 18.19
C ALA C 707 0.22 -6.98 18.88
N PHE C 708 0.57 -7.25 20.14
CA PHE C 708 -0.12 -8.30 20.89
C PHE C 708 -1.61 -7.97 21.04
N MET C 709 -1.92 -6.72 21.37
CA MET C 709 -3.32 -6.35 21.56
C MET C 709 -4.09 -6.40 20.25
N SER C 710 -3.44 -6.04 19.15
CA SER C 710 -4.07 -6.20 17.84
C SER C 710 -4.34 -7.68 17.54
N SER C 711 -3.38 -8.54 17.88
CA SER C 711 -3.57 -9.98 17.71
C SER C 711 -4.65 -10.52 18.65
N ARG C 712 -4.98 -9.81 19.71
CA ARG C 712 -6.03 -10.20 20.65
C ARG C 712 -7.01 -9.04 20.86
N ARG C 713 -7.46 -8.45 19.75
CA ARG C 713 -8.35 -7.30 19.82
C ARG C 713 -9.69 -7.69 20.43
N GLN C 714 -10.32 -6.71 21.10
CA GLN C 714 -11.62 -6.79 21.75
C GLN C 714 -11.73 -7.99 22.69
N SER C 715 -10.59 -8.60 23.06
CA SER C 715 -10.62 -9.69 24.02
C SER C 715 -10.83 -9.17 25.43
N VAL C 716 -10.16 -8.08 25.79
CA VAL C 716 -10.30 -7.47 27.11
C VAL C 716 -10.50 -5.96 26.94
N LEU C 717 -10.82 -5.52 25.73
CA LEU C 717 -11.02 -4.10 25.47
C LEU C 717 -12.32 -3.62 26.07
N VAL C 718 -12.26 -3.07 27.28
CA VAL C 718 -13.46 -2.61 27.95
C VAL C 718 -13.98 -1.34 27.28
N LYS C 719 -15.28 -1.10 27.39
CA LYS C 719 -15.88 0.09 26.82
C LYS C 719 -15.58 1.34 27.65
N SER C 720 -15.39 1.18 28.95
CA SER C 720 -15.09 2.30 29.84
C SER C 720 -14.50 1.74 31.13
N ASN C 721 -14.00 2.65 31.97
CA ASN C 721 -13.46 2.26 33.26
C ASN C 721 -14.55 1.74 34.18
N GLU C 722 -15.79 2.20 34.00
CA GLU C 722 -16.91 1.79 34.84
C GLU C 722 -17.25 0.31 34.68
N GLU C 723 -16.72 -0.35 33.66
CA GLU C 723 -16.71 -1.80 33.58
C GLU C 723 -15.32 -2.40 33.68
N GLY C 724 -14.28 -1.63 33.34
CA GLY C 724 -12.93 -2.13 33.45
C GLY C 724 -12.50 -2.40 34.88
N ILE C 725 -12.99 -1.60 35.83
CA ILE C 725 -12.63 -1.83 37.23
C ILE C 725 -13.21 -3.16 37.72
N GLN C 726 -14.45 -3.47 37.34
CA GLN C 726 -15.02 -4.77 37.70
C GLN C 726 -14.32 -5.90 36.96
N ARG C 727 -13.92 -5.66 35.71
CA ARG C 727 -13.15 -6.68 34.99
C ARG C 727 -11.82 -6.96 35.67
N VAL C 728 -11.18 -5.91 36.20
CA VAL C 728 -9.96 -6.09 36.98
C VAL C 728 -10.25 -6.88 38.25
N LEU C 729 -11.29 -6.49 38.98
CA LEU C 729 -11.58 -7.08 40.28
C LEU C 729 -12.15 -8.48 40.18
N THR C 730 -12.56 -8.93 38.99
CA THR C 730 -13.16 -10.24 38.84
C THR C 730 -12.18 -11.31 38.37
N SER C 731 -11.04 -10.93 37.83
CA SER C 731 -10.08 -11.90 37.31
C SER C 731 -8.67 -11.34 37.46
N ASP C 732 -7.72 -11.97 36.78
CA ASP C 732 -6.33 -11.51 36.77
C ASP C 732 -6.12 -10.54 35.61
N TYR C 733 -6.86 -9.44 35.65
CA TYR C 733 -6.92 -8.46 34.58
C TYR C 733 -6.19 -7.19 34.98
N ALA C 734 -5.32 -6.70 34.11
CA ALA C 734 -4.57 -5.47 34.33
C ALA C 734 -5.10 -4.37 33.43
N PHE C 735 -5.24 -3.18 33.98
CA PHE C 735 -5.82 -2.05 33.26
C PHE C 735 -4.73 -1.13 32.72
N LEU C 736 -5.12 -0.32 31.73
CA LEU C 736 -4.21 0.59 31.05
C LEU C 736 -4.95 1.89 30.76
N MET C 737 -4.72 2.92 31.59
CA MET C 737 -5.44 4.18 31.49
C MET C 737 -4.49 5.31 31.82
N GLU C 738 -4.96 6.54 31.63
CA GLU C 738 -4.20 7.71 32.03
C GLU C 738 -4.01 7.72 33.54
N SER C 739 -2.90 8.32 33.98
CA SER C 739 -2.51 8.23 35.38
C SER C 739 -3.57 8.82 36.30
N THR C 740 -3.91 10.10 36.11
CA THR C 740 -4.68 10.83 37.11
C THR C 740 -5.94 10.08 37.50
N THR C 741 -6.65 9.56 36.50
CA THR C 741 -7.80 8.70 36.78
C THR C 741 -7.38 7.46 37.57
N ILE C 742 -6.19 6.92 37.30
CA ILE C 742 -5.77 5.69 37.97
C ILE C 742 -5.56 5.95 39.47
N GLU C 743 -4.81 6.99 39.83
CA GLU C 743 -4.67 7.22 41.28
C GLU C 743 -5.97 7.72 41.88
N PHE C 744 -6.82 8.39 41.10
CA PHE C 744 -8.13 8.76 41.61
C PHE C 744 -8.93 7.53 42.02
N VAL C 745 -8.92 6.50 41.17
CA VAL C 745 -9.62 5.26 41.47
C VAL C 745 -8.98 4.56 42.67
N THR C 746 -7.65 4.52 42.72
CA THR C 746 -6.99 3.85 43.83
C THR C 746 -7.32 4.52 45.16
N GLN C 747 -7.37 5.85 45.18
CA GLN C 747 -7.80 6.54 46.39
C GLN C 747 -9.26 6.25 46.69
N ARG C 748 -10.11 6.24 45.66
CA ARG C 748 -11.52 5.93 45.89
C ARG C 748 -11.73 4.47 46.24
N ASN C 749 -11.12 3.56 45.49
CA ASN C 749 -11.31 2.13 45.65
C ASN C 749 -9.99 1.48 46.03
N CYS C 750 -10.02 0.66 47.08
CA CYS C 750 -8.82 -0.01 47.57
C CYS C 750 -8.52 -1.21 46.67
N ASN C 751 -7.55 -2.04 47.10
CA ASN C 751 -7.15 -3.25 46.40
C ASN C 751 -6.55 -2.96 45.02
N LEU C 752 -6.38 -1.68 44.68
CA LEU C 752 -5.80 -1.27 43.42
C LEU C 752 -4.65 -0.29 43.66
N THR C 753 -3.56 -0.49 42.95
CA THR C 753 -2.42 0.42 42.96
C THR C 753 -1.86 0.54 41.56
N GLN C 754 -1.39 1.73 41.21
CA GLN C 754 -0.74 1.95 39.93
C GLN C 754 0.64 1.30 39.97
N ILE C 755 0.71 0.07 39.45
CA ILE C 755 1.95 -0.69 39.52
C ILE C 755 3.06 -0.01 38.71
N GLY C 756 2.72 0.53 37.54
CA GLY C 756 3.68 1.27 36.77
C GLY C 756 3.87 2.68 37.30
N GLY C 757 4.95 3.32 36.83
CA GLY C 757 5.22 4.70 37.21
C GLY C 757 4.55 5.69 36.29
N LEU C 758 4.89 5.63 35.00
CA LEU C 758 4.30 6.50 34.00
C LEU C 758 4.51 5.86 32.63
N ILE C 759 3.68 6.27 31.67
CA ILE C 759 3.76 5.71 30.33
C ILE C 759 3.91 6.84 29.31
N ASP C 760 3.01 7.81 29.35
CA ASP C 760 2.96 8.88 28.37
C ASP C 760 3.32 10.21 29.03
N SER C 761 3.62 11.19 28.18
CA SER C 761 3.94 12.56 28.63
C SER C 761 2.96 13.51 27.94
N LYS C 762 1.79 13.71 28.55
CA LYS C 762 0.75 14.56 27.98
C LYS C 762 0.01 15.24 29.11
N GLY C 763 0.11 16.57 29.20
CA GLY C 763 -0.59 17.30 30.23
C GLY C 763 -1.86 17.97 29.74
N TYR C 764 -2.79 18.19 30.66
CA TYR C 764 -4.05 18.83 30.31
C TYR C 764 -3.84 20.30 29.92
N GLY C 765 -4.84 20.86 29.28
CA GLY C 765 -4.87 22.25 28.87
C GLY C 765 -6.30 22.67 28.64
N VAL C 766 -6.47 23.97 28.41
CA VAL C 766 -7.79 24.57 28.22
C VAL C 766 -7.82 25.25 26.85
N GLY C 767 -8.96 25.12 26.18
CA GLY C 767 -9.10 25.72 24.87
C GLY C 767 -9.04 27.24 24.94
N THR C 768 -8.47 27.84 23.90
CA THR C 768 -8.30 29.28 23.82
C THR C 768 -8.28 29.68 22.36
N PRO C 769 -8.91 30.79 21.99
CA PRO C 769 -8.80 31.28 20.61
C PRO C 769 -7.36 31.56 20.23
N MET C 770 -7.09 31.47 18.92
CA MET C 770 -5.71 31.58 18.43
C MET C 770 -5.07 32.90 18.81
N GLY C 771 -5.86 33.96 18.94
CA GLY C 771 -5.32 35.26 19.30
C GLY C 771 -6.03 35.91 20.47
N SER C 772 -6.48 35.09 21.42
CA SER C 772 -7.20 35.61 22.59
C SER C 772 -6.22 36.13 23.62
N PRO C 773 -6.40 37.36 24.12
CA PRO C 773 -5.52 37.85 25.19
C PRO C 773 -5.65 37.07 26.48
N TYR C 774 -6.74 36.32 26.66
CA TYR C 774 -6.90 35.50 27.86
C TYR C 774 -5.86 34.39 27.96
N ARG C 775 -5.20 34.03 26.85
CA ARG C 775 -4.21 32.95 26.90
C ARG C 775 -3.07 33.31 27.85
N ASP C 776 -2.46 34.48 27.66
CA ASP C 776 -1.32 34.86 28.48
C ASP C 776 -1.74 35.14 29.93
N LYS C 777 -2.93 35.71 30.11
CA LYS C 777 -3.43 35.97 31.45
C LYS C 777 -3.66 34.66 32.21
N ILE C 778 -4.27 33.68 31.56
CA ILE C 778 -4.46 32.38 32.19
C ILE C 778 -3.12 31.70 32.45
N THR C 779 -2.16 31.88 31.53
CA THR C 779 -0.82 31.34 31.76
C THR C 779 -0.21 31.93 33.03
N ILE C 780 -0.27 33.25 33.17
CA ILE C 780 0.27 33.90 34.36
C ILE C 780 -0.44 33.40 35.61
N ALA C 781 -1.76 33.29 35.55
CA ALA C 781 -2.53 32.84 36.70
C ALA C 781 -2.16 31.42 37.10
N ILE C 782 -2.00 30.51 36.13
CA ILE C 782 -1.72 29.12 36.47
C ILE C 782 -0.28 28.95 36.95
N LEU C 783 0.67 29.71 36.39
CA LEU C 783 2.02 29.71 36.97
C LEU C 783 2.01 30.26 38.40
N GLN C 784 1.19 31.29 38.66
CA GLN C 784 1.07 31.76 40.04
C GLN C 784 0.50 30.68 40.94
N LEU C 785 -0.51 29.95 40.46
CA LEU C 785 -1.10 28.86 41.24
C LEU C 785 -0.07 27.77 41.51
N GLN C 786 0.76 27.45 40.52
CA GLN C 786 1.81 26.46 40.72
C GLN C 786 2.82 26.95 41.75
N GLU C 787 3.24 28.21 41.65
CA GLU C 787 4.26 28.73 42.56
C GLU C 787 3.75 28.79 43.99
N GLU C 788 2.50 29.25 44.19
CA GLU C 788 1.98 29.38 45.54
C GLU C 788 1.78 28.03 46.20
N GLY C 789 1.55 26.97 45.42
CA GLY C 789 1.41 25.64 45.95
C GLY C 789 -0.01 25.19 46.22
N LYS C 790 -1.00 26.04 46.03
CA LYS C 790 -2.39 25.62 46.23
C LYS C 790 -2.87 24.62 45.18
N LEU C 791 -2.11 24.42 44.10
CA LEU C 791 -2.50 23.39 43.13
C LEU C 791 -2.35 21.99 43.72
N HIS C 792 -1.41 21.81 44.64
CA HIS C 792 -1.26 20.50 45.28
C HIS C 792 -2.50 20.15 46.11
N MET C 793 -2.94 21.07 46.96
CA MET C 793 -4.16 20.83 47.73
C MET C 793 -5.38 20.80 46.82
N MET C 794 -5.33 21.53 45.70
CA MET C 794 -6.41 21.46 44.72
C MET C 794 -6.55 20.05 44.16
N LYS C 795 -5.41 19.44 43.81
CA LYS C 795 -5.41 18.04 43.40
C LYS C 795 -5.89 17.13 44.53
N GLU C 796 -5.42 17.38 45.75
CA GLU C 796 -5.73 16.49 46.86
C GLU C 796 -7.21 16.48 47.18
N LYS C 797 -7.86 17.65 47.13
CA LYS C 797 -9.26 17.74 47.56
C LYS C 797 -10.16 16.86 46.71
N TRP C 798 -9.95 16.87 45.40
CA TRP C 798 -10.77 16.07 44.49
C TRP C 798 -10.18 14.70 44.19
N TRP C 799 -8.95 14.42 44.63
CA TRP C 799 -8.32 13.14 44.38
C TRP C 799 -8.03 12.37 45.67
N ARG C 800 -7.38 12.99 46.64
CA ARG C 800 -7.03 12.32 47.89
C ARG C 800 -7.92 12.72 49.06
N GLY C 801 -8.50 13.93 49.02
CA GLY C 801 -9.32 14.38 50.14
C GLY C 801 -10.53 13.51 50.38
N ASN C 802 -11.22 13.11 49.31
CA ASN C 802 -12.37 12.23 49.44
C ASN C 802 -11.97 10.80 49.82
N GLY C 803 -10.69 10.46 49.71
CA GLY C 803 -10.22 9.14 50.07
C GLY C 803 -9.67 9.08 51.48
N CYS C 804 -10.05 10.04 52.32
CA CYS C 804 -9.52 10.09 53.69
C CYS C 804 -9.82 8.83 54.48
N PRO C 805 -11.03 8.25 54.49
CA PRO C 805 -11.21 6.95 55.16
C PRO C 805 -10.90 5.77 54.25
N GLU C 806 -10.87 5.99 52.94
CA GLU C 806 -10.68 4.91 51.99
C GLU C 806 -9.24 4.40 51.94
N GLU C 807 -8.30 5.09 52.57
CA GLU C 807 -6.90 4.69 52.49
C GLU C 807 -6.69 3.35 53.20
N GLU C 808 -5.68 2.61 52.73
CA GLU C 808 -5.31 1.34 53.32
C GLU C 808 -4.03 1.50 54.13
N SER C 809 -3.87 0.65 55.15
CA SER C 809 -2.77 0.81 56.10
C SER C 809 -1.41 0.74 55.43
N LYS C 810 -1.30 -0.01 54.32
CA LYS C 810 -0.07 -0.21 53.56
C LYS C 810 1.15 -0.36 54.47
N GLU C 811 1.07 -1.35 55.34
CA GLU C 811 2.13 -1.60 56.31
C GLU C 811 3.44 -1.93 55.60
N ALA C 812 4.53 -1.30 56.06
CA ALA C 812 5.85 -1.51 55.49
C ALA C 812 6.57 -2.71 56.08
N SER C 813 5.95 -3.42 57.03
CA SER C 813 6.57 -4.60 57.64
C SER C 813 6.81 -5.68 56.60
N ALA C 814 8.08 -5.97 56.32
CA ALA C 814 8.41 -6.99 55.33
C ALA C 814 7.95 -8.36 55.78
N LEU C 815 8.08 -8.67 57.07
CA LEU C 815 7.68 -9.98 57.58
C LEU C 815 6.18 -10.20 57.40
N GLY C 816 5.37 -9.26 57.88
CA GLY C 816 3.92 -9.41 57.80
C GLY C 816 3.42 -10.63 58.53
N VAL C 817 4.02 -10.98 59.65
CA VAL C 817 3.68 -12.19 60.39
C VAL C 817 2.68 -11.89 61.51
N GLN C 818 2.01 -10.75 61.45
CA GLN C 818 1.04 -10.40 62.49
C GLN C 818 -0.16 -11.32 62.41
N ASN C 819 -0.51 -11.93 63.55
CA ASN C 819 -1.70 -12.78 63.73
C ASN C 819 -1.80 -13.88 62.66
N ILE C 820 -0.69 -14.21 62.00
CA ILE C 820 -0.71 -15.34 61.07
C ILE C 820 -0.98 -16.64 61.80
N GLY C 821 -0.32 -16.84 62.93
CA GLY C 821 -0.58 -18.00 63.75
C GLY C 821 -1.22 -17.65 65.07
N GLY C 822 -2.51 -17.94 65.21
CA GLY C 822 -3.21 -17.68 66.45
C GLY C 822 -3.09 -18.83 67.42
N ILE C 823 -1.88 -19.36 67.59
CA ILE C 823 -1.66 -20.49 68.48
C ILE C 823 -1.91 -20.08 69.93
N PHE C 824 -1.71 -18.81 70.26
CA PHE C 824 -1.92 -18.34 71.62
C PHE C 824 -3.35 -18.58 72.09
N ILE C 825 -4.32 -18.52 71.17
CA ILE C 825 -5.70 -18.83 71.54
C ILE C 825 -5.81 -20.29 71.99
N VAL C 826 -5.18 -21.19 71.24
CA VAL C 826 -5.22 -22.61 71.59
C VAL C 826 -4.50 -22.86 72.92
N LEU C 827 -3.38 -22.17 73.14
CA LEU C 827 -2.66 -22.31 74.40
C LEU C 827 -3.49 -21.81 75.58
N ALA C 828 -4.18 -20.68 75.41
CA ALA C 828 -5.04 -20.17 76.47
C ALA C 828 -6.19 -21.12 76.75
N ALA C 829 -6.77 -21.69 75.70
CA ALA C 829 -7.85 -22.67 75.88
C ALA C 829 -7.35 -23.89 76.64
N GLY C 830 -6.17 -24.40 76.27
CA GLY C 830 -5.60 -25.53 76.99
C GLY C 830 -5.30 -25.19 78.44
N LEU C 831 -4.80 -23.97 78.69
CA LEU C 831 -4.49 -23.55 80.05
C LEU C 831 -5.76 -23.48 80.91
N VAL C 832 -6.85 -22.95 80.34
CA VAL C 832 -8.07 -22.83 81.12
C VAL C 832 -8.83 -24.15 81.21
N LEU C 833 -8.56 -25.11 80.32
CA LEU C 833 -9.21 -26.41 80.39
C LEU C 833 -8.42 -27.44 81.19
N SER C 834 -7.13 -27.21 81.43
CA SER C 834 -6.33 -28.14 82.21
C SER C 834 -6.51 -27.95 83.71
N VAL C 835 -7.19 -26.89 84.15
CA VAL C 835 -7.39 -26.66 85.57
C VAL C 835 -8.25 -27.76 86.17
N PHE C 836 -9.33 -28.12 85.49
CA PHE C 836 -10.28 -29.14 85.97
C PHE C 836 -10.80 -28.81 87.37
N THR D 33 -65.18 6.25 -55.53
CA THR D 33 -64.01 6.49 -54.70
C THR D 33 -63.98 7.93 -54.20
N HIS D 34 -64.16 8.10 -52.90
CA HIS D 34 -64.13 9.43 -52.30
C HIS D 34 -62.72 10.02 -52.38
N VAL D 35 -62.66 11.33 -52.59
CA VAL D 35 -61.39 12.06 -52.65
C VAL D 35 -61.17 12.76 -51.32
N LEU D 36 -60.01 12.52 -50.72
CA LEU D 36 -59.67 13.10 -49.42
C LEU D 36 -58.34 13.84 -49.54
N ARG D 37 -58.24 14.98 -48.86
CA ARG D 37 -57.05 15.82 -48.90
C ARG D 37 -56.54 16.05 -47.48
N PHE D 38 -55.22 15.97 -47.33
CA PHE D 38 -54.55 16.13 -46.05
C PHE D 38 -53.74 17.42 -46.05
N GLY D 39 -53.94 18.25 -45.04
CA GLY D 39 -53.23 19.51 -44.96
C GLY D 39 -51.92 19.41 -44.18
N GLY D 40 -50.81 19.31 -44.90
CA GLY D 40 -49.50 19.22 -44.28
C GLY D 40 -48.78 20.56 -44.35
N ILE D 41 -48.00 20.85 -43.32
CA ILE D 41 -47.17 22.06 -43.25
C ILE D 41 -45.74 21.63 -43.04
N PHE D 42 -44.80 22.28 -43.73
CA PHE D 42 -43.42 21.87 -43.68
C PHE D 42 -42.50 23.08 -43.83
N GLU D 43 -41.25 22.89 -43.43
CA GLU D 43 -40.24 23.94 -43.55
C GLU D 43 -39.96 24.25 -45.02
N TYR D 44 -39.86 25.54 -45.33
CA TYR D 44 -39.56 25.98 -46.69
C TYR D 44 -38.06 25.93 -46.94
N VAL D 45 -37.63 25.03 -47.80
CA VAL D 45 -36.24 24.96 -48.24
C VAL D 45 -36.01 26.06 -49.28
N GLU D 46 -34.99 26.88 -49.04
CA GLU D 46 -34.70 27.98 -49.97
C GLU D 46 -34.14 27.44 -51.28
N SER D 47 -33.36 26.37 -51.23
CA SER D 47 -32.80 25.74 -52.41
C SER D 47 -32.58 24.27 -52.10
N GLY D 48 -31.99 23.55 -53.06
CA GLY D 48 -31.69 22.15 -52.89
C GLY D 48 -32.93 21.29 -52.84
N PRO D 49 -32.84 20.13 -52.20
CA PRO D 49 -33.98 19.22 -52.15
C PRO D 49 -35.10 19.77 -51.29
N MET D 50 -36.33 19.44 -51.68
CA MET D 50 -37.50 19.79 -50.89
C MET D 50 -37.59 18.88 -49.67
N GLY D 51 -38.26 19.38 -48.63
CA GLY D 51 -37.99 18.92 -47.27
C GLY D 51 -38.14 17.41 -47.11
N ALA D 52 -37.32 16.87 -46.20
CA ALA D 52 -37.33 15.42 -45.95
C ALA D 52 -38.65 14.98 -45.34
N GLU D 53 -39.19 15.76 -44.40
CA GLU D 53 -40.47 15.39 -43.78
C GLU D 53 -41.58 15.32 -44.81
N GLU D 54 -41.65 16.31 -45.69
CA GLU D 54 -42.67 16.29 -46.73
C GLU D 54 -42.38 15.25 -47.80
N LEU D 55 -41.10 14.92 -48.03
CA LEU D 55 -40.77 13.72 -48.81
C LEU D 55 -41.43 12.49 -48.22
N ALA D 56 -41.27 12.28 -46.91
CA ALA D 56 -41.87 11.13 -46.26
C ALA D 56 -43.40 11.19 -46.35
N PHE D 57 -43.96 12.38 -46.18
CA PHE D 57 -45.42 12.53 -46.27
C PHE D 57 -45.92 12.12 -47.65
N ARG D 58 -45.32 12.68 -48.70
CA ARG D 58 -45.77 12.37 -50.06
C ARG D 58 -45.55 10.90 -50.39
N PHE D 59 -44.41 10.33 -49.97
CA PHE D 59 -44.15 8.92 -50.23
C PHE D 59 -45.17 8.03 -49.52
N ALA D 60 -45.50 8.36 -48.26
CA ALA D 60 -46.50 7.58 -47.54
C ALA D 60 -47.86 7.69 -48.18
N VAL D 61 -48.24 8.89 -48.63
CA VAL D 61 -49.52 9.05 -49.30
C VAL D 61 -49.57 8.24 -50.58
N ASN D 62 -48.47 8.26 -51.35
CA ASN D 62 -48.41 7.49 -52.58
C ASN D 62 -48.53 6.00 -52.30
N THR D 63 -47.85 5.51 -51.26
CA THR D 63 -47.93 4.08 -50.93
C THR D 63 -49.33 3.70 -50.48
N ILE D 64 -49.97 4.55 -49.66
CA ILE D 64 -51.33 4.25 -49.22
C ILE D 64 -52.28 4.23 -50.41
N ASN D 65 -52.10 5.15 -51.36
CA ASN D 65 -52.91 5.13 -52.57
C ASN D 65 -52.65 3.85 -53.36
N ARG D 66 -51.39 3.43 -53.43
CA ARG D 66 -51.05 2.18 -54.12
C ARG D 66 -51.70 0.98 -53.45
N ASN D 67 -51.51 0.85 -52.14
CA ASN D 67 -52.03 -0.29 -51.39
C ASN D 67 -53.55 -0.17 -51.31
N ARG D 68 -54.25 -0.99 -52.10
CA ARG D 68 -55.71 -0.98 -52.13
C ARG D 68 -56.32 -1.88 -51.07
N THR D 69 -55.51 -2.54 -50.25
CA THR D 69 -56.05 -3.32 -49.14
C THR D 69 -56.76 -2.42 -48.14
N LEU D 70 -56.19 -1.25 -47.87
CA LEU D 70 -56.77 -0.27 -46.97
C LEU D 70 -57.46 0.83 -47.77
N LEU D 71 -58.60 1.29 -47.27
CA LEU D 71 -59.36 2.40 -47.85
C LEU D 71 -59.79 2.07 -49.27
N PRO D 72 -60.68 1.09 -49.46
CA PRO D 72 -60.99 0.63 -50.83
C PRO D 72 -61.65 1.69 -51.70
N ASN D 73 -62.81 2.20 -51.29
CA ASN D 73 -63.56 3.16 -52.11
C ASN D 73 -63.26 4.60 -51.70
N THR D 74 -61.98 4.92 -51.54
CA THR D 74 -61.53 6.26 -51.19
C THR D 74 -60.11 6.46 -51.71
N THR D 75 -59.71 7.72 -51.82
CA THR D 75 -58.34 8.07 -52.14
C THR D 75 -57.92 9.24 -51.27
N LEU D 76 -56.62 9.35 -51.02
CA LEU D 76 -56.06 10.38 -50.16
C LEU D 76 -55.07 11.22 -50.94
N THR D 77 -55.13 12.54 -50.74
CA THR D 77 -54.26 13.47 -51.42
C THR D 77 -53.62 14.41 -50.40
N TYR D 78 -52.53 15.04 -50.79
CA TYR D 78 -51.79 15.94 -49.94
C TYR D 78 -51.88 17.37 -50.46
N ASP D 79 -51.88 18.33 -49.54
CA ASP D 79 -51.87 19.77 -49.86
C ASP D 79 -50.73 20.39 -49.07
N THR D 80 -49.52 20.35 -49.63
CA THR D 80 -48.34 20.82 -48.92
C THR D 80 -48.26 22.33 -48.97
N GLN D 81 -47.96 22.94 -47.82
CA GLN D 81 -47.68 24.37 -47.72
C GLN D 81 -46.40 24.54 -46.94
N LYS D 82 -45.52 25.41 -47.44
CA LYS D 82 -44.20 25.63 -46.86
C LYS D 82 -44.18 26.93 -46.10
N ILE D 83 -43.60 26.90 -44.89
CA ILE D 83 -43.46 28.07 -44.04
C ILE D 83 -42.01 28.16 -43.58
N ASN D 84 -41.69 29.27 -42.90
CA ASN D 84 -40.38 29.42 -42.31
C ASN D 84 -40.21 28.55 -41.07
N LEU D 85 -41.27 27.88 -40.62
CA LEU D 85 -41.27 26.89 -39.55
C LEU D 85 -41.13 27.61 -38.20
N TYR D 86 -40.92 28.92 -38.24
CA TYR D 86 -40.79 29.73 -37.03
C TYR D 86 -41.84 30.82 -36.91
N ASP D 87 -42.15 31.52 -38.00
CA ASP D 87 -43.18 32.55 -37.96
C ASP D 87 -44.55 31.90 -37.83
N SER D 88 -45.10 31.92 -36.63
CA SER D 88 -46.37 31.25 -36.36
C SER D 88 -47.55 31.87 -37.10
N PHE D 89 -47.47 33.16 -37.47
CA PHE D 89 -48.56 33.77 -38.21
C PHE D 89 -48.73 33.13 -39.58
N GLU D 90 -47.62 32.85 -40.26
CA GLU D 90 -47.71 32.19 -41.56
C GLU D 90 -48.30 30.79 -41.42
N ALA D 91 -47.90 30.07 -40.37
CA ALA D 91 -48.49 28.76 -40.12
C ALA D 91 -49.98 28.86 -39.87
N SER D 92 -50.41 29.85 -39.09
CA SER D 92 -51.83 30.04 -38.84
C SER D 92 -52.59 30.35 -40.11
N LYS D 93 -52.02 31.22 -40.95
CA LYS D 93 -52.65 31.55 -42.23
C LYS D 93 -52.78 30.32 -43.11
N LYS D 94 -51.72 29.51 -43.19
CA LYS D 94 -51.78 28.30 -43.99
C LYS D 94 -52.81 27.32 -43.45
N ALA D 95 -52.88 27.18 -42.13
CA ALA D 95 -53.85 26.27 -41.54
C ALA D 95 -55.28 26.73 -41.83
N CYS D 96 -55.56 28.02 -41.67
CA CYS D 96 -56.90 28.52 -41.96
C CYS D 96 -57.22 28.38 -43.45
N ASP D 97 -56.23 28.58 -44.33
CA ASP D 97 -56.46 28.40 -45.75
C ASP D 97 -56.80 26.95 -46.07
N GLN D 98 -56.07 26.00 -45.47
CA GLN D 98 -56.37 24.60 -45.69
C GLN D 98 -57.76 24.25 -45.16
N LEU D 99 -58.12 24.78 -43.99
CA LEU D 99 -59.46 24.56 -43.47
C LEU D 99 -60.52 25.14 -44.39
N SER D 100 -60.24 26.30 -45.01
CA SER D 100 -61.15 26.86 -46.00
C SER D 100 -61.25 25.99 -47.25
N LEU D 101 -60.33 25.04 -47.42
CA LEU D 101 -60.41 24.03 -48.45
C LEU D 101 -60.92 22.73 -47.84
N GLY D 102 -60.97 21.68 -48.66
CA GLY D 102 -61.47 20.41 -48.19
C GLY D 102 -60.41 19.56 -47.52
N VAL D 103 -60.41 19.53 -46.19
CA VAL D 103 -59.45 18.73 -45.44
C VAL D 103 -60.20 18.01 -44.32
N ALA D 104 -59.58 16.93 -43.83
CA ALA D 104 -60.11 16.20 -42.68
C ALA D 104 -59.03 15.83 -41.67
N ALA D 105 -57.79 16.26 -41.88
CA ALA D 105 -56.71 16.01 -40.95
C ALA D 105 -55.58 16.99 -41.24
N ILE D 106 -54.75 17.24 -40.24
CA ILE D 106 -53.65 18.19 -40.35
C ILE D 106 -52.41 17.59 -39.73
N PHE D 107 -51.28 17.77 -40.39
CA PHE D 107 -49.97 17.38 -39.87
C PHE D 107 -49.17 18.65 -39.64
N GLY D 108 -49.05 19.04 -38.37
CA GLY D 108 -48.46 20.30 -38.01
C GLY D 108 -46.95 20.34 -38.21
N PRO D 109 -46.38 21.53 -38.11
CA PRO D 109 -44.93 21.69 -38.27
C PRO D 109 -44.16 21.07 -37.11
N SER D 110 -42.88 20.83 -37.37
CA SER D 110 -41.96 20.29 -36.36
C SER D 110 -41.29 21.46 -35.64
N HIS D 111 -42.00 22.00 -34.65
CA HIS D 111 -41.53 23.14 -33.86
C HIS D 111 -42.49 23.36 -32.72
N SER D 112 -41.98 23.97 -31.64
CA SER D 112 -42.81 24.22 -30.47
C SER D 112 -43.96 25.19 -30.77
N SER D 113 -43.61 26.44 -31.10
CA SER D 113 -44.62 27.50 -31.17
C SER D 113 -45.58 27.28 -32.34
N SER D 114 -45.04 26.95 -33.51
CA SER D 114 -45.89 26.79 -34.68
C SER D 114 -46.88 25.64 -34.49
N ALA D 115 -46.38 24.50 -33.99
CA ALA D 115 -47.28 23.38 -33.74
C ALA D 115 -48.30 23.72 -32.67
N ASN D 116 -47.89 24.48 -31.64
CA ASN D 116 -48.84 24.87 -30.60
C ASN D 116 -49.97 25.70 -31.20
N ALA D 117 -49.63 26.68 -32.02
CA ALA D 117 -50.65 27.53 -32.64
C ALA D 117 -51.57 26.72 -33.56
N VAL D 118 -50.98 25.85 -34.39
CA VAL D 118 -51.80 25.07 -35.31
C VAL D 118 -52.68 24.10 -34.54
N GLN D 119 -52.18 23.55 -33.43
CA GLN D 119 -52.99 22.68 -32.59
C GLN D 119 -54.18 23.42 -32.00
N SER D 120 -53.94 24.64 -31.52
CA SER D 120 -55.06 25.44 -31.01
C SER D 120 -56.08 25.71 -32.09
N ILE D 121 -55.61 26.06 -33.29
CA ILE D 121 -56.52 26.34 -34.41
C ILE D 121 -57.34 25.10 -34.73
N CYS D 122 -56.68 23.95 -34.81
CA CYS D 122 -57.37 22.70 -35.16
C CYS D 122 -58.38 22.33 -34.09
N ASN D 123 -58.03 22.51 -32.81
CA ASN D 123 -58.99 22.26 -31.75
C ASN D 123 -60.21 23.17 -31.91
N ALA D 124 -59.98 24.45 -32.20
CA ALA D 124 -61.10 25.36 -32.40
C ALA D 124 -61.99 24.92 -33.56
N LEU D 125 -61.37 24.50 -34.66
CA LEU D 125 -62.13 24.04 -35.82
C LEU D 125 -62.52 22.57 -35.73
N GLY D 126 -61.92 21.80 -34.83
CA GLY D 126 -62.30 20.43 -34.60
C GLY D 126 -61.50 19.41 -35.39
N VAL D 127 -60.85 19.82 -36.48
CA VAL D 127 -60.07 18.87 -37.28
C VAL D 127 -58.86 18.41 -36.47
N PRO D 128 -58.45 17.15 -36.58
CA PRO D 128 -57.24 16.70 -35.88
C PRO D 128 -56.00 17.39 -36.41
N HIS D 129 -55.02 17.54 -35.53
CA HIS D 129 -53.70 18.08 -35.87
C HIS D 129 -52.69 17.01 -35.44
N ILE D 130 -52.29 16.17 -36.38
CA ILE D 130 -51.55 14.94 -36.06
C ILE D 130 -50.08 15.32 -36.11
N GLN D 131 -49.58 15.87 -35.00
CA GLN D 131 -48.20 16.31 -34.95
C GLN D 131 -47.26 15.11 -34.92
N THR D 132 -46.05 15.32 -35.45
CA THR D 132 -45.06 14.25 -35.55
C THR D 132 -43.71 14.68 -34.99
N ARG D 133 -43.71 15.54 -33.96
CA ARG D 133 -42.47 15.97 -33.34
C ARG D 133 -42.75 16.36 -31.91
N TRP D 134 -41.81 16.06 -31.02
CA TRP D 134 -41.97 16.39 -29.62
C TRP D 134 -42.09 17.90 -29.42
N LYS D 135 -43.10 18.30 -28.67
CA LYS D 135 -43.29 19.68 -28.26
C LYS D 135 -43.71 19.69 -26.80
N HIS D 136 -43.45 20.79 -26.12
CA HIS D 136 -43.81 20.90 -24.70
C HIS D 136 -45.21 21.48 -24.60
N GLN D 137 -46.19 20.61 -24.37
CA GLN D 137 -47.53 21.06 -24.06
C GLN D 137 -47.51 21.72 -22.68
N VAL D 138 -48.13 22.90 -22.56
CA VAL D 138 -48.25 23.51 -21.25
C VAL D 138 -49.12 22.63 -20.38
N SER D 139 -48.69 22.44 -19.13
CA SER D 139 -49.31 21.44 -18.26
C SER D 139 -50.79 21.69 -18.03
N ASP D 140 -51.25 22.93 -18.20
CA ASP D 140 -52.65 23.27 -17.98
C ASP D 140 -53.45 23.33 -19.26
N ASN D 141 -52.89 22.89 -20.37
CA ASN D 141 -53.59 22.93 -21.65
C ASN D 141 -54.77 21.96 -21.64
N LYS D 142 -55.89 22.40 -22.23
CA LYS D 142 -57.13 21.64 -22.24
C LYS D 142 -57.55 21.26 -23.66
N ASP D 143 -56.59 21.10 -24.57
CA ASP D 143 -56.92 20.76 -25.94
C ASP D 143 -56.97 19.25 -26.12
N SER D 144 -57.84 18.82 -27.04
CA SER D 144 -58.10 17.40 -27.26
C SER D 144 -57.75 16.94 -28.67
N PHE D 145 -58.23 17.63 -29.70
CA PHE D 145 -58.10 17.14 -31.07
C PHE D 145 -56.66 17.29 -31.56
N TYR D 146 -55.84 16.31 -31.18
CA TYR D 146 -54.45 16.21 -31.59
C TYR D 146 -53.88 14.93 -30.99
N VAL D 147 -52.75 14.48 -31.55
CA VAL D 147 -52.00 13.38 -30.98
C VAL D 147 -50.56 13.51 -31.47
N SER D 148 -49.62 13.06 -30.66
CA SER D 148 -48.20 13.13 -30.99
C SER D 148 -47.64 11.71 -31.06
N LEU D 149 -46.83 11.44 -32.07
CA LEU D 149 -46.25 10.12 -32.24
C LEU D 149 -44.83 10.02 -31.72
N TYR D 150 -44.12 11.12 -31.60
CA TYR D 150 -42.77 11.07 -31.06
C TYR D 150 -42.84 10.54 -29.63
N PRO D 151 -42.02 9.56 -29.27
CA PRO D 151 -42.06 9.03 -27.90
C PRO D 151 -41.93 10.12 -26.86
N ASP D 152 -42.98 10.33 -26.07
CA ASP D 152 -42.96 11.38 -25.06
C ASP D 152 -41.78 11.16 -24.12
N PHE D 153 -41.10 12.25 -23.79
CA PHE D 153 -39.91 12.13 -22.98
C PHE D 153 -40.27 12.01 -21.50
N SER D 154 -41.18 11.08 -21.21
CA SER D 154 -41.46 10.61 -19.86
C SER D 154 -41.19 9.12 -19.76
N SER D 155 -41.68 8.34 -20.72
CA SER D 155 -41.28 6.94 -20.82
C SER D 155 -39.87 6.80 -21.36
N LEU D 156 -39.49 7.66 -22.33
CA LEU D 156 -38.14 7.59 -22.88
C LEU D 156 -37.12 8.14 -21.89
N SER D 157 -37.47 9.20 -21.17
CA SER D 157 -36.58 9.72 -20.13
C SER D 157 -36.39 8.69 -19.02
N ARG D 158 -37.47 8.07 -18.57
CA ARG D 158 -37.30 7.00 -17.59
C ARG D 158 -36.65 5.77 -18.20
N ALA D 159 -36.70 5.61 -19.52
CA ALA D 159 -35.89 4.57 -20.16
C ALA D 159 -34.41 4.89 -20.05
N ILE D 160 -34.04 6.17 -20.21
CA ILE D 160 -32.66 6.58 -19.98
C ILE D 160 -32.28 6.33 -18.52
N LEU D 161 -33.22 6.57 -17.61
CA LEU D 161 -32.99 6.25 -16.20
C LEU D 161 -32.76 4.76 -16.00
N ASP D 162 -33.56 3.92 -16.68
CA ASP D 162 -33.38 2.48 -16.60
C ASP D 162 -32.00 2.09 -17.10
N LEU D 163 -31.55 2.70 -18.19
CA LEU D 163 -30.19 2.46 -18.67
C LEU D 163 -29.16 2.87 -17.62
N VAL D 164 -29.39 4.01 -16.97
CA VAL D 164 -28.44 4.50 -15.97
C VAL D 164 -28.32 3.50 -14.83
N GLN D 165 -29.46 3.00 -14.35
CA GLN D 165 -29.43 2.06 -13.23
C GLN D 165 -28.85 0.72 -13.65
N PHE D 166 -29.22 0.23 -14.84
CA PHE D 166 -28.68 -1.03 -15.34
C PHE D 166 -27.17 -0.92 -15.54
N PHE D 167 -26.71 0.19 -16.10
CA PHE D 167 -25.28 0.41 -16.20
C PHE D 167 -24.65 0.69 -14.84
N LYS D 168 -25.46 1.00 -13.82
CA LYS D 168 -25.00 1.24 -12.46
C LYS D 168 -23.96 2.35 -12.40
N TRP D 169 -24.31 3.51 -12.96
CA TRP D 169 -23.41 4.65 -12.90
C TRP D 169 -23.44 5.30 -11.53
N LYS D 170 -22.43 6.15 -11.29
CA LYS D 170 -22.34 6.91 -10.05
C LYS D 170 -22.10 8.38 -10.37
N THR D 171 -21.46 8.67 -11.50
CA THR D 171 -21.08 10.04 -11.89
C THR D 171 -21.64 10.31 -13.29
N VAL D 172 -22.86 10.80 -13.34
CA VAL D 172 -23.54 11.11 -14.60
C VAL D 172 -23.36 12.59 -14.90
N THR D 173 -23.09 12.91 -16.16
CA THR D 173 -22.87 14.29 -16.60
C THR D 173 -23.77 14.55 -17.81
N VAL D 174 -25.00 14.98 -17.55
CA VAL D 174 -25.94 15.24 -18.63
C VAL D 174 -25.44 16.40 -19.46
N VAL D 175 -25.73 16.36 -20.76
CA VAL D 175 -25.40 17.41 -21.69
C VAL D 175 -26.57 17.58 -22.64
N TYR D 176 -27.00 18.82 -22.87
CA TYR D 176 -28.14 19.05 -23.75
C TYR D 176 -27.82 20.09 -24.81
N ASP D 177 -28.83 20.51 -25.57
CA ASP D 177 -28.66 21.43 -26.68
C ASP D 177 -29.13 22.85 -26.40
N ASP D 178 -30.37 23.03 -25.95
CA ASP D 178 -30.87 24.36 -25.67
C ASP D 178 -31.84 24.29 -24.49
N SER D 179 -32.55 25.39 -24.27
CA SER D 179 -33.39 25.51 -23.08
C SER D 179 -34.46 24.43 -23.03
N THR D 180 -35.06 24.11 -24.17
CA THR D 180 -36.17 23.18 -24.20
C THR D 180 -35.73 21.73 -24.12
N GLY D 181 -34.51 21.46 -23.67
CA GLY D 181 -34.05 20.11 -23.45
C GLY D 181 -34.15 19.72 -21.98
N LEU D 182 -33.83 20.65 -21.09
CA LEU D 182 -33.96 20.38 -19.67
C LEU D 182 -35.42 20.14 -19.29
N ILE D 183 -36.33 20.95 -19.84
CA ILE D 183 -37.75 20.77 -19.60
C ILE D 183 -38.25 19.45 -20.16
N ARG D 184 -37.45 18.78 -20.98
CA ARG D 184 -37.85 17.57 -21.65
C ARG D 184 -37.36 16.31 -20.94
N LEU D 185 -36.15 16.34 -20.39
CA LEU D 185 -35.63 15.23 -19.59
C LEU D 185 -35.87 15.45 -18.10
N GLN D 186 -37.11 15.75 -17.70
CA GLN D 186 -37.37 16.08 -16.30
C GLN D 186 -37.12 14.89 -15.39
N GLU D 187 -37.52 13.69 -15.82
CA GLU D 187 -37.35 12.50 -14.99
C GLU D 187 -35.88 12.24 -14.70
N LEU D 188 -35.02 12.37 -15.72
CA LEU D 188 -33.58 12.22 -15.48
C LEU D 188 -33.06 13.27 -14.52
N ILE D 189 -33.65 14.46 -14.52
CA ILE D 189 -33.21 15.50 -13.60
C ILE D 189 -33.61 15.16 -12.17
N LYS D 190 -34.82 14.63 -12.00
CA LYS D 190 -35.32 14.32 -10.66
C LYS D 190 -34.83 12.97 -10.15
N ALA D 191 -34.17 12.17 -10.99
CA ALA D 191 -33.68 10.87 -10.55
C ALA D 191 -32.76 10.90 -9.33
N PRO D 192 -31.79 11.82 -9.20
CA PRO D 192 -30.86 11.73 -8.06
C PRO D 192 -31.53 11.81 -6.71
N SER D 193 -32.73 12.35 -6.61
CA SER D 193 -33.42 12.40 -5.33
C SER D 193 -33.71 10.99 -4.81
N ARG D 194 -34.15 10.09 -5.69
CA ARG D 194 -34.55 8.75 -5.29
C ARG D 194 -33.42 7.72 -5.37
N TYR D 195 -32.26 8.09 -5.87
CA TYR D 195 -31.17 7.13 -6.08
C TYR D 195 -29.85 7.85 -5.84
N ASN D 196 -28.75 7.24 -6.28
CA ASN D 196 -27.40 7.78 -6.10
C ASN D 196 -26.88 8.22 -7.46
N LEU D 197 -27.00 9.53 -7.74
CA LEU D 197 -26.52 10.10 -9.00
C LEU D 197 -25.78 11.40 -8.70
N ARG D 198 -24.89 11.77 -9.62
CA ARG D 198 -24.01 12.92 -9.48
C ARG D 198 -24.12 13.84 -10.69
N LEU D 199 -25.36 14.20 -11.04
CA LEU D 199 -25.61 15.05 -12.20
C LEU D 199 -24.86 16.37 -12.08
N LYS D 200 -23.92 16.59 -13.01
CA LYS D 200 -23.25 17.88 -13.18
C LYS D 200 -23.58 18.35 -14.59
N ILE D 201 -24.73 19.01 -14.72
CA ILE D 201 -25.26 19.34 -16.05
C ILE D 201 -24.40 20.42 -16.69
N ARG D 202 -24.12 20.25 -17.98
CA ARG D 202 -23.47 21.25 -18.80
C ARG D 202 -24.35 21.53 -20.01
N GLN D 203 -23.86 22.35 -20.92
CA GLN D 203 -24.65 22.72 -22.10
C GLN D 203 -23.73 23.01 -23.28
N LEU D 204 -24.03 22.40 -24.41
CA LEU D 204 -23.31 22.71 -25.64
C LEU D 204 -23.57 24.16 -26.01
N PRO D 205 -22.53 24.97 -26.22
CA PRO D 205 -22.74 26.39 -26.51
C PRO D 205 -23.60 26.59 -27.75
N ALA D 206 -24.48 27.59 -27.68
CA ALA D 206 -25.33 27.94 -28.79
C ALA D 206 -24.55 28.77 -29.81
N ASP D 207 -25.23 29.15 -30.89
CA ASP D 207 -24.68 29.98 -31.96
C ASP D 207 -23.55 29.28 -32.72
N THR D 208 -23.20 28.06 -32.33
CA THR D 208 -22.12 27.31 -32.95
C THR D 208 -22.24 25.85 -32.49
N LYS D 209 -21.25 25.04 -32.83
CA LYS D 209 -21.20 23.65 -32.41
C LYS D 209 -19.86 23.25 -31.83
N ASP D 210 -18.91 24.17 -31.75
CA ASP D 210 -17.57 23.86 -31.25
C ASP D 210 -17.61 23.73 -29.74
N ALA D 211 -17.78 22.50 -29.26
CA ALA D 211 -17.82 22.21 -27.83
C ALA D 211 -16.43 22.01 -27.24
N LYS D 212 -15.40 22.54 -27.90
CA LYS D 212 -14.02 22.29 -27.47
C LYS D 212 -13.77 22.71 -26.02
N PRO D 213 -14.13 23.91 -25.56
CA PRO D 213 -13.91 24.23 -24.14
C PRO D 213 -14.67 23.32 -23.21
N LEU D 214 -15.89 22.91 -23.59
CA LEU D 214 -16.66 22.02 -22.74
C LEU D 214 -15.96 20.68 -22.56
N LEU D 215 -15.45 20.12 -23.65
CA LEU D 215 -14.75 18.85 -23.57
C LEU D 215 -13.45 18.99 -22.78
N LYS D 216 -12.75 20.11 -22.96
CA LYS D 216 -11.52 20.33 -22.19
C LYS D 216 -11.82 20.43 -20.70
N GLU D 217 -12.89 21.13 -20.34
CA GLU D 217 -13.29 21.21 -18.94
C GLU D 217 -13.67 19.83 -18.41
N MET D 218 -14.36 19.03 -19.23
CA MET D 218 -14.69 17.66 -18.83
C MET D 218 -13.42 16.87 -18.55
N LYS D 219 -12.38 17.05 -19.36
CA LYS D 219 -11.10 16.41 -19.08
C LYS D 219 -10.53 16.92 -17.75
N ARG D 220 -10.60 18.22 -17.53
CA ARG D 220 -10.23 18.76 -16.23
C ARG D 220 -11.17 18.25 -15.14
N GLY D 221 -12.46 18.15 -15.45
CA GLY D 221 -13.43 17.65 -14.50
C GLY D 221 -13.43 16.15 -14.30
N LYS D 222 -12.75 15.40 -15.17
CA LYS D 222 -12.63 13.95 -15.06
C LYS D 222 -14.00 13.28 -15.00
N GLU D 223 -14.92 13.72 -15.86
CA GLU D 223 -16.26 13.12 -15.94
C GLU D 223 -16.22 12.01 -16.97
N PHE D 224 -16.28 10.77 -16.50
CA PHE D 224 -16.12 9.60 -17.36
C PHE D 224 -17.44 9.06 -17.92
N HIS D 225 -18.57 9.66 -17.57
CA HIS D 225 -19.86 9.20 -18.05
C HIS D 225 -20.68 10.39 -18.51
N VAL D 226 -21.39 10.22 -19.62
CA VAL D 226 -22.04 11.33 -20.31
C VAL D 226 -23.37 10.85 -20.88
N ILE D 227 -24.38 11.72 -20.82
CA ILE D 227 -25.68 11.47 -21.45
C ILE D 227 -25.97 12.66 -22.35
N PHE D 228 -25.61 12.56 -23.62
CA PHE D 228 -25.91 13.63 -24.57
C PHE D 228 -27.42 13.68 -24.85
N ASP D 229 -27.85 14.83 -25.38
CA ASP D 229 -29.24 15.00 -25.79
C ASP D 229 -29.26 16.07 -26.87
N CYS D 230 -29.35 15.64 -28.12
CA CYS D 230 -29.31 16.57 -29.25
C CYS D 230 -29.68 15.81 -30.51
N SER D 231 -30.01 16.57 -31.55
CA SER D 231 -30.30 15.96 -32.84
C SER D 231 -29.09 15.21 -33.37
N HIS D 232 -29.34 14.23 -34.24
CA HIS D 232 -28.28 13.34 -34.69
C HIS D 232 -27.15 14.09 -35.38
N GLU D 233 -27.45 15.21 -36.05
CA GLU D 233 -26.39 16.02 -36.63
C GLU D 233 -25.47 16.57 -35.55
N MET D 234 -26.05 17.23 -34.55
CA MET D 234 -25.27 17.70 -33.41
C MET D 234 -24.62 16.54 -32.68
N ALA D 235 -25.26 15.36 -32.69
CA ALA D 235 -24.68 14.20 -32.06
C ALA D 235 -23.38 13.79 -32.74
N ALA D 236 -23.39 13.73 -34.08
CA ALA D 236 -22.17 13.42 -34.81
C ALA D 236 -21.11 14.49 -34.58
N GLY D 237 -21.52 15.77 -34.57
CA GLY D 237 -20.58 16.84 -34.33
C GLY D 237 -19.89 16.72 -32.98
N ILE D 238 -20.69 16.49 -31.93
CA ILE D 238 -20.12 16.42 -30.59
C ILE D 238 -19.25 15.18 -30.44
N LEU D 239 -19.64 14.06 -31.06
CA LEU D 239 -18.81 12.88 -31.00
C LEU D 239 -17.47 13.10 -31.68
N LYS D 240 -17.49 13.74 -32.86
CA LYS D 240 -16.23 14.02 -33.55
C LYS D 240 -15.34 14.94 -32.72
N GLN D 241 -15.93 15.98 -32.12
CA GLN D 241 -15.13 16.88 -31.31
C GLN D 241 -14.57 16.17 -30.08
N ALA D 242 -15.35 15.26 -29.49
CA ALA D 242 -14.86 14.48 -28.37
C ALA D 242 -13.70 13.60 -28.80
N LEU D 243 -13.78 13.03 -30.00
CA LEU D 243 -12.67 12.23 -30.52
C LEU D 243 -11.43 13.09 -30.73
N ALA D 244 -11.62 14.35 -31.10
CA ALA D 244 -10.47 15.23 -31.30
C ALA D 244 -9.66 15.36 -30.01
N MET D 245 -10.31 15.66 -28.88
CA MET D 245 -9.60 15.73 -27.62
C MET D 245 -9.12 14.37 -27.12
N GLY D 246 -9.39 13.29 -27.84
CA GLY D 246 -9.07 11.98 -27.32
C GLY D 246 -9.86 11.60 -26.10
N MET D 247 -11.04 12.19 -25.93
CA MET D 247 -11.94 11.86 -24.84
C MET D 247 -12.78 10.62 -25.15
N MET D 248 -12.35 9.83 -26.12
CA MET D 248 -13.19 8.72 -26.56
C MET D 248 -12.34 7.45 -26.56
N THR D 249 -12.27 6.83 -25.38
CA THR D 249 -11.62 5.54 -25.16
C THR D 249 -12.57 4.68 -24.32
N GLU D 250 -12.14 3.47 -24.00
CA GLU D 250 -13.01 2.58 -23.25
C GLU D 250 -13.37 3.13 -21.87
N TYR D 251 -12.61 4.10 -21.35
CA TYR D 251 -12.95 4.67 -20.05
C TYR D 251 -14.31 5.34 -20.06
N TYR D 252 -14.63 6.06 -21.12
CA TYR D 252 -15.86 6.84 -21.19
C TYR D 252 -17.02 6.00 -21.71
N HIS D 253 -18.23 6.53 -21.55
CA HIS D 253 -19.46 5.81 -21.91
C HIS D 253 -20.52 6.86 -22.22
N TYR D 254 -20.78 7.10 -23.51
CA TYR D 254 -21.70 8.17 -23.95
C TYR D 254 -23.09 7.65 -24.29
N ILE D 255 -23.94 7.49 -23.29
CA ILE D 255 -25.31 7.05 -23.52
C ILE D 255 -26.07 8.19 -24.18
N PHE D 256 -26.31 8.06 -25.48
CA PHE D 256 -27.10 9.05 -26.20
C PHE D 256 -28.57 8.88 -25.88
N THR D 257 -29.40 9.80 -26.38
CA THR D 257 -30.83 9.65 -26.20
C THR D 257 -31.63 9.93 -27.47
N THR D 258 -31.04 10.49 -28.50
CA THR D 258 -31.78 10.72 -29.73
C THR D 258 -32.14 9.39 -30.39
N LEU D 259 -33.26 9.39 -31.11
CA LEU D 259 -33.80 8.17 -31.71
C LEU D 259 -33.23 7.91 -33.10
N ASP D 260 -32.07 8.45 -33.42
CA ASP D 260 -31.39 8.20 -34.68
C ASP D 260 -29.94 7.84 -34.46
N LEU D 261 -29.65 7.11 -33.38
CA LEU D 261 -28.28 6.64 -33.16
C LEU D 261 -27.85 5.70 -34.27
N PHE D 262 -28.75 4.83 -34.72
CA PHE D 262 -28.43 3.87 -35.76
C PHE D 262 -28.15 4.52 -37.12
N ALA D 263 -28.47 5.80 -37.29
CA ALA D 263 -28.10 6.53 -38.50
C ALA D 263 -26.72 7.17 -38.40
N LEU D 264 -26.08 7.09 -37.24
CA LEU D 264 -24.78 7.71 -37.06
C LEU D 264 -23.68 6.91 -37.74
N ASP D 265 -22.60 7.60 -38.12
CA ASP D 265 -21.42 6.94 -38.64
C ASP D 265 -20.48 6.62 -37.48
N VAL D 266 -20.02 5.37 -37.40
CA VAL D 266 -19.16 4.97 -36.31
C VAL D 266 -17.95 4.20 -36.83
N GLU D 267 -17.69 4.30 -38.14
CA GLU D 267 -16.51 3.64 -38.69
C GLU D 267 -15.21 4.14 -38.07
N PRO D 268 -14.97 5.44 -37.89
CA PRO D 268 -13.75 5.85 -37.18
C PRO D 268 -13.73 5.45 -35.72
N TYR D 269 -14.87 5.07 -35.15
CA TYR D 269 -14.99 4.91 -33.71
C TYR D 269 -15.06 3.46 -33.24
N ARG D 270 -15.43 2.52 -34.12
CA ARG D 270 -15.77 1.17 -33.66
C ARG D 270 -14.59 0.48 -32.99
N TYR D 271 -13.39 0.59 -33.58
CA TYR D 271 -12.22 -0.06 -33.01
C TYR D 271 -11.71 0.63 -31.75
N SER D 272 -12.25 1.80 -31.40
CA SER D 272 -11.72 2.55 -30.27
C SER D 272 -11.85 1.78 -28.96
N GLY D 273 -12.97 1.08 -28.78
CA GLY D 273 -13.25 0.39 -27.54
C GLY D 273 -14.33 1.05 -26.71
N VAL D 274 -14.81 2.22 -27.12
CA VAL D 274 -15.94 2.84 -26.44
C VAL D 274 -17.19 2.02 -26.70
N ASN D 275 -18.01 1.85 -25.67
CA ASN D 275 -19.33 1.26 -25.85
C ASN D 275 -20.35 2.36 -25.59
N MET D 276 -20.84 2.96 -26.67
CA MET D 276 -21.93 3.91 -26.58
C MET D 276 -23.25 3.16 -26.40
N THR D 277 -24.34 3.91 -26.28
CA THR D 277 -25.65 3.32 -26.08
C THR D 277 -26.71 4.37 -26.40
N GLY D 278 -27.77 3.95 -27.04
CA GLY D 278 -28.89 4.82 -27.35
C GLY D 278 -30.16 4.04 -27.43
N PHE D 279 -31.08 4.50 -28.28
CA PHE D 279 -32.31 3.78 -28.55
C PHE D 279 -32.67 3.95 -30.01
N ARG D 280 -33.45 3.01 -30.53
CA ARG D 280 -33.89 3.03 -31.93
C ARG D 280 -35.33 2.55 -31.99
N ILE D 281 -36.26 3.51 -32.06
CA ILE D 281 -37.66 3.14 -32.23
C ILE D 281 -37.88 2.51 -33.59
N LEU D 282 -37.06 2.86 -34.58
CA LEU D 282 -37.23 2.34 -35.93
C LEU D 282 -36.81 0.87 -35.93
N ASN D 283 -37.80 -0.03 -35.87
CA ASN D 283 -37.55 -1.45 -35.73
C ASN D 283 -37.02 -2.00 -37.06
N THR D 284 -35.74 -1.73 -37.31
CA THR D 284 -35.13 -2.09 -38.58
C THR D 284 -35.05 -3.60 -38.77
N GLU D 285 -35.05 -4.36 -37.67
CA GLU D 285 -34.88 -5.81 -37.78
C GLU D 285 -36.01 -6.46 -38.55
N ASN D 286 -37.20 -5.88 -38.55
CA ASN D 286 -38.30 -6.43 -39.34
C ASN D 286 -38.01 -6.28 -40.83
N THR D 287 -38.32 -7.33 -41.58
CA THR D 287 -37.99 -7.36 -43.00
C THR D 287 -38.73 -6.28 -43.78
N GLN D 288 -40.03 -6.14 -43.53
CA GLN D 288 -40.81 -5.14 -44.25
C GLN D 288 -40.35 -3.72 -43.93
N VAL D 289 -39.92 -3.48 -42.68
CA VAL D 289 -39.39 -2.18 -42.32
C VAL D 289 -38.14 -1.88 -43.13
N SER D 290 -37.25 -2.87 -43.27
CA SER D 290 -36.05 -2.68 -44.07
C SER D 290 -36.40 -2.45 -45.53
N SER D 291 -37.41 -3.16 -46.04
CA SER D 291 -37.83 -2.98 -47.43
C SER D 291 -38.35 -1.56 -47.66
N ILE D 292 -39.17 -1.06 -46.75
CA ILE D 292 -39.71 0.30 -46.91
C ILE D 292 -38.59 1.33 -46.77
N ILE D 293 -37.65 1.09 -45.86
CA ILE D 293 -36.52 2.01 -45.71
C ILE D 293 -35.70 2.06 -47.00
N GLU D 294 -35.44 0.89 -47.59
CA GLU D 294 -34.69 0.85 -48.84
C GLU D 294 -35.46 1.54 -49.96
N LYS D 295 -36.78 1.34 -50.00
CA LYS D 295 -37.60 2.01 -51.01
C LYS D 295 -37.51 3.52 -50.88
N TRP D 296 -37.62 4.04 -49.65
CA TRP D 296 -37.50 5.48 -49.45
C TRP D 296 -36.10 5.98 -49.83
N SER D 297 -35.07 5.21 -49.48
CA SER D 297 -33.71 5.63 -49.81
C SER D 297 -33.50 5.70 -51.32
N MET D 298 -33.99 4.70 -52.06
CA MET D 298 -33.84 4.73 -53.51
C MET D 298 -34.78 5.72 -54.16
N GLU D 299 -35.85 6.12 -53.47
CA GLU D 299 -36.69 7.19 -53.99
C GLU D 299 -36.01 8.55 -53.84
N ARG D 300 -35.38 8.79 -52.69
CA ARG D 300 -34.74 10.07 -52.44
C ARG D 300 -33.58 10.33 -53.40
N LEU D 301 -32.51 9.55 -53.28
CA LEU D 301 -31.31 9.70 -54.10
C LEU D 301 -30.88 11.16 -54.22
N GLN D 302 -31.09 11.95 -53.17
CA GLN D 302 -30.85 13.38 -53.22
C GLN D 302 -30.21 13.83 -51.92
N ALA D 303 -29.51 14.97 -52.00
CA ALA D 303 -28.82 15.59 -50.88
C ALA D 303 -27.81 14.64 -50.25
N PRO D 304 -26.72 14.31 -50.94
CA PRO D 304 -25.69 13.49 -50.33
C PRO D 304 -24.91 14.26 -49.28
N PRO D 305 -24.99 13.85 -48.02
CA PRO D 305 -24.26 14.57 -46.97
C PRO D 305 -22.77 14.53 -47.21
N LYS D 306 -22.10 15.64 -46.91
CA LYS D 306 -20.66 15.70 -47.06
C LYS D 306 -20.00 14.73 -46.08
N PRO D 307 -18.90 14.07 -46.47
CA PRO D 307 -18.34 13.01 -45.62
C PRO D 307 -18.03 13.47 -44.20
N ASP D 308 -17.52 14.69 -44.03
CA ASP D 308 -17.34 15.24 -42.69
C ASP D 308 -18.71 15.47 -42.05
N SER D 309 -18.88 14.94 -40.83
CA SER D 309 -20.18 14.93 -40.16
C SER D 309 -21.25 14.36 -41.08
N GLY D 310 -20.90 13.28 -41.78
CA GLY D 310 -21.76 12.75 -42.82
C GLY D 310 -22.84 11.81 -42.35
N LEU D 311 -22.71 11.26 -41.16
CA LEU D 311 -23.66 10.27 -40.62
C LEU D 311 -23.69 9.12 -41.62
N LEU D 312 -24.86 8.60 -41.98
CA LEU D 312 -24.96 7.58 -43.03
C LEU D 312 -26.10 7.98 -43.94
N ASP D 313 -25.78 8.24 -45.22
CA ASP D 313 -26.77 8.76 -46.15
C ASP D 313 -27.92 7.78 -46.35
N GLY D 314 -27.61 6.49 -46.50
CA GLY D 314 -28.64 5.51 -46.74
C GLY D 314 -29.39 5.10 -45.49
N PHE D 315 -29.90 6.08 -44.75
CA PHE D 315 -30.64 5.81 -43.52
C PHE D 315 -31.70 6.87 -43.34
N MET D 316 -32.93 6.43 -43.06
CA MET D 316 -34.05 7.35 -42.86
C MET D 316 -34.01 7.94 -41.46
N THR D 317 -34.23 9.26 -41.36
CA THR D 317 -34.35 9.90 -40.07
C THR D 317 -35.63 9.45 -39.37
N THR D 318 -35.56 9.39 -38.04
CA THR D 318 -36.69 8.84 -37.29
C THR D 318 -37.96 9.68 -37.47
N ASP D 319 -37.81 11.01 -37.54
CA ASP D 319 -38.99 11.87 -37.62
C ASP D 319 -39.77 11.63 -38.90
N ALA D 320 -39.07 11.40 -40.01
CA ALA D 320 -39.75 11.06 -41.25
C ALA D 320 -40.51 9.74 -41.10
N ALA D 321 -39.92 8.77 -40.41
CA ALA D 321 -40.60 7.52 -40.15
C ALA D 321 -41.85 7.73 -39.31
N LEU D 322 -41.76 8.60 -38.31
CA LEU D 322 -42.93 8.89 -37.48
C LEU D 322 -44.04 9.56 -38.29
N MET D 323 -43.68 10.44 -39.22
CA MET D 323 -44.73 11.04 -40.03
C MET D 323 -45.33 10.05 -41.02
N TYR D 324 -44.50 9.13 -41.54
CA TYR D 324 -45.02 8.02 -42.33
C TYR D 324 -46.02 7.20 -41.52
N ASP D 325 -45.65 6.88 -40.28
CA ASP D 325 -46.57 6.18 -39.40
C ASP D 325 -47.81 6.99 -39.11
N ALA D 326 -47.69 8.31 -39.06
CA ALA D 326 -48.86 9.16 -38.88
C ALA D 326 -49.82 9.02 -40.05
N VAL D 327 -49.28 9.02 -41.26
CA VAL D 327 -50.12 8.79 -42.43
C VAL D 327 -50.82 7.45 -42.32
N HIS D 328 -50.07 6.42 -41.93
CA HIS D 328 -50.66 5.09 -41.77
C HIS D 328 -51.78 5.10 -40.74
N VAL D 329 -51.56 5.73 -39.59
CA VAL D 329 -52.54 5.70 -38.51
C VAL D 329 -53.79 6.49 -38.89
N VAL D 330 -53.61 7.66 -39.50
CA VAL D 330 -54.77 8.43 -39.92
C VAL D 330 -55.58 7.67 -40.97
N SER D 331 -54.88 6.99 -41.90
CA SER D 331 -55.60 6.18 -42.89
C SER D 331 -56.35 5.05 -42.21
N VAL D 332 -55.72 4.38 -41.25
CA VAL D 332 -56.38 3.28 -40.56
C VAL D 332 -57.61 3.77 -39.82
N ALA D 333 -57.50 4.92 -39.15
CA ALA D 333 -58.63 5.46 -38.41
C ALA D 333 -59.77 5.85 -39.33
N VAL D 334 -59.46 6.58 -40.41
CA VAL D 334 -60.53 6.99 -41.32
C VAL D 334 -61.15 5.79 -42.02
N GLN D 335 -60.40 4.69 -42.15
CA GLN D 335 -60.98 3.47 -42.70
C GLN D 335 -62.11 2.94 -41.81
N GLN D 336 -61.89 2.95 -40.49
CA GLN D 336 -62.92 2.52 -39.56
C GLN D 336 -64.07 3.52 -39.45
N PHE D 337 -63.90 4.73 -39.99
CA PHE D 337 -64.96 5.73 -39.97
C PHE D 337 -65.69 5.69 -41.30
N PRO D 338 -66.88 5.11 -41.38
CA PRO D 338 -67.59 5.03 -42.65
C PRO D 338 -68.26 6.35 -42.99
N GLN D 339 -68.73 6.44 -44.24
CA GLN D 339 -69.48 7.59 -44.77
C GLN D 339 -68.82 8.92 -44.43
N MET D 340 -67.48 8.92 -44.34
CA MET D 340 -66.75 10.14 -44.06
C MET D 340 -66.98 11.16 -45.15
N THR D 341 -67.30 12.39 -44.75
CA THR D 341 -67.52 13.48 -45.69
C THR D 341 -66.61 14.64 -45.34
N VAL D 342 -65.89 15.13 -46.33
CA VAL D 342 -64.97 16.25 -46.15
C VAL D 342 -65.75 17.55 -46.35
N SER D 343 -65.30 18.62 -45.70
CA SER D 343 -65.96 19.90 -45.81
C SER D 343 -64.93 21.01 -45.66
N SER D 344 -65.29 22.19 -46.16
CA SER D 344 -64.45 23.38 -46.07
C SER D 344 -65.00 24.30 -44.99
N LEU D 345 -64.14 24.70 -44.06
CA LEU D 345 -64.54 25.48 -42.90
C LEU D 345 -63.77 26.79 -42.88
N GLN D 346 -64.50 27.90 -42.66
CA GLN D 346 -63.88 29.21 -42.53
C GLN D 346 -63.48 29.41 -41.07
N CYS D 347 -62.20 29.70 -40.84
CA CYS D 347 -61.72 29.88 -39.48
C CYS D 347 -62.32 31.12 -38.83
N ASN D 348 -62.75 32.09 -39.63
CA ASN D 348 -63.36 33.30 -39.08
C ASN D 348 -64.69 32.99 -38.40
N ARG D 349 -65.50 32.10 -38.99
CA ARG D 349 -66.80 31.80 -38.41
C ARG D 349 -66.70 30.94 -37.16
N HIS D 350 -65.59 30.20 -36.99
CA HIS D 350 -65.35 29.37 -35.81
C HIS D 350 -66.49 28.37 -35.60
N LYS D 351 -66.64 27.46 -36.57
CA LYS D 351 -67.60 26.38 -36.48
C LYS D 351 -66.85 25.06 -36.41
N PRO D 352 -66.97 24.31 -35.31
CA PRO D 352 -66.27 23.02 -35.21
C PRO D 352 -66.73 22.06 -36.29
N TRP D 353 -65.78 21.24 -36.76
CA TRP D 353 -66.08 20.28 -37.81
C TRP D 353 -67.03 19.22 -37.28
N ARG D 354 -68.05 18.88 -38.07
CA ARG D 354 -69.12 18.01 -37.59
C ARG D 354 -68.60 16.62 -37.23
N PHE D 355 -67.70 16.08 -38.04
CA PHE D 355 -67.19 14.73 -37.84
C PHE D 355 -65.95 14.68 -36.97
N GLY D 356 -65.54 15.82 -36.40
CA GLY D 356 -64.26 15.87 -35.71
C GLY D 356 -64.22 15.02 -34.45
N THR D 357 -65.28 15.06 -33.64
CA THR D 357 -65.23 14.42 -32.33
C THR D 357 -65.06 12.92 -32.44
N ARG D 358 -65.94 12.27 -33.22
CA ARG D 358 -65.86 10.81 -33.34
C ARG D 358 -64.57 10.39 -34.04
N PHE D 359 -64.18 11.10 -35.09
CA PHE D 359 -62.95 10.78 -35.79
C PHE D 359 -61.76 10.83 -34.84
N MET D 360 -61.60 11.94 -34.13
CA MET D 360 -60.49 12.07 -33.19
C MET D 360 -60.56 11.02 -32.09
N SER D 361 -61.76 10.62 -31.68
CA SER D 361 -61.87 9.51 -30.73
C SER D 361 -61.29 8.24 -31.32
N LEU D 362 -61.59 7.96 -32.59
CA LEU D 362 -61.03 6.77 -33.23
C LEU D 362 -59.51 6.83 -33.30
N ILE D 363 -58.93 7.98 -33.68
CA ILE D 363 -57.47 8.07 -33.66
C ILE D 363 -56.93 7.87 -32.25
N LYS D 364 -57.53 8.53 -31.26
CA LYS D 364 -56.98 8.47 -29.90
C LYS D 364 -57.03 7.04 -29.35
N GLU D 365 -58.10 6.31 -29.63
CA GLU D 365 -58.23 4.93 -29.17
C GLU D 365 -57.75 3.92 -30.21
N ALA D 366 -57.02 4.35 -31.23
CA ALA D 366 -56.58 3.46 -32.28
C ALA D 366 -55.42 2.58 -31.81
N HIS D 367 -55.03 1.65 -32.68
CA HIS D 367 -53.90 0.77 -32.42
C HIS D 367 -53.39 0.27 -33.76
N TRP D 368 -52.06 0.32 -33.94
CA TRP D 368 -51.47 -0.04 -35.22
C TRP D 368 -50.01 -0.39 -35.01
N GLU D 369 -49.49 -1.20 -35.93
CA GLU D 369 -48.06 -1.55 -35.97
C GLU D 369 -47.48 -0.98 -37.25
N GLY D 370 -46.46 -0.13 -37.12
CA GLY D 370 -45.94 0.57 -38.27
C GLY D 370 -44.43 0.50 -38.41
N LEU D 371 -43.86 1.48 -39.11
CA LEU D 371 -42.42 1.48 -39.38
C LEU D 371 -41.63 1.52 -38.08
N THR D 372 -42.11 2.27 -37.09
CA THR D 372 -41.45 2.37 -35.80
C THR D 372 -41.93 1.30 -34.82
N GLY D 373 -42.72 0.34 -35.27
CA GLY D 373 -43.23 -0.69 -34.41
C GLY D 373 -44.66 -0.43 -33.97
N ARG D 374 -44.95 -0.64 -32.70
CA ARG D 374 -46.29 -0.41 -32.19
C ARG D 374 -46.60 1.08 -32.18
N ILE D 375 -47.90 1.39 -32.23
CA ILE D 375 -48.37 2.77 -32.20
C ILE D 375 -49.59 2.80 -31.28
N THR D 376 -49.47 3.45 -30.13
CA THR D 376 -50.53 3.50 -29.15
C THR D 376 -50.38 4.77 -28.32
N PHE D 377 -51.50 5.24 -27.78
CA PHE D 377 -51.55 6.49 -27.03
C PHE D 377 -52.13 6.25 -25.66
N ASN D 378 -51.61 6.97 -24.66
CA ASN D 378 -52.24 7.02 -23.36
C ASN D 378 -53.53 7.82 -23.49
N LYS D 379 -54.67 7.11 -23.49
CA LYS D 379 -55.94 7.64 -23.97
C LYS D 379 -56.26 9.03 -23.41
N THR D 380 -55.72 9.38 -22.25
CA THR D 380 -55.94 10.72 -21.70
C THR D 380 -55.26 11.78 -22.56
N ASN D 381 -53.93 11.69 -22.68
CA ASN D 381 -53.14 12.67 -23.41
C ASN D 381 -52.45 12.01 -24.60
N GLY D 382 -52.52 12.65 -25.76
CA GLY D 382 -52.05 12.08 -26.99
C GLY D 382 -50.58 11.72 -27.06
N LEU D 383 -49.83 12.01 -25.99
CA LEU D 383 -48.42 11.65 -25.96
C LEU D 383 -48.24 10.15 -26.02
N ARG D 384 -47.26 9.70 -26.80
CA ARG D 384 -46.97 8.28 -26.96
C ARG D 384 -45.99 7.85 -25.87
N THR D 385 -46.54 7.56 -24.69
CA THR D 385 -45.75 7.07 -23.58
C THR D 385 -45.63 5.55 -23.56
N ASP D 386 -46.12 4.88 -24.61
CA ASP D 386 -46.00 3.43 -24.73
C ASP D 386 -45.47 3.12 -26.12
N PHE D 387 -44.33 2.42 -26.18
CA PHE D 387 -43.64 2.19 -27.43
C PHE D 387 -42.56 1.14 -27.20
N ASP D 388 -42.01 0.64 -28.32
CA ASP D 388 -40.99 -0.40 -28.30
C ASP D 388 -39.66 0.22 -28.67
N LEU D 389 -38.64 -0.01 -27.84
CA LEU D 389 -37.31 0.53 -28.07
C LEU D 389 -36.28 -0.58 -28.05
N ASP D 390 -35.21 -0.39 -28.82
CA ASP D 390 -34.10 -1.32 -28.89
C ASP D 390 -32.86 -0.65 -28.32
N VAL D 391 -32.20 -1.31 -27.38
CA VAL D 391 -31.06 -0.73 -26.68
C VAL D 391 -29.82 -1.04 -27.52
N ILE D 392 -29.57 -0.19 -28.50
CA ILE D 392 -28.40 -0.35 -29.35
C ILE D 392 -27.14 0.04 -28.58
N SER D 393 -26.02 -0.56 -28.95
CA SER D 393 -24.72 -0.15 -28.41
C SER D 393 -23.69 -0.12 -29.52
N LEU D 394 -22.41 -0.01 -29.15
CA LEU D 394 -21.33 0.01 -30.12
C LEU D 394 -20.29 -1.03 -29.69
N LYS D 395 -20.34 -2.19 -30.34
CA LYS D 395 -19.30 -3.21 -30.20
C LYS D 395 -18.34 -3.12 -31.38
N GLU D 396 -17.37 -4.02 -31.41
CA GLU D 396 -16.32 -3.97 -32.42
C GLU D 396 -16.85 -4.22 -33.83
N GLU D 397 -18.15 -4.45 -33.96
CA GLU D 397 -18.81 -4.63 -35.25
C GLU D 397 -19.89 -3.59 -35.46
N GLY D 398 -19.58 -2.33 -35.15
CA GLY D 398 -20.55 -1.28 -35.39
C GLY D 398 -21.70 -1.31 -34.38
N LEU D 399 -22.81 -0.72 -34.80
CA LEU D 399 -23.98 -0.64 -33.94
C LEU D 399 -24.83 -1.89 -34.08
N GLU D 400 -25.24 -2.47 -32.94
CA GLU D 400 -25.97 -3.72 -32.94
C GLU D 400 -26.74 -3.86 -31.63
N LYS D 401 -27.97 -4.36 -31.75
CA LYS D 401 -28.89 -4.39 -30.61
C LYS D 401 -28.40 -5.35 -29.53
N ILE D 402 -28.48 -4.89 -28.28
CA ILE D 402 -28.08 -5.72 -27.14
C ILE D 402 -29.17 -5.72 -26.07
N GLY D 403 -30.40 -5.40 -26.46
CA GLY D 403 -31.47 -5.37 -25.47
C GLY D 403 -32.79 -4.96 -26.07
N THR D 404 -33.77 -4.78 -25.19
CA THR D 404 -35.11 -4.36 -25.58
C THR D 404 -35.74 -3.64 -24.39
N TRP D 405 -36.59 -2.66 -24.68
CA TRP D 405 -37.24 -1.87 -23.65
C TRP D 405 -38.72 -1.74 -23.95
N ASP D 406 -39.50 -1.58 -22.88
CA ASP D 406 -40.95 -1.42 -22.95
C ASP D 406 -41.39 -0.70 -21.70
N PRO D 407 -42.36 0.22 -21.78
CA PRO D 407 -42.80 0.93 -20.57
C PRO D 407 -43.31 0.00 -19.47
N ALA D 408 -43.98 -1.08 -19.82
CA ALA D 408 -44.51 -1.99 -18.82
C ALA D 408 -43.45 -2.96 -18.32
N SER D 409 -42.65 -3.52 -19.23
CA SER D 409 -41.68 -4.54 -18.86
C SER D 409 -40.30 -3.97 -18.50
N GLY D 410 -40.08 -2.67 -18.68
CA GLY D 410 -38.78 -2.13 -18.39
C GLY D 410 -37.72 -2.65 -19.36
N LEU D 411 -36.48 -2.59 -18.91
CA LEU D 411 -35.37 -3.09 -19.71
C LEU D 411 -35.42 -4.61 -19.83
N ASN D 412 -35.02 -5.11 -20.99
CA ASN D 412 -34.99 -6.54 -21.31
C ASN D 412 -33.67 -6.88 -21.98
N MET D 413 -32.57 -6.46 -21.37
CA MET D 413 -31.25 -6.71 -21.93
C MET D 413 -30.98 -8.20 -22.01
N THR D 414 -30.30 -8.61 -23.09
CA THR D 414 -29.90 -9.99 -23.29
C THR D 414 -28.39 -10.17 -23.41
N GLU D 415 -27.73 -9.30 -24.17
CA GLU D 415 -26.28 -9.35 -24.36
C GLU D 415 -25.81 -10.72 -24.85
N SER D 432 -29.92 -32.41 -1.07
CA SER D 432 -29.85 -31.33 -2.05
C SER D 432 -28.49 -30.65 -2.03
N LEU D 433 -28.14 -30.07 -0.88
CA LEU D 433 -26.87 -29.37 -0.73
C LEU D 433 -25.74 -30.39 -0.62
N ILE D 434 -25.08 -30.66 -1.75
CA ILE D 434 -23.96 -31.59 -1.76
C ILE D 434 -22.81 -31.03 -0.93
N VAL D 435 -22.15 -31.92 -0.18
CA VAL D 435 -21.14 -31.53 0.80
C VAL D 435 -19.86 -32.31 0.53
N THR D 436 -18.73 -31.64 0.68
CA THR D 436 -17.42 -32.28 0.65
C THR D 436 -16.90 -32.39 2.08
N THR D 437 -16.42 -33.58 2.45
CA THR D 437 -15.96 -33.84 3.80
C THR D 437 -14.56 -34.43 3.77
N ILE D 438 -13.75 -34.04 4.75
CA ILE D 438 -12.37 -34.50 4.87
C ILE D 438 -12.23 -35.25 6.19
N LEU D 439 -11.29 -36.19 6.23
CA LEU D 439 -11.05 -36.97 7.43
C LEU D 439 -10.66 -36.07 8.60
N GLU D 440 -11.22 -36.37 9.77
CA GLU D 440 -10.93 -35.61 10.99
C GLU D 440 -11.14 -36.52 12.18
N GLU D 441 -10.07 -36.77 12.93
CA GLU D 441 -10.12 -37.71 14.06
C GLU D 441 -11.22 -37.40 15.06
N PRO D 442 -11.42 -36.16 15.53
CA PRO D 442 -12.55 -35.89 16.43
C PRO D 442 -13.82 -35.35 15.78
N TYR D 443 -13.84 -35.14 14.48
CA TYR D 443 -15.03 -34.55 13.89
C TYR D 443 -15.59 -35.33 12.70
N VAL D 444 -14.73 -35.90 11.85
CA VAL D 444 -15.20 -36.67 10.70
C VAL D 444 -14.38 -37.95 10.59
N LEU D 445 -14.93 -39.07 11.07
CA LEU D 445 -14.25 -40.34 11.07
C LEU D 445 -14.82 -41.27 10.00
N PHE D 446 -13.97 -42.16 9.50
CA PHE D 446 -14.36 -43.18 8.52
C PHE D 446 -14.20 -44.53 9.20
N LYS D 447 -15.24 -44.96 9.91
CA LYS D 447 -15.17 -46.19 10.68
C LYS D 447 -15.36 -47.41 9.77
N LYS D 448 -14.59 -48.46 10.04
CA LYS D 448 -14.68 -49.69 9.25
C LYS D 448 -15.97 -50.45 9.56
N SER D 449 -16.30 -50.59 10.85
CA SER D 449 -17.46 -51.34 11.30
C SER D 449 -17.40 -52.79 10.85
N ASP D 450 -18.49 -53.54 11.06
CA ASP D 450 -18.52 -54.94 10.66
C ASP D 450 -18.48 -55.07 9.13
N LYS D 451 -19.29 -54.29 8.43
CA LYS D 451 -19.34 -54.31 6.99
C LYS D 451 -19.27 -52.89 6.44
N PRO D 452 -18.74 -52.71 5.25
CA PRO D 452 -18.73 -51.37 4.63
C PRO D 452 -20.14 -50.89 4.35
N LEU D 453 -20.32 -49.58 4.44
CA LEU D 453 -21.61 -48.95 4.18
C LEU D 453 -21.55 -48.16 2.87
N TYR D 454 -22.65 -48.21 2.13
CA TYR D 454 -22.73 -47.57 0.83
C TYR D 454 -23.01 -46.08 0.97
N GLY D 455 -22.48 -45.30 0.02
CA GLY D 455 -22.80 -43.89 -0.04
C GLY D 455 -22.36 -43.13 1.20
N ASN D 456 -23.21 -42.19 1.62
CA ASN D 456 -22.91 -41.33 2.76
C ASN D 456 -23.01 -42.06 4.09
N ASP D 457 -23.54 -43.29 4.11
CA ASP D 457 -23.71 -44.01 5.37
C ASP D 457 -22.38 -44.39 6.00
N ARG D 458 -21.35 -44.63 5.18
CA ARG D 458 -20.05 -45.03 5.71
C ARG D 458 -19.40 -43.95 6.55
N PHE D 459 -19.82 -42.69 6.38
CA PHE D 459 -19.25 -41.59 7.13
C PHE D 459 -19.91 -41.51 8.50
N GLU D 460 -19.09 -41.41 9.54
CA GLU D 460 -19.58 -41.33 10.93
C GLU D 460 -18.65 -40.40 11.70
N GLY D 461 -19.12 -39.22 12.04
CA GLY D 461 -18.28 -38.21 12.67
C GLY D 461 -19.10 -37.18 13.41
N TYR D 462 -18.40 -36.40 14.22
CA TYR D 462 -19.04 -35.40 15.08
C TYR D 462 -19.73 -34.33 14.25
N CYS D 463 -19.00 -33.71 13.32
CA CYS D 463 -19.57 -32.61 12.53
C CYS D 463 -20.70 -33.09 11.63
N ILE D 464 -20.53 -34.26 11.00
CA ILE D 464 -21.58 -34.76 10.13
C ILE D 464 -22.77 -35.26 10.96
N ASP D 465 -22.54 -35.70 12.20
CA ASP D 465 -23.65 -35.98 13.09
C ASP D 465 -24.43 -34.71 13.39
N LEU D 466 -23.72 -33.61 13.63
CA LEU D 466 -24.39 -32.32 13.80
C LEU D 466 -25.22 -31.97 12.58
N LEU D 467 -24.64 -32.12 11.39
CA LEU D 467 -25.36 -31.77 10.17
C LEU D 467 -26.58 -32.67 9.98
N ARG D 468 -26.44 -33.96 10.31
CA ARG D 468 -27.57 -34.88 10.17
C ARG D 468 -28.70 -34.53 11.13
N GLU D 469 -28.37 -34.22 12.38
CA GLU D 469 -29.43 -33.87 13.33
C GLU D 469 -30.06 -32.53 12.97
N LEU D 470 -29.27 -31.59 12.44
CA LEU D 470 -29.84 -30.34 11.94
C LEU D 470 -30.79 -30.60 10.78
N SER D 471 -30.41 -31.51 9.88
CA SER D 471 -31.28 -31.87 8.77
C SER D 471 -32.57 -32.50 9.26
N THR D 472 -32.49 -33.32 10.31
CA THR D 472 -33.70 -33.91 10.87
C THR D 472 -34.60 -32.83 11.47
N ILE D 473 -34.02 -31.88 12.21
CA ILE D 473 -34.83 -30.83 12.84
C ILE D 473 -35.42 -29.91 11.78
N LEU D 474 -34.60 -29.46 10.84
CA LEU D 474 -35.06 -28.66 9.68
C LEU D 474 -34.48 -29.28 8.42
N GLY D 475 -35.34 -29.50 7.43
CA GLY D 475 -34.94 -30.21 6.22
C GLY D 475 -33.74 -29.61 5.51
N PHE D 476 -32.61 -30.28 5.62
CA PHE D 476 -31.34 -29.80 5.08
C PHE D 476 -30.61 -30.94 4.38
N THR D 477 -31.32 -31.62 3.48
CA THR D 477 -30.80 -32.81 2.81
C THR D 477 -29.43 -32.54 2.18
N TYR D 478 -28.53 -33.50 2.30
CA TYR D 478 -27.13 -33.32 1.96
C TYR D 478 -26.62 -34.51 1.16
N GLU D 479 -25.56 -34.27 0.40
CA GLU D 479 -24.84 -35.32 -0.32
C GLU D 479 -23.37 -35.20 0.03
N ILE D 480 -22.79 -36.27 0.56
CA ILE D 480 -21.38 -36.27 0.97
C ILE D 480 -20.51 -36.61 -0.23
N ARG D 481 -19.51 -35.77 -0.49
CA ARG D 481 -18.57 -35.95 -1.58
C ARG D 481 -17.18 -36.24 -1.01
N LEU D 482 -16.50 -37.22 -1.59
CA LEU D 482 -15.20 -37.64 -1.11
C LEU D 482 -14.14 -36.58 -1.44
N VAL D 483 -12.98 -36.73 -0.81
CA VAL D 483 -11.84 -35.85 -1.02
C VAL D 483 -10.64 -36.68 -1.43
N GLU D 484 -9.86 -36.17 -2.38
CA GLU D 484 -8.69 -36.89 -2.87
C GLU D 484 -7.41 -36.46 -2.16
N ASP D 485 -7.13 -35.16 -2.13
CA ASP D 485 -5.92 -34.68 -1.49
C ASP D 485 -5.99 -34.82 0.03
N GLY D 486 -7.15 -34.50 0.61
CA GLY D 486 -7.33 -34.62 2.04
C GLY D 486 -6.79 -33.46 2.87
N LYS D 487 -6.34 -32.39 2.22
CA LYS D 487 -5.80 -31.25 2.95
C LYS D 487 -6.88 -30.19 3.15
N TYR D 488 -6.62 -29.29 4.10
CA TYR D 488 -7.53 -28.20 4.39
C TYR D 488 -7.11 -26.94 3.61
N GLY D 489 -7.82 -25.84 3.86
CA GLY D 489 -7.54 -24.59 3.18
C GLY D 489 -6.13 -24.07 3.40
N ALA D 490 -5.31 -24.11 2.34
CA ALA D 490 -3.92 -23.66 2.44
C ALA D 490 -3.47 -23.24 1.05
N GLN D 491 -3.25 -21.94 0.86
CA GLN D 491 -2.81 -21.43 -0.43
C GLN D 491 -1.30 -21.55 -0.57
N ASP D 492 -0.81 -21.37 -1.79
CA ASP D 492 0.60 -21.47 -2.11
C ASP D 492 1.17 -20.08 -2.37
N ASP D 493 2.34 -19.81 -1.79
CA ASP D 493 2.92 -18.47 -1.83
C ASP D 493 3.31 -18.03 -3.24
N VAL D 494 3.47 -18.95 -4.18
CA VAL D 494 3.85 -18.62 -5.54
C VAL D 494 2.79 -19.07 -6.55
N ASN D 495 1.58 -19.30 -6.09
CA ASN D 495 0.49 -19.73 -6.97
C ASN D 495 -0.74 -18.85 -6.86
N GLY D 496 -1.05 -18.34 -5.68
CA GLY D 496 -2.28 -17.58 -5.48
C GLY D 496 -3.50 -18.46 -5.28
N GLN D 497 -3.67 -19.48 -6.12
CA GLN D 497 -4.75 -20.43 -5.95
C GLN D 497 -4.55 -21.23 -4.66
N TRP D 498 -5.66 -21.56 -4.02
CA TRP D 498 -5.64 -22.17 -2.70
C TRP D 498 -5.79 -23.68 -2.83
N ASN D 499 -4.95 -24.42 -2.12
CA ASN D 499 -4.94 -25.87 -2.19
C ASN D 499 -5.75 -26.47 -1.04
N GLY D 500 -5.87 -27.79 -1.05
CA GLY D 500 -6.51 -28.50 0.03
C GLY D 500 -8.01 -28.63 -0.18
N MET D 501 -8.78 -28.21 0.83
CA MET D 501 -10.24 -28.24 0.71
C MET D 501 -10.71 -27.38 -0.46
N VAL D 502 -9.97 -26.32 -0.77
CA VAL D 502 -10.32 -25.46 -1.90
C VAL D 502 -10.26 -26.22 -3.21
N ARG D 503 -9.43 -27.26 -3.30
CA ARG D 503 -9.45 -28.14 -4.46
C ARG D 503 -10.80 -28.81 -4.63
N GLU D 504 -11.53 -29.00 -3.53
CA GLU D 504 -12.92 -29.44 -3.57
C GLU D 504 -13.90 -28.27 -3.63
N LEU D 505 -13.38 -27.06 -3.86
CA LEU D 505 -14.20 -25.85 -3.84
C LEU D 505 -13.97 -24.93 -5.03
N ILE D 506 -12.86 -25.05 -5.76
CA ILE D 506 -12.59 -24.14 -6.87
C ILE D 506 -13.65 -24.28 -7.95
N ASP D 507 -14.09 -25.51 -8.21
CA ASP D 507 -15.17 -25.76 -9.16
C ASP D 507 -16.54 -25.66 -8.52
N HIS D 508 -16.62 -25.37 -7.22
CA HIS D 508 -17.88 -25.32 -6.48
C HIS D 508 -18.67 -26.62 -6.65
N LYS D 509 -17.95 -27.74 -6.64
CA LYS D 509 -18.61 -29.04 -6.77
C LYS D 509 -19.54 -29.30 -5.58
N ALA D 510 -19.10 -28.95 -4.38
CA ALA D 510 -19.90 -29.08 -3.17
C ALA D 510 -20.18 -27.71 -2.59
N ASP D 511 -21.46 -27.39 -2.41
CA ASP D 511 -21.85 -26.10 -1.87
C ASP D 511 -21.57 -25.97 -0.38
N LEU D 512 -21.24 -27.06 0.30
CA LEU D 512 -21.02 -27.03 1.74
C LEU D 512 -19.83 -27.92 2.07
N ALA D 513 -19.19 -27.63 3.20
CA ALA D 513 -18.07 -28.45 3.68
C ALA D 513 -18.16 -28.48 5.21
N VAL D 514 -18.76 -29.54 5.74
CA VAL D 514 -18.95 -29.68 7.18
C VAL D 514 -17.70 -30.34 7.78
N ALA D 515 -16.99 -29.57 8.60
CA ALA D 515 -15.72 -29.98 9.18
C ALA D 515 -15.27 -28.91 10.17
N PRO D 516 -14.26 -29.17 11.01
CA PRO D 516 -13.71 -28.09 11.84
C PRO D 516 -12.92 -27.12 10.97
N LEU D 517 -13.52 -25.96 10.69
CA LEU D 517 -12.97 -24.99 9.75
C LEU D 517 -12.54 -23.77 10.53
N ALA D 518 -11.24 -23.70 10.84
CA ALA D 518 -10.69 -22.53 11.52
C ALA D 518 -10.77 -21.33 10.58
N ILE D 519 -11.70 -20.42 10.84
CA ILE D 519 -11.98 -19.33 9.92
C ILE D 519 -10.93 -18.25 10.09
N THR D 520 -9.85 -18.34 9.32
CA THR D 520 -8.81 -17.33 9.34
C THR D 520 -9.20 -16.15 8.44
N TYR D 521 -8.44 -15.07 8.56
CA TYR D 521 -8.74 -13.87 7.79
C TYR D 521 -8.57 -14.14 6.29
N VAL D 522 -7.49 -14.82 5.90
CA VAL D 522 -7.31 -15.14 4.49
C VAL D 522 -8.36 -16.12 4.00
N ARG D 523 -8.69 -17.13 4.83
CA ARG D 523 -9.74 -18.07 4.47
C ARG D 523 -11.08 -17.37 4.30
N GLU D 524 -11.40 -16.44 5.19
CA GLU D 524 -12.62 -15.65 5.04
C GLU D 524 -12.57 -14.81 3.78
N LYS D 525 -11.38 -14.31 3.42
CA LYS D 525 -11.25 -13.52 2.20
C LYS D 525 -11.54 -14.36 0.97
N VAL D 526 -11.06 -15.60 0.94
CA VAL D 526 -11.27 -16.44 -0.23
C VAL D 526 -12.60 -17.20 -0.16
N ILE D 527 -12.95 -17.76 0.99
CA ILE D 527 -14.27 -18.35 1.22
C ILE D 527 -14.97 -17.57 2.31
N ASP D 528 -16.08 -16.91 1.95
CA ASP D 528 -16.85 -16.14 2.91
C ASP D 528 -17.60 -17.14 3.80
N PHE D 529 -16.90 -17.62 4.82
CA PHE D 529 -17.41 -18.67 5.68
C PHE D 529 -18.62 -18.19 6.46
N SER D 530 -19.36 -19.14 7.02
CA SER D 530 -20.50 -18.84 7.86
C SER D 530 -20.05 -18.52 9.28
N LYS D 531 -21.01 -18.22 10.14
CA LYS D 531 -20.68 -17.94 11.53
C LYS D 531 -20.14 -19.21 12.20
N PRO D 532 -19.06 -19.10 12.96
CA PRO D 532 -18.48 -20.30 13.60
C PRO D 532 -19.46 -20.96 14.56
N PHE D 533 -19.75 -22.25 14.27
CA PHE D 533 -20.59 -23.03 15.18
C PHE D 533 -19.90 -23.24 16.52
N MET D 534 -18.60 -23.51 16.51
CA MET D 534 -17.81 -23.67 17.71
C MET D 534 -16.75 -22.56 17.81
N THR D 535 -16.60 -22.00 18.99
CA THR D 535 -15.51 -21.07 19.29
C THR D 535 -14.44 -21.84 20.07
N LEU D 536 -13.24 -21.92 19.50
CA LEU D 536 -12.15 -22.70 20.08
C LEU D 536 -10.84 -21.98 19.80
N GLY D 537 -9.74 -22.57 20.27
CA GLY D 537 -8.43 -21.98 20.08
C GLY D 537 -7.33 -22.98 20.33
N ILE D 538 -6.16 -22.68 19.77
CA ILE D 538 -5.00 -23.55 19.92
C ILE D 538 -4.59 -23.58 21.39
N SER D 539 -4.22 -24.76 21.87
CA SER D 539 -3.84 -24.95 23.26
C SER D 539 -2.54 -25.73 23.34
N ILE D 540 -1.90 -25.66 24.50
CA ILE D 540 -0.58 -26.23 24.73
C ILE D 540 -0.73 -27.67 25.21
N LEU D 541 0.24 -28.50 24.81
CA LEU D 541 0.26 -29.91 25.19
C LEU D 541 1.61 -30.23 25.82
N TYR D 542 1.59 -31.08 26.84
CA TYR D 542 2.80 -31.50 27.52
C TYR D 542 2.54 -32.84 28.20
N ARG D 543 3.61 -33.45 28.68
CA ARG D 543 3.51 -34.73 29.37
C ARG D 543 3.00 -34.53 30.80
N LYS D 544 2.21 -35.50 31.28
CA LYS D 544 1.71 -35.45 32.63
C LYS D 544 2.88 -35.51 33.62
N PRO D 545 2.78 -34.83 34.77
CA PRO D 545 3.84 -34.93 35.77
C PRO D 545 3.97 -36.35 36.29
N ASN D 546 5.21 -36.75 36.56
CA ASN D 546 5.52 -38.06 37.08
C ASN D 546 6.08 -37.94 38.49
N GLY D 547 5.46 -38.64 39.43
CA GLY D 547 5.84 -38.53 40.82
C GLY D 547 6.83 -39.59 41.26
N THR D 548 8.11 -39.21 41.37
CA THR D 548 9.15 -40.10 41.86
C THR D 548 9.34 -39.87 43.37
N ASN D 549 8.34 -40.37 44.12
CA ASN D 549 8.35 -40.19 45.56
C ASN D 549 9.50 -41.00 46.19
N PRO D 550 10.09 -40.50 47.27
CA PRO D 550 11.13 -41.25 47.98
C PRO D 550 10.61 -42.37 48.87
N GLY D 551 9.35 -42.76 48.72
CA GLY D 551 8.78 -43.81 49.53
C GLY D 551 8.25 -43.30 50.86
N VAL D 552 7.82 -44.26 51.68
CA VAL D 552 7.32 -43.93 53.01
C VAL D 552 8.43 -43.30 53.85
N PHE D 553 9.66 -43.79 53.69
CA PHE D 553 10.82 -43.21 54.35
C PHE D 553 11.30 -41.97 53.58
N SER D 554 10.39 -41.01 53.44
CA SER D 554 10.68 -39.81 52.68
C SER D 554 11.76 -38.96 53.35
N PHE D 555 11.87 -39.02 54.66
CA PHE D 555 12.95 -38.36 55.38
C PHE D 555 14.20 -39.22 55.27
N LEU D 556 15.23 -38.90 56.05
CA LEU D 556 16.54 -39.55 56.06
C LEU D 556 17.34 -39.26 54.79
N ASN D 557 16.79 -38.49 53.85
CA ASN D 557 17.44 -38.15 52.60
C ASN D 557 18.45 -37.01 52.76
N PRO D 558 18.11 -35.91 53.44
CA PRO D 558 19.09 -34.80 53.55
C PRO D 558 20.37 -35.18 54.28
N LEU D 559 20.37 -36.26 55.05
CA LEU D 559 21.57 -36.74 55.71
C LEU D 559 21.91 -38.12 55.16
N SER D 560 23.17 -38.30 54.76
CA SER D 560 23.60 -39.58 54.22
C SER D 560 23.50 -40.65 55.29
N PRO D 561 23.24 -41.90 54.91
CA PRO D 561 23.10 -42.96 55.92
C PRO D 561 24.32 -43.10 56.81
N ASP D 562 25.52 -42.92 56.25
CA ASP D 562 26.74 -43.02 57.06
C ASP D 562 26.70 -42.01 58.21
N ILE D 563 26.17 -40.81 57.96
CA ILE D 563 26.01 -39.83 59.02
C ILE D 563 25.01 -40.33 60.05
N TRP D 564 23.96 -41.03 59.60
CA TRP D 564 22.98 -41.55 60.54
C TRP D 564 23.61 -42.59 61.48
N MET D 565 24.39 -43.51 60.92
CA MET D 565 25.07 -44.46 61.80
C MET D 565 26.16 -43.81 62.64
N TYR D 566 26.77 -42.73 62.14
CA TYR D 566 27.69 -41.97 62.98
C TYR D 566 26.98 -41.39 64.20
N ILE D 567 25.79 -40.82 63.98
CA ILE D 567 25.00 -40.30 65.08
C ILE D 567 24.62 -41.41 66.05
N LEU D 568 24.20 -42.56 65.51
CA LEU D 568 23.81 -43.68 66.37
C LEU D 568 24.98 -44.16 67.21
N LEU D 569 26.17 -44.30 66.60
CA LEU D 569 27.32 -44.78 67.36
C LEU D 569 27.78 -43.75 68.38
N ALA D 570 27.71 -42.46 68.05
CA ALA D 570 28.06 -41.43 69.02
C ALA D 570 27.10 -41.45 70.21
N TYR D 571 25.80 -41.62 69.94
CA TYR D 571 24.83 -41.70 71.02
C TYR D 571 25.09 -42.92 71.89
N LEU D 572 25.36 -44.07 71.27
CA LEU D 572 25.65 -45.27 72.05
C LEU D 572 26.90 -45.10 72.90
N GLY D 573 27.94 -44.48 72.33
CA GLY D 573 29.16 -44.28 73.08
C GLY D 573 28.98 -43.34 74.26
N VAL D 574 28.27 -42.23 74.05
CA VAL D 574 28.06 -41.29 75.14
C VAL D 574 27.17 -41.91 76.21
N SER D 575 26.17 -42.70 75.81
CA SER D 575 25.32 -43.38 76.78
C SER D 575 26.12 -44.40 77.58
N CYS D 576 27.00 -45.15 76.93
CA CYS D 576 27.77 -46.18 77.64
C CYS D 576 28.77 -45.55 78.59
N VAL D 577 29.43 -44.46 78.17
CA VAL D 577 30.38 -43.81 79.08
C VAL D 577 29.64 -43.11 80.22
N LEU D 578 28.39 -42.68 79.98
CA LEU D 578 27.59 -42.15 81.08
C LEU D 578 27.20 -43.26 82.06
N PHE D 579 26.90 -44.46 81.53
CA PHE D 579 26.53 -45.58 82.39
C PHE D 579 27.66 -45.96 83.33
N VAL D 580 28.90 -45.98 82.82
CA VAL D 580 30.05 -46.34 83.64
C VAL D 580 30.60 -45.11 84.35
N THR D 633 29.98 -34.19 85.49
CA THR D 633 29.20 -34.69 84.38
C THR D 633 28.45 -33.56 83.67
N ARG D 634 28.77 -32.33 84.05
CA ARG D 634 28.14 -31.17 83.41
C ARG D 634 28.72 -30.93 82.01
N ILE D 635 30.03 -31.15 81.84
CA ILE D 635 30.67 -30.89 80.56
C ILE D 635 30.14 -31.86 79.50
N VAL D 636 30.01 -33.14 79.85
CA VAL D 636 29.52 -34.12 78.88
C VAL D 636 28.06 -33.85 78.54
N GLY D 637 27.25 -33.47 79.52
CA GLY D 637 25.88 -33.10 79.24
C GLY D 637 25.77 -31.90 78.31
N GLY D 638 26.59 -30.88 78.56
CA GLY D 638 26.58 -29.72 77.69
C GLY D 638 27.03 -30.03 76.28
N ILE D 639 28.09 -30.82 76.13
CA ILE D 639 28.59 -31.14 74.80
C ILE D 639 27.58 -32.02 74.05
N TRP D 640 26.89 -32.92 74.76
CA TRP D 640 25.82 -33.68 74.14
C TRP D 640 24.69 -32.76 73.70
N TRP D 641 24.33 -31.78 74.53
CA TRP D 641 23.29 -30.83 74.16
C TRP D 641 23.65 -30.10 72.87
N PHE D 642 24.87 -29.54 72.82
CA PHE D 642 25.29 -28.84 71.61
C PHE D 642 25.36 -29.77 70.41
N PHE D 643 25.79 -31.01 70.63
CA PHE D 643 25.83 -31.99 69.54
C PHE D 643 24.46 -32.20 68.94
N THR D 644 23.46 -32.50 69.78
CA THR D 644 22.12 -32.70 69.26
C THR D 644 21.59 -31.44 68.59
N LEU D 645 21.85 -30.28 69.18
CA LEU D 645 21.35 -29.03 68.61
C LEU D 645 21.94 -28.81 67.21
N ILE D 646 23.25 -29.01 67.05
CA ILE D 646 23.86 -28.74 65.76
C ILE D 646 23.45 -29.78 64.72
N ILE D 647 23.31 -31.05 65.13
CA ILE D 647 22.86 -32.07 64.19
C ILE D 647 21.45 -31.79 63.71
N ILE D 648 20.54 -31.45 64.63
CA ILE D 648 19.17 -31.16 64.21
C ILE D 648 19.14 -29.87 63.39
N SER D 649 20.04 -28.92 63.69
CA SER D 649 20.12 -27.71 62.88
C SER D 649 20.50 -28.04 61.44
N SER D 650 21.52 -28.89 61.26
CA SER D 650 21.91 -29.28 59.92
C SER D 650 20.80 -30.02 59.21
N TYR D 651 20.12 -30.92 59.92
CA TYR D 651 19.00 -31.65 59.33
C TYR D 651 17.92 -30.69 58.85
N THR D 652 17.51 -29.76 59.71
CA THR D 652 16.48 -28.80 59.33
C THR D 652 16.93 -27.95 58.15
N ALA D 653 18.18 -27.50 58.18
CA ALA D 653 18.68 -26.63 57.11
C ALA D 653 18.66 -27.35 55.77
N ASN D 654 19.14 -28.60 55.74
CA ASN D 654 19.21 -29.31 54.48
C ASN D 654 17.82 -29.66 53.97
N LEU D 655 16.92 -30.08 54.87
CA LEU D 655 15.56 -30.39 54.44
C LEU D 655 14.86 -29.15 53.92
N ALA D 656 15.02 -28.01 54.61
CA ALA D 656 14.43 -26.77 54.15
C ALA D 656 15.00 -26.36 52.81
N ALA D 657 16.31 -26.55 52.61
CA ALA D 657 16.91 -26.25 51.31
C ALA D 657 16.26 -27.08 50.22
N PHE D 658 16.07 -28.37 50.47
CA PHE D 658 15.45 -29.23 49.47
C PHE D 658 14.04 -28.75 49.14
N LEU D 659 13.25 -28.44 50.19
CA LEU D 659 11.88 -27.98 49.94
C LEU D 659 11.84 -26.66 49.17
N THR D 660 12.69 -25.70 49.55
CA THR D 660 12.69 -24.42 48.84
C THR D 660 13.13 -24.58 47.40
N VAL D 661 14.15 -25.41 47.14
CA VAL D 661 14.60 -25.54 45.76
C VAL D 661 13.56 -26.27 44.92
N GLU D 662 12.84 -27.24 45.49
CA GLU D 662 11.84 -27.93 44.70
C GLU D 662 10.61 -27.06 44.46
N ARG D 663 10.22 -26.26 45.45
CA ARG D 663 9.04 -25.41 45.29
C ARG D 663 9.32 -24.20 44.42
N MET D 664 10.54 -23.64 44.49
CA MET D 664 10.88 -22.48 43.67
C MET D 664 10.79 -22.83 42.19
N GLU D 665 11.29 -24.00 41.81
CA GLU D 665 11.09 -24.48 40.45
C GLU D 665 9.60 -24.81 40.25
N SER D 666 9.02 -24.28 39.19
CA SER D 666 7.62 -24.53 38.91
C SER D 666 7.44 -25.99 38.51
N PRO D 667 6.56 -26.74 39.17
CA PRO D 667 6.36 -28.14 38.78
C PRO D 667 5.92 -28.30 37.34
N ILE D 668 5.12 -27.38 36.84
CA ILE D 668 4.74 -27.35 35.44
C ILE D 668 5.56 -26.26 34.75
N ASP D 669 5.54 -26.28 33.42
CA ASP D 669 6.11 -25.17 32.67
C ASP D 669 5.22 -23.94 32.84
N SER D 670 5.80 -22.77 32.57
CA SER D 670 5.04 -21.52 32.68
C SER D 670 3.80 -21.58 31.80
N ALA D 671 2.66 -21.19 32.37
CA ALA D 671 1.37 -21.33 31.71
C ALA D 671 1.36 -20.63 30.36
N ASP D 672 1.27 -21.42 29.28
CA ASP D 672 1.27 -20.93 27.91
C ASP D 672 2.51 -20.11 27.59
N ASP D 673 3.61 -20.36 28.30
CA ASP D 673 4.86 -19.62 28.10
C ASP D 673 6.02 -20.61 28.16
N LEU D 674 6.49 -21.05 27.00
CA LEU D 674 7.69 -21.86 26.90
C LEU D 674 8.96 -21.02 26.75
N ALA D 675 8.83 -19.71 26.81
CA ALA D 675 9.97 -18.83 26.62
C ALA D 675 10.93 -18.94 27.80
N LYS D 676 12.04 -18.20 27.70
CA LYS D 676 13.11 -18.12 28.72
C LYS D 676 13.61 -19.51 29.14
N GLN D 677 13.28 -20.55 28.38
CA GLN D 677 13.69 -21.90 28.71
C GLN D 677 14.66 -22.48 27.68
N THR D 678 14.25 -22.55 26.42
CA THR D 678 15.11 -22.98 25.30
C THR D 678 15.83 -24.30 25.57
N LYS D 679 15.35 -25.08 26.53
CA LYS D 679 15.92 -26.39 26.84
C LYS D 679 14.91 -27.50 26.62
N ILE D 680 13.71 -27.39 27.20
CA ILE D 680 12.66 -28.35 26.92
C ILE D 680 12.20 -28.17 25.49
N GLU D 681 12.03 -29.29 24.78
CA GLU D 681 11.57 -29.23 23.40
C GLU D 681 10.16 -28.67 23.33
N TYR D 682 9.89 -27.89 22.29
CA TYR D 682 8.59 -27.26 22.12
C TYR D 682 8.37 -26.95 20.65
N GLY D 683 7.10 -26.89 20.26
CA GLY D 683 6.73 -26.59 18.90
C GLY D 683 5.39 -27.19 18.56
N ALA D 684 5.19 -27.42 17.27
CA ALA D 684 3.94 -27.96 16.74
C ALA D 684 4.27 -28.79 15.50
N VAL D 685 3.26 -29.09 14.69
CA VAL D 685 3.52 -29.80 13.44
C VAL D 685 4.10 -28.84 12.42
N GLU D 686 4.63 -29.40 11.34
CA GLU D 686 5.23 -28.61 10.28
C GLU D 686 4.14 -28.03 9.39
N ASP D 687 4.12 -26.71 9.26
CA ASP D 687 3.20 -26.00 8.37
C ASP D 687 1.73 -26.32 8.68
N GLY D 688 1.42 -26.50 9.97
CA GLY D 688 0.05 -26.68 10.40
C GLY D 688 -0.64 -25.34 10.62
N ALA D 689 -1.90 -25.43 11.07
CA ALA D 689 -2.67 -24.23 11.36
C ALA D 689 -2.02 -23.40 12.45
N THR D 690 -1.53 -24.07 13.50
CA THR D 690 -0.77 -23.37 14.53
C THR D 690 0.51 -22.77 13.97
N MET D 691 1.16 -23.50 13.06
CA MET D 691 2.35 -22.96 12.40
C MET D 691 2.02 -21.71 11.60
N THR D 692 0.88 -21.72 10.89
CA THR D 692 0.46 -20.54 10.16
C THR D 692 0.18 -19.37 11.11
N PHE D 693 -0.48 -19.65 12.24
CA PHE D 693 -0.84 -18.57 13.15
C PHE D 693 0.40 -17.95 13.80
N PHE D 694 1.32 -18.78 14.28
CA PHE D 694 2.48 -18.28 15.01
C PHE D 694 3.68 -17.95 14.13
N LYS D 695 3.62 -18.27 12.83
CA LYS D 695 4.67 -17.83 11.93
C LYS D 695 4.56 -16.33 11.67
N LYS D 696 3.34 -15.85 11.44
CA LYS D 696 3.08 -14.41 11.29
C LYS D 696 2.68 -13.80 12.63
N SER D 697 3.50 -14.04 13.65
CA SER D 697 3.28 -13.49 14.99
C SER D 697 4.57 -12.81 15.43
N LYS D 698 4.47 -11.52 15.75
CA LYS D 698 5.63 -10.72 16.09
C LYS D 698 5.76 -10.46 17.59
N ILE D 699 4.92 -11.09 18.42
CA ILE D 699 5.00 -10.91 19.85
C ILE D 699 6.23 -11.62 20.39
N SER D 700 6.95 -10.96 21.31
CA SER D 700 8.18 -11.54 21.84
C SER D 700 7.93 -12.87 22.55
N THR D 701 6.76 -13.04 23.16
CA THR D 701 6.42 -14.33 23.73
C THR D 701 6.17 -15.39 22.69
N TYR D 702 6.05 -15.01 21.41
CA TYR D 702 5.79 -15.94 20.33
C TYR D 702 6.79 -15.87 19.19
N ASP D 703 7.34 -14.68 18.90
CA ASP D 703 8.26 -14.55 17.77
C ASP D 703 9.56 -15.30 18.02
N LYS D 704 10.07 -15.27 19.25
CA LYS D 704 11.27 -16.03 19.58
C LYS D 704 11.04 -17.53 19.44
N MET D 705 9.88 -18.01 19.92
CA MET D 705 9.52 -19.41 19.72
C MET D 705 9.48 -19.76 18.25
N TRP D 706 8.83 -18.92 17.44
CA TRP D 706 8.72 -19.18 16.02
C TRP D 706 10.09 -19.21 15.35
N ALA D 707 10.96 -18.26 15.70
CA ALA D 707 12.30 -18.24 15.13
C ALA D 707 13.08 -19.49 15.50
N PHE D 708 12.99 -19.92 16.77
CA PHE D 708 13.72 -21.10 17.19
C PHE D 708 13.22 -22.35 16.48
N MET D 709 11.90 -22.52 16.38
CA MET D 709 11.38 -23.73 15.76
C MET D 709 11.58 -23.72 14.24
N SER D 710 11.62 -22.54 13.62
CA SER D 710 11.98 -22.45 12.21
C SER D 710 13.46 -22.75 12.02
N SER D 711 14.30 -22.39 12.99
CA SER D 711 15.71 -22.72 12.91
C SER D 711 15.99 -24.20 13.19
N ARG D 712 15.11 -24.85 13.96
CA ARG D 712 15.28 -26.25 14.33
C ARG D 712 14.11 -27.10 13.86
N ARG D 713 13.69 -26.90 12.60
CA ARG D 713 12.61 -27.71 12.05
C ARG D 713 12.97 -29.19 12.00
N GLN D 714 14.26 -29.53 12.00
CA GLN D 714 14.68 -30.92 11.90
C GLN D 714 14.43 -31.69 13.20
N SER D 715 14.40 -30.99 14.33
CA SER D 715 14.28 -31.63 15.63
C SER D 715 12.97 -31.30 16.33
N VAL D 716 12.67 -30.02 16.55
CA VAL D 716 11.52 -29.64 17.36
C VAL D 716 10.21 -29.62 16.58
N LEU D 717 10.26 -29.77 15.26
CA LEU D 717 9.06 -29.75 14.43
C LEU D 717 8.77 -31.16 13.92
N VAL D 718 7.53 -31.59 14.08
CA VAL D 718 7.09 -32.90 13.63
C VAL D 718 6.15 -32.73 12.43
N LYS D 719 5.79 -33.85 11.81
CA LYS D 719 4.93 -33.81 10.64
C LYS D 719 3.46 -33.96 10.98
N SER D 720 3.10 -34.96 11.79
CA SER D 720 1.72 -35.25 12.11
C SER D 720 1.46 -35.02 13.60
N ASN D 721 0.18 -34.85 13.93
CA ASN D 721 -0.20 -34.59 15.31
C ASN D 721 0.14 -35.78 16.21
N GLU D 722 -0.15 -36.99 15.74
CA GLU D 722 0.16 -38.18 16.53
C GLU D 722 1.67 -38.35 16.71
N GLU D 723 2.46 -37.97 15.71
CA GLU D 723 3.91 -38.00 15.86
C GLU D 723 4.36 -37.07 16.99
N GLY D 724 3.80 -35.87 17.03
CA GLY D 724 4.12 -34.96 18.11
C GLY D 724 3.66 -35.47 19.46
N ILE D 725 2.50 -36.12 19.51
CA ILE D 725 2.00 -36.68 20.76
C ILE D 725 2.96 -37.76 21.25
N GLN D 726 3.40 -38.64 20.35
CA GLN D 726 4.35 -39.68 20.73
C GLN D 726 5.68 -39.09 21.17
N ARG D 727 6.13 -38.03 20.49
CA ARG D 727 7.37 -37.37 20.89
C ARG D 727 7.25 -36.77 22.28
N VAL D 728 6.09 -36.20 22.60
CA VAL D 728 5.85 -35.70 23.95
C VAL D 728 5.88 -36.85 24.94
N LEU D 729 5.26 -37.97 24.59
CA LEU D 729 5.18 -39.11 25.52
C LEU D 729 6.56 -39.68 25.82
N THR D 730 7.42 -39.79 24.79
CA THR D 730 8.72 -40.41 25.01
C THR D 730 9.70 -39.47 25.71
N SER D 731 9.61 -38.17 25.45
CA SER D 731 10.57 -37.21 26.00
C SER D 731 9.89 -35.86 26.13
N ASP D 732 10.53 -34.98 26.90
CA ASP D 732 9.97 -33.67 27.22
C ASP D 732 9.79 -32.82 25.96
N TYR D 733 8.55 -32.63 25.53
CA TYR D 733 8.24 -31.87 24.33
C TYR D 733 6.92 -31.15 24.55
N ALA D 734 6.81 -29.93 24.03
CA ALA D 734 5.59 -29.14 24.11
C ALA D 734 4.96 -29.08 22.73
N PHE D 735 3.65 -29.34 22.68
CA PHE D 735 2.92 -29.52 21.43
C PHE D 735 1.72 -28.58 21.42
N LEU D 736 1.35 -28.09 20.24
CA LEU D 736 0.44 -26.94 20.14
C LEU D 736 -0.53 -27.12 18.98
N MET D 737 -1.68 -27.74 19.24
CA MET D 737 -2.81 -27.82 18.30
C MET D 737 -4.07 -27.30 18.99
N GLU D 738 -5.20 -27.51 18.32
CA GLU D 738 -6.50 -27.11 18.85
C GLU D 738 -6.78 -27.80 20.18
N SER D 739 -7.39 -27.05 21.10
CA SER D 739 -7.65 -27.57 22.45
C SER D 739 -8.49 -28.83 22.41
N THR D 740 -9.43 -28.93 21.47
CA THR D 740 -10.28 -30.11 21.38
C THR D 740 -9.46 -31.37 21.12
N THR D 741 -8.50 -31.28 20.19
CA THR D 741 -7.63 -32.42 19.93
C THR D 741 -6.81 -32.79 21.15
N ILE D 742 -6.30 -31.79 21.86
CA ILE D 742 -5.47 -32.05 23.03
C ILE D 742 -6.27 -32.75 24.12
N GLU D 743 -7.50 -32.26 24.38
CA GLU D 743 -8.30 -32.89 25.43
C GLU D 743 -8.77 -34.28 25.00
N PHE D 744 -9.08 -34.48 23.72
CA PHE D 744 -9.41 -35.81 23.24
C PHE D 744 -8.25 -36.77 23.47
N VAL D 745 -7.03 -36.35 23.14
CA VAL D 745 -5.87 -37.21 23.30
C VAL D 745 -5.62 -37.51 24.78
N THR D 746 -5.72 -36.49 25.64
CA THR D 746 -5.47 -36.72 27.06
C THR D 746 -6.58 -37.54 27.71
N GLN D 747 -7.79 -37.52 27.16
CA GLN D 747 -8.80 -38.48 27.60
C GLN D 747 -8.44 -39.89 27.14
N ARG D 748 -7.93 -40.02 25.91
CA ARG D 748 -7.51 -41.33 25.42
C ARG D 748 -6.23 -41.82 26.07
N ASN D 749 -5.50 -40.96 26.78
CA ASN D 749 -4.28 -41.37 27.46
C ASN D 749 -3.98 -40.34 28.54
N CYS D 750 -3.91 -40.79 29.78
CA CYS D 750 -3.64 -39.89 30.92
C CYS D 750 -2.16 -39.69 31.17
N ASN D 751 -1.31 -39.93 30.17
CA ASN D 751 0.13 -39.75 30.32
C ASN D 751 0.61 -38.38 29.86
N LEU D 752 -0.26 -37.56 29.28
CA LEU D 752 0.11 -36.24 28.80
C LEU D 752 -0.86 -35.20 29.37
N THR D 753 -0.34 -33.99 29.58
CA THR D 753 -1.06 -32.96 30.32
C THR D 753 -1.42 -31.79 29.41
N GLN D 754 -2.33 -30.96 29.91
CA GLN D 754 -2.74 -29.73 29.26
C GLN D 754 -2.69 -28.61 30.29
N ILE D 755 -2.24 -27.43 29.85
CA ILE D 755 -1.98 -26.34 30.79
C ILE D 755 -2.89 -25.15 30.51
N GLY D 756 -2.77 -24.56 29.33
CA GLY D 756 -3.47 -23.35 28.97
C GLY D 756 -4.65 -23.59 28.06
N GLY D 757 -4.87 -22.65 27.14
CA GLY D 757 -5.95 -22.78 26.18
C GLY D 757 -6.42 -21.46 25.60
N LEU D 758 -7.01 -21.52 24.41
CA LEU D 758 -7.58 -20.35 23.75
C LEU D 758 -6.55 -19.26 23.54
N ILE D 759 -5.30 -19.66 23.27
CA ILE D 759 -4.24 -18.70 22.96
C ILE D 759 -4.28 -18.23 21.51
N ASP D 760 -5.23 -18.74 20.72
CA ASP D 760 -5.37 -18.37 19.31
C ASP D 760 -6.82 -17.96 19.05
N SER D 761 -6.99 -17.06 18.09
CA SER D 761 -8.31 -16.54 17.72
C SER D 761 -8.81 -17.30 16.50
N LYS D 762 -9.82 -18.15 16.70
CA LYS D 762 -10.39 -18.92 15.60
C LYS D 762 -11.78 -19.39 16.03
N GLY D 763 -12.53 -19.88 15.05
CA GLY D 763 -13.83 -20.47 15.31
C GLY D 763 -14.13 -21.54 14.29
N TYR D 764 -14.88 -22.54 14.72
CA TYR D 764 -15.21 -23.70 13.89
C TYR D 764 -16.66 -23.63 13.45
N GLY D 765 -16.90 -23.80 12.16
CA GLY D 765 -18.25 -23.78 11.64
C GLY D 765 -18.28 -24.35 10.23
N VAL D 766 -19.49 -24.41 9.67
CA VAL D 766 -19.65 -24.93 8.33
C VAL D 766 -19.15 -23.89 7.31
N GLY D 767 -18.89 -24.38 6.10
CA GLY D 767 -18.31 -23.56 5.05
C GLY D 767 -19.27 -23.32 3.90
N THR D 768 -19.08 -22.20 3.22
CA THR D 768 -19.86 -21.84 2.04
C THR D 768 -19.04 -20.96 1.11
N PRO D 769 -18.70 -21.45 -0.08
CA PRO D 769 -17.80 -20.68 -0.96
C PRO D 769 -18.33 -19.31 -1.37
N MET D 770 -19.64 -19.15 -1.49
CA MET D 770 -20.23 -17.92 -2.01
C MET D 770 -21.11 -17.25 -0.95
N GLY D 771 -21.66 -16.10 -1.31
CA GLY D 771 -22.59 -15.39 -0.46
C GLY D 771 -24.00 -15.91 -0.60
N SER D 772 -24.26 -17.08 0.00
CA SER D 772 -25.50 -17.81 -0.16
C SER D 772 -26.43 -17.57 1.01
N PRO D 773 -27.72 -17.89 0.86
CA PRO D 773 -28.63 -17.83 2.02
C PRO D 773 -28.63 -19.09 2.87
N TYR D 774 -28.24 -20.24 2.31
CA TYR D 774 -28.28 -21.47 3.09
C TYR D 774 -27.27 -21.46 4.23
N ARG D 775 -26.15 -20.75 4.06
CA ARG D 775 -25.23 -20.57 5.19
C ARG D 775 -25.90 -19.80 6.31
N ASP D 776 -26.69 -18.78 5.97
CA ASP D 776 -27.46 -18.07 6.98
C ASP D 776 -28.48 -18.98 7.65
N LYS D 777 -29.13 -19.85 6.86
CA LYS D 777 -30.07 -20.80 7.45
C LYS D 777 -29.37 -21.73 8.43
N ILE D 778 -28.19 -22.23 8.07
CA ILE D 778 -27.45 -23.11 8.96
C ILE D 778 -27.03 -22.37 10.23
N THR D 779 -26.59 -21.11 10.07
CA THR D 779 -26.17 -20.35 11.25
C THR D 779 -27.33 -20.09 12.19
N ILE D 780 -28.50 -19.74 11.66
CA ILE D 780 -29.65 -19.48 12.55
C ILE D 780 -30.13 -20.77 13.18
N ALA D 781 -30.06 -21.90 12.45
CA ALA D 781 -30.40 -23.18 13.05
C ALA D 781 -29.43 -23.53 14.18
N ILE D 782 -28.14 -23.27 13.98
CA ILE D 782 -27.16 -23.52 15.03
C ILE D 782 -27.44 -22.64 16.24
N LEU D 783 -27.72 -21.36 16.01
CA LEU D 783 -27.98 -20.43 17.11
C LEU D 783 -29.21 -20.85 17.90
N GLN D 784 -30.28 -21.27 17.22
CA GLN D 784 -31.42 -21.81 17.94
C GLN D 784 -31.13 -23.17 18.55
N LEU D 785 -30.05 -23.84 18.11
CA LEU D 785 -29.65 -25.08 18.77
C LEU D 785 -28.96 -24.80 20.11
N GLN D 786 -28.13 -23.76 20.19
CA GLN D 786 -27.51 -23.46 21.48
C GLN D 786 -28.53 -22.98 22.50
N GLU D 787 -29.53 -22.21 22.06
CA GLU D 787 -30.49 -21.64 23.02
C GLU D 787 -31.26 -22.72 23.75
N GLU D 788 -31.44 -23.88 23.14
CA GLU D 788 -32.01 -25.05 23.80
C GLU D 788 -30.89 -25.97 24.25
N GLY D 789 -31.20 -26.81 25.24
CA GLY D 789 -30.16 -27.68 25.77
C GLY D 789 -30.13 -29.05 25.11
N LYS D 790 -29.30 -29.16 24.06
CA LYS D 790 -28.94 -30.45 23.47
C LYS D 790 -27.47 -30.57 23.12
N LEU D 791 -26.76 -29.46 22.95
CA LEU D 791 -25.39 -29.50 22.44
C LEU D 791 -24.44 -30.14 23.43
N HIS D 792 -24.67 -29.96 24.73
CA HIS D 792 -23.68 -30.40 25.72
C HIS D 792 -23.50 -31.91 25.70
N MET D 793 -24.61 -32.66 25.71
CA MET D 793 -24.53 -34.11 25.79
C MET D 793 -23.88 -34.70 24.54
N MET D 794 -24.31 -34.26 23.36
CA MET D 794 -23.75 -34.77 22.11
C MET D 794 -22.30 -34.36 21.97
N LYS D 795 -21.95 -33.15 22.43
CA LYS D 795 -20.55 -32.71 22.40
C LYS D 795 -19.69 -33.57 23.31
N GLU D 796 -20.16 -33.86 24.52
CA GLU D 796 -19.33 -34.57 25.50
C GLU D 796 -19.22 -36.05 25.19
N LYS D 797 -20.31 -36.67 24.71
CA LYS D 797 -20.28 -38.10 24.43
C LYS D 797 -19.21 -38.45 23.39
N TRP D 798 -18.91 -37.52 22.49
CA TRP D 798 -17.83 -37.74 21.54
C TRP D 798 -16.48 -37.81 22.25
N TRP D 799 -16.28 -36.98 23.27
CA TRP D 799 -15.00 -36.89 23.96
C TRP D 799 -15.02 -37.60 25.31
N ARG D 800 -16.06 -38.38 25.62
CA ARG D 800 -16.10 -39.10 26.87
C ARG D 800 -14.97 -40.12 26.96
N GLY D 801 -14.98 -41.12 26.08
CA GLY D 801 -13.99 -42.17 26.14
C GLY D 801 -14.09 -42.94 27.44
N ASN D 802 -12.95 -43.44 27.90
CA ASN D 802 -12.90 -44.08 29.20
C ASN D 802 -13.03 -43.03 30.30
N GLY D 803 -13.49 -43.49 31.47
CA GLY D 803 -13.63 -42.60 32.60
C GLY D 803 -12.31 -42.01 33.03
N CYS D 804 -12.24 -40.69 33.11
CA CYS D 804 -11.01 -40.02 33.50
C CYS D 804 -10.77 -40.20 34.99
N PRO D 805 -9.64 -40.75 35.41
CA PRO D 805 -9.38 -40.90 36.85
C PRO D 805 -9.30 -39.55 37.53
N GLU D 806 -9.74 -39.52 38.79
CA GLU D 806 -9.72 -38.28 39.56
C GLU D 806 -8.29 -37.94 39.95
N GLU D 807 -7.85 -36.74 39.57
CA GLU D 807 -6.50 -36.28 39.85
C GLU D 807 -6.56 -34.84 40.37
N GLU D 808 -5.64 -34.53 41.29
CA GLU D 808 -5.70 -33.27 42.02
C GLU D 808 -5.48 -32.07 41.10
N SER D 809 -6.06 -30.94 41.48
CA SER D 809 -5.89 -29.69 40.75
C SER D 809 -5.44 -28.52 41.60
N LYS D 810 -5.59 -28.58 42.93
CA LYS D 810 -5.26 -27.47 43.82
C LYS D 810 -4.50 -27.97 45.04
N GLU D 811 -3.47 -28.78 44.80
CA GLU D 811 -2.67 -29.29 45.91
C GLU D 811 -1.97 -28.15 46.65
N ALA D 812 -1.91 -28.28 47.97
CA ALA D 812 -1.29 -27.27 48.82
C ALA D 812 0.12 -27.72 49.21
N SER D 813 0.76 -26.95 50.08
CA SER D 813 2.14 -27.21 50.48
C SER D 813 2.26 -28.26 51.56
N ALA D 814 1.14 -28.77 52.08
CA ALA D 814 1.19 -29.75 53.16
C ALA D 814 1.89 -31.03 52.70
N LEU D 815 2.62 -31.64 53.63
CA LEU D 815 3.35 -32.87 53.32
C LEU D 815 2.40 -34.01 53.02
N GLY D 816 2.84 -34.91 52.14
CA GLY D 816 2.03 -36.07 51.83
C GLY D 816 2.00 -37.08 52.95
N VAL D 817 1.02 -37.99 52.85
CA VAL D 817 0.90 -39.05 53.85
C VAL D 817 2.14 -39.94 53.84
N GLN D 818 2.57 -40.34 52.64
CA GLN D 818 3.80 -41.10 52.50
C GLN D 818 5.02 -40.28 52.89
N ASN D 819 4.92 -38.95 52.83
CA ASN D 819 6.04 -38.08 53.16
C ASN D 819 6.30 -38.00 54.67
N ILE D 820 5.36 -38.46 55.50
CA ILE D 820 5.49 -38.32 56.94
C ILE D 820 5.35 -39.68 57.61
N GLY D 821 4.74 -40.64 56.91
CA GLY D 821 4.48 -41.94 57.50
C GLY D 821 5.71 -42.71 57.92
N GLY D 822 6.88 -42.38 57.34
CA GLY D 822 8.09 -43.08 57.72
C GLY D 822 8.46 -42.90 59.17
N ILE D 823 8.34 -41.67 59.68
CA ILE D 823 8.68 -41.42 61.07
C ILE D 823 7.67 -42.08 61.99
N PHE D 824 6.39 -42.14 61.58
CA PHE D 824 5.39 -42.88 62.34
C PHE D 824 5.75 -44.35 62.43
N ILE D 825 6.16 -44.94 61.31
CA ILE D 825 6.53 -46.36 61.30
C ILE D 825 7.75 -46.60 62.19
N VAL D 826 8.74 -45.70 62.10
CA VAL D 826 9.95 -45.85 62.92
C VAL D 826 9.61 -45.76 64.39
N LEU D 827 8.78 -44.77 64.77
CA LEU D 827 8.40 -44.62 66.17
C LEU D 827 7.61 -45.83 66.67
N ALA D 828 6.69 -46.34 65.84
CA ALA D 828 5.92 -47.51 66.24
C ALA D 828 6.82 -48.73 66.42
N ALA D 829 7.78 -48.93 65.51
CA ALA D 829 8.69 -50.06 65.65
C ALA D 829 9.54 -49.92 66.90
N GLY D 830 10.07 -48.74 67.16
CA GLY D 830 10.84 -48.53 68.38
C GLY D 830 10.02 -48.79 69.62
N LEU D 831 8.77 -48.31 69.63
CA LEU D 831 7.91 -48.51 70.80
C LEU D 831 7.58 -49.98 71.02
N VAL D 832 7.28 -50.73 69.95
CA VAL D 832 6.91 -52.12 70.13
C VAL D 832 8.12 -52.95 70.56
N LEU D 833 9.30 -52.67 70.00
CA LEU D 833 10.50 -53.35 70.48
C LEU D 833 10.80 -53.01 71.93
N SER D 834 10.63 -51.75 72.32
CA SER D 834 10.85 -51.37 73.72
C SER D 834 9.88 -52.09 74.65
N VAL D 835 8.61 -52.16 74.25
CA VAL D 835 7.61 -52.85 75.06
C VAL D 835 7.96 -54.34 75.18
N PHE D 836 8.36 -54.96 74.07
CA PHE D 836 8.70 -56.38 74.09
C PHE D 836 9.90 -56.66 74.99
N VAL D 837 10.95 -55.82 74.90
CA VAL D 837 12.12 -56.06 75.73
C VAL D 837 11.85 -55.69 77.18
N ALA D 838 10.88 -54.81 77.45
CA ALA D 838 10.51 -54.51 78.83
C ALA D 838 9.73 -55.66 79.45
N VAL D 839 8.79 -56.25 78.70
CA VAL D 839 7.99 -57.34 79.23
C VAL D 839 8.76 -58.67 79.22
N GLY D 840 9.83 -58.78 78.43
CA GLY D 840 10.62 -60.00 78.43
C GLY D 840 11.34 -60.24 79.74
N GLU D 841 11.90 -59.18 80.32
CA GLU D 841 12.62 -59.29 81.57
C GLU D 841 11.67 -59.19 82.76
C1 NAG E . 38.72 -28.12 42.42
C2 NAG E . 39.85 -27.73 41.47
C3 NAG E . 40.37 -26.34 41.82
C4 NAG E . 39.24 -25.33 41.86
C5 NAG E . 38.13 -25.82 42.78
C6 NAG E . 36.91 -24.92 42.77
C7 NAG E . 41.61 -29.07 40.41
C8 NAG E . 42.69 -30.09 40.62
N2 NAG E . 40.92 -28.71 41.50
O3 NAG E . 41.35 -25.95 40.85
O4 NAG E . 39.71 -24.07 42.32
O5 NAG E . 37.69 -27.12 42.37
O6 NAG E . 35.85 -25.49 42.00
O7 NAG E . 41.38 -28.60 39.30
C1 NAG F . 22.17 -28.91 -17.80
C2 NAG F . 22.26 -30.44 -17.77
C3 NAG F . 21.31 -31.05 -18.79
C4 NAG F . 19.90 -30.52 -18.59
C5 NAG F . 19.90 -29.00 -18.59
C6 NAG F . 18.55 -28.40 -18.27
C7 NAG F . 24.26 -31.76 -17.21
C8 NAG F . 23.47 -32.28 -16.04
N2 NAG F . 23.63 -30.89 -17.99
O3 NAG F . 21.32 -32.47 -18.66
O4 NAG F . 19.05 -30.98 -19.64
O5 NAG F . 20.81 -28.51 -17.59
O6 NAG F . 17.50 -29.32 -18.57
O7 NAG F . 25.41 -32.12 -17.42
C1 NAG G . 10.48 -37.48 -32.28
C2 NAG G . 9.56 -36.80 -33.31
C3 NAG G . 9.68 -37.50 -34.67
C4 NAG G . 11.15 -37.59 -35.09
C5 NAG G . 11.98 -38.23 -33.98
C6 NAG G . 13.46 -38.27 -34.29
C7 NAG G . 7.45 -37.87 -32.60
C8 NAG G . 6.04 -37.62 -32.14
N2 NAG G . 8.17 -36.78 -32.85
O3 NAG G . 8.94 -36.77 -35.63
O4 NAG G . 11.26 -38.38 -36.27
O5 NAG G . 11.84 -37.49 -32.76
O6 NAG G . 13.73 -39.13 -35.40
O7 NAG G . 7.90 -39.01 -32.71
C1 NAG H . 3.64 14.45 -20.55
C2 NAG H . 2.68 13.27 -20.31
C3 NAG H . 3.18 12.42 -19.14
C4 NAG H . 4.62 12.00 -19.37
C5 NAG H . 5.50 13.21 -19.67
C6 NAG H . 6.92 12.86 -20.02
C7 NAG H . 0.28 13.42 -20.81
C8 NAG H . 0.57 12.51 -21.97
N2 NAG H . 1.33 13.75 -20.06
O3 NAG H . 2.35 11.27 -19.02
O4 NAG H . 5.13 11.35 -18.21
O5 NAG H . 4.96 13.94 -20.79
O6 NAG H . 7.71 14.02 -20.26
O7 NAG H . -0.85 13.83 -20.58
C1 NAG I . 21.37 25.51 -23.36
C2 NAG I . 22.75 26.15 -23.29
C3 NAG I . 22.64 27.61 -22.87
C4 NAG I . 21.68 28.35 -23.79
C5 NAG I . 20.34 27.63 -23.84
C6 NAG I . 19.37 28.24 -24.83
C7 NAG I . 24.60 24.61 -22.78
C8 NAG I . 24.80 24.50 -24.26
N2 NAG I . 23.60 25.41 -22.37
O3 NAG I . 23.93 28.21 -22.93
O4 NAG I . 21.48 29.67 -23.32
O5 NAG I . 20.53 26.27 -24.24
O6 NAG I . 18.74 27.24 -25.61
O7 NAG I . 25.30 24.00 -21.98
C1 NAG J . -6.81 -12.23 44.96
C2 NAG J . -7.37 -13.60 45.32
C3 NAG J . -7.75 -14.36 44.06
C4 NAG J . -8.69 -13.53 43.19
C5 NAG J . -8.08 -12.17 42.92
C6 NAG J . -9.01 -11.24 42.17
C7 NAG J . -6.38 -14.31 47.45
C8 NAG J . -5.33 -15.17 48.10
N2 NAG J . -6.42 -14.36 46.11
O3 NAG J . -8.37 -15.59 44.42
O4 NAG J . -8.93 -14.19 41.95
O5 NAG J . -7.76 -11.51 44.16
O6 NAG J . -10.22 -11.02 42.90
O7 NAG J . -7.15 -13.61 48.10
C1 NAG K . -23.78 48.91 -2.11
C2 NAG K . -23.60 50.17 -2.96
C3 NAG K . -23.08 51.34 -2.12
C4 NAG K . -23.98 51.55 -0.90
C5 NAG K . -24.13 50.24 -0.13
C6 NAG K . -25.09 50.34 1.03
C7 NAG K . -21.44 49.57 -4.00
C8 NAG K . -20.71 49.37 -5.30
N2 NAG K . -22.73 49.93 -4.10
O3 NAG K . -23.06 52.52 -2.91
O4 NAG K . -23.42 52.54 -0.05
O5 NAG K . -24.63 49.22 -0.99
O6 NAG K . -25.56 49.07 1.44
O7 NAG K . -20.89 49.41 -2.92
C1 NAG L . 1.93 -44.34 30.48
C2 NAG L . 0.70 -45.24 30.71
C3 NAG L . 1.10 -46.51 31.44
C4 NAG L . 2.25 -47.20 30.72
C5 NAG L . 3.41 -46.23 30.50
C6 NAG L . 4.53 -46.82 29.68
C7 NAG L . -1.58 -44.37 30.97
C8 NAG L . -2.52 -43.61 31.85
N2 NAG L . -0.34 -44.53 31.44
O3 NAG L . -0.01 -47.38 31.54
O4 NAG L . 2.71 -48.31 31.49
O5 NAG L . 2.94 -45.08 29.79
O6 NAG L . 5.21 -45.82 28.93
O7 NAG L . -1.93 -44.82 29.87
C1 NAG M . 8.45 -38.76 33.88
C2 NAG M . 9.00 -37.38 34.26
C3 NAG M . 10.52 -37.39 34.22
C4 NAG M . 11.07 -38.53 35.06
C5 NAG M . 10.44 -39.85 34.65
C6 NAG M . 10.86 -41.01 35.53
C7 NAG M . 7.40 -35.59 33.72
C8 NAG M . 7.00 -34.57 32.70
N2 NAG M . 8.46 -36.34 33.39
O3 NAG M . 11.02 -36.14 34.68
O4 NAG M . 12.48 -38.61 34.91
O5 NAG M . 9.01 -39.76 34.74
O6 NAG M . 11.78 -41.86 34.85
O7 NAG M . 6.81 -35.72 34.78
C1 NAG N . -18.13 -0.36 -22.41
C2 NAG N . -19.05 -1.36 -21.68
C3 NAG N . -19.42 -0.82 -20.30
C4 NAG N . -18.17 -0.44 -19.50
C5 NAG N . -17.30 0.51 -20.31
C6 NAG N . -15.99 0.81 -19.62
C7 NAG N . -20.45 -2.77 -23.13
C8 NAG N . -19.33 -3.77 -23.09
N2 NAG N . -20.25 -1.65 -22.43
O3 NAG N . -20.14 -1.81 -19.59
O4 NAG N . -18.53 0.18 -18.28
O5 NAG N . -16.98 -0.06 -21.59
O6 NAG N . -16.18 1.45 -18.37
O7 NAG N . -21.48 -2.97 -23.76
C1 NAG O . -37.65 -10.17 -23.48
C2 NAG O . -38.09 -11.03 -22.30
C3 NAG O . -38.46 -12.44 -22.77
C4 NAG O . -39.48 -12.38 -23.89
C5 NAG O . -38.96 -11.48 -25.02
C6 NAG O . -39.97 -11.29 -26.12
C7 NAG O . -37.27 -10.89 -19.98
C8 NAG O . -38.69 -10.58 -19.59
N2 NAG O . -37.05 -11.10 -21.28
O3 NAG O . -38.98 -13.18 -21.67
O4 NAG O . -39.71 -13.68 -24.40
O5 NAG O . -38.67 -10.19 -24.49
O6 NAG O . -39.89 -9.99 -26.68
O7 NAG O . -36.38 -10.95 -19.14
#